data_3RYO
#
_entry.id   3RYO
#
_cell.length_a   108.129
_cell.length_b   150.190
_cell.length_c   184.383
_cell.angle_alpha   90.000
_cell.angle_beta   103.050
_cell.angle_gamma   90.000
#
_symmetry.space_group_name_H-M   'P 1 21 1'
#
loop_
_entity.id
_entity.type
_entity.pdbx_description
1 polymer 'Enhanced intracellular survival protein'
2 non-polymer 'ACETYL COENZYME *A'
3 water water
#
_entity_poly.entity_id   1
_entity_poly.type   'polypeptide(L)'
_entity_poly.pdbx_seq_one_letter_code
;(MSE)GSSHHHHHHSSGLVPRGSH(MSE)PQSDSVTVTLCSPTEDDWPG(MSE)FLLAAASFTDFIGPESATAWRTLVPT
DGAVVVRDGAGPGSEVVG(MSE)ALY(MSE)DLRLTVPGEVVLPTAGLSFVAVAPTHRRRGLLRA(MSE)CAELHRRIAD
SGYPVAALHASEGGIYGRFGYGPATTLHELTVDRRFARFHADAPGGGLGGSSVRLVRPTEHRGEFEAIYERWRQQVPGGL
LRPQVLWDELLAECKAAPGGDRESFALLHPDGYALYRVDRTDLKLARVSELRAVTADAHCALWRALIGLDS(MSE)ERIS
IITHPQDPLPHLLTDTRLARTTWRQDGLWLRI(MSE)NVPAALEARGYAHEVGEFSTVLEVSDGGRFALKIGDGRARCTP
TDAAAEIE(MSE)DRDVLGSLYLGAHRASTLAAANRLRTKDSQLLRRLDAAFASDVPVQTAFEF
;
_entity_poly.pdbx_strand_id   A,B,C,D,E,F,G,H,I,J,K,L
#
loop_
_chem_comp.id
_chem_comp.type
_chem_comp.name
_chem_comp.formula
ACO non-polymer 'ACETYL COENZYME *A' 'C23 H38 N7 O17 P3 S'
#
# COMPACT_ATOMS: atom_id res chain seq x y z
N THR A 28 9.83 -70.05 -32.84
CA THR A 28 10.18 -68.81 -32.15
C THR A 28 10.94 -69.09 -30.86
N VAL A 29 10.54 -68.41 -29.79
CA VAL A 29 11.18 -68.59 -28.49
C VAL A 29 11.46 -70.06 -28.22
N THR A 30 12.72 -70.47 -28.43
CA THR A 30 13.12 -71.85 -28.23
C THR A 30 13.92 -72.02 -26.95
N LEU A 31 13.58 -73.05 -26.18
CA LEU A 31 14.27 -73.33 -24.93
C LEU A 31 15.08 -74.62 -24.99
N CYS A 32 16.40 -74.51 -24.84
CA CYS A 32 17.28 -75.65 -25.10
C CYS A 32 18.64 -75.64 -24.40
N SER A 33 19.27 -76.82 -24.33
CA SER A 33 20.66 -76.94 -23.89
C SER A 33 21.48 -76.23 -24.92
N PRO A 34 22.38 -75.34 -24.47
CA PRO A 34 23.23 -74.56 -25.38
C PRO A 34 24.21 -75.40 -26.23
N THR A 35 24.21 -75.23 -27.53
CA THR A 35 25.22 -75.83 -28.41
C THR A 35 26.42 -74.89 -28.56
N GLU A 36 27.40 -75.30 -29.34
CA GLU A 36 28.56 -74.47 -29.61
C GLU A 36 28.19 -73.11 -30.20
N ASP A 37 27.16 -73.11 -31.03
CA ASP A 37 26.73 -71.89 -31.72
C ASP A 37 26.18 -70.83 -30.77
N ASP A 38 26.00 -71.17 -29.51
CA ASP A 38 25.37 -70.23 -28.62
C ASP A 38 26.40 -69.48 -27.79
N TRP A 39 27.55 -70.11 -27.54
CA TRP A 39 28.54 -69.51 -26.64
C TRP A 39 28.61 -67.98 -26.77
N PRO A 40 28.86 -67.46 -27.98
CA PRO A 40 28.94 -65.99 -28.08
C PRO A 40 27.68 -65.28 -27.59
N GLY A 41 26.50 -65.78 -27.96
CA GLY A 41 25.26 -65.18 -27.53
C GLY A 41 25.22 -65.02 -26.03
N MSE A 42 25.77 -65.98 -25.32
CA MSE A 42 25.77 -65.98 -23.86
C MSE A 42 26.76 -64.99 -23.27
O MSE A 42 26.44 -64.29 -22.31
CB MSE A 42 26.09 -67.37 -23.36
CG MSE A 42 25.08 -68.37 -23.78
SE MSE A 42 25.71 -70.12 -23.35
CE MSE A 42 25.65 -70.07 -21.42
N PHE A 43 27.97 -64.92 -23.84
CA PHE A 43 28.96 -63.98 -23.33
C PHE A 43 28.37 -62.56 -23.32
N LEU A 44 27.67 -62.21 -24.39
CA LEU A 44 27.05 -60.91 -24.51
C LEU A 44 26.01 -60.75 -23.41
N LEU A 45 25.01 -61.63 -23.41
CA LEU A 45 23.95 -61.60 -22.39
C LEU A 45 24.47 -61.56 -20.95
N ALA A 46 25.56 -62.26 -20.70
CA ALA A 46 26.18 -62.24 -19.38
C ALA A 46 26.85 -60.87 -19.09
N ALA A 47 27.70 -60.42 -20.00
CA ALA A 47 28.40 -59.16 -19.78
C ALA A 47 27.43 -57.97 -19.64
N ALA A 48 26.31 -58.03 -20.35
CA ALA A 48 25.32 -56.95 -20.28
C ALA A 48 24.40 -57.10 -19.05
N SER A 49 24.54 -58.24 -18.37
CA SER A 49 23.68 -58.59 -17.26
C SER A 49 24.40 -58.48 -15.92
N PHE A 50 25.68 -58.84 -15.90
CA PHE A 50 26.45 -58.84 -14.67
C PHE A 50 27.68 -57.98 -14.89
N THR A 51 27.84 -56.95 -14.07
CA THR A 51 28.99 -56.07 -14.20
C THR A 51 30.30 -56.79 -13.88
N ASP A 52 30.23 -57.79 -13.01
CA ASP A 52 31.43 -58.53 -12.61
C ASP A 52 31.92 -59.55 -13.65
N PHE A 53 31.14 -59.78 -14.70
CA PHE A 53 31.52 -60.76 -15.73
C PHE A 53 32.78 -60.58 -16.58
N ILE A 54 33.51 -61.69 -16.71
CA ILE A 54 34.75 -61.77 -17.48
C ILE A 54 34.62 -63.03 -18.34
N GLY A 55 34.82 -62.90 -19.65
CA GLY A 55 34.71 -64.04 -20.54
C GLY A 55 35.68 -65.22 -20.43
N PRO A 56 36.97 -64.93 -20.30
CA PRO A 56 38.00 -65.97 -20.19
C PRO A 56 37.94 -66.86 -18.93
N GLU A 57 37.68 -66.23 -17.80
CA GLU A 57 37.59 -66.89 -16.50
C GLU A 57 36.33 -67.72 -16.24
N SER A 58 35.21 -67.18 -16.69
CA SER A 58 33.90 -67.81 -16.52
C SER A 58 33.79 -69.01 -17.44
N ALA A 59 34.53 -69.00 -18.54
CA ALA A 59 34.51 -70.10 -19.49
C ALA A 59 34.97 -71.40 -18.84
N THR A 60 35.78 -71.27 -17.79
CA THR A 60 36.30 -72.40 -17.05
C THR A 60 35.28 -73.13 -16.17
N ALA A 61 34.48 -72.35 -15.44
CA ALA A 61 33.46 -72.88 -14.54
C ALA A 61 32.32 -73.66 -15.17
N TRP A 62 31.75 -73.15 -16.25
CA TRP A 62 30.65 -73.85 -16.89
C TRP A 62 31.17 -75.17 -17.43
N ARG A 63 32.36 -75.09 -18.03
CA ARG A 63 33.03 -76.25 -18.60
C ARG A 63 33.47 -77.30 -17.59
N THR A 64 33.95 -76.88 -16.43
CA THR A 64 34.41 -77.83 -15.43
C THR A 64 33.48 -78.03 -14.24
N LEU A 65 32.37 -77.30 -14.19
CA LEU A 65 31.47 -77.44 -13.05
C LEU A 65 30.00 -77.66 -13.39
N VAL A 66 29.63 -77.40 -14.64
CA VAL A 66 28.26 -77.59 -15.03
C VAL A 66 28.11 -78.94 -15.71
N PRO A 67 27.19 -79.75 -15.21
CA PRO A 67 26.94 -81.08 -15.78
C PRO A 67 26.44 -80.97 -17.20
N THR A 68 26.69 -82.01 -17.99
CA THR A 68 26.01 -82.12 -19.27
C THR A 68 24.57 -81.70 -19.01
N ASP A 69 24.08 -80.83 -19.86
CA ASP A 69 22.72 -80.27 -19.76
C ASP A 69 22.32 -79.70 -18.39
N GLY A 70 23.31 -79.27 -17.63
CA GLY A 70 23.04 -78.44 -16.48
C GLY A 70 22.88 -76.97 -16.88
N ALA A 71 23.02 -76.66 -18.16
CA ALA A 71 22.81 -75.30 -18.67
C ALA A 71 21.61 -75.21 -19.62
N VAL A 72 21.08 -74.01 -19.77
CA VAL A 72 19.91 -73.83 -20.59
C VAL A 72 19.88 -72.40 -21.12
N VAL A 73 19.47 -72.21 -22.36
CA VAL A 73 19.36 -70.87 -22.92
C VAL A 73 18.05 -70.74 -23.66
N VAL A 74 17.54 -69.52 -23.73
CA VAL A 74 16.38 -69.25 -24.55
C VAL A 74 16.87 -68.55 -25.80
N ARG A 75 16.45 -69.05 -26.97
CA ARG A 75 16.80 -68.45 -28.25
C ARG A 75 15.64 -67.67 -28.86
N ASP A 76 15.92 -66.49 -29.41
CA ASP A 76 14.88 -65.73 -30.11
C ASP A 76 14.74 -66.29 -31.50
N GLY A 77 13.79 -67.20 -31.65
CA GLY A 77 13.43 -67.72 -32.95
C GLY A 77 14.19 -68.93 -33.44
N ALA A 78 14.12 -69.12 -34.75
CA ALA A 78 14.57 -70.32 -35.42
C ALA A 78 15.74 -70.01 -36.35
N GLY A 79 16.53 -71.03 -36.64
CA GLY A 79 17.76 -70.84 -37.37
C GLY A 79 18.94 -71.04 -36.43
N PRO A 80 20.13 -71.30 -36.98
CA PRO A 80 21.30 -71.47 -36.12
C PRO A 80 21.83 -70.11 -35.75
N GLY A 81 22.38 -69.98 -34.56
CA GLY A 81 22.96 -68.72 -34.15
C GLY A 81 21.88 -67.70 -33.85
N SER A 82 20.64 -68.16 -33.76
CA SER A 82 19.57 -67.30 -33.31
C SER A 82 20.10 -66.53 -32.10
N GLU A 83 19.50 -65.39 -31.79
CA GLU A 83 20.03 -64.59 -30.69
C GLU A 83 19.64 -65.13 -29.33
N VAL A 84 20.60 -65.11 -28.41
CA VAL A 84 20.40 -65.64 -27.08
C VAL A 84 19.73 -64.60 -26.18
N VAL A 85 18.52 -64.87 -25.73
CA VAL A 85 17.81 -63.86 -24.93
C VAL A 85 17.48 -64.28 -23.50
N GLY A 86 17.85 -65.49 -23.12
CA GLY A 86 17.81 -65.90 -21.73
C GLY A 86 18.89 -66.93 -21.46
N MSE A 87 19.38 -67.00 -20.23
CA MSE A 87 20.33 -68.05 -19.84
C MSE A 87 20.28 -68.41 -18.36
O MSE A 87 19.99 -67.58 -17.51
CB MSE A 87 21.76 -67.69 -20.24
CG MSE A 87 22.31 -66.47 -19.54
SE MSE A 87 24.14 -66.10 -19.89
CE MSE A 87 24.92 -67.73 -19.21
N ALA A 88 20.54 -69.68 -18.08
CA ALA A 88 20.68 -70.16 -16.73
C ALA A 88 21.34 -71.54 -16.72
N LEU A 89 22.11 -71.81 -15.69
CA LEU A 89 22.75 -73.11 -15.54
C LEU A 89 22.86 -73.51 -14.06
N TYR A 90 23.17 -74.78 -13.81
CA TYR A 90 23.36 -75.25 -12.43
C TYR A 90 24.63 -76.07 -12.29
N MSE A 91 25.46 -75.71 -11.31
CA MSE A 91 26.71 -76.40 -11.08
C MSE A 91 26.52 -77.44 -10.02
O MSE A 91 25.70 -77.25 -9.10
CB MSE A 91 27.76 -75.40 -10.61
CG MSE A 91 27.63 -74.06 -11.32
SE MSE A 91 28.71 -72.70 -10.39
CE MSE A 91 30.49 -73.49 -10.71
N ASP A 92 27.27 -78.55 -10.12
CA ASP A 92 27.20 -79.60 -9.12
C ASP A 92 27.71 -79.07 -7.78
N LEU A 93 26.78 -78.74 -6.88
CA LEU A 93 27.14 -78.13 -5.61
C LEU A 93 27.11 -79.17 -4.51
N ARG A 94 28.16 -79.16 -3.70
CA ARG A 94 28.24 -80.13 -2.57
C ARG A 94 27.88 -79.24 -1.36
N LEU A 95 26.95 -79.66 -0.50
CA LEU A 95 26.59 -78.79 0.61
C LEU A 95 26.64 -79.52 1.96
N THR A 96 27.24 -78.87 2.94
CA THR A 96 27.29 -79.36 4.29
C THR A 96 26.07 -78.85 5.04
N VAL A 97 25.15 -79.76 5.34
CA VAL A 97 23.99 -79.43 6.16
C VAL A 97 24.24 -79.86 7.60
N PRO A 98 23.37 -79.42 8.54
CA PRO A 98 23.55 -79.72 9.97
C PRO A 98 23.75 -81.21 10.24
N GLY A 99 24.70 -81.55 11.10
CA GLY A 99 25.03 -82.95 11.33
C GLY A 99 26.29 -83.34 10.58
N GLU A 100 26.84 -82.40 9.81
CA GLU A 100 28.08 -82.63 9.06
C GLU A 100 27.87 -83.53 7.84
N VAL A 101 26.61 -83.67 7.44
CA VAL A 101 26.27 -84.50 6.30
C VAL A 101 26.41 -83.67 5.03
N VAL A 102 27.01 -84.26 4.00
CA VAL A 102 27.24 -83.55 2.73
C VAL A 102 26.22 -83.94 1.68
N LEU A 103 25.48 -82.97 1.15
CA LEU A 103 24.48 -83.31 0.16
C LEU A 103 24.82 -82.69 -1.19
N PRO A 104 24.86 -83.52 -2.23
CA PRO A 104 25.17 -82.99 -3.55
C PRO A 104 24.03 -82.03 -3.83
N THR A 105 24.33 -80.83 -4.29
CA THR A 105 23.27 -79.89 -4.57
C THR A 105 23.47 -79.10 -5.85
N ALA A 106 22.36 -78.81 -6.51
CA ALA A 106 22.40 -78.06 -7.75
C ALA A 106 22.43 -76.58 -7.43
N GLY A 107 23.47 -75.89 -7.90
CA GLY A 107 23.62 -74.46 -7.67
C GLY A 107 23.34 -73.61 -8.88
N LEU A 108 22.23 -72.89 -8.86
CA LEU A 108 21.86 -72.03 -9.98
C LEU A 108 22.79 -70.83 -10.06
N SER A 109 23.22 -70.49 -11.28
CA SER A 109 24.11 -69.36 -11.49
C SER A 109 23.96 -68.81 -12.91
N PHE A 110 24.38 -67.56 -13.11
CA PHE A 110 24.28 -66.94 -14.44
C PHE A 110 22.90 -67.01 -15.03
N VAL A 111 21.93 -66.68 -14.19
CA VAL A 111 20.55 -66.57 -14.58
C VAL A 111 20.36 -65.17 -15.18
N ALA A 112 19.86 -65.09 -16.40
CA ALA A 112 19.67 -63.81 -17.07
C ALA A 112 18.62 -63.90 -18.14
N VAL A 113 17.79 -62.87 -18.20
CA VAL A 113 16.92 -62.69 -19.32
C VAL A 113 17.24 -61.32 -19.89
N ALA A 114 17.35 -61.24 -21.21
CA ALA A 114 17.73 -59.99 -21.86
C ALA A 114 16.74 -58.87 -21.51
N PRO A 115 17.25 -57.64 -21.43
CA PRO A 115 16.37 -56.51 -21.12
C PRO A 115 15.25 -56.36 -22.15
N THR A 116 15.45 -56.90 -23.36
CA THR A 116 14.47 -56.78 -24.43
C THR A 116 13.34 -57.78 -24.29
N HIS A 117 13.56 -58.83 -23.50
CA HIS A 117 12.56 -59.87 -23.30
C HIS A 117 12.03 -60.05 -21.88
N ARG A 118 12.28 -59.09 -21.00
CA ARG A 118 11.81 -59.18 -19.62
C ARG A 118 10.29 -59.19 -19.45
N ARG A 119 9.83 -59.98 -18.47
CA ARG A 119 8.40 -60.10 -18.18
C ARG A 119 7.55 -60.99 -19.08
N ARG A 120 8.18 -61.83 -19.89
CA ARG A 120 7.42 -62.71 -20.79
C ARG A 120 7.46 -64.15 -20.28
N GLY A 121 7.83 -64.34 -19.03
CA GLY A 121 7.87 -65.66 -18.44
C GLY A 121 9.13 -66.48 -18.71
N LEU A 122 10.16 -65.88 -19.30
CA LEU A 122 11.42 -66.61 -19.52
C LEU A 122 12.09 -67.13 -18.24
N LEU A 123 12.18 -66.34 -17.19
CA LEU A 123 12.77 -66.85 -15.95
C LEU A 123 11.97 -68.05 -15.50
N ARG A 124 10.65 -67.87 -15.41
CA ARG A 124 9.75 -68.94 -14.98
C ARG A 124 9.93 -70.19 -15.83
N ALA A 125 10.19 -69.99 -17.12
CA ALA A 125 10.35 -71.11 -18.05
C ALA A 125 11.71 -71.80 -17.85
N MSE A 126 12.75 -71.00 -17.67
CA MSE A 126 14.08 -71.53 -17.49
C MSE A 126 14.17 -72.29 -16.20
O MSE A 126 14.81 -73.37 -16.15
CB MSE A 126 15.10 -70.38 -17.48
CG MSE A 126 15.46 -69.96 -18.89
SE MSE A 126 16.80 -68.53 -18.84
CE MSE A 126 15.78 -67.24 -17.76
N CYS A 127 13.51 -71.79 -15.16
CA CYS A 127 13.51 -72.45 -13.86
C CYS A 127 12.83 -73.81 -13.97
N ALA A 128 11.54 -73.81 -14.29
CA ALA A 128 10.79 -75.04 -14.49
C ALA A 128 11.64 -76.12 -15.16
N GLU A 129 12.33 -75.75 -16.24
CA GLU A 129 13.16 -76.70 -16.98
C GLU A 129 14.40 -77.20 -16.20
N LEU A 130 15.20 -76.29 -15.65
CA LEU A 130 16.34 -76.71 -14.87
C LEU A 130 15.87 -77.62 -13.71
N HIS A 131 14.74 -77.28 -13.13
CA HIS A 131 14.21 -78.04 -12.01
C HIS A 131 13.84 -79.45 -12.44
N ARG A 132 13.27 -79.59 -13.62
CA ARG A 132 12.90 -80.90 -14.13
C ARG A 132 14.20 -81.70 -14.25
N ARG A 133 15.26 -81.05 -14.72
CA ARG A 133 16.58 -81.68 -14.88
C ARG A 133 17.22 -82.06 -13.55
N ILE A 134 17.15 -81.15 -12.58
CA ILE A 134 17.71 -81.37 -11.25
C ILE A 134 17.05 -82.55 -10.51
N ALA A 135 15.72 -82.58 -10.51
CA ALA A 135 14.96 -83.69 -9.93
C ALA A 135 15.28 -85.03 -10.62
N ASP A 136 15.29 -85.03 -11.95
CA ASP A 136 15.57 -86.29 -12.63
C ASP A 136 16.98 -86.75 -12.35
N SER A 137 17.86 -85.82 -11.99
CA SER A 137 19.25 -86.18 -11.69
C SER A 137 19.48 -86.61 -10.24
N GLY A 138 18.47 -86.45 -9.39
CA GLY A 138 18.57 -86.91 -8.02
C GLY A 138 18.91 -85.92 -6.91
N TYR A 139 19.33 -84.72 -7.24
CA TYR A 139 19.66 -83.71 -6.22
C TYR A 139 18.54 -83.53 -5.24
N PRO A 140 18.83 -83.75 -3.97
CA PRO A 140 17.83 -83.58 -2.92
C PRO A 140 17.42 -82.10 -2.81
N VAL A 141 18.39 -81.20 -2.94
CA VAL A 141 18.14 -79.74 -2.86
C VAL A 141 18.90 -78.85 -3.86
N ALA A 142 18.44 -77.61 -4.01
CA ALA A 142 19.02 -76.61 -4.91
C ALA A 142 19.41 -75.34 -4.13
N ALA A 143 20.34 -74.54 -4.66
CA ALA A 143 20.75 -73.34 -3.96
C ALA A 143 21.12 -72.24 -4.97
N LEU A 144 20.94 -71.00 -4.57
CA LEU A 144 21.40 -69.86 -5.35
C LEU A 144 21.76 -68.69 -4.47
N HIS A 145 22.37 -67.67 -5.06
CA HIS A 145 22.47 -66.38 -4.40
C HIS A 145 21.61 -65.38 -5.18
N ALA A 146 20.66 -64.76 -4.52
CA ALA A 146 19.70 -63.89 -5.19
C ALA A 146 20.19 -62.45 -5.43
N SER A 147 20.11 -62.01 -6.69
CA SER A 147 20.50 -60.65 -7.06
C SER A 147 19.54 -59.69 -6.38
N GLU A 148 18.28 -60.06 -6.35
CA GLU A 148 17.27 -59.30 -5.64
C GLU A 148 16.48 -60.22 -4.74
N GLY A 149 15.76 -59.63 -3.79
CA GLY A 149 15.10 -60.40 -2.76
C GLY A 149 13.70 -60.91 -3.07
N GLY A 150 13.04 -60.38 -4.09
CA GLY A 150 11.66 -60.71 -4.35
C GLY A 150 11.45 -61.67 -5.50
N ILE A 151 12.54 -62.27 -5.98
CA ILE A 151 12.48 -63.14 -7.16
C ILE A 151 12.14 -64.61 -6.88
N TYR A 152 13.03 -65.32 -6.16
CA TYR A 152 13.00 -66.77 -6.15
C TYR A 152 12.07 -67.44 -5.12
N GLY A 153 11.40 -66.64 -4.30
CA GLY A 153 10.43 -67.19 -3.38
C GLY A 153 9.32 -67.94 -4.08
N ARG A 154 8.76 -67.32 -5.12
CA ARG A 154 7.69 -67.94 -5.86
C ARG A 154 8.11 -69.23 -6.59
N PHE A 155 9.41 -69.53 -6.58
CA PHE A 155 9.88 -70.75 -7.23
C PHE A 155 10.29 -71.82 -6.20
N GLY A 156 10.14 -71.49 -4.92
CA GLY A 156 10.41 -72.45 -3.87
C GLY A 156 11.75 -72.34 -3.17
N TYR A 157 12.45 -71.23 -3.39
CA TYR A 157 13.69 -70.96 -2.68
C TYR A 157 13.41 -70.00 -1.53
N GLY A 158 13.90 -70.35 -0.36
CA GLY A 158 13.93 -69.43 0.76
C GLY A 158 15.35 -69.07 1.16
N PRO A 159 15.55 -67.81 1.57
CA PRO A 159 16.83 -67.38 2.13
C PRO A 159 17.21 -68.27 3.32
N ALA A 160 18.38 -68.88 3.27
CA ALA A 160 18.74 -69.93 4.24
C ALA A 160 19.93 -69.57 5.11
N THR A 161 20.66 -68.54 4.74
CA THR A 161 21.76 -68.10 5.56
C THR A 161 21.75 -66.59 5.62
N THR A 162 22.43 -66.05 6.63
CA THR A 162 22.51 -64.62 6.86
C THR A 162 23.97 -64.16 6.75
N LEU A 163 24.14 -63.02 6.10
CA LEU A 163 25.42 -62.37 5.96
C LEU A 163 25.45 -61.11 6.80
N HIS A 164 26.49 -60.97 7.61
CA HIS A 164 26.66 -59.79 8.44
C HIS A 164 27.94 -59.13 8.04
N GLU A 165 27.88 -57.88 7.61
CA GLU A 165 29.10 -57.25 7.16
C GLU A 165 29.60 -56.58 8.42
N LEU A 166 30.83 -56.90 8.78
CA LEU A 166 31.43 -56.33 9.96
C LEU A 166 32.63 -55.45 9.72
N THR A 167 32.52 -54.23 10.21
CA THR A 167 33.56 -53.21 10.09
C THR A 167 34.10 -53.04 11.51
N VAL A 168 35.40 -53.24 11.69
CA VAL A 168 35.97 -53.08 13.01
C VAL A 168 37.02 -51.98 13.00
N ASP A 169 36.87 -51.04 13.92
CA ASP A 169 37.80 -49.94 14.02
C ASP A 169 38.83 -50.52 14.96
N ARG A 170 39.91 -51.02 14.37
CA ARG A 170 41.01 -51.62 15.11
C ARG A 170 41.88 -50.65 15.87
N ARG A 171 41.76 -49.36 15.60
CA ARG A 171 42.62 -48.43 16.34
C ARG A 171 42.32 -48.55 17.84
N PHE A 172 41.12 -49.01 18.18
CA PHE A 172 40.70 -49.10 19.57
C PHE A 172 40.58 -50.54 20.08
N ALA A 173 40.59 -51.50 19.16
CA ALA A 173 40.34 -52.89 19.53
C ALA A 173 41.40 -53.43 20.50
N ARG A 174 40.95 -53.90 21.68
CA ARG A 174 41.80 -54.65 22.60
C ARG A 174 41.17 -56.00 22.89
N PHE A 175 42.00 -57.02 23.04
CA PHE A 175 41.46 -58.37 23.21
C PHE A 175 41.04 -58.62 24.64
N HIS A 176 40.02 -59.44 24.84
CA HIS A 176 39.62 -59.74 26.18
C HIS A 176 40.69 -60.53 26.91
N ALA A 177 40.64 -60.49 28.23
CA ALA A 177 41.57 -61.27 29.04
C ALA A 177 41.35 -62.79 28.81
N ASP A 178 40.15 -63.17 28.40
CA ASP A 178 39.83 -64.58 28.17
C ASP A 178 40.17 -65.04 26.77
N ALA A 179 40.26 -64.09 25.84
CA ALA A 179 40.59 -64.38 24.46
C ALA A 179 41.81 -65.27 24.41
N PRO A 180 41.73 -66.38 23.66
CA PRO A 180 42.83 -67.32 23.55
C PRO A 180 44.06 -66.65 22.90
N GLY A 181 45.27 -67.06 23.32
CA GLY A 181 46.50 -66.49 22.81
C GLY A 181 47.06 -65.49 23.81
N SER A 187 51.21 -65.12 16.59
CA SER A 187 52.64 -65.42 16.49
C SER A 187 52.83 -66.88 16.11
N SER A 188 51.69 -67.53 15.94
CA SER A 188 51.58 -68.92 15.55
C SER A 188 51.01 -68.77 14.15
N VAL A 189 50.99 -67.52 13.70
CA VAL A 189 50.49 -67.11 12.39
C VAL A 189 51.63 -66.49 11.59
N ARG A 190 51.50 -66.50 10.26
CA ARG A 190 52.54 -65.94 9.42
C ARG A 190 51.93 -65.07 8.32
N LEU A 191 52.59 -63.97 7.97
CA LEU A 191 52.21 -63.22 6.79
C LEU A 191 52.86 -63.85 5.53
N VAL A 192 52.03 -64.25 4.56
CA VAL A 192 52.50 -65.01 3.37
C VAL A 192 51.95 -64.53 2.03
N ARG A 193 52.61 -64.93 0.95
CA ARG A 193 52.12 -64.65 -0.41
C ARG A 193 51.14 -65.73 -0.79
N PRO A 194 49.87 -65.36 -0.98
CA PRO A 194 48.78 -66.31 -1.22
C PRO A 194 49.09 -67.37 -2.29
N THR A 195 49.76 -66.96 -3.36
CA THR A 195 50.03 -67.83 -4.50
C THR A 195 51.17 -68.79 -4.23
N GLU A 196 51.72 -68.73 -3.02
CA GLU A 196 52.76 -69.67 -2.61
C GLU A 196 52.19 -70.68 -1.65
N HIS A 197 50.92 -70.53 -1.28
CA HIS A 197 50.35 -71.42 -0.26
C HIS A 197 48.96 -71.95 -0.58
N ARG A 198 48.69 -72.13 -1.86
CA ARG A 198 47.41 -72.67 -2.31
C ARG A 198 47.04 -73.98 -1.59
N GLY A 199 47.97 -74.93 -1.57
CA GLY A 199 47.74 -76.21 -0.94
C GLY A 199 47.40 -76.12 0.54
N GLU A 200 48.08 -75.27 1.28
CA GLU A 200 47.80 -75.15 2.69
C GLU A 200 46.36 -74.68 2.83
N PHE A 201 45.98 -73.72 1.98
CA PHE A 201 44.63 -73.18 1.99
C PHE A 201 43.58 -74.23 1.63
N GLU A 202 43.89 -75.06 0.63
CA GLU A 202 42.97 -76.09 0.18
C GLU A 202 42.73 -77.11 1.30
N ALA A 203 43.81 -77.46 1.99
CA ALA A 203 43.74 -78.42 3.09
C ALA A 203 42.94 -77.83 4.22
N ILE A 204 43.28 -76.59 4.59
CA ILE A 204 42.57 -75.93 5.65
C ILE A 204 41.10 -75.83 5.24
N TYR A 205 40.85 -75.20 4.11
CA TYR A 205 39.48 -75.02 3.64
C TYR A 205 38.74 -76.35 3.56
N GLU A 206 39.45 -77.40 3.20
CA GLU A 206 38.88 -78.72 3.19
C GLU A 206 38.37 -79.14 4.57
N ARG A 207 39.19 -79.03 5.62
CA ARG A 207 38.71 -79.39 6.96
C ARG A 207 37.51 -78.54 7.35
N TRP A 208 37.61 -77.23 7.15
CA TRP A 208 36.53 -76.31 7.49
C TRP A 208 35.15 -76.64 6.92
N ARG A 209 35.07 -76.98 5.63
CA ARG A 209 33.77 -77.09 5.00
C ARG A 209 33.06 -78.40 5.34
N GLN A 210 33.83 -79.40 5.77
CA GLN A 210 33.27 -80.69 6.19
C GLN A 210 32.66 -80.61 7.59
N GLN A 211 32.87 -79.48 8.28
CA GLN A 211 32.53 -79.33 9.69
C GLN A 211 31.40 -78.34 9.93
N VAL A 212 31.21 -77.44 8.98
CA VAL A 212 30.36 -76.29 9.19
C VAL A 212 29.17 -76.40 8.29
N PRO A 213 27.96 -76.40 8.85
CA PRO A 213 26.84 -76.30 7.89
C PRO A 213 27.04 -75.04 7.06
N GLY A 214 26.83 -75.13 5.75
CA GLY A 214 27.02 -74.00 4.88
C GLY A 214 28.28 -74.14 4.06
N GLY A 215 29.20 -74.99 4.51
CA GLY A 215 30.34 -75.35 3.70
C GLY A 215 29.93 -75.85 2.32
N LEU A 216 30.72 -75.51 1.33
CA LEU A 216 30.63 -76.12 0.03
C LEU A 216 32.02 -76.59 -0.30
N LEU A 217 32.14 -77.75 -0.92
CA LEU A 217 33.43 -78.17 -1.45
C LEU A 217 33.80 -77.21 -2.57
N ARG A 218 35.06 -76.75 -2.55
CA ARG A 218 35.54 -75.83 -3.59
C ARG A 218 36.47 -76.57 -4.54
N PRO A 219 36.03 -76.78 -5.79
CA PRO A 219 36.79 -77.56 -6.77
C PRO A 219 38.05 -76.82 -7.21
N GLN A 220 38.88 -77.48 -8.04
CA GLN A 220 40.15 -76.91 -8.47
C GLN A 220 40.00 -75.68 -9.34
N VAL A 221 39.00 -75.67 -10.21
CA VAL A 221 38.84 -74.53 -11.10
C VAL A 221 38.55 -73.28 -10.28
N LEU A 222 37.92 -73.46 -9.12
CA LEU A 222 37.55 -72.33 -8.28
C LEU A 222 38.73 -71.78 -7.48
N TRP A 223 39.65 -72.67 -7.12
CA TRP A 223 40.88 -72.26 -6.48
C TRP A 223 41.81 -71.55 -7.45
N ASP A 224 41.82 -71.99 -8.70
CA ASP A 224 42.54 -71.29 -9.75
C ASP A 224 42.06 -69.84 -9.75
N GLU A 225 40.74 -69.68 -9.80
CA GLU A 225 40.09 -68.38 -9.85
C GLU A 225 40.43 -67.50 -8.64
N LEU A 226 40.20 -68.03 -7.44
CA LEU A 226 40.50 -67.32 -6.21
C LEU A 226 41.95 -66.82 -6.15
N LEU A 227 42.88 -67.69 -6.50
CA LEU A 227 44.29 -67.33 -6.50
C LEU A 227 44.59 -66.25 -7.55
N ALA A 228 43.90 -66.34 -8.68
CA ALA A 228 44.09 -65.39 -9.78
C ALA A 228 43.69 -63.97 -9.35
N GLU A 229 42.67 -63.90 -8.51
CA GLU A 229 42.14 -62.62 -8.05
C GLU A 229 42.98 -62.01 -6.94
N CYS A 230 44.04 -62.70 -6.54
CA CYS A 230 44.91 -62.20 -5.48
C CYS A 230 45.95 -61.24 -5.99
N LYS A 231 46.24 -61.31 -7.28
CA LYS A 231 47.20 -60.40 -7.88
C LYS A 231 46.54 -59.05 -8.22
N ALA A 232 47.34 -58.00 -8.13
CA ALA A 232 46.89 -56.66 -8.45
C ALA A 232 46.37 -56.52 -9.89
N ALA A 233 45.26 -55.81 -10.03
CA ALA A 233 44.72 -55.46 -11.33
C ALA A 233 44.86 -53.94 -11.53
N PRO A 234 45.53 -53.54 -12.62
CA PRO A 234 45.69 -52.11 -12.92
C PRO A 234 44.34 -51.43 -13.02
N GLY A 235 44.05 -50.49 -12.11
CA GLY A 235 42.76 -49.84 -12.08
C GLY A 235 41.71 -50.71 -11.41
N GLY A 236 42.16 -51.77 -10.75
CA GLY A 236 41.27 -52.64 -10.01
C GLY A 236 41.71 -52.85 -8.57
N ASP A 237 41.56 -54.09 -8.10
CA ASP A 237 41.87 -54.44 -6.73
C ASP A 237 43.37 -54.46 -6.54
N ARG A 238 43.82 -54.20 -5.33
CA ARG A 238 45.25 -54.27 -5.04
C ARG A 238 45.65 -55.70 -4.74
N GLU A 239 46.95 -55.92 -4.62
CA GLU A 239 47.46 -57.24 -4.28
C GLU A 239 46.79 -57.70 -3.00
N SER A 240 46.39 -58.97 -2.95
CA SER A 240 45.90 -59.55 -1.71
C SER A 240 47.08 -60.17 -0.99
N PHE A 241 47.07 -60.11 0.34
CA PHE A 241 48.02 -60.88 1.11
C PHE A 241 47.25 -61.89 1.97
N ALA A 242 47.98 -62.83 2.58
CA ALA A 242 47.32 -63.85 3.38
C ALA A 242 47.93 -63.94 4.76
N LEU A 243 47.11 -64.30 5.74
CA LEU A 243 47.63 -64.65 7.04
C LEU A 243 47.40 -66.15 7.20
N LEU A 244 48.48 -66.86 7.48
CA LEU A 244 48.46 -68.32 7.49
C LEU A 244 48.62 -68.87 8.91
N HIS A 245 47.71 -69.76 9.27
CA HIS A 245 47.78 -70.44 10.56
C HIS A 245 47.53 -71.94 10.39
N PRO A 246 48.24 -72.76 11.16
CA PRO A 246 48.00 -74.20 11.10
C PRO A 246 46.53 -74.60 10.92
N ASP A 247 45.64 -74.10 11.76
CA ASP A 247 44.21 -74.42 11.63
C ASP A 247 43.34 -73.30 11.02
N GLY A 248 43.89 -72.49 10.11
CA GLY A 248 43.09 -71.46 9.45
C GLY A 248 43.82 -70.37 8.68
N TYR A 249 43.09 -69.59 7.88
CA TYR A 249 43.78 -68.58 7.10
C TYR A 249 42.86 -67.39 6.81
N ALA A 250 43.46 -66.24 6.54
CA ALA A 250 42.71 -65.09 6.08
C ALA A 250 43.38 -64.43 4.86
N LEU A 251 42.60 -64.16 3.82
CA LEU A 251 43.06 -63.38 2.69
C LEU A 251 42.45 -62.01 2.83
N TYR A 252 43.25 -60.98 2.63
CA TYR A 252 42.75 -59.63 2.75
C TYR A 252 43.54 -58.73 1.82
N ARG A 253 42.93 -57.64 1.39
CA ARG A 253 43.60 -56.70 0.49
C ARG A 253 43.19 -55.26 0.81
N VAL A 254 44.11 -54.30 0.64
CA VAL A 254 43.79 -52.92 0.91
C VAL A 254 42.80 -52.49 -0.15
N ASP A 255 41.80 -51.73 0.26
CA ASP A 255 40.75 -51.28 -0.65
C ASP A 255 41.29 -50.32 -1.70
N ARG A 256 40.67 -50.35 -2.90
CA ARG A 256 41.05 -49.54 -4.06
C ARG A 256 41.21 -48.06 -3.72
N THR A 257 40.15 -47.45 -3.19
CA THR A 257 40.12 -46.00 -2.95
C THR A 257 40.51 -45.63 -1.53
N ASP A 258 39.84 -46.24 -0.55
CA ASP A 258 40.11 -45.91 0.86
C ASP A 258 41.37 -46.62 1.39
N LEU A 259 42.49 -45.91 1.35
CA LEU A 259 43.78 -46.50 1.69
C LEU A 259 43.93 -46.89 3.16
N LYS A 260 42.90 -46.61 3.96
CA LYS A 260 42.96 -46.87 5.39
C LYS A 260 42.00 -47.98 5.81
N LEU A 261 41.51 -48.73 4.81
CA LEU A 261 40.52 -49.78 5.00
C LEU A 261 41.07 -51.09 4.48
N ALA A 262 40.94 -52.18 5.24
CA ALA A 262 41.41 -53.47 4.75
C ALA A 262 40.22 -54.37 4.53
N ARG A 263 40.10 -54.91 3.32
CA ARG A 263 39.03 -55.88 3.09
C ARG A 263 39.53 -57.32 3.18
N VAL A 264 38.98 -58.07 4.14
CA VAL A 264 39.25 -59.50 4.25
C VAL A 264 38.23 -60.21 3.35
N SER A 265 38.70 -60.87 2.30
CA SER A 265 37.79 -61.52 1.37
C SER A 265 37.38 -62.90 1.90
N GLU A 266 38.18 -63.43 2.80
CA GLU A 266 38.01 -64.80 3.21
C GLU A 266 38.81 -65.07 4.48
N LEU A 267 38.13 -65.67 5.45
CA LEU A 267 38.75 -66.09 6.68
C LEU A 267 38.10 -67.43 7.00
N ARG A 268 38.93 -68.44 7.19
CA ARG A 268 38.44 -69.75 7.50
C ARG A 268 39.21 -70.28 8.68
N ALA A 269 38.48 -70.69 9.69
CA ALA A 269 39.13 -71.24 10.88
C ALA A 269 38.40 -72.49 11.32
N VAL A 270 39.20 -73.51 11.67
CA VAL A 270 38.67 -74.79 12.12
C VAL A 270 38.57 -74.77 13.63
N THR A 271 39.48 -74.05 14.26
CA THR A 271 39.51 -73.92 15.71
C THR A 271 39.25 -72.48 16.21
N ALA A 272 38.65 -72.37 17.39
CA ALA A 272 38.47 -71.06 18.01
C ALA A 272 39.81 -70.39 18.11
N ASP A 273 40.86 -71.15 18.40
CA ASP A 273 42.19 -70.58 18.54
C ASP A 273 42.69 -70.00 17.24
N ALA A 274 42.37 -70.66 16.13
CA ALA A 274 42.79 -70.16 14.84
C ALA A 274 42.12 -68.82 14.58
N HIS A 275 40.80 -68.78 14.79
CA HIS A 275 39.97 -67.58 14.60
C HIS A 275 40.54 -66.38 15.35
N CYS A 276 40.88 -66.57 16.61
CA CYS A 276 41.38 -65.48 17.41
C CYS A 276 42.78 -65.06 16.93
N ALA A 277 43.63 -66.06 16.71
CA ALA A 277 44.98 -65.86 16.20
C ALA A 277 44.99 -65.01 14.92
N LEU A 278 44.13 -65.40 13.98
CA LEU A 278 43.94 -64.64 12.74
C LEU A 278 43.57 -63.17 12.97
N TRP A 279 42.57 -62.94 13.82
CA TRP A 279 42.14 -61.56 14.11
C TRP A 279 43.16 -60.77 14.90
N ARG A 280 43.95 -61.43 15.73
CA ARG A 280 45.01 -60.72 16.44
C ARG A 280 45.93 -60.08 15.42
N ALA A 281 46.25 -60.85 14.40
CA ALA A 281 47.13 -60.40 13.33
C ALA A 281 46.49 -59.30 12.46
N LEU A 282 45.19 -59.45 12.18
CA LEU A 282 44.48 -58.43 11.42
C LEU A 282 44.33 -57.13 12.22
N ILE A 283 44.08 -57.22 13.53
CA ILE A 283 44.05 -56.02 14.33
C ILE A 283 45.46 -55.45 14.41
N GLY A 284 46.44 -56.25 13.99
CA GLY A 284 47.82 -55.82 14.01
C GLY A 284 48.31 -55.08 12.76
N LEU A 285 47.44 -54.91 11.78
CA LEU A 285 47.78 -54.13 10.59
C LEU A 285 47.80 -52.64 10.91
N ASP A 286 48.84 -52.22 11.59
CA ASP A 286 48.93 -50.88 12.15
C ASP A 286 48.67 -49.71 11.23
N SER A 287 48.87 -49.88 9.92
CA SER A 287 48.63 -48.78 8.97
C SER A 287 47.18 -48.68 8.48
N MSE A 288 46.28 -49.43 9.11
CA MSE A 288 44.88 -49.42 8.73
C MSE A 288 44.03 -48.77 9.83
O MSE A 288 44.39 -48.84 11.01
CB MSE A 288 44.39 -50.84 8.48
CG MSE A 288 45.07 -51.52 7.30
SE MSE A 288 44.52 -50.69 5.64
CE MSE A 288 46.27 -49.99 5.04
N GLU A 289 42.91 -48.16 9.46
CA GLU A 289 41.98 -47.68 10.46
C GLU A 289 40.87 -48.69 10.68
N ARG A 290 40.33 -49.22 9.61
CA ARG A 290 39.27 -50.20 9.69
C ARG A 290 39.66 -51.49 8.98
N ILE A 291 39.05 -52.59 9.41
CA ILE A 291 39.16 -53.88 8.75
C ILE A 291 37.72 -54.28 8.51
N SER A 292 37.36 -54.66 7.29
CA SER A 292 35.99 -55.15 7.08
C SER A 292 35.99 -56.60 6.60
N ILE A 293 34.93 -57.33 6.95
CA ILE A 293 34.80 -58.72 6.56
C ILE A 293 33.33 -59.10 6.38
N ILE A 294 33.05 -60.09 5.55
CA ILE A 294 31.70 -60.64 5.43
C ILE A 294 31.67 -61.96 6.18
N THR A 295 30.78 -62.07 7.16
CA THR A 295 30.82 -63.17 8.12
C THR A 295 29.40 -63.58 8.47
N HIS A 296 29.22 -64.43 9.50
CA HIS A 296 27.87 -64.84 9.90
C HIS A 296 27.48 -64.20 11.23
N PRO A 297 26.18 -64.28 11.58
CA PRO A 297 25.61 -63.71 12.81
C PRO A 297 26.23 -64.27 14.10
N GLN A 298 26.64 -65.53 14.10
CA GLN A 298 27.30 -66.09 15.30
C GLN A 298 28.83 -65.99 15.26
N ASP A 299 29.38 -65.18 14.36
CA ASP A 299 30.83 -64.94 14.45
C ASP A 299 31.14 -64.35 15.81
N PRO A 300 32.03 -65.02 16.56
CA PRO A 300 32.39 -64.62 17.92
C PRO A 300 33.37 -63.46 18.00
N LEU A 301 33.62 -62.79 16.89
CA LEU A 301 34.59 -61.70 16.92
C LEU A 301 34.29 -60.62 17.96
N PRO A 302 33.02 -60.21 18.08
CA PRO A 302 32.72 -59.12 19.03
C PRO A 302 33.13 -59.49 20.44
N HIS A 303 32.84 -60.72 20.86
CA HIS A 303 33.13 -61.16 22.24
C HIS A 303 34.60 -61.39 22.53
N LEU A 304 35.45 -61.30 21.50
CA LEU A 304 36.90 -61.40 21.70
C LEU A 304 37.48 -60.09 22.19
N LEU A 305 36.74 -59.01 21.99
CA LEU A 305 37.26 -57.67 22.22
C LEU A 305 36.65 -57.12 23.48
N THR A 306 37.40 -56.28 24.18
CA THR A 306 36.90 -55.73 25.42
C THR A 306 35.70 -54.84 25.19
N ASP A 307 35.54 -54.35 23.96
CA ASP A 307 34.37 -53.58 23.59
C ASP A 307 33.67 -54.28 22.43
N THR A 308 32.56 -54.94 22.73
CA THR A 308 31.80 -55.63 21.70
C THR A 308 31.47 -54.69 20.54
N ARG A 309 31.25 -53.40 20.81
CA ARG A 309 30.72 -52.50 19.77
C ARG A 309 31.69 -52.25 18.61
N LEU A 310 33.00 -52.34 18.89
CA LEU A 310 34.02 -52.21 17.87
C LEU A 310 33.82 -53.06 16.61
N ALA A 311 33.23 -54.25 16.74
CA ALA A 311 32.84 -55.00 15.55
C ALA A 311 31.44 -54.58 15.08
N ARG A 312 31.34 -53.39 14.54
CA ARG A 312 30.03 -52.93 14.10
C ARG A 312 29.41 -53.50 12.84
N THR A 313 28.18 -53.98 13.00
CA THR A 313 27.44 -54.53 11.88
C THR A 313 26.99 -53.43 10.93
N THR A 314 27.62 -53.38 9.77
CA THR A 314 27.42 -52.32 8.81
C THR A 314 26.62 -52.79 7.59
N TRP A 315 26.08 -54.01 7.67
CA TRP A 315 25.36 -54.64 6.58
C TRP A 315 24.89 -56.02 7.00
N ARG A 316 23.58 -56.27 6.78
CA ARG A 316 22.93 -57.55 7.09
C ARG A 316 22.01 -57.92 5.90
N GLN A 317 22.10 -59.15 5.38
CA GLN A 317 21.24 -59.52 4.27
C GLN A 317 21.25 -61.03 4.05
N ASP A 318 20.16 -61.56 3.54
CA ASP A 318 20.09 -62.95 3.16
C ASP A 318 21.25 -63.35 2.25
N GLY A 319 21.60 -64.63 2.30
CA GLY A 319 22.77 -65.15 1.63
C GLY A 319 22.44 -66.33 0.75
N LEU A 320 22.67 -67.55 1.26
CA LEU A 320 22.33 -68.74 0.48
C LEU A 320 20.83 -69.02 0.53
N TRP A 321 20.25 -69.33 -0.64
CA TRP A 321 18.85 -69.75 -0.73
C TRP A 321 18.77 -71.22 -1.10
N LEU A 322 17.79 -71.91 -0.53
CA LEU A 322 17.65 -73.36 -0.72
C LEU A 322 16.29 -73.69 -1.28
N ARG A 323 16.27 -74.49 -2.34
CA ARG A 323 15.03 -75.13 -2.73
C ARG A 323 15.13 -76.63 -2.43
N ILE A 324 14.24 -77.10 -1.56
CA ILE A 324 14.13 -78.53 -1.27
C ILE A 324 13.46 -79.18 -2.47
N MSE A 325 14.18 -80.06 -3.17
CA MSE A 325 13.68 -80.72 -4.37
C MSE A 325 12.90 -81.97 -4.02
O MSE A 325 11.84 -82.26 -4.56
CB MSE A 325 14.84 -81.14 -5.28
CG MSE A 325 15.86 -80.04 -5.57
SE MSE A 325 15.13 -78.53 -6.54
CE MSE A 325 14.12 -79.42 -7.93
N ASN A 326 13.46 -82.70 -3.08
CA ASN A 326 12.93 -83.96 -2.61
C ASN A 326 12.79 -83.87 -1.08
N VAL A 327 11.57 -83.69 -0.60
CA VAL A 327 11.38 -83.41 0.80
C VAL A 327 11.80 -84.57 1.69
N PRO A 328 11.50 -85.80 1.28
CA PRO A 328 11.89 -86.91 2.16
C PRO A 328 13.40 -87.11 2.21
N ALA A 329 14.08 -87.00 1.07
CA ALA A 329 15.53 -87.19 1.04
C ALA A 329 16.24 -86.13 1.87
N ALA A 330 15.88 -84.87 1.64
CA ALA A 330 16.53 -83.76 2.33
C ALA A 330 16.30 -83.81 3.84
N LEU A 331 15.08 -84.16 4.26
CA LEU A 331 14.77 -84.17 5.67
C LEU A 331 15.48 -85.31 6.39
N GLU A 332 15.68 -86.42 5.70
CA GLU A 332 16.29 -87.58 6.35
C GLU A 332 17.78 -87.37 6.36
N ALA A 333 18.30 -86.64 5.38
CA ALA A 333 19.74 -86.39 5.29
C ALA A 333 20.28 -85.53 6.44
N ARG A 334 19.53 -84.50 6.81
CA ARG A 334 19.90 -83.57 7.89
C ARG A 334 19.84 -84.04 9.34
N GLY A 335 20.79 -83.55 10.13
CA GLY A 335 20.92 -83.86 11.55
C GLY A 335 19.92 -83.02 12.31
N TYR A 336 19.59 -83.39 13.55
CA TYR A 336 18.62 -82.59 14.30
C TYR A 336 19.05 -82.56 15.76
N ALA A 337 18.67 -81.52 16.49
CA ALA A 337 19.09 -81.39 17.89
C ALA A 337 18.70 -82.63 18.69
N HIS A 338 19.70 -83.22 19.34
CA HIS A 338 19.57 -84.41 20.18
C HIS A 338 18.74 -84.19 21.44
N GLU A 339 18.91 -83.02 22.04
CA GLU A 339 18.21 -82.66 23.28
C GLU A 339 16.70 -82.72 23.24
N VAL A 340 16.13 -82.27 22.14
CA VAL A 340 14.68 -82.30 22.03
C VAL A 340 14.17 -83.73 22.08
N GLY A 341 13.10 -83.95 22.83
CA GLY A 341 12.49 -85.25 22.97
C GLY A 341 11.92 -85.68 21.65
N GLU A 342 11.85 -86.99 21.42
CA GLU A 342 11.29 -87.54 20.19
C GLU A 342 9.86 -87.10 19.94
N PHE A 343 9.43 -87.12 18.67
CA PHE A 343 8.05 -86.78 18.33
C PHE A 343 7.70 -86.99 16.86
N SER A 344 6.40 -87.02 16.57
CA SER A 344 5.89 -87.24 15.22
C SER A 344 4.98 -86.13 14.79
N THR A 345 4.79 -86.01 13.48
CA THR A 345 3.88 -85.03 12.92
C THR A 345 3.67 -85.25 11.42
N VAL A 346 2.70 -84.53 10.87
CA VAL A 346 2.44 -84.59 9.45
C VAL A 346 2.55 -83.22 8.80
N LEU A 347 3.57 -83.07 7.99
CA LEU A 347 3.78 -81.79 7.35
C LEU A 347 3.48 -81.65 5.90
N GLU A 348 2.60 -80.71 5.63
CA GLU A 348 2.21 -80.42 4.26
C GLU A 348 3.02 -79.29 3.68
N VAL A 349 3.43 -79.49 2.42
CA VAL A 349 4.11 -78.47 1.66
C VAL A 349 3.15 -78.06 0.57
N SER A 350 2.82 -76.77 0.50
CA SER A 350 1.86 -76.29 -0.49
C SER A 350 2.04 -76.92 -1.87
N ASP A 351 1.12 -77.79 -2.25
CA ASP A 351 1.21 -78.51 -3.52
C ASP A 351 2.55 -79.22 -3.67
N GLY A 352 2.93 -79.99 -2.66
CA GLY A 352 4.16 -80.73 -2.67
C GLY A 352 3.99 -82.05 -1.95
N GLY A 353 2.73 -82.40 -1.69
CA GLY A 353 2.38 -83.66 -1.06
C GLY A 353 2.34 -83.54 0.44
N ARG A 354 1.84 -84.56 1.14
CA ARG A 354 1.83 -84.50 2.59
C ARG A 354 2.85 -85.49 3.13
N PHE A 355 3.34 -85.27 4.35
CA PHE A 355 4.54 -85.98 4.80
C PHE A 355 4.58 -86.36 6.28
N ALA A 356 4.80 -87.64 6.55
CA ALA A 356 4.98 -88.13 7.90
C ALA A 356 6.39 -87.82 8.39
N LEU A 357 6.50 -87.00 9.41
CA LEU A 357 7.81 -86.68 9.89
C LEU A 357 8.05 -87.05 11.34
N LYS A 358 8.98 -87.97 11.53
CA LYS A 358 9.36 -88.43 12.85
C LYS A 358 10.78 -88.00 13.16
N ILE A 359 10.96 -87.32 14.29
CA ILE A 359 12.30 -86.90 14.73
C ILE A 359 12.65 -87.49 16.10
N GLY A 360 13.81 -88.15 16.16
CA GLY A 360 14.26 -88.75 17.39
C GLY A 360 15.75 -89.08 17.36
N ASP A 361 16.40 -88.96 18.51
CA ASP A 361 17.83 -89.24 18.61
C ASP A 361 18.62 -88.44 17.59
N GLY A 362 18.17 -87.22 17.33
CA GLY A 362 18.81 -86.36 16.35
C GLY A 362 18.77 -86.91 14.94
N ARG A 363 17.71 -87.64 14.60
CA ARG A 363 17.58 -88.21 13.26
C ARG A 363 16.15 -88.06 12.76
N ALA A 364 15.95 -88.22 11.47
CA ALA A 364 14.62 -88.06 10.96
C ALA A 364 14.22 -89.24 10.12
N ARG A 365 12.91 -89.44 10.05
CA ARG A 365 12.33 -90.42 9.17
C ARG A 365 11.13 -89.72 8.58
N CYS A 366 11.05 -89.72 7.25
CA CYS A 366 10.10 -88.89 6.54
C CYS A 366 9.64 -89.63 5.31
N THR A 367 8.34 -89.92 5.24
CA THR A 367 7.75 -90.70 4.16
C THR A 367 6.38 -90.15 3.81
N PRO A 368 6.04 -90.16 2.53
CA PRO A 368 4.71 -89.74 2.07
C PRO A 368 3.59 -90.43 2.83
N THR A 369 2.45 -89.75 2.96
CA THR A 369 1.34 -90.23 3.77
C THR A 369 0.06 -89.53 3.35
N ASP A 370 -1.07 -89.95 3.91
CA ASP A 370 -2.30 -89.22 3.69
C ASP A 370 -3.00 -88.81 4.98
N ALA A 371 -2.25 -88.77 6.09
CA ALA A 371 -2.81 -88.28 7.34
C ALA A 371 -3.17 -86.80 7.24
N ALA A 372 -4.09 -86.36 8.08
CA ALA A 372 -4.34 -84.94 8.24
C ALA A 372 -2.96 -84.29 8.37
N ALA A 373 -2.79 -83.10 7.81
CA ALA A 373 -1.59 -82.32 8.07
C ALA A 373 -1.75 -81.58 9.38
N GLU A 374 -0.75 -81.68 10.25
CA GLU A 374 -0.73 -80.91 11.49
C GLU A 374 -0.05 -79.54 11.26
N ILE A 375 0.94 -79.51 10.37
CA ILE A 375 1.57 -78.26 10.00
C ILE A 375 1.72 -78.13 8.49
N GLU A 376 1.63 -76.90 7.98
CA GLU A 376 1.73 -76.65 6.53
C GLU A 376 2.55 -75.40 6.15
N MSE A 377 3.17 -75.42 4.96
CA MSE A 377 3.94 -74.27 4.45
C MSE A 377 4.26 -74.35 2.96
O MSE A 377 4.38 -75.43 2.40
CB MSE A 377 5.26 -74.11 5.22
CG MSE A 377 6.24 -75.25 4.95
SE MSE A 377 7.76 -75.37 6.22
CE MSE A 377 6.79 -75.87 7.81
N ASP A 378 4.39 -73.19 2.33
CA ASP A 378 4.99 -73.11 0.99
C ASP A 378 6.41 -73.71 0.98
N ARG A 379 6.76 -74.35 -0.11
CA ARG A 379 8.00 -75.08 -0.17
C ARG A 379 9.17 -74.21 0.30
N ASP A 380 9.18 -72.95 -0.07
CA ASP A 380 10.34 -72.09 0.26
C ASP A 380 10.55 -71.88 1.74
N VAL A 381 9.49 -71.94 2.52
CA VAL A 381 9.60 -71.76 3.96
C VAL A 381 10.47 -72.87 4.50
N LEU A 382 10.22 -74.09 4.02
CA LEU A 382 10.99 -75.25 4.43
C LEU A 382 12.46 -74.98 4.15
N GLY A 383 12.74 -74.40 3.00
CA GLY A 383 14.09 -74.05 2.63
C GLY A 383 14.75 -73.17 3.67
N SER A 384 13.97 -72.19 4.16
CA SER A 384 14.46 -71.21 5.13
C SER A 384 14.79 -71.81 6.49
N LEU A 385 14.15 -72.93 6.80
CA LEU A 385 14.41 -73.60 8.07
C LEU A 385 15.57 -74.57 7.93
N TYR A 386 15.72 -75.15 6.74
CA TYR A 386 16.61 -76.27 6.56
C TYR A 386 17.98 -76.19 7.23
N LEU A 387 18.54 -74.99 7.35
CA LEU A 387 19.91 -74.86 7.84
C LEU A 387 19.98 -74.12 9.17
N GLY A 388 18.84 -74.02 9.85
CA GLY A 388 18.82 -73.46 11.18
C GLY A 388 18.87 -71.95 11.25
N ALA A 389 18.85 -71.29 10.10
CA ALA A 389 19.04 -69.83 10.09
C ALA A 389 17.78 -69.03 10.42
N HIS A 390 16.62 -69.69 10.45
CA HIS A 390 15.38 -68.99 10.74
C HIS A 390 14.52 -69.90 11.62
N ARG A 391 14.01 -69.33 12.72
CA ARG A 391 13.14 -70.07 13.64
C ARG A 391 11.71 -70.32 13.11
N ALA A 392 11.28 -71.57 13.21
CA ALA A 392 9.88 -71.90 12.99
C ALA A 392 8.90 -70.92 13.64
N SER A 393 9.16 -70.54 14.89
CA SER A 393 8.25 -69.66 15.62
C SER A 393 8.15 -68.29 14.93
N THR A 394 9.27 -67.81 14.42
CA THR A 394 9.31 -66.54 13.71
C THR A 394 8.54 -66.58 12.40
N LEU A 395 8.87 -67.55 11.54
CA LEU A 395 8.10 -67.71 10.34
C LEU A 395 6.59 -67.80 10.62
N ALA A 396 6.23 -68.43 11.74
CA ALA A 396 4.82 -68.61 12.05
C ALA A 396 4.10 -67.30 12.44
N ALA A 397 4.85 -66.36 13.00
CA ALA A 397 4.27 -65.09 13.38
C ALA A 397 3.86 -64.31 12.15
N ALA A 398 4.51 -64.62 11.03
CA ALA A 398 4.19 -64.01 9.73
C ALA A 398 3.21 -64.86 8.93
N ASN A 399 2.72 -65.94 9.54
CA ASN A 399 1.76 -66.84 8.92
C ASN A 399 2.33 -67.50 7.69
N ARG A 400 3.64 -67.71 7.72
CA ARG A 400 4.31 -68.36 6.60
C ARG A 400 4.39 -69.87 6.77
N LEU A 401 4.37 -70.35 8.01
CA LEU A 401 4.18 -71.77 8.28
C LEU A 401 3.11 -71.92 9.33
N ARG A 402 2.08 -72.69 9.02
CA ARG A 402 0.84 -72.66 9.81
C ARG A 402 0.52 -73.97 10.53
N THR A 403 0.23 -73.84 11.82
CA THR A 403 -0.10 -74.99 12.65
C THR A 403 -1.12 -74.60 13.72
N LYS A 404 -1.96 -75.54 14.10
CA LYS A 404 -2.97 -75.30 15.12
C LYS A 404 -2.46 -75.63 16.52
N ASP A 405 -1.28 -76.24 16.59
CA ASP A 405 -0.70 -76.61 17.88
C ASP A 405 0.62 -75.90 18.16
N SER A 406 0.66 -75.17 19.26
CA SER A 406 1.84 -74.43 19.69
C SER A 406 3.05 -75.30 20.07
N GLN A 407 2.78 -76.41 20.75
CA GLN A 407 3.83 -77.31 21.19
C GLN A 407 4.69 -77.76 20.02
N LEU A 408 4.04 -77.98 18.90
CA LEU A 408 4.70 -78.41 17.67
C LEU A 408 5.61 -77.33 17.08
N LEU A 409 5.23 -76.07 17.22
CA LEU A 409 6.09 -74.96 16.82
C LEU A 409 7.39 -75.06 17.56
N ARG A 410 7.28 -75.15 18.89
CA ARG A 410 8.46 -75.12 19.75
C ARG A 410 9.34 -76.34 19.52
N ARG A 411 8.70 -77.49 19.31
CA ARG A 411 9.44 -78.69 18.95
C ARG A 411 10.18 -78.51 17.62
N LEU A 412 9.52 -77.98 16.59
CA LEU A 412 10.22 -77.69 15.34
C LEU A 412 11.36 -76.69 15.55
N ASP A 413 11.14 -75.67 16.38
CA ASP A 413 12.20 -74.72 16.71
C ASP A 413 13.41 -75.42 17.26
N ALA A 414 13.20 -76.20 18.31
CA ALA A 414 14.29 -76.94 18.92
C ALA A 414 15.00 -77.83 17.90
N ALA A 415 14.22 -78.56 17.12
CA ALA A 415 14.75 -79.64 16.27
C ALA A 415 15.63 -79.13 15.15
N PHE A 416 15.16 -78.13 14.42
CA PHE A 416 15.82 -77.66 13.22
C PHE A 416 17.01 -76.73 13.53
N ALA A 417 17.19 -76.34 14.77
CA ALA A 417 18.39 -75.59 15.11
C ALA A 417 19.63 -76.40 14.72
N SER A 418 20.75 -75.70 14.56
CA SER A 418 21.98 -76.38 14.20
C SER A 418 22.96 -76.25 15.35
N ASP A 419 23.59 -77.37 15.79
CA ASP A 419 24.56 -77.31 16.94
C ASP A 419 25.58 -76.32 16.52
N VAL A 420 26.20 -76.59 15.39
CA VAL A 420 27.17 -75.64 14.90
C VAL A 420 26.37 -74.63 14.11
N PRO A 421 26.65 -73.34 14.31
CA PRO A 421 25.86 -72.36 13.56
C PRO A 421 26.33 -72.26 12.10
N VAL A 422 25.35 -72.23 11.19
CA VAL A 422 25.60 -72.23 9.77
C VAL A 422 26.39 -70.99 9.34
N GLN A 423 27.35 -71.19 8.45
CA GLN A 423 28.16 -70.10 7.92
C GLN A 423 27.98 -70.07 6.41
N THR A 424 28.57 -69.08 5.76
CA THR A 424 28.41 -68.98 4.32
C THR A 424 29.77 -69.21 3.66
N ALA A 425 29.74 -69.95 2.54
CA ALA A 425 30.96 -70.48 1.94
C ALA A 425 31.52 -69.49 0.95
N PHE A 426 31.04 -69.59 -0.27
CA PHE A 426 31.39 -68.61 -1.27
C PHE A 426 30.18 -68.37 -2.15
N GLU A 427 30.12 -67.18 -2.73
CA GLU A 427 29.02 -66.78 -3.57
C GLU A 427 29.28 -67.45 -4.91
N PHE A 428 28.24 -67.79 -5.67
CA PHE A 428 28.43 -68.39 -7.00
C PHE A 428 27.38 -67.95 -8.02
N THR B 28 40.85 -36.58 51.14
CA THR B 28 40.98 -36.02 49.80
C THR B 28 39.64 -35.75 49.09
N VAL B 29 38.98 -36.81 48.61
CA VAL B 29 37.60 -36.71 48.12
C VAL B 29 36.68 -37.62 48.91
N THR B 30 35.38 -37.53 48.65
CA THR B 30 34.42 -38.24 49.49
C THR B 30 33.30 -38.87 48.68
N LEU B 31 32.85 -40.03 49.13
CA LEU B 31 31.76 -40.76 48.50
C LEU B 31 30.62 -40.86 49.51
N CYS B 32 29.48 -40.27 49.18
CA CYS B 32 28.35 -40.34 50.10
C CYS B 32 27.03 -40.17 49.39
N SER B 33 25.93 -40.25 50.13
CA SER B 33 24.62 -39.99 49.55
C SER B 33 24.40 -38.49 49.31
N PRO B 34 23.81 -38.16 48.18
CA PRO B 34 23.52 -36.76 47.86
C PRO B 34 22.48 -36.17 48.81
N THR B 35 22.83 -35.06 49.45
CA THR B 35 21.87 -34.29 50.23
C THR B 35 21.19 -33.27 49.31
N GLU B 36 20.34 -32.44 49.90
CA GLU B 36 19.56 -31.48 49.14
C GLU B 36 20.44 -30.40 48.53
N ASP B 37 21.61 -30.18 49.13
CA ASP B 37 22.54 -29.17 48.63
C ASP B 37 23.26 -29.61 47.33
N ASP B 38 23.34 -30.92 47.11
CA ASP B 38 24.01 -31.45 45.93
C ASP B 38 23.14 -31.46 44.67
N TRP B 39 21.85 -31.20 44.82
CA TRP B 39 20.97 -31.27 43.65
C TRP B 39 21.48 -30.43 42.47
N PRO B 40 21.76 -29.13 42.69
CA PRO B 40 22.28 -28.29 41.59
C PRO B 40 23.52 -28.89 40.92
N GLY B 41 24.58 -29.11 41.69
CA GLY B 41 25.78 -29.72 41.15
C GLY B 41 25.53 -30.94 40.28
N MSE B 42 24.60 -31.78 40.71
CA MSE B 42 24.23 -32.98 39.96
C MSE B 42 23.62 -32.61 38.60
O MSE B 42 23.90 -33.28 37.60
CB MSE B 42 23.27 -33.84 40.77
CG MSE B 42 23.90 -34.51 41.99
SE MSE B 42 22.59 -35.16 43.30
CE MSE B 42 21.65 -36.41 42.14
N PHE B 43 22.80 -31.56 38.57
CA PHE B 43 22.22 -31.06 37.33
C PHE B 43 23.29 -30.50 36.37
N LEU B 44 24.30 -29.83 36.93
CA LEU B 44 25.42 -29.38 36.14
C LEU B 44 26.17 -30.56 35.53
N LEU B 45 26.51 -31.53 36.37
CA LEU B 45 27.29 -32.67 35.90
C LEU B 45 26.50 -33.51 34.88
N ALA B 46 25.25 -33.79 35.23
CA ALA B 46 24.39 -34.52 34.33
C ALA B 46 24.29 -33.83 32.97
N ALA B 47 24.04 -32.54 33.01
CA ALA B 47 23.79 -31.78 31.80
C ALA B 47 25.04 -31.64 30.93
N ALA B 48 26.22 -31.75 31.55
CA ALA B 48 27.45 -31.57 30.80
C ALA B 48 28.06 -32.89 30.37
N SER B 49 27.39 -33.99 30.75
CA SER B 49 27.88 -35.32 30.41
C SER B 49 26.90 -36.06 29.51
N PHE B 50 25.68 -35.52 29.43
CA PHE B 50 24.63 -36.09 28.57
C PHE B 50 23.97 -35.03 27.71
N THR B 51 24.05 -35.21 26.39
CA THR B 51 23.55 -34.23 25.45
C THR B 51 22.02 -34.16 25.40
N ASP B 52 21.34 -35.17 25.92
CA ASP B 52 19.88 -35.19 25.87
C ASP B 52 19.27 -34.69 27.18
N PHE B 53 20.09 -34.52 28.22
CA PHE B 53 19.57 -34.07 29.50
C PHE B 53 18.81 -32.75 29.64
N ILE B 54 17.70 -32.82 30.38
CA ILE B 54 16.81 -31.71 30.68
C ILE B 54 16.49 -31.75 32.17
N GLY B 55 16.69 -30.62 32.86
CA GLY B 55 16.42 -30.51 34.29
C GLY B 55 15.00 -30.71 34.77
N PRO B 56 14.04 -30.13 34.07
CA PRO B 56 12.62 -30.25 34.45
C PRO B 56 12.03 -31.65 34.32
N GLU B 57 12.29 -32.32 33.19
CA GLU B 57 11.76 -33.67 32.97
C GLU B 57 12.34 -34.71 33.94
N SER B 58 13.65 -34.61 34.16
CA SER B 58 14.36 -35.52 35.06
C SER B 58 13.95 -35.44 36.52
N ALA B 59 13.72 -34.23 37.00
CA ALA B 59 13.33 -34.03 38.39
C ALA B 59 12.45 -35.21 38.76
N THR B 60 11.33 -35.36 38.06
CA THR B 60 10.33 -36.36 38.40
C THR B 60 10.70 -37.83 38.43
N ALA B 61 11.45 -38.33 37.46
CA ALA B 61 11.78 -39.74 37.52
C ALA B 61 12.61 -40.14 38.73
N TRP B 62 13.68 -39.39 39.01
CA TRP B 62 14.54 -39.76 40.13
C TRP B 62 13.85 -39.75 41.48
N ARG B 63 13.10 -38.71 41.77
CA ARG B 63 12.39 -38.68 43.05
C ARG B 63 11.33 -39.76 43.04
N THR B 64 10.61 -39.83 41.93
CA THR B 64 9.53 -40.79 41.75
C THR B 64 9.96 -42.25 41.62
N LEU B 65 11.06 -42.46 40.92
CA LEU B 65 11.55 -43.79 40.62
C LEU B 65 12.84 -44.20 41.37
N VAL B 66 13.64 -43.24 41.80
CA VAL B 66 14.82 -43.57 42.60
C VAL B 66 14.47 -43.70 44.08
N PRO B 67 14.86 -44.82 44.67
CA PRO B 67 14.60 -45.09 46.08
C PRO B 67 15.41 -44.19 46.97
N THR B 68 14.91 -43.88 48.16
CA THR B 68 15.68 -43.02 49.02
C THR B 68 16.97 -43.79 49.21
N ASP B 69 18.09 -43.10 49.03
CA ASP B 69 19.40 -43.70 49.18
C ASP B 69 19.82 -44.49 47.94
N GLY B 70 19.02 -44.48 46.88
CA GLY B 70 19.41 -45.22 45.69
C GLY B 70 20.40 -44.38 44.88
N ALA B 71 20.75 -43.20 45.41
CA ALA B 71 21.69 -42.32 44.71
C ALA B 71 22.88 -41.86 45.55
N VAL B 72 24.06 -41.79 44.94
CA VAL B 72 25.28 -41.37 45.62
C VAL B 72 26.14 -40.43 44.76
N VAL B 73 26.92 -39.58 45.41
CA VAL B 73 27.79 -38.64 44.71
C VAL B 73 29.20 -38.64 45.28
N VAL B 74 30.14 -38.18 44.48
CA VAL B 74 31.49 -37.94 44.96
C VAL B 74 31.76 -36.45 45.01
N ARG B 75 32.41 -36.01 46.08
CA ARG B 75 32.65 -34.59 46.29
C ARG B 75 34.13 -34.27 46.29
N ASP B 76 34.48 -33.07 45.86
CA ASP B 76 35.87 -32.64 45.94
C ASP B 76 36.10 -31.86 47.23
N GLY B 77 36.60 -32.56 48.23
CA GLY B 77 36.80 -31.99 49.56
C GLY B 77 35.69 -32.31 50.55
N ALA B 78 35.70 -31.60 51.68
CA ALA B 78 34.65 -31.72 52.68
C ALA B 78 34.16 -30.33 53.06
N GLY B 79 32.94 -30.25 53.59
CA GLY B 79 32.32 -28.98 53.90
C GLY B 79 31.17 -28.71 52.96
N PRO B 80 29.97 -28.43 53.52
CA PRO B 80 28.79 -28.25 52.66
C PRO B 80 29.04 -27.20 51.57
N GLY B 81 28.75 -27.58 50.33
CA GLY B 81 29.02 -26.71 49.20
C GLY B 81 30.07 -27.31 48.27
N SER B 82 30.87 -28.23 48.81
CA SER B 82 31.85 -28.96 48.01
C SER B 82 31.29 -29.23 46.65
N GLU B 83 32.16 -29.26 45.64
CA GLU B 83 31.69 -29.48 44.28
C GLU B 83 31.46 -30.95 43.94
N VAL B 84 30.38 -31.22 43.25
CA VAL B 84 30.04 -32.56 42.82
C VAL B 84 30.83 -33.01 41.57
N VAL B 85 31.60 -34.07 41.71
CA VAL B 85 32.44 -34.50 40.60
C VAL B 85 32.12 -35.94 40.18
N GLY B 86 31.09 -36.51 40.76
CA GLY B 86 30.71 -37.88 40.46
C GLY B 86 29.33 -38.16 41.00
N MSE B 87 28.49 -38.79 40.18
CA MSE B 87 27.20 -39.27 40.64
C MSE B 87 26.91 -40.62 40.01
O MSE B 87 27.61 -41.04 39.09
CB MSE B 87 26.10 -38.27 40.28
CG MSE B 87 25.99 -38.04 38.79
SE MSE B 87 25.05 -36.40 38.30
CE MSE B 87 23.23 -37.06 38.49
N ALA B 88 25.90 -41.29 40.55
CA ALA B 88 25.38 -42.52 39.97
C ALA B 88 24.22 -42.90 40.85
N LEU B 89 23.16 -43.39 40.24
CA LEU B 89 22.06 -43.89 41.04
C LEU B 89 21.38 -45.06 40.36
N TYR B 90 20.46 -45.71 41.08
CA TYR B 90 19.62 -46.73 40.45
C TYR B 90 18.15 -46.42 40.64
N MSE B 91 17.34 -46.95 39.74
CA MSE B 91 15.90 -46.88 39.86
C MSE B 91 15.29 -48.24 40.17
O MSE B 91 15.90 -49.29 39.89
CB MSE B 91 15.33 -46.34 38.56
CG MSE B 91 15.82 -44.94 38.26
SE MSE B 91 15.37 -44.33 36.45
CE MSE B 91 14.85 -42.49 36.88
N ASP B 92 14.10 -48.24 40.76
CA ASP B 92 13.32 -49.47 40.94
C ASP B 92 12.53 -49.86 39.68
N LEU B 93 13.01 -50.92 39.01
CA LEU B 93 12.38 -51.41 37.79
C LEU B 93 11.89 -52.85 37.91
N ARG B 94 10.94 -53.22 37.06
CA ARG B 94 10.39 -54.55 37.08
C ARG B 94 10.65 -55.13 35.70
N LEU B 95 11.58 -56.07 35.61
CA LEU B 95 11.98 -56.68 34.35
C LEU B 95 11.32 -58.06 34.17
N THR B 96 10.74 -58.30 33.01
CA THR B 96 10.16 -59.60 32.70
C THR B 96 11.25 -60.50 32.12
N VAL B 97 11.32 -61.75 32.59
CA VAL B 97 12.33 -62.68 32.08
C VAL B 97 11.60 -63.90 31.60
N PRO B 98 12.28 -64.77 30.83
CA PRO B 98 11.68 -66.00 30.31
C PRO B 98 10.75 -66.64 31.34
N GLY B 99 9.60 -67.12 30.89
CA GLY B 99 8.64 -67.72 31.80
C GLY B 99 7.57 -66.77 32.31
N GLU B 100 7.58 -65.54 31.81
CA GLU B 100 6.60 -64.52 32.22
C GLU B 100 6.76 -64.17 33.70
N VAL B 101 7.98 -64.29 34.17
CA VAL B 101 8.34 -63.99 35.54
C VAL B 101 8.87 -62.57 35.65
N VAL B 102 8.46 -61.85 36.68
CA VAL B 102 8.87 -60.46 36.82
C VAL B 102 9.84 -60.26 37.99
N LEU B 103 11.10 -59.96 37.69
CA LEU B 103 12.10 -59.74 38.74
C LEU B 103 12.18 -58.29 39.15
N PRO B 104 12.15 -58.03 40.47
CA PRO B 104 12.51 -56.66 40.86
C PRO B 104 13.97 -56.44 40.47
N THR B 105 14.24 -55.31 39.84
CA THR B 105 15.60 -55.04 39.43
C THR B 105 16.02 -53.63 39.66
N ALA B 106 17.33 -53.47 39.67
CA ALA B 106 17.91 -52.16 39.87
C ALA B 106 18.50 -51.62 38.59
N GLY B 107 18.01 -50.46 38.16
CA GLY B 107 18.49 -49.85 36.93
C GLY B 107 19.44 -48.69 37.19
N LEU B 108 20.73 -48.86 36.89
CA LEU B 108 21.70 -47.77 37.08
C LEU B 108 21.49 -46.75 35.98
N SER B 109 21.69 -45.50 36.32
CA SER B 109 21.60 -44.43 35.34
C SER B 109 22.20 -43.15 35.94
N PHE B 110 22.38 -42.15 35.09
CA PHE B 110 22.95 -40.89 35.53
C PHE B 110 24.29 -41.11 36.21
N VAL B 111 25.08 -42.00 35.62
CA VAL B 111 26.47 -42.26 36.02
C VAL B 111 27.43 -41.31 35.30
N ALA B 112 28.09 -40.44 36.05
CA ALA B 112 28.96 -39.44 35.44
C ALA B 112 30.09 -39.09 36.37
N VAL B 113 31.30 -39.09 35.85
CA VAL B 113 32.43 -38.51 36.55
C VAL B 113 32.82 -37.27 35.78
N ALA B 114 33.06 -36.17 36.48
CA ALA B 114 33.46 -34.92 35.84
C ALA B 114 34.76 -35.10 35.06
N PRO B 115 34.84 -34.47 33.87
CA PRO B 115 35.99 -34.56 32.95
C PRO B 115 37.30 -34.23 33.65
N THR B 116 37.19 -33.53 34.78
CA THR B 116 38.33 -33.06 35.57
C THR B 116 38.82 -34.05 36.61
N HIS B 117 38.13 -35.20 36.67
CA HIS B 117 38.42 -36.28 37.59
C HIS B 117 38.37 -37.64 36.89
N ARG B 118 38.48 -37.65 35.58
CA ARG B 118 38.44 -38.90 34.82
C ARG B 118 39.59 -39.79 35.24
N ARG B 119 39.35 -41.10 35.31
CA ARG B 119 40.41 -42.02 35.71
C ARG B 119 41.04 -41.74 37.08
N ARG B 120 40.26 -41.85 38.15
CA ARG B 120 40.82 -41.88 39.50
C ARG B 120 40.17 -42.99 40.31
N GLY B 121 39.23 -43.67 39.67
CA GLY B 121 38.54 -44.78 40.30
C GLY B 121 37.15 -44.42 40.78
N LEU B 122 36.67 -43.22 40.43
CA LEU B 122 35.37 -42.79 40.94
C LEU B 122 34.21 -43.71 40.54
N LEU B 123 34.20 -44.14 39.29
CA LEU B 123 33.17 -45.06 38.83
C LEU B 123 33.31 -46.36 39.61
N ARG B 124 34.52 -46.90 39.68
CA ARG B 124 34.68 -48.15 40.41
C ARG B 124 34.17 -47.92 41.83
N ALA B 125 34.49 -46.76 42.41
CA ALA B 125 34.07 -46.45 43.76
C ALA B 125 32.55 -46.31 43.88
N MSE B 126 31.93 -45.71 42.87
CA MSE B 126 30.50 -45.48 42.88
C MSE B 126 29.74 -46.75 42.60
O MSE B 126 28.63 -46.93 43.14
CB MSE B 126 30.15 -44.44 41.82
CG MSE B 126 29.23 -43.37 42.40
SE MSE B 126 29.79 -41.58 41.77
CE MSE B 126 30.38 -42.09 39.97
N CYS B 127 30.32 -47.64 41.79
CA CYS B 127 29.67 -48.90 41.47
C CYS B 127 29.67 -49.86 42.65
N ALA B 128 30.82 -49.95 43.33
CA ALA B 128 30.97 -50.82 44.47
C ALA B 128 29.95 -50.46 45.55
N GLU B 129 29.76 -49.15 45.75
CA GLU B 129 28.81 -48.67 46.75
C GLU B 129 27.35 -48.97 46.36
N LEU B 130 27.04 -48.72 45.09
CA LEU B 130 25.69 -48.96 44.57
C LEU B 130 25.35 -50.44 44.61
N HIS B 131 26.34 -51.25 44.22
CA HIS B 131 26.18 -52.69 44.20
C HIS B 131 25.95 -53.26 45.59
N ARG B 132 26.69 -52.77 46.58
CA ARG B 132 26.51 -53.27 47.93
C ARG B 132 25.10 -52.94 48.41
N ARG B 133 24.66 -51.72 48.12
CA ARG B 133 23.33 -51.26 48.50
C ARG B 133 22.27 -52.07 47.77
N ILE B 134 22.55 -52.33 46.49
CA ILE B 134 21.66 -53.08 45.62
C ILE B 134 21.52 -54.54 46.08
N ALA B 135 22.63 -55.16 46.46
CA ALA B 135 22.58 -56.51 47.02
C ALA B 135 21.95 -56.45 48.40
N ASP B 136 22.44 -55.55 49.24
CA ASP B 136 21.94 -55.43 50.61
C ASP B 136 20.43 -55.23 50.66
N SER B 137 19.86 -54.71 49.57
CA SER B 137 18.43 -54.42 49.51
C SER B 137 17.64 -55.57 48.92
N GLY B 138 18.34 -56.59 48.46
CA GLY B 138 17.69 -57.78 47.91
C GLY B 138 17.19 -57.81 46.46
N TYR B 139 17.82 -57.06 45.57
CA TYR B 139 17.60 -57.25 44.14
C TYR B 139 18.44 -58.44 43.62
N PRO B 140 17.86 -59.28 42.76
CA PRO B 140 18.67 -60.34 42.15
C PRO B 140 19.36 -59.84 40.88
N VAL B 141 18.87 -58.74 40.29
CA VAL B 141 19.53 -58.26 39.08
C VAL B 141 19.50 -56.74 38.79
N ALA B 142 20.65 -56.20 38.39
CA ALA B 142 20.79 -54.80 38.04
C ALA B 142 20.89 -54.67 36.52
N ALA B 143 20.41 -53.57 35.95
CA ALA B 143 20.53 -53.36 34.51
C ALA B 143 20.84 -51.92 34.20
N LEU B 144 21.43 -51.69 33.03
CA LEU B 144 21.70 -50.34 32.56
C LEU B 144 21.62 -50.31 31.06
N HIS B 145 21.72 -49.12 30.49
CA HIS B 145 22.08 -48.96 29.10
C HIS B 145 23.48 -48.34 29.07
N ALA B 146 24.35 -48.86 28.23
CA ALA B 146 25.74 -48.46 28.23
C ALA B 146 25.94 -47.31 27.24
N SER B 147 26.59 -46.24 27.71
CA SER B 147 26.93 -45.10 26.85
C SER B 147 28.02 -45.54 25.90
N GLU B 148 28.88 -46.43 26.39
CA GLU B 148 30.00 -46.97 25.63
C GLU B 148 30.10 -48.46 25.91
N GLY B 149 30.62 -49.23 24.96
CA GLY B 149 30.59 -50.68 25.06
C GLY B 149 31.69 -51.35 25.87
N GLY B 150 32.73 -50.61 26.22
CA GLY B 150 33.86 -51.24 26.90
C GLY B 150 33.97 -50.85 28.37
N ILE B 151 32.90 -50.25 28.88
CA ILE B 151 32.89 -49.72 30.23
C ILE B 151 32.42 -50.72 31.31
N TYR B 152 31.25 -51.33 31.14
CA TYR B 152 30.63 -52.04 32.26
C TYR B 152 30.94 -53.51 32.45
N GLY B 153 31.41 -54.19 31.40
CA GLY B 153 31.79 -55.57 31.53
C GLY B 153 32.61 -55.85 32.78
N ARG B 154 33.66 -55.07 33.01
CA ARG B 154 34.53 -55.25 34.16
C ARG B 154 33.78 -55.25 35.49
N PHE B 155 32.58 -54.69 35.49
CA PHE B 155 31.79 -54.56 36.71
C PHE B 155 30.69 -55.64 36.83
N GLY B 156 30.72 -56.63 35.94
CA GLY B 156 29.81 -57.76 35.98
C GLY B 156 28.53 -57.63 35.15
N TYR B 157 28.47 -56.60 34.29
CA TYR B 157 27.32 -56.38 33.40
C TYR B 157 27.62 -56.93 31.98
N GLY B 158 26.66 -57.65 31.40
CA GLY B 158 26.83 -58.18 30.06
C GLY B 158 25.67 -57.87 29.14
N PRO B 159 25.96 -57.58 27.86
CA PRO B 159 24.90 -57.26 26.90
C PRO B 159 23.87 -58.39 26.86
N ALA B 160 22.61 -58.05 27.06
CA ALA B 160 21.57 -59.05 27.31
C ALA B 160 20.41 -58.99 26.30
N THR B 161 20.27 -57.86 25.62
CA THR B 161 19.37 -57.77 24.48
C THR B 161 20.09 -57.15 23.28
N THR B 162 19.49 -57.33 22.09
CA THR B 162 20.01 -56.74 20.87
C THR B 162 18.97 -55.84 20.19
N LEU B 163 19.40 -54.66 19.78
CA LEU B 163 18.57 -53.71 19.02
C LEU B 163 18.92 -53.67 17.54
N HIS B 164 17.92 -53.89 16.68
CA HIS B 164 18.16 -53.85 15.26
C HIS B 164 17.44 -52.64 14.75
N GLU B 165 18.17 -51.71 14.12
CA GLU B 165 17.53 -50.53 13.61
C GLU B 165 17.12 -50.94 12.21
N LEU B 166 15.83 -50.95 11.96
CA LEU B 166 15.36 -51.34 10.65
C LEU B 166 14.70 -50.23 9.86
N THR B 167 15.25 -49.99 8.67
CA THR B 167 14.75 -48.97 7.77
C THR B 167 14.14 -49.69 6.60
N VAL B 168 12.87 -49.38 6.34
CA VAL B 168 12.19 -50.02 5.24
C VAL B 168 11.68 -49.06 4.18
N ASP B 169 12.04 -49.29 2.92
CA ASP B 169 11.55 -48.38 1.90
C ASP B 169 10.08 -48.77 1.73
N ARG B 170 9.20 -47.81 2.02
CA ARG B 170 7.75 -47.98 1.93
C ARG B 170 7.18 -48.21 0.53
N ARG B 171 7.76 -47.55 -0.46
CA ARG B 171 7.31 -47.66 -1.85
C ARG B 171 7.35 -49.06 -2.47
N PHE B 172 8.38 -49.85 -2.19
CA PHE B 172 8.45 -51.18 -2.78
C PHE B 172 7.75 -52.29 -1.99
N ALA B 173 7.41 -51.99 -0.74
CA ALA B 173 6.83 -52.98 0.15
C ALA B 173 5.47 -53.50 -0.31
N ARG B 174 5.38 -54.81 -0.50
CA ARG B 174 4.10 -55.48 -0.78
C ARG B 174 3.94 -56.63 0.22
N PHE B 175 2.73 -56.81 0.72
CA PHE B 175 2.54 -57.86 1.74
C PHE B 175 2.40 -59.22 1.08
N HIS B 176 3.05 -60.20 1.68
CA HIS B 176 3.06 -61.54 1.13
C HIS B 176 1.64 -62.05 1.09
N ALA B 177 1.35 -63.02 0.23
CA ALA B 177 -0.01 -63.53 0.19
C ALA B 177 -0.39 -64.18 1.53
N ASP B 178 0.61 -64.65 2.27
CA ASP B 178 0.31 -65.32 3.53
C ASP B 178 0.00 -64.38 4.67
N ALA B 179 0.39 -63.12 4.54
CA ALA B 179 0.35 -62.21 5.68
C ALA B 179 -1.06 -62.07 6.22
N PRO B 180 -1.20 -61.96 7.54
CA PRO B 180 -2.50 -61.71 8.13
C PRO B 180 -3.04 -60.33 7.76
N GLY B 181 -4.36 -60.18 7.83
CA GLY B 181 -5.02 -58.96 7.39
C GLY B 181 -5.35 -59.08 5.91
N SER B 187 -7.64 -51.27 8.85
CA SER B 187 -9.08 -51.04 8.86
C SER B 187 -9.67 -51.54 10.17
N SER B 188 -8.82 -52.23 10.93
CA SER B 188 -9.17 -52.78 12.22
C SER B 188 -8.41 -51.94 13.23
N VAL B 189 -7.65 -50.99 12.69
CA VAL B 189 -6.83 -50.07 13.46
C VAL B 189 -7.07 -48.66 12.93
N ARG B 190 -6.90 -47.65 13.77
CA ARG B 190 -7.12 -46.28 13.32
C ARG B 190 -6.12 -45.23 13.78
N LEU B 191 -5.98 -44.19 12.96
CA LEU B 191 -5.09 -43.07 13.20
C LEU B 191 -5.67 -42.13 14.29
N VAL B 192 -4.97 -41.94 15.40
CA VAL B 192 -5.49 -41.18 16.53
C VAL B 192 -4.49 -40.23 17.17
N ARG B 193 -4.97 -39.22 17.89
CA ARG B 193 -4.06 -38.37 18.67
C ARG B 193 -3.61 -39.11 19.92
N PRO B 194 -2.31 -39.36 20.07
CA PRO B 194 -1.81 -40.19 21.17
C PRO B 194 -2.35 -39.78 22.56
N THR B 195 -2.41 -38.48 22.83
CA THR B 195 -2.88 -38.02 24.11
C THR B 195 -4.37 -38.24 24.35
N GLU B 196 -5.09 -38.78 23.37
CA GLU B 196 -6.50 -39.02 23.59
C GLU B 196 -6.78 -40.50 23.86
N HIS B 197 -5.73 -41.25 24.15
CA HIS B 197 -5.86 -42.68 24.27
C HIS B 197 -4.87 -43.28 25.27
N ARG B 198 -4.42 -42.45 26.22
CA ARG B 198 -3.48 -42.90 27.25
C ARG B 198 -3.86 -44.26 27.85
N GLY B 199 -5.13 -44.42 28.20
CA GLY B 199 -5.61 -45.65 28.78
C GLY B 199 -5.50 -46.85 27.86
N GLU B 200 -5.82 -46.65 26.58
CA GLU B 200 -5.73 -47.74 25.61
C GLU B 200 -4.29 -48.20 25.48
N PHE B 201 -3.37 -47.25 25.47
CA PHE B 201 -1.94 -47.53 25.37
C PHE B 201 -1.41 -48.19 26.62
N GLU B 202 -1.82 -47.68 27.78
CA GLU B 202 -1.32 -48.20 29.03
C GLU B 202 -1.68 -49.67 29.12
N ALA B 203 -2.92 -49.97 28.76
CA ALA B 203 -3.44 -51.34 28.71
C ALA B 203 -2.54 -52.22 27.86
N ILE B 204 -2.44 -51.87 26.59
CA ILE B 204 -1.68 -52.69 25.67
C ILE B 204 -0.25 -52.87 26.15
N TYR B 205 0.44 -51.77 26.45
CA TYR B 205 1.85 -51.89 26.84
C TYR B 205 1.98 -52.80 28.07
N GLU B 206 0.98 -52.73 28.94
CA GLU B 206 0.96 -53.57 30.13
C GLU B 206 0.90 -55.05 29.77
N ARG B 207 0.03 -55.42 28.83
CA ARG B 207 -0.06 -56.81 28.40
C ARG B 207 1.23 -57.20 27.70
N TRP B 208 1.74 -56.31 26.84
CA TRP B 208 3.03 -56.55 26.22
C TRP B 208 4.12 -56.90 27.25
N ARG B 209 4.40 -55.99 28.17
CA ARG B 209 5.59 -56.19 29.02
C ARG B 209 5.50 -57.37 30.01
N GLN B 210 4.29 -57.86 30.25
CA GLN B 210 4.12 -59.04 31.08
C GLN B 210 4.43 -60.31 30.31
N GLN B 211 4.38 -60.21 28.99
CA GLN B 211 4.56 -61.38 28.13
C GLN B 211 5.96 -61.56 27.53
N VAL B 212 6.69 -60.45 27.41
CA VAL B 212 7.92 -60.42 26.62
C VAL B 212 9.16 -60.26 27.48
N PRO B 213 10.10 -61.21 27.36
CA PRO B 213 11.39 -61.04 28.05
C PRO B 213 11.95 -59.69 27.67
N GLY B 214 12.34 -58.91 28.67
CA GLY B 214 12.81 -57.55 28.44
C GLY B 214 11.77 -56.51 28.79
N GLY B 215 10.50 -56.91 28.91
CA GLY B 215 9.46 -55.97 29.28
C GLY B 215 9.89 -55.13 30.47
N LEU B 216 9.36 -53.91 30.59
CA LEU B 216 9.52 -53.15 31.83
C LEU B 216 8.17 -52.62 32.26
N LEU B 217 7.96 -52.49 33.55
CA LEU B 217 6.74 -51.87 34.00
C LEU B 217 6.95 -50.41 33.72
N ARG B 218 5.96 -49.76 33.11
CA ARG B 218 6.08 -48.35 32.81
C ARG B 218 5.32 -47.60 33.89
N PRO B 219 6.05 -46.76 34.61
CA PRO B 219 5.45 -45.96 35.69
C PRO B 219 4.54 -44.89 35.15
N GLN B 220 3.59 -44.44 35.96
CA GLN B 220 2.67 -43.41 35.54
C GLN B 220 3.50 -42.19 35.20
N VAL B 221 4.53 -41.95 36.00
CA VAL B 221 5.40 -40.80 35.77
C VAL B 221 6.15 -40.88 34.42
N LEU B 222 6.31 -42.08 33.88
CA LEU B 222 6.96 -42.23 32.59
C LEU B 222 5.97 -42.13 31.45
N TRP B 223 4.72 -42.55 31.68
CA TRP B 223 3.66 -42.31 30.70
C TRP B 223 3.42 -40.83 30.58
N ASP B 224 3.49 -40.11 31.70
CA ASP B 224 3.52 -38.67 31.68
C ASP B 224 4.58 -38.13 30.70
N GLU B 225 5.82 -38.58 30.87
CA GLU B 225 6.90 -38.09 30.02
C GLU B 225 6.65 -38.46 28.55
N LEU B 226 6.20 -39.69 28.30
CA LEU B 226 5.94 -40.12 26.94
C LEU B 226 4.86 -39.28 26.26
N LEU B 227 3.79 -38.98 26.98
CA LEU B 227 2.70 -38.18 26.43
C LEU B 227 3.13 -36.75 26.09
N ALA B 228 3.89 -36.14 26.99
CA ALA B 228 4.36 -34.77 26.80
C ALA B 228 5.29 -34.67 25.59
N GLU B 229 6.16 -35.66 25.46
CA GLU B 229 7.13 -35.73 24.38
C GLU B 229 6.45 -35.95 23.02
N CYS B 230 5.11 -35.93 23.00
CA CYS B 230 4.36 -36.16 21.76
C CYS B 230 3.98 -34.84 21.09
N LYS B 231 4.03 -33.74 21.83
CA LYS B 231 3.72 -32.42 21.27
C LYS B 231 4.94 -31.87 20.53
N ALA B 232 4.70 -31.25 19.38
CA ALA B 232 5.78 -30.70 18.59
C ALA B 232 6.63 -29.72 19.39
N ALA B 233 7.90 -29.61 19.04
CA ALA B 233 8.78 -28.70 19.75
C ALA B 233 9.59 -27.84 18.77
N PRO B 234 9.45 -26.52 18.85
CA PRO B 234 10.14 -25.58 17.96
C PRO B 234 11.63 -25.86 17.88
N GLY B 235 12.11 -26.23 16.70
CA GLY B 235 13.49 -26.60 16.51
C GLY B 235 13.79 -28.02 16.95
N GLY B 236 12.74 -28.72 17.39
CA GLY B 236 12.89 -30.08 17.86
C GLY B 236 12.04 -31.04 17.06
N ASP B 237 11.68 -32.16 17.66
CA ASP B 237 10.84 -33.16 16.99
C ASP B 237 9.47 -32.62 16.64
N ARG B 238 8.88 -33.25 15.63
CA ARG B 238 7.55 -32.91 15.15
C ARG B 238 6.51 -33.71 15.89
N GLU B 239 5.25 -33.28 15.80
CA GLU B 239 4.15 -33.94 16.48
C GLU B 239 4.17 -35.45 16.23
N SER B 240 4.01 -36.25 17.29
CA SER B 240 3.83 -37.69 17.09
C SER B 240 2.35 -38.01 16.87
N PHE B 241 2.08 -38.91 15.93
CA PHE B 241 0.74 -39.45 15.76
C PHE B 241 0.80 -40.94 16.13
N ALA B 242 -0.36 -41.56 16.35
CA ALA B 242 -0.34 -42.97 16.68
C ALA B 242 -1.27 -43.84 15.82
N LEU B 243 -0.98 -45.14 15.80
CA LEU B 243 -1.83 -46.08 15.13
C LEU B 243 -2.31 -47.04 16.20
N LEU B 244 -3.63 -47.22 16.32
CA LEU B 244 -4.25 -47.89 17.46
C LEU B 244 -5.09 -49.08 17.04
N HIS B 245 -4.69 -50.25 17.53
CA HIS B 245 -5.36 -51.52 17.23
C HIS B 245 -5.88 -52.09 18.54
N PRO B 246 -6.90 -52.94 18.48
CA PRO B 246 -7.31 -53.57 19.75
C PRO B 246 -6.13 -54.18 20.51
N ASP B 247 -5.19 -54.79 19.77
CA ASP B 247 -4.10 -55.54 20.41
C ASP B 247 -2.68 -55.00 20.16
N GLY B 248 -2.60 -53.76 19.71
CA GLY B 248 -1.29 -53.13 19.58
C GLY B 248 -1.41 -51.67 19.24
N TYR B 249 -0.28 -50.95 19.32
CA TYR B 249 -0.24 -49.57 18.88
C TYR B 249 1.13 -49.21 18.33
N ALA B 250 1.21 -48.02 17.71
CA ALA B 250 2.47 -47.51 17.22
C ALA B 250 2.49 -45.99 17.26
N LEU B 251 3.54 -45.44 17.84
CA LEU B 251 3.79 -44.02 17.82
C LEU B 251 4.87 -43.70 16.80
N TYR B 252 4.54 -42.77 15.89
CA TYR B 252 5.49 -42.32 14.92
C TYR B 252 5.41 -40.80 14.75
N ARG B 253 6.47 -40.25 14.14
CA ARG B 253 6.55 -38.85 13.76
C ARG B 253 7.38 -38.76 12.48
N VAL B 254 7.12 -37.76 11.66
CA VAL B 254 7.99 -37.46 10.52
C VAL B 254 9.31 -36.86 11.02
N ASP B 255 10.41 -37.17 10.35
CA ASP B 255 11.71 -36.72 10.81
C ASP B 255 11.90 -35.19 10.78
N ARG B 256 12.76 -34.68 11.66
CA ARG B 256 13.06 -33.24 11.76
C ARG B 256 13.46 -32.64 10.42
N THR B 257 14.44 -33.26 9.77
CA THR B 257 14.98 -32.71 8.53
C THR B 257 14.64 -33.56 7.30
N ASP B 258 14.62 -34.89 7.46
CA ASP B 258 14.30 -35.78 6.35
C ASP B 258 12.80 -35.91 6.17
N LEU B 259 12.21 -35.07 5.31
CA LEU B 259 10.75 -34.97 5.24
C LEU B 259 10.08 -36.16 4.56
N LYS B 260 10.87 -37.09 4.05
CA LYS B 260 10.32 -38.29 3.45
C LYS B 260 10.49 -39.50 4.36
N LEU B 261 10.83 -39.23 5.62
CA LEU B 261 11.21 -40.31 6.54
C LEU B 261 10.45 -40.32 7.86
N ALA B 262 9.84 -41.45 8.14
CA ALA B 262 9.00 -41.59 9.31
C ALA B 262 9.67 -42.43 10.41
N ARG B 263 9.87 -41.83 11.57
CA ARG B 263 10.42 -42.58 12.69
C ARG B 263 9.33 -43.15 13.53
N VAL B 264 9.33 -44.46 13.71
CA VAL B 264 8.44 -45.07 14.70
C VAL B 264 9.18 -45.02 16.05
N SER B 265 8.62 -44.30 17.01
CA SER B 265 9.24 -44.17 18.33
C SER B 265 9.26 -45.45 19.13
N GLU B 266 8.11 -46.12 19.14
CA GLU B 266 7.95 -47.37 19.86
C GLU B 266 6.82 -48.14 19.23
N LEU B 267 6.94 -49.45 19.20
CA LEU B 267 5.89 -50.27 18.62
C LEU B 267 5.51 -51.36 19.61
N ARG B 268 4.23 -51.45 19.95
CA ARG B 268 3.79 -52.47 20.87
C ARG B 268 2.73 -53.35 20.25
N ALA B 269 2.96 -54.66 20.26
CA ALA B 269 2.01 -55.59 19.68
C ALA B 269 1.96 -56.83 20.56
N VAL B 270 0.77 -57.39 20.74
CA VAL B 270 0.68 -58.59 21.57
C VAL B 270 0.15 -59.80 20.79
N THR B 271 -0.48 -59.51 19.66
CA THR B 271 -0.89 -60.56 18.74
C THR B 271 -0.10 -60.40 17.46
N ALA B 272 0.10 -61.51 16.75
CA ALA B 272 0.76 -61.42 15.46
C ALA B 272 -0.07 -60.52 14.56
N ASP B 273 -1.39 -60.73 14.54
CA ASP B 273 -2.30 -59.92 13.71
C ASP B 273 -2.14 -58.43 13.92
N ALA B 274 -2.03 -58.02 15.18
CA ALA B 274 -1.86 -56.60 15.47
C ALA B 274 -0.56 -56.11 14.84
N HIS B 275 0.51 -56.81 15.13
CA HIS B 275 1.81 -56.48 14.58
C HIS B 275 1.70 -56.29 13.08
N CYS B 276 0.98 -57.18 12.42
CA CYS B 276 0.88 -57.10 10.97
C CYS B 276 0.05 -55.90 10.55
N ALA B 277 -1.17 -55.81 11.04
CA ALA B 277 -2.08 -54.76 10.63
C ALA B 277 -1.54 -53.36 10.87
N LEU B 278 -0.70 -53.23 11.91
CA LEU B 278 -0.03 -51.97 12.22
C LEU B 278 1.01 -51.67 11.13
N TRP B 279 1.76 -52.70 10.76
CA TRP B 279 2.70 -52.57 9.66
C TRP B 279 2.01 -52.39 8.34
N ARG B 280 0.79 -52.88 8.20
CA ARG B 280 0.05 -52.60 6.98
C ARG B 280 -0.23 -51.12 6.90
N ALA B 281 -0.34 -50.49 8.05
CA ALA B 281 -0.72 -49.09 8.09
C ALA B 281 0.47 -48.14 7.90
N LEU B 282 1.57 -48.44 8.58
CA LEU B 282 2.79 -47.65 8.45
C LEU B 282 3.24 -47.66 6.99
N ILE B 283 3.19 -48.83 6.35
CA ILE B 283 3.44 -48.90 4.92
C ILE B 283 2.45 -48.04 4.14
N GLY B 284 1.32 -47.70 4.76
CA GLY B 284 0.28 -46.91 4.10
C GLY B 284 0.54 -45.40 4.13
N LEU B 285 1.62 -45.00 4.82
CA LEU B 285 2.05 -43.61 4.82
C LEU B 285 2.69 -43.25 3.48
N ASP B 286 1.87 -42.89 2.50
CA ASP B 286 2.35 -42.70 1.13
C ASP B 286 3.27 -41.50 0.95
N SER B 287 2.99 -40.43 1.70
CA SER B 287 3.81 -39.23 1.64
C SER B 287 5.25 -39.54 2.03
N MSE B 288 5.45 -40.67 2.72
CA MSE B 288 6.78 -41.06 3.16
C MSE B 288 7.51 -41.94 2.16
O MSE B 288 6.89 -42.61 1.33
CB MSE B 288 6.73 -41.79 4.52
CG MSE B 288 6.19 -40.96 5.72
SE MSE B 288 7.10 -39.28 6.11
CE MSE B 288 5.86 -38.07 5.21
N GLU B 289 8.83 -41.92 2.25
CA GLU B 289 9.66 -42.82 1.47
C GLU B 289 10.09 -43.99 2.32
N ARG B 290 10.43 -43.69 3.57
CA ARG B 290 11.02 -44.67 4.46
C ARG B 290 10.35 -44.62 5.84
N ILE B 291 10.17 -45.79 6.45
CA ILE B 291 9.79 -45.88 7.85
C ILE B 291 11.02 -46.46 8.53
N SER B 292 11.41 -45.93 9.68
CA SER B 292 12.48 -46.55 10.43
C SER B 292 11.96 -46.91 11.82
N ILE B 293 12.57 -47.91 12.44
CA ILE B 293 12.15 -48.39 13.74
C ILE B 293 13.27 -49.15 14.43
N ILE B 294 13.28 -49.09 15.76
CA ILE B 294 14.19 -49.88 16.58
C ILE B 294 13.44 -51.08 17.10
N THR B 295 13.95 -52.25 16.81
CA THR B 295 13.29 -53.47 17.26
C THR B 295 14.31 -54.60 17.52
N HIS B 296 13.79 -55.82 17.66
CA HIS B 296 14.62 -56.97 18.03
C HIS B 296 14.94 -57.80 16.81
N PRO B 297 15.95 -58.67 16.91
CA PRO B 297 16.35 -59.55 15.80
C PRO B 297 15.25 -60.50 15.31
N GLN B 298 14.30 -60.93 16.16
CA GLN B 298 13.29 -61.89 15.71
C GLN B 298 11.98 -61.24 15.29
N ASP B 299 12.08 -59.96 14.93
CA ASP B 299 10.95 -59.23 14.38
C ASP B 299 10.55 -59.93 13.10
N PRO B 300 9.28 -60.29 12.94
CA PRO B 300 8.84 -60.94 11.71
C PRO B 300 8.54 -60.01 10.53
N LEU B 301 8.82 -58.71 10.64
CA LEU B 301 8.48 -57.81 9.52
C LEU B 301 8.93 -58.41 8.20
N PRO B 302 10.22 -58.73 8.07
CA PRO B 302 10.72 -59.04 6.74
C PRO B 302 9.91 -60.18 6.15
N HIS B 303 9.50 -61.13 6.98
CA HIS B 303 8.75 -62.29 6.50
C HIS B 303 7.32 -61.96 6.13
N LEU B 304 6.86 -60.76 6.47
CA LEU B 304 5.56 -60.26 6.04
C LEU B 304 5.60 -59.73 4.60
N LEU B 305 6.79 -59.45 4.10
CA LEU B 305 6.94 -58.78 2.80
C LEU B 305 7.25 -59.73 1.64
N THR B 306 6.94 -59.33 0.41
CA THR B 306 7.29 -60.16 -0.74
C THR B 306 8.79 -60.15 -0.97
N ASP B 307 9.45 -59.09 -0.53
CA ASP B 307 10.91 -58.97 -0.59
C ASP B 307 11.48 -58.76 0.82
N THR B 308 12.06 -59.79 1.40
CA THR B 308 12.58 -59.68 2.76
C THR B 308 13.63 -58.61 2.90
N ARG B 309 14.30 -58.25 1.81
CA ARG B 309 15.36 -57.25 1.92
C ARG B 309 14.83 -55.84 2.23
N LEU B 310 13.57 -55.57 1.88
CA LEU B 310 12.98 -54.24 2.11
C LEU B 310 13.03 -53.84 3.58
N ALA B 311 13.11 -54.86 4.44
CA ALA B 311 13.16 -54.65 5.88
C ALA B 311 14.66 -54.63 6.16
N ARG B 312 15.34 -53.65 5.58
CA ARG B 312 16.78 -53.51 5.75
C ARG B 312 17.22 -53.15 7.17
N THR B 313 18.34 -53.73 7.58
CA THR B 313 18.88 -53.48 8.91
C THR B 313 19.89 -52.38 8.63
N THR B 314 19.73 -51.25 9.30
CA THR B 314 20.64 -50.15 9.11
C THR B 314 21.47 -49.88 10.35
N TRP B 315 21.26 -50.68 11.39
CA TRP B 315 22.01 -50.49 12.62
C TRP B 315 21.70 -51.62 13.56
N ARG B 316 22.71 -52.06 14.31
CA ARG B 316 22.56 -53.14 15.26
C ARG B 316 23.53 -52.99 16.42
N GLN B 317 23.02 -53.01 17.64
CA GLN B 317 23.86 -52.83 18.82
C GLN B 317 23.20 -53.34 20.08
N ASP B 318 24.01 -53.59 21.11
CA ASP B 318 23.50 -54.09 22.37
C ASP B 318 22.62 -53.05 23.05
N GLY B 319 21.54 -53.50 23.67
CA GLY B 319 20.60 -52.65 24.36
C GLY B 319 20.77 -52.79 25.86
N LEU B 320 19.87 -53.53 26.49
CA LEU B 320 19.91 -53.73 27.92
C LEU B 320 21.08 -54.62 28.37
N TRP B 321 21.78 -54.17 29.39
CA TRP B 321 22.91 -54.90 29.95
C TRP B 321 22.47 -55.45 31.31
N LEU B 322 22.89 -56.68 31.65
CA LEU B 322 22.53 -57.25 32.95
C LEU B 322 23.73 -57.63 33.78
N ARG B 323 23.59 -57.35 35.08
CA ARG B 323 24.46 -57.90 36.10
C ARG B 323 23.59 -58.79 37.00
N ILE B 324 23.89 -60.07 37.06
CA ILE B 324 23.24 -60.95 38.01
C ILE B 324 23.84 -60.70 39.40
N MSE B 325 23.05 -60.12 40.29
CA MSE B 325 23.50 -59.89 41.65
C MSE B 325 23.51 -61.22 42.45
O MSE B 325 24.42 -61.49 43.24
CB MSE B 325 22.57 -58.90 42.35
CG MSE B 325 22.28 -57.62 41.60
SE MSE B 325 23.79 -56.34 41.50
CE MSE B 325 24.24 -56.16 43.40
N ASN B 326 22.48 -62.04 42.22
CA ASN B 326 22.27 -63.27 42.95
C ASN B 326 22.06 -64.46 42.01
N VAL B 327 23.06 -65.32 41.92
CA VAL B 327 23.09 -66.35 40.90
C VAL B 327 21.91 -67.34 41.03
N PRO B 328 21.79 -67.99 42.18
CA PRO B 328 20.67 -68.90 42.45
C PRO B 328 19.29 -68.23 42.24
N ALA B 329 18.99 -67.19 43.03
CA ALA B 329 17.76 -66.42 42.90
C ALA B 329 17.43 -66.16 41.42
N ALA B 330 18.41 -65.65 40.69
CA ALA B 330 18.24 -65.35 39.27
C ALA B 330 18.00 -66.61 38.44
N LEU B 331 18.84 -67.64 38.62
CA LEU B 331 18.73 -68.82 37.79
C LEU B 331 17.49 -69.65 38.10
N GLU B 332 16.98 -69.53 39.32
CA GLU B 332 15.80 -70.28 39.73
C GLU B 332 14.51 -69.53 39.42
N ALA B 333 14.65 -68.23 39.20
CA ALA B 333 13.55 -67.31 38.88
C ALA B 333 12.97 -67.42 37.47
N ARG B 334 13.86 -67.56 36.49
CA ARG B 334 13.47 -67.66 35.09
C ARG B 334 13.14 -69.04 34.54
N GLY B 335 12.03 -69.09 33.80
CA GLY B 335 11.57 -70.33 33.20
C GLY B 335 12.49 -70.75 32.06
N TYR B 336 12.66 -72.05 31.89
CA TYR B 336 13.51 -72.62 30.85
C TYR B 336 12.75 -73.36 29.76
N ALA B 337 13.50 -73.73 28.73
CA ALA B 337 12.92 -74.38 27.57
C ALA B 337 12.50 -75.78 27.97
N HIS B 338 11.26 -76.11 27.63
CA HIS B 338 10.74 -77.42 27.95
C HIS B 338 11.37 -78.44 27.03
N GLU B 339 11.74 -78.00 25.85
CA GLU B 339 12.12 -78.94 24.81
C GLU B 339 13.57 -79.39 24.92
N VAL B 340 14.14 -79.22 26.11
CA VAL B 340 15.43 -79.81 26.43
C VAL B 340 15.18 -80.82 27.54
N GLY B 341 15.82 -81.98 27.47
CA GLY B 341 15.59 -82.99 28.47
C GLY B 341 16.32 -82.66 29.76
N GLU B 342 15.74 -83.05 30.89
CA GLU B 342 16.36 -82.82 32.20
C GLU B 342 17.85 -83.07 32.06
N PHE B 343 18.66 -82.27 32.75
CA PHE B 343 20.09 -82.54 32.88
C PHE B 343 20.73 -81.80 34.07
N SER B 344 22.00 -82.13 34.35
CA SER B 344 22.72 -81.49 35.44
C SER B 344 24.10 -81.01 35.04
N THR B 345 24.60 -80.05 35.79
CA THR B 345 25.96 -79.60 35.60
C THR B 345 26.41 -78.80 36.81
N VAL B 346 27.66 -78.35 36.75
CA VAL B 346 28.22 -77.56 37.83
C VAL B 346 28.54 -76.25 37.15
N LEU B 347 27.98 -75.16 37.66
CA LEU B 347 28.25 -73.87 37.06
C LEU B 347 29.05 -73.03 38.02
N GLU B 348 30.20 -72.55 37.54
CA GLU B 348 31.05 -71.73 38.38
C GLU B 348 31.18 -70.34 37.77
N VAL B 349 30.81 -69.35 38.56
CA VAL B 349 30.88 -67.96 38.13
C VAL B 349 32.12 -67.38 38.78
N SER B 350 33.06 -66.86 37.99
CA SER B 350 34.24 -66.33 38.63
C SER B 350 33.81 -65.20 39.55
N ASP B 351 34.20 -65.32 40.81
CA ASP B 351 33.87 -64.33 41.83
C ASP B 351 32.41 -64.48 42.24
N GLY B 352 31.74 -65.47 41.66
CA GLY B 352 30.35 -65.73 41.94
C GLY B 352 30.01 -67.04 42.64
N GLY B 353 31.03 -67.79 43.04
CA GLY B 353 30.79 -69.06 43.71
C GLY B 353 30.56 -70.20 42.73
N ARG B 354 30.24 -71.38 43.24
CA ARG B 354 30.00 -72.55 42.42
C ARG B 354 28.64 -73.19 42.67
N PHE B 355 28.00 -73.70 41.63
CA PHE B 355 26.62 -74.17 41.77
C PHE B 355 26.30 -75.45 41.02
N ALA B 356 25.52 -76.31 41.66
CA ALA B 356 24.94 -77.43 40.97
C ALA B 356 23.65 -76.91 40.35
N LEU B 357 23.65 -76.91 39.03
CA LEU B 357 22.53 -76.39 38.27
C LEU B 357 21.82 -77.59 37.64
N LYS B 358 20.52 -77.70 37.89
CA LYS B 358 19.75 -78.82 37.38
C LYS B 358 18.50 -78.29 36.73
N ILE B 359 18.28 -78.59 35.45
CA ILE B 359 17.08 -78.09 34.79
C ILE B 359 16.11 -79.20 34.41
N GLY B 360 14.92 -79.16 35.00
CA GLY B 360 13.89 -80.15 34.72
C GLY B 360 12.50 -79.59 34.51
N ASP B 361 11.83 -80.03 33.46
CA ASP B 361 10.48 -79.56 33.15
C ASP B 361 10.36 -78.04 33.03
N GLY B 362 11.38 -77.41 32.46
CA GLY B 362 11.37 -75.97 32.30
C GLY B 362 11.76 -75.19 33.53
N ARG B 363 12.15 -75.88 34.59
CA ARG B 363 12.55 -75.21 35.84
C ARG B 363 13.98 -75.55 36.25
N ALA B 364 14.55 -74.71 37.09
CA ALA B 364 15.94 -74.91 37.48
C ALA B 364 16.13 -74.92 38.98
N ARG B 365 16.91 -75.88 39.45
CA ARG B 365 17.36 -75.90 40.82
C ARG B 365 18.86 -75.55 40.77
N CYS B 366 19.25 -74.53 41.53
CA CYS B 366 20.63 -74.07 41.58
C CYS B 366 21.13 -73.95 43.03
N THR B 367 22.07 -74.80 43.43
CA THR B 367 22.47 -74.86 44.85
C THR B 367 23.98 -74.86 45.12
N PRO B 368 24.40 -74.40 46.30
CA PRO B 368 25.83 -74.31 46.57
C PRO B 368 26.53 -75.66 46.45
N THR B 369 27.71 -75.68 45.85
CA THR B 369 28.50 -76.92 45.72
C THR B 369 29.99 -76.65 45.64
N ASP B 370 30.78 -77.66 45.99
CA ASP B 370 32.23 -77.59 45.87
C ASP B 370 32.74 -78.71 44.95
N ALA B 371 31.80 -79.40 44.30
CA ALA B 371 32.12 -80.39 43.28
C ALA B 371 32.91 -79.73 42.16
N ALA B 372 33.59 -80.53 41.36
CA ALA B 372 34.39 -79.95 40.29
C ALA B 372 33.49 -79.17 39.32
N ALA B 373 33.93 -77.99 38.92
CA ALA B 373 33.14 -77.19 37.99
C ALA B 373 33.16 -77.80 36.59
N GLU B 374 31.98 -77.96 36.00
CA GLU B 374 31.88 -78.45 34.62
C GLU B 374 31.87 -77.31 33.61
N ILE B 375 31.70 -76.09 34.10
CA ILE B 375 31.64 -74.95 33.20
C ILE B 375 31.90 -73.67 33.99
N GLU B 376 32.83 -72.85 33.52
CA GLU B 376 33.11 -71.61 34.23
C GLU B 376 32.95 -70.37 33.35
N MSE B 377 32.75 -69.23 33.98
CA MSE B 377 32.49 -67.99 33.26
C MSE B 377 32.46 -66.79 34.19
O MSE B 377 32.12 -66.92 35.35
CB MSE B 377 31.15 -68.07 32.51
CG MSE B 377 29.93 -68.02 33.42
SE MSE B 377 28.23 -67.85 32.48
CE MSE B 377 27.83 -69.71 32.19
N ASP B 378 32.79 -65.62 33.66
CA ASP B 378 32.70 -64.37 34.41
C ASP B 378 31.25 -63.97 34.56
N ARG B 379 31.03 -63.07 35.52
CA ARG B 379 29.68 -62.69 35.92
C ARG B 379 28.87 -62.12 34.76
N ASP B 380 29.55 -61.39 33.89
CA ASP B 380 28.84 -60.70 32.83
C ASP B 380 28.44 -61.65 31.71
N VAL B 381 29.19 -62.74 31.53
CA VAL B 381 28.80 -63.71 30.52
C VAL B 381 27.43 -64.21 30.92
N LEU B 382 27.22 -64.42 32.22
CA LEU B 382 25.96 -64.95 32.69
C LEU B 382 24.82 -63.96 32.45
N GLY B 383 25.14 -62.67 32.54
CA GLY B 383 24.21 -61.63 32.14
C GLY B 383 23.77 -61.86 30.71
N SER B 384 24.73 -61.93 29.81
CA SER B 384 24.45 -62.09 28.38
C SER B 384 23.57 -63.29 28.07
N LEU B 385 23.76 -64.42 28.76
CA LEU B 385 22.98 -65.63 28.49
C LEU B 385 21.59 -65.56 29.11
N TYR B 386 21.44 -64.76 30.15
CA TYR B 386 20.22 -64.81 30.97
C TYR B 386 18.87 -64.64 30.25
N LEU B 387 18.73 -63.71 29.32
CA LEU B 387 17.41 -63.52 28.69
C LEU B 387 17.28 -64.28 27.39
N GLY B 388 18.33 -64.98 27.02
CA GLY B 388 18.32 -65.78 25.79
C GLY B 388 18.76 -65.03 24.55
N ALA B 389 19.41 -63.89 24.72
CA ALA B 389 19.78 -63.10 23.57
C ALA B 389 21.11 -63.53 22.97
N HIS B 390 21.84 -64.38 23.66
CA HIS B 390 23.12 -64.84 23.15
C HIS B 390 23.22 -66.33 23.42
N ARG B 391 23.89 -67.05 22.51
CA ARG B 391 24.11 -68.49 22.66
C ARG B 391 25.38 -68.78 23.43
N ALA B 392 25.34 -69.80 24.28
CA ALA B 392 26.55 -70.22 24.97
C ALA B 392 27.60 -70.80 24.00
N SER B 393 27.16 -71.40 22.90
CA SER B 393 28.11 -71.95 21.93
C SER B 393 29.02 -70.85 21.40
N THR B 394 28.45 -69.65 21.29
CA THR B 394 29.14 -68.53 20.69
C THR B 394 30.09 -67.87 21.66
N LEU B 395 29.62 -67.65 22.88
CA LEU B 395 30.49 -67.11 23.91
C LEU B 395 31.65 -68.08 24.24
N ALA B 396 31.41 -69.37 24.03
CA ALA B 396 32.45 -70.39 24.23
C ALA B 396 33.56 -70.27 23.17
N ALA B 397 33.16 -69.99 21.93
CA ALA B 397 34.14 -69.84 20.86
C ALA B 397 35.06 -68.65 21.17
N ALA B 398 34.55 -67.69 21.93
CA ALA B 398 35.38 -66.59 22.39
C ALA B 398 36.15 -66.95 23.66
N ASN B 399 35.93 -68.16 24.16
CA ASN B 399 36.57 -68.58 25.40
C ASN B 399 36.11 -67.68 26.55
N ARG B 400 34.89 -67.17 26.44
CA ARG B 400 34.32 -66.36 27.52
C ARG B 400 33.63 -67.28 28.50
N LEU B 401 33.16 -68.41 27.99
CA LEU B 401 32.46 -69.43 28.74
C LEU B 401 33.34 -70.64 28.45
N ARG B 402 33.76 -71.36 29.48
CA ARG B 402 34.62 -72.52 29.24
C ARG B 402 34.21 -73.88 29.79
N THR B 403 34.30 -74.90 28.93
CA THR B 403 33.97 -76.26 29.28
C THR B 403 34.62 -77.24 28.30
N LYS B 404 34.98 -78.43 28.78
CA LYS B 404 35.51 -79.48 27.93
C LYS B 404 34.36 -80.32 27.35
N ASP B 405 33.11 -79.91 27.59
CA ASP B 405 31.96 -80.72 27.22
C ASP B 405 30.97 -80.05 26.25
N SER B 406 31.13 -80.32 24.96
CA SER B 406 30.26 -79.75 23.92
C SER B 406 28.78 -80.10 24.06
N GLN B 407 28.50 -81.35 24.44
CA GLN B 407 27.13 -81.80 24.63
C GLN B 407 26.45 -80.95 25.71
N LEU B 408 27.22 -80.59 26.72
CA LEU B 408 26.73 -79.74 27.80
C LEU B 408 26.43 -78.36 27.24
N LEU B 409 27.29 -77.90 26.33
CA LEU B 409 27.12 -76.59 25.72
C LEU B 409 25.82 -76.52 24.92
N ARG B 410 25.50 -77.58 24.19
CA ARG B 410 24.27 -77.59 23.40
C ARG B 410 23.05 -77.47 24.30
N ARG B 411 23.11 -78.18 25.43
CA ARG B 411 22.05 -78.21 26.44
C ARG B 411 21.79 -76.84 27.07
N LEU B 412 22.83 -76.04 27.22
CA LEU B 412 22.68 -74.69 27.76
C LEU B 412 22.06 -73.75 26.72
N ASP B 413 22.55 -73.83 25.48
CA ASP B 413 21.95 -73.09 24.39
C ASP B 413 20.46 -73.35 24.35
N ALA B 414 20.13 -74.64 24.43
CA ALA B 414 18.78 -75.07 24.27
C ALA B 414 17.94 -74.54 25.40
N ALA B 415 18.39 -74.81 26.63
CA ALA B 415 17.61 -74.48 27.82
C ALA B 415 17.40 -72.98 28.01
N PHE B 416 18.45 -72.18 27.79
CA PHE B 416 18.34 -70.74 28.02
C PHE B 416 17.53 -70.04 26.93
N ALA B 417 17.32 -70.70 25.80
CA ALA B 417 16.47 -70.12 24.76
C ALA B 417 15.13 -69.62 25.30
N SER B 418 14.46 -68.78 24.52
CA SER B 418 13.17 -68.24 24.95
C SER B 418 12.01 -68.55 23.99
N ASP B 419 10.88 -68.99 24.54
CA ASP B 419 9.73 -69.31 23.72
C ASP B 419 9.34 -68.04 22.99
N VAL B 420 9.41 -66.93 23.71
CA VAL B 420 9.08 -65.64 23.14
C VAL B 420 10.43 -64.95 23.05
N PRO B 421 10.80 -64.53 21.84
CA PRO B 421 12.09 -63.86 21.67
C PRO B 421 12.15 -62.56 22.45
N VAL B 422 13.27 -62.30 23.11
CA VAL B 422 13.40 -61.07 23.88
C VAL B 422 13.44 -59.76 23.09
N GLN B 423 12.70 -58.78 23.60
CA GLN B 423 12.60 -57.45 23.01
C GLN B 423 13.11 -56.41 24.03
N THR B 424 13.24 -55.16 23.62
CA THR B 424 13.79 -54.14 24.51
C THR B 424 12.67 -53.16 24.83
N ALA B 425 12.57 -52.76 26.09
CA ALA B 425 11.44 -51.97 26.53
C ALA B 425 11.71 -50.49 26.25
N PHE B 426 12.32 -49.82 27.21
CA PHE B 426 12.73 -48.43 27.02
C PHE B 426 14.09 -48.15 27.63
N GLU B 427 14.77 -47.16 27.11
CA GLU B 427 16.09 -46.77 27.59
C GLU B 427 15.88 -45.96 28.86
N PHE B 428 16.75 -46.14 29.86
CA PHE B 428 16.55 -45.47 31.16
C PHE B 428 17.84 -44.92 31.75
N THR C 28 63.74 -67.73 19.18
CA THR C 28 62.73 -66.68 19.08
C THR C 28 62.96 -65.80 17.86
N VAL C 29 63.48 -64.59 18.10
CA VAL C 29 63.74 -63.64 17.03
C VAL C 29 65.23 -63.33 16.92
N THR C 30 65.77 -63.41 15.72
CA THR C 30 67.18 -63.13 15.48
C THR C 30 67.36 -61.88 14.64
N LEU C 31 68.21 -60.97 15.12
CA LEU C 31 68.47 -59.72 14.40
C LEU C 31 69.84 -59.74 13.74
N CYS C 32 69.90 -59.38 12.46
CA CYS C 32 71.17 -59.32 11.76
C CYS C 32 71.08 -58.67 10.38
N SER C 33 72.22 -58.52 9.73
CA SER C 33 72.26 -58.02 8.38
C SER C 33 71.64 -59.03 7.42
N PRO C 34 70.82 -58.54 6.49
CA PRO C 34 70.17 -59.42 5.50
C PRO C 34 71.16 -60.04 4.51
N THR C 35 70.86 -61.26 4.06
CA THR C 35 71.62 -61.90 2.98
C THR C 35 70.79 -61.92 1.70
N GLU C 36 71.27 -62.62 0.68
CA GLU C 36 70.52 -62.71 -0.57
C GLU C 36 69.23 -63.51 -0.40
N ASP C 37 69.23 -64.42 0.57
CA ASP C 37 68.05 -65.25 0.84
C ASP C 37 66.91 -64.46 1.47
N ASP C 38 67.24 -63.31 2.03
CA ASP C 38 66.26 -62.50 2.72
C ASP C 38 65.46 -61.57 1.79
N TRP C 39 65.93 -61.37 0.55
CA TRP C 39 65.31 -60.39 -0.35
C TRP C 39 63.80 -60.59 -0.58
N PRO C 40 63.37 -61.84 -0.87
CA PRO C 40 61.93 -61.99 -1.08
C PRO C 40 61.10 -61.75 0.17
N GLY C 41 61.67 -62.08 1.33
CA GLY C 41 61.01 -61.84 2.61
C GLY C 41 60.84 -60.35 2.90
N MSE C 42 61.85 -59.57 2.52
CA MSE C 42 61.80 -58.11 2.63
C MSE C 42 60.75 -57.53 1.69
O MSE C 42 60.05 -56.58 2.03
CB MSE C 42 63.18 -57.52 2.34
CG MSE C 42 64.21 -57.95 3.34
SE MSE C 42 66.02 -57.31 3.10
CE MSE C 42 65.72 -55.40 3.36
N PHE C 43 60.63 -58.11 0.50
CA PHE C 43 59.63 -57.67 -0.45
C PHE C 43 58.23 -57.93 0.06
N LEU C 44 57.98 -59.15 0.51
CA LEU C 44 56.71 -59.47 1.15
C LEU C 44 56.40 -58.39 2.19
N LEU C 45 57.26 -58.24 3.19
CA LEU C 45 57.03 -57.29 4.27
C LEU C 45 56.79 -55.86 3.74
N ALA C 46 57.72 -55.36 2.94
CA ALA C 46 57.59 -54.03 2.36
C ALA C 46 56.26 -53.88 1.62
N ALA C 47 55.91 -54.86 0.81
CA ALA C 47 54.66 -54.81 0.07
C ALA C 47 53.45 -54.78 1.02
N ALA C 48 53.46 -55.64 2.03
CA ALA C 48 52.34 -55.69 2.95
C ALA C 48 52.29 -54.47 3.86
N SER C 49 53.42 -53.80 4.02
CA SER C 49 53.51 -52.68 4.95
C SER C 49 53.29 -51.32 4.30
N PHE C 50 53.50 -51.23 2.99
CA PHE C 50 53.39 -49.94 2.30
C PHE C 50 52.51 -50.05 1.05
N THR C 51 51.42 -49.28 1.01
CA THR C 51 50.49 -49.39 -0.10
C THR C 51 51.09 -48.85 -1.39
N ASP C 52 51.88 -47.79 -1.25
CA ASP C 52 52.54 -47.16 -2.39
C ASP C 52 53.74 -47.97 -2.88
N PHE C 53 54.02 -49.10 -2.24
CA PHE C 53 55.22 -49.86 -2.56
C PHE C 53 55.05 -50.90 -3.66
N ILE C 54 56.08 -51.01 -4.49
CA ILE C 54 56.16 -51.93 -5.61
C ILE C 54 57.57 -52.51 -5.70
N GLY C 55 57.66 -53.80 -6.03
CA GLY C 55 58.94 -54.50 -6.14
C GLY C 55 59.98 -54.09 -7.17
N PRO C 56 59.55 -53.81 -8.40
CA PRO C 56 60.51 -53.41 -9.44
C PRO C 56 61.18 -52.05 -9.22
N GLU C 57 60.41 -51.04 -8.86
CA GLU C 57 60.96 -49.71 -8.61
C GLU C 57 61.88 -49.63 -7.40
N SER C 58 61.45 -50.28 -6.33
CA SER C 58 62.19 -50.33 -5.07
C SER C 58 63.56 -51.03 -5.09
N ALA C 59 63.64 -52.15 -5.81
CA ALA C 59 64.90 -52.89 -5.88
C ALA C 59 66.06 -51.92 -6.10
N THR C 60 65.89 -51.04 -7.08
CA THR C 60 66.94 -50.13 -7.50
C THR C 60 67.32 -49.13 -6.40
N ALA C 61 66.31 -48.56 -5.74
CA ALA C 61 66.60 -47.62 -4.68
C ALA C 61 67.56 -48.20 -3.64
N TRP C 62 67.38 -49.48 -3.31
CA TRP C 62 68.16 -50.10 -2.24
C TRP C 62 69.59 -50.42 -2.64
N ARG C 63 69.74 -51.09 -3.77
CA ARG C 63 71.06 -51.47 -4.26
C ARG C 63 72.05 -50.29 -4.27
N THR C 64 71.60 -49.10 -4.68
CA THR C 64 72.52 -47.99 -4.91
C THR C 64 72.70 -47.01 -3.74
N LEU C 65 71.68 -46.88 -2.88
CA LEU C 65 71.69 -45.84 -1.85
C LEU C 65 71.89 -46.37 -0.42
N VAL C 66 71.81 -47.68 -0.26
CA VAL C 66 71.99 -48.29 1.05
C VAL C 66 73.41 -48.80 1.19
N PRO C 67 74.18 -48.22 2.11
CA PRO C 67 75.57 -48.62 2.33
C PRO C 67 75.62 -50.11 2.62
N THR C 68 76.81 -50.67 2.66
CA THR C 68 76.94 -52.06 3.04
C THR C 68 76.55 -52.14 4.52
N ASP C 69 75.82 -53.18 4.90
CA ASP C 69 75.21 -53.28 6.24
C ASP C 69 74.48 -52.00 6.73
N GLY C 70 73.80 -51.32 5.82
CA GLY C 70 72.92 -50.25 6.21
C GLY C 70 71.51 -50.79 6.34
N ALA C 71 71.38 -52.11 6.24
CA ALA C 71 70.08 -52.77 6.36
C ALA C 71 70.03 -53.81 7.48
N VAL C 72 68.99 -53.74 8.31
CA VAL C 72 68.83 -54.67 9.42
C VAL C 72 67.47 -55.37 9.37
N VAL C 73 67.46 -56.68 9.56
CA VAL C 73 66.22 -57.46 9.54
C VAL C 73 66.10 -58.44 10.70
N VAL C 74 64.87 -58.74 11.10
CA VAL C 74 64.61 -59.67 12.19
C VAL C 74 63.98 -60.92 11.60
N ARG C 75 64.42 -62.08 12.06
CA ARG C 75 63.82 -63.33 11.58
C ARG C 75 63.16 -64.08 12.73
N ASP C 76 62.20 -64.94 12.42
CA ASP C 76 61.56 -65.80 13.41
C ASP C 76 62.27 -67.14 13.53
N GLY C 77 63.39 -67.16 14.24
CA GLY C 77 64.15 -68.38 14.45
C GLY C 77 65.51 -68.39 13.78
N ALA C 78 66.12 -69.57 13.68
CA ALA C 78 67.39 -69.74 12.98
C ALA C 78 67.26 -70.71 11.81
N GLY C 79 68.29 -70.78 10.97
CA GLY C 79 68.28 -71.68 9.83
C GLY C 79 67.82 -70.97 8.57
N PRO C 80 68.59 -71.09 7.49
CA PRO C 80 68.31 -70.36 6.26
C PRO C 80 66.88 -70.59 5.80
N GLY C 81 66.16 -69.51 5.47
CA GLY C 81 64.78 -69.61 5.07
C GLY C 81 63.82 -69.09 6.13
N SER C 82 64.32 -69.00 7.37
CA SER C 82 63.55 -68.41 8.47
C SER C 82 62.92 -67.11 8.00
N GLU C 83 61.66 -66.92 8.33
CA GLU C 83 60.93 -65.80 7.78
C GLU C 83 61.37 -64.46 8.37
N VAL C 84 61.44 -63.46 7.49
CA VAL C 84 61.79 -62.10 7.85
C VAL C 84 60.55 -61.46 8.44
N VAL C 85 60.63 -60.99 9.69
CA VAL C 85 59.45 -60.41 10.36
C VAL C 85 59.59 -58.91 10.69
N GLY C 86 60.75 -58.37 10.37
CA GLY C 86 61.06 -57.00 10.68
C GLY C 86 62.20 -56.55 9.79
N MSE C 87 62.17 -55.30 9.36
CA MSE C 87 63.17 -54.76 8.47
C MSE C 87 63.26 -53.26 8.64
O MSE C 87 62.30 -52.62 9.07
CB MSE C 87 62.82 -55.05 7.03
CG MSE C 87 61.55 -54.39 6.58
SE MSE C 87 61.21 -54.68 4.71
CE MSE C 87 62.74 -53.70 3.99
N ALA C 88 64.44 -52.73 8.34
CA ALA C 88 64.76 -51.30 8.36
C ALA C 88 66.10 -51.09 7.68
N LEU C 89 66.24 -49.95 7.03
CA LEU C 89 67.50 -49.62 6.40
C LEU C 89 67.66 -48.13 6.33
N TYR C 90 68.89 -47.65 6.21
CA TYR C 90 69.12 -46.23 6.01
C TYR C 90 69.86 -46.01 4.71
N MSE C 91 69.61 -44.87 4.08
CA MSE C 91 70.30 -44.53 2.85
C MSE C 91 71.32 -43.45 3.17
O MSE C 91 71.17 -42.71 4.15
CB MSE C 91 69.32 -44.05 1.79
CG MSE C 91 68.27 -45.09 1.38
SE MSE C 91 66.63 -44.19 0.78
CE MSE C 91 65.76 -45.59 -0.27
N ASP C 92 72.34 -43.34 2.33
CA ASP C 92 73.35 -42.33 2.54
C ASP C 92 72.79 -41.14 1.79
N LEU C 93 72.49 -40.06 2.51
CA LEU C 93 71.92 -38.87 1.90
C LEU C 93 72.55 -37.57 2.39
N ARG C 94 72.41 -36.53 1.59
CA ARG C 94 72.96 -35.22 1.93
C ARG C 94 71.84 -34.24 2.26
N LEU C 95 71.93 -33.64 3.44
CA LEU C 95 70.96 -32.67 3.93
C LEU C 95 71.58 -31.30 4.11
N THR C 96 71.01 -30.32 3.44
CA THR C 96 71.40 -28.92 3.60
C THR C 96 70.82 -28.38 4.90
N VAL C 97 71.69 -27.79 5.73
CA VAL C 97 71.30 -27.21 7.00
C VAL C 97 71.57 -25.72 6.94
N PRO C 98 71.07 -24.93 7.92
CA PRO C 98 71.21 -23.48 7.83
C PRO C 98 72.65 -23.02 7.65
N GLY C 99 72.84 -22.02 6.81
CA GLY C 99 74.17 -21.61 6.40
C GLY C 99 74.60 -22.24 5.08
N GLU C 100 73.67 -22.94 4.43
CA GLU C 100 73.96 -23.67 3.20
C GLU C 100 75.00 -24.79 3.40
N VAL C 101 75.11 -25.32 4.61
CA VAL C 101 76.04 -26.43 4.84
C VAL C 101 75.44 -27.80 4.52
N VAL C 102 76.22 -28.69 3.92
CA VAL C 102 75.70 -30.01 3.59
C VAL C 102 76.30 -31.10 4.47
N LEU C 103 75.48 -31.74 5.29
CA LEU C 103 75.98 -32.79 6.15
C LEU C 103 75.45 -34.13 5.70
N PRO C 104 76.36 -35.10 5.53
CA PRO C 104 75.92 -36.42 5.10
C PRO C 104 75.00 -36.92 6.19
N THR C 105 73.85 -37.47 5.82
CA THR C 105 72.93 -37.97 6.83
C THR C 105 72.32 -39.31 6.47
N ALA C 106 72.03 -40.10 7.51
CA ALA C 106 71.44 -41.41 7.34
C ALA C 106 69.92 -41.32 7.35
N GLY C 107 69.30 -41.71 6.25
CA GLY C 107 67.86 -41.66 6.16
C GLY C 107 67.33 -43.06 6.40
N LEU C 108 66.44 -43.20 7.39
CA LEU C 108 65.88 -44.52 7.69
C LEU C 108 64.55 -44.66 6.97
N SER C 109 64.43 -45.70 6.13
CA SER C 109 63.22 -45.96 5.38
C SER C 109 62.92 -47.45 5.26
N PHE C 110 61.66 -47.78 5.00
CA PHE C 110 61.23 -49.17 4.86
C PHE C 110 61.13 -49.87 6.21
N VAL C 111 61.10 -49.07 7.27
CA VAL C 111 60.99 -49.58 8.62
C VAL C 111 59.66 -50.30 8.78
N ALA C 112 59.70 -51.61 8.66
CA ALA C 112 58.48 -52.40 8.78
C ALA C 112 58.59 -53.49 9.82
N VAL C 113 57.51 -53.70 10.56
CA VAL C 113 57.42 -54.88 11.38
C VAL C 113 56.16 -55.63 11.00
N ALA C 114 56.27 -56.95 10.91
CA ALA C 114 55.15 -57.78 10.49
C ALA C 114 53.97 -57.64 11.45
N PRO C 115 52.75 -57.70 10.91
CA PRO C 115 51.60 -57.55 11.82
C PRO C 115 51.60 -58.69 12.83
N THR C 116 52.07 -59.85 12.41
CA THR C 116 52.08 -61.03 13.27
C THR C 116 53.00 -60.91 14.48
N HIS C 117 53.88 -59.91 14.45
CA HIS C 117 54.96 -59.84 15.45
C HIS C 117 55.11 -58.48 16.10
N ARG C 118 54.05 -57.70 16.16
CA ARG C 118 54.15 -56.38 16.77
C ARG C 118 54.21 -56.36 18.26
N ARG C 119 54.60 -55.19 18.77
CA ARG C 119 54.70 -54.98 20.22
C ARG C 119 55.50 -56.06 20.92
N ARG C 120 56.62 -56.43 20.32
CA ARG C 120 57.58 -57.28 20.99
C ARG C 120 58.93 -56.59 20.99
N GLY C 121 58.97 -55.37 20.45
CA GLY C 121 60.16 -54.55 20.52
C GLY C 121 61.07 -54.69 19.31
N LEU C 122 60.57 -55.26 18.23
CA LEU C 122 61.43 -55.38 17.06
C LEU C 122 61.96 -54.02 16.62
N LEU C 123 61.10 -53.01 16.58
CA LEU C 123 61.50 -51.69 16.11
C LEU C 123 62.56 -51.09 17.02
N ARG C 124 62.32 -51.14 18.33
CA ARG C 124 63.25 -50.62 19.31
C ARG C 124 64.61 -51.28 19.18
N ALA C 125 64.61 -52.55 18.76
CA ALA C 125 65.85 -53.31 18.62
C ALA C 125 66.56 -52.99 17.31
N MSE C 126 65.78 -52.78 16.25
CA MSE C 126 66.33 -52.48 14.94
C MSE C 126 66.86 -51.07 14.95
O MSE C 126 67.96 -50.82 14.42
CB MSE C 126 65.23 -52.60 13.88
CG MSE C 126 64.93 -54.06 13.60
SE MSE C 126 63.69 -54.19 12.09
CE MSE C 126 62.36 -52.88 12.70
N CYS C 127 66.10 -50.14 15.52
CA CYS C 127 66.52 -48.75 15.59
C CYS C 127 67.84 -48.62 16.33
N ALA C 128 68.04 -49.46 17.34
CA ALA C 128 69.23 -49.42 18.15
C ALA C 128 70.43 -49.99 17.38
N GLU C 129 70.20 -51.03 16.59
CA GLU C 129 71.28 -51.61 15.82
C GLU C 129 71.72 -50.65 14.68
N LEU C 130 70.75 -50.17 13.91
CA LEU C 130 71.06 -49.26 12.82
C LEU C 130 71.72 -48.00 13.36
N HIS C 131 71.24 -47.52 14.51
CA HIS C 131 71.79 -46.32 15.13
C HIS C 131 73.25 -46.54 15.51
N ARG C 132 73.56 -47.73 16.02
CA ARG C 132 74.92 -48.06 16.42
C ARG C 132 75.80 -48.00 15.18
N ARG C 133 75.28 -48.52 14.08
CA ARG C 133 75.99 -48.55 12.80
C ARG C 133 76.19 -47.15 12.23
N ILE C 134 75.10 -46.39 12.13
CA ILE C 134 75.15 -45.00 11.69
C ILE C 134 76.19 -44.21 12.46
N ALA C 135 76.24 -44.38 13.77
CA ALA C 135 77.21 -43.67 14.60
C ALA C 135 78.65 -44.11 14.29
N ASP C 136 78.86 -45.42 14.12
CA ASP C 136 80.21 -45.91 13.89
C ASP C 136 80.73 -45.41 12.54
N SER C 137 79.82 -45.25 11.59
CA SER C 137 80.19 -44.77 10.27
C SER C 137 80.27 -43.25 10.20
N GLY C 138 80.15 -42.57 11.33
CA GLY C 138 80.44 -41.15 11.35
C GLY C 138 79.36 -40.14 11.07
N TYR C 139 78.17 -40.55 10.65
CA TYR C 139 77.08 -39.60 10.44
C TYR C 139 76.79 -38.76 11.70
N PRO C 140 76.70 -37.44 11.50
CA PRO C 140 76.41 -36.51 12.59
C PRO C 140 74.97 -36.70 13.08
N VAL C 141 74.05 -36.92 12.14
CA VAL C 141 72.63 -37.11 12.43
C VAL C 141 71.87 -38.04 11.47
N ALA C 142 70.67 -38.46 11.88
CA ALA C 142 69.80 -39.35 11.09
C ALA C 142 68.46 -38.66 10.83
N ALA C 143 67.75 -39.07 9.77
CA ALA C 143 66.48 -38.45 9.47
C ALA C 143 65.50 -39.50 8.98
N LEU C 144 64.25 -39.09 8.84
CA LEU C 144 63.20 -39.98 8.35
C LEU C 144 61.90 -39.21 8.13
N HIS C 145 60.92 -39.87 7.51
CA HIS C 145 59.53 -39.44 7.58
C HIS C 145 58.76 -40.45 8.41
N ALA C 146 57.85 -39.97 9.24
CA ALA C 146 57.16 -40.84 10.19
C ALA C 146 55.83 -41.26 9.61
N SER C 147 55.52 -42.56 9.67
CA SER C 147 54.21 -43.00 9.20
C SER C 147 53.11 -42.49 10.13
N GLU C 148 53.36 -42.54 11.44
CA GLU C 148 52.50 -41.93 12.43
C GLU C 148 53.35 -40.94 13.22
N GLY C 149 52.72 -40.12 14.04
CA GLY C 149 53.43 -39.09 14.78
C GLY C 149 53.95 -39.45 16.16
N GLY C 150 53.48 -40.57 16.74
CA GLY C 150 53.86 -40.92 18.09
C GLY C 150 54.96 -41.96 18.26
N ILE C 151 55.58 -42.37 17.16
CA ILE C 151 56.52 -43.47 17.18
C ILE C 151 57.97 -43.08 17.52
N TYR C 152 58.50 -42.07 16.84
CA TYR C 152 59.95 -41.90 16.77
C TYR C 152 60.57 -40.96 17.79
N GLY C 153 59.72 -40.19 18.46
CA GLY C 153 60.16 -39.28 19.50
C GLY C 153 60.97 -39.98 20.57
N ARG C 154 60.61 -41.22 20.89
CA ARG C 154 61.33 -41.96 21.91
C ARG C 154 62.69 -42.42 21.42
N PHE C 155 62.89 -42.42 20.11
CA PHE C 155 64.17 -42.89 19.59
C PHE C 155 65.13 -41.77 19.31
N GLY C 156 64.78 -40.54 19.69
CA GLY C 156 65.66 -39.40 19.50
C GLY C 156 65.32 -38.51 18.30
N TYR C 157 64.27 -38.89 17.58
CA TYR C 157 63.80 -38.14 16.43
C TYR C 157 62.73 -37.10 16.81
N GLY C 158 62.87 -35.88 16.30
CA GLY C 158 61.85 -34.86 16.47
C GLY C 158 61.47 -34.27 15.12
N PRO C 159 60.23 -33.78 15.00
CA PRO C 159 59.83 -33.16 13.73
C PRO C 159 60.63 -31.88 13.44
N ALA C 160 61.37 -31.87 12.34
CA ALA C 160 62.30 -30.79 12.00
C ALA C 160 61.86 -29.84 10.87
N THR C 161 60.77 -30.18 10.18
CA THR C 161 60.19 -29.33 9.15
C THR C 161 58.65 -29.40 9.20
N THR C 162 57.97 -28.45 8.54
CA THR C 162 56.51 -28.45 8.48
C THR C 162 55.95 -28.42 7.06
N LEU C 163 54.98 -29.30 6.78
CA LEU C 163 54.30 -29.36 5.50
C LEU C 163 53.02 -28.52 5.53
N HIS C 164 52.79 -27.77 4.47
CA HIS C 164 51.60 -26.94 4.38
C HIS C 164 50.87 -27.39 3.14
N GLU C 165 49.61 -27.79 3.29
CA GLU C 165 48.83 -28.22 2.14
C GLU C 165 48.02 -27.03 1.63
N LEU C 166 48.42 -26.47 0.50
CA LEU C 166 47.77 -25.27 0.01
C LEU C 166 46.96 -25.45 -1.25
N THR C 167 45.70 -25.03 -1.15
CA THR C 167 44.77 -25.11 -2.25
C THR C 167 44.18 -23.72 -2.38
N VAL C 168 44.35 -23.12 -3.54
CA VAL C 168 43.83 -21.79 -3.77
C VAL C 168 42.93 -21.83 -4.98
N ASP C 169 41.71 -21.34 -4.83
CA ASP C 169 40.81 -21.36 -5.97
C ASP C 169 41.52 -20.44 -6.94
N ARG C 170 41.65 -20.88 -8.20
CA ARG C 170 42.36 -20.10 -9.20
C ARG C 170 41.42 -19.17 -10.00
N ARG C 171 40.12 -19.39 -9.84
CA ARG C 171 39.11 -18.62 -10.53
C ARG C 171 38.92 -17.21 -9.96
N PHE C 172 39.45 -16.95 -8.77
CA PHE C 172 39.28 -15.63 -8.19
C PHE C 172 40.61 -14.95 -8.16
N ALA C 173 41.66 -15.74 -8.15
CA ALA C 173 42.97 -15.19 -7.90
C ALA C 173 43.28 -14.00 -8.81
N ARG C 174 43.67 -12.87 -8.22
CA ARG C 174 44.34 -11.83 -8.98
C ARG C 174 45.72 -11.58 -8.40
N PHE C 175 46.67 -11.30 -9.26
CA PHE C 175 47.98 -10.93 -8.77
C PHE C 175 48.00 -9.45 -8.42
N HIS C 176 48.81 -9.14 -7.41
CA HIS C 176 48.97 -7.81 -6.89
C HIS C 176 49.73 -6.91 -7.86
N ALA C 177 49.41 -5.63 -7.84
CA ALA C 177 50.18 -4.64 -8.56
C ALA C 177 51.68 -4.82 -8.28
N ASP C 178 52.00 -5.21 -7.03
CA ASP C 178 53.38 -5.34 -6.57
C ASP C 178 54.01 -6.63 -7.04
N ALA C 179 53.16 -7.61 -7.33
CA ALA C 179 53.64 -8.92 -7.73
C ALA C 179 54.56 -8.78 -8.94
N PRO C 180 55.76 -9.35 -8.83
CA PRO C 180 56.71 -9.37 -9.95
C PRO C 180 56.07 -10.04 -11.16
N GLY C 181 56.63 -9.84 -12.36
CA GLY C 181 56.00 -10.32 -13.58
C GLY C 181 55.16 -9.22 -14.23
N SER C 187 55.54 -15.53 -18.76
CA SER C 187 55.91 -15.26 -20.15
C SER C 187 57.39 -15.50 -20.36
N SER C 188 58.03 -15.99 -19.30
CA SER C 188 59.40 -16.51 -19.39
C SER C 188 59.36 -18.00 -19.16
N VAL C 189 58.15 -18.54 -18.95
CA VAL C 189 58.01 -19.96 -18.64
C VAL C 189 57.38 -20.74 -19.81
N ARG C 190 57.68 -22.03 -19.86
CA ARG C 190 57.22 -22.85 -20.97
C ARG C 190 56.46 -24.08 -20.49
N LEU C 191 55.38 -24.42 -21.18
CA LEU C 191 54.62 -25.60 -20.82
C LEU C 191 55.23 -26.81 -21.53
N VAL C 192 55.87 -27.73 -20.79
CA VAL C 192 56.64 -28.82 -21.42
C VAL C 192 56.31 -30.25 -21.01
N ARG C 193 56.79 -31.20 -21.80
CA ARG C 193 56.81 -32.59 -21.39
C ARG C 193 58.03 -32.78 -20.48
N PRO C 194 57.82 -33.25 -19.26
CA PRO C 194 58.94 -33.46 -18.34
C PRO C 194 60.05 -34.37 -18.87
N THR C 195 59.70 -35.47 -19.53
CA THR C 195 60.68 -36.45 -19.97
C THR C 195 61.63 -35.90 -21.02
N GLU C 196 61.33 -34.69 -21.49
CA GLU C 196 62.10 -34.07 -22.55
C GLU C 196 63.05 -33.02 -21.97
N HIS C 197 63.04 -32.91 -20.64
CA HIS C 197 63.78 -31.85 -19.99
C HIS C 197 64.41 -32.28 -18.69
N ARG C 198 64.73 -33.57 -18.58
CA ARG C 198 65.35 -34.09 -17.38
C ARG C 198 66.54 -33.23 -16.95
N GLY C 199 67.50 -33.05 -17.85
CA GLY C 199 68.65 -32.22 -17.58
C GLY C 199 68.27 -30.95 -16.83
N GLU C 200 67.45 -30.11 -17.46
CA GLU C 200 67.11 -28.82 -16.89
C GLU C 200 66.56 -28.93 -15.47
N PHE C 201 65.76 -29.98 -15.25
CA PHE C 201 65.14 -30.17 -13.96
C PHE C 201 66.24 -30.44 -12.94
N GLU C 202 67.12 -31.38 -13.28
CA GLU C 202 68.18 -31.77 -12.35
C GLU C 202 69.00 -30.55 -11.97
N ALA C 203 69.28 -29.70 -12.96
CA ALA C 203 70.09 -28.53 -12.75
C ALA C 203 69.42 -27.63 -11.72
N ILE C 204 68.17 -27.28 -12.00
CA ILE C 204 67.39 -26.40 -11.15
C ILE C 204 67.30 -26.94 -9.72
N TYR C 205 66.90 -28.20 -9.60
CA TYR C 205 66.81 -28.85 -8.31
C TYR C 205 68.14 -28.83 -7.55
N GLU C 206 69.23 -29.08 -8.25
CA GLU C 206 70.53 -29.15 -7.61
C GLU C 206 70.82 -27.78 -7.00
N ARG C 207 70.58 -26.77 -7.81
CA ARG C 207 70.68 -25.38 -7.40
C ARG C 207 69.75 -25.12 -6.22
N TRP C 208 68.55 -25.69 -6.26
CA TRP C 208 67.58 -25.53 -5.18
C TRP C 208 68.03 -26.13 -3.83
N ARG C 209 68.44 -27.41 -3.85
CA ARG C 209 68.71 -28.17 -2.63
C ARG C 209 69.96 -27.70 -1.92
N GLN C 210 70.87 -27.09 -2.67
CA GLN C 210 72.10 -26.58 -2.10
C GLN C 210 71.86 -25.26 -1.39
N GLN C 211 70.74 -24.62 -1.69
CA GLN C 211 70.49 -23.26 -1.23
C GLN C 211 69.42 -23.14 -0.17
N VAL C 212 68.83 -24.26 0.22
CA VAL C 212 67.65 -24.24 1.06
C VAL C 212 67.79 -25.18 2.24
N PRO C 213 67.63 -24.65 3.46
CA PRO C 213 67.71 -25.63 4.53
C PRO C 213 66.59 -26.64 4.35
N GLY C 214 66.94 -27.91 4.43
CA GLY C 214 65.97 -28.96 4.26
C GLY C 214 66.27 -29.70 2.97
N GLY C 215 66.96 -29.05 2.04
CA GLY C 215 67.29 -29.70 0.79
C GLY C 215 67.96 -31.07 0.94
N LEU C 216 67.65 -31.98 0.02
CA LEU C 216 68.36 -33.26 -0.12
C LEU C 216 68.86 -33.44 -1.52
N LEU C 217 70.06 -34.00 -1.66
CA LEU C 217 70.60 -34.36 -2.95
C LEU C 217 69.68 -35.42 -3.48
N ARG C 218 69.34 -35.32 -4.76
CA ARG C 218 68.45 -36.30 -5.38
C ARG C 218 69.32 -37.16 -6.29
N PRO C 219 69.33 -38.47 -6.01
CA PRO C 219 70.11 -39.45 -6.79
C PRO C 219 69.54 -39.70 -8.18
N GLN C 220 70.38 -40.13 -9.11
CA GLN C 220 69.92 -40.40 -10.46
C GLN C 220 68.85 -41.47 -10.35
N VAL C 221 69.08 -42.44 -9.48
CA VAL C 221 68.13 -43.51 -9.28
C VAL C 221 66.73 -42.95 -8.96
N LEU C 222 66.68 -41.88 -8.17
CA LEU C 222 65.43 -41.26 -7.76
C LEU C 222 64.87 -40.30 -8.81
N TRP C 223 65.75 -39.66 -9.56
CA TRP C 223 65.26 -38.98 -10.76
C TRP C 223 64.67 -39.99 -11.74
N ASP C 224 65.26 -41.18 -11.81
CA ASP C 224 64.76 -42.20 -12.73
C ASP C 224 63.33 -42.52 -12.38
N GLU C 225 63.08 -42.59 -11.08
CA GLU C 225 61.77 -42.95 -10.56
C GLU C 225 60.77 -41.81 -10.81
N LEU C 226 61.21 -40.58 -10.57
CA LEU C 226 60.37 -39.41 -10.76
C LEU C 226 59.94 -39.22 -12.21
N LEU C 227 60.87 -39.42 -13.13
CA LEU C 227 60.58 -39.27 -14.54
C LEU C 227 59.56 -40.32 -14.92
N ALA C 228 59.72 -41.51 -14.35
CA ALA C 228 58.83 -42.63 -14.60
C ALA C 228 57.40 -42.37 -14.14
N GLU C 229 57.24 -41.72 -12.98
CA GLU C 229 55.90 -41.43 -12.49
C GLU C 229 55.22 -40.31 -13.30
N CYS C 230 55.90 -39.76 -14.29
CA CYS C 230 55.31 -38.66 -15.07
C CYS C 230 54.43 -39.17 -16.19
N LYS C 231 54.51 -40.46 -16.49
CA LYS C 231 53.67 -41.05 -17.53
C LYS C 231 52.33 -41.55 -16.98
N ALA C 232 51.28 -41.39 -17.76
CA ALA C 232 49.97 -41.88 -17.33
C ALA C 232 50.01 -43.39 -17.05
N ALA C 233 49.34 -43.80 -15.98
CA ALA C 233 49.20 -45.20 -15.63
C ALA C 233 47.73 -45.61 -15.68
N PRO C 234 47.38 -46.54 -16.60
CA PRO C 234 45.99 -47.02 -16.76
C PRO C 234 45.33 -47.34 -15.43
N GLY C 235 44.40 -46.48 -15.00
CA GLY C 235 43.70 -46.64 -13.72
C GLY C 235 44.35 -45.88 -12.57
N GLY C 236 45.54 -45.35 -12.84
CA GLY C 236 46.30 -44.60 -11.85
C GLY C 236 46.23 -43.12 -12.13
N ASP C 237 47.35 -42.42 -11.95
CA ASP C 237 47.43 -40.99 -12.16
C ASP C 237 47.46 -40.63 -13.64
N ARG C 238 47.09 -39.38 -13.96
CA ARG C 238 47.20 -38.88 -15.31
C ARG C 238 48.62 -38.43 -15.60
N GLU C 239 48.93 -38.31 -16.88
CA GLU C 239 50.19 -37.76 -17.34
C GLU C 239 50.50 -36.45 -16.63
N SER C 240 51.76 -36.27 -16.23
CA SER C 240 52.20 -35.05 -15.56
C SER C 240 52.81 -34.13 -16.57
N PHE C 241 52.49 -32.84 -16.48
CA PHE C 241 53.13 -31.85 -17.31
C PHE C 241 54.01 -30.98 -16.44
N ALA C 242 54.74 -30.07 -17.07
CA ALA C 242 55.69 -29.23 -16.34
C ALA C 242 55.62 -27.79 -16.83
N LEU C 243 55.88 -26.84 -15.93
CA LEU C 243 56.09 -25.47 -16.32
C LEU C 243 57.55 -25.17 -16.02
N LEU C 244 58.29 -24.82 -17.06
CA LEU C 244 59.74 -24.66 -16.96
C LEU C 244 60.16 -23.19 -17.05
N HIS C 245 60.87 -22.72 -16.02
CA HIS C 245 61.48 -21.39 -15.99
C HIS C 245 62.97 -21.65 -15.96
N PRO C 246 63.77 -20.68 -16.40
CA PRO C 246 65.22 -20.85 -16.32
C PRO C 246 65.67 -21.08 -14.87
N ASP C 247 64.90 -20.56 -13.92
CA ASP C 247 65.25 -20.71 -12.51
C ASP C 247 64.20 -21.44 -11.70
N GLY C 248 63.45 -22.34 -12.33
CA GLY C 248 62.45 -23.11 -11.61
C GLY C 248 61.53 -23.94 -12.48
N TYR C 249 60.87 -24.91 -11.86
CA TYR C 249 59.84 -25.67 -12.57
C TYR C 249 58.75 -26.09 -11.60
N ALA C 250 57.64 -26.55 -12.16
CA ALA C 250 56.57 -27.17 -11.39
C ALA C 250 56.12 -28.43 -12.12
N LEU C 251 56.13 -29.57 -11.45
CA LEU C 251 55.47 -30.74 -12.00
C LEU C 251 54.04 -30.77 -11.51
N TYR C 252 53.10 -30.76 -12.42
CA TYR C 252 51.70 -30.87 -12.07
C TYR C 252 50.97 -31.90 -12.94
N ARG C 253 49.97 -32.55 -12.37
CA ARG C 253 49.09 -33.39 -13.13
C ARG C 253 47.65 -33.06 -12.69
N VAL C 254 46.68 -33.23 -13.58
CA VAL C 254 45.28 -33.14 -13.17
C VAL C 254 44.86 -34.35 -12.31
N ASP C 255 44.06 -34.09 -11.27
CA ASP C 255 43.68 -35.12 -10.31
C ASP C 255 42.92 -36.29 -10.94
N ARG C 256 43.01 -37.46 -10.32
CA ARG C 256 42.37 -38.67 -10.84
C ARG C 256 40.86 -38.50 -10.99
N THR C 257 40.19 -38.04 -9.93
CA THR C 257 38.74 -38.05 -9.95
C THR C 257 38.13 -36.65 -10.04
N ASP C 258 38.74 -35.67 -9.39
CA ASP C 258 38.33 -34.27 -9.47
C ASP C 258 39.08 -33.59 -10.61
N LEU C 259 38.41 -33.41 -11.74
CA LEU C 259 39.06 -32.97 -12.98
C LEU C 259 39.10 -31.47 -13.12
N LYS C 260 38.74 -30.77 -12.06
CA LYS C 260 38.87 -29.32 -12.01
C LYS C 260 39.99 -29.00 -11.03
N LEU C 261 40.74 -30.04 -10.67
CA LEU C 261 41.81 -29.94 -9.68
C LEU C 261 43.15 -30.31 -10.29
N ALA C 262 44.13 -29.43 -10.11
CA ALA C 262 45.45 -29.69 -10.63
C ALA C 262 46.40 -29.80 -9.46
N ARG C 263 47.18 -30.87 -9.42
CA ARG C 263 48.04 -31.12 -8.29
C ARG C 263 49.46 -30.88 -8.69
N VAL C 264 50.14 -30.02 -7.93
CA VAL C 264 51.54 -29.74 -8.18
C VAL C 264 52.38 -30.67 -7.33
N SER C 265 52.87 -31.76 -7.93
CA SER C 265 53.63 -32.72 -7.12
C SER C 265 54.90 -32.08 -6.60
N GLU C 266 55.41 -31.10 -7.34
CA GLU C 266 56.70 -30.53 -6.99
C GLU C 266 56.92 -29.15 -7.60
N LEU C 267 57.39 -28.22 -6.79
CA LEU C 267 57.63 -26.88 -7.27
C LEU C 267 59.04 -26.49 -6.84
N ARG C 268 59.89 -26.17 -7.81
CA ARG C 268 61.25 -25.79 -7.46
C ARG C 268 61.56 -24.41 -8.02
N ALA C 269 61.83 -23.48 -7.12
CA ALA C 269 62.16 -22.12 -7.50
C ALA C 269 63.41 -21.70 -6.75
N VAL C 270 64.37 -21.14 -7.45
CA VAL C 270 65.60 -20.72 -6.78
C VAL C 270 65.64 -19.20 -6.65
N THR C 271 64.72 -18.51 -7.32
CA THR C 271 64.60 -17.06 -7.18
C THR C 271 63.14 -16.67 -6.94
N ALA C 272 62.90 -15.46 -6.43
CA ALA C 272 61.52 -14.99 -6.27
C ALA C 272 60.86 -14.83 -7.64
N ASP C 273 61.59 -14.30 -8.61
CA ASP C 273 60.98 -14.13 -9.92
C ASP C 273 60.51 -15.46 -10.51
N ALA C 274 61.30 -16.52 -10.32
CA ALA C 274 60.90 -17.84 -10.81
C ALA C 274 59.65 -18.38 -10.11
N HIS C 275 59.62 -18.19 -8.79
CA HIS C 275 58.46 -18.59 -8.00
C HIS C 275 57.21 -17.87 -8.51
N CYS C 276 57.27 -16.55 -8.55
CA CYS C 276 56.09 -15.78 -8.92
C CYS C 276 55.60 -16.10 -10.34
N ALA C 277 56.55 -16.25 -11.26
CA ALA C 277 56.26 -16.57 -12.65
C ALA C 277 55.55 -17.92 -12.78
N LEU C 278 56.06 -18.94 -12.08
CA LEU C 278 55.41 -20.24 -12.05
C LEU C 278 53.98 -20.15 -11.51
N TRP C 279 53.74 -19.28 -10.54
CA TRP C 279 52.40 -19.15 -9.99
C TRP C 279 51.45 -18.34 -10.88
N ARG C 280 52.00 -17.40 -11.66
CA ARG C 280 51.16 -16.75 -12.66
C ARG C 280 50.72 -17.81 -13.70
N ALA C 281 51.66 -18.71 -14.04
CA ALA C 281 51.43 -19.80 -14.99
C ALA C 281 50.39 -20.81 -14.48
N LEU C 282 50.59 -21.28 -13.25
CA LEU C 282 49.67 -22.22 -12.67
C LEU C 282 48.28 -21.58 -12.57
N ILE C 283 48.20 -20.37 -12.03
CA ILE C 283 46.91 -19.67 -11.94
C ILE C 283 46.24 -19.46 -13.31
N GLY C 284 47.09 -19.54 -14.34
CA GLY C 284 46.69 -19.37 -15.72
C GLY C 284 46.09 -20.63 -16.30
N LEU C 285 46.08 -21.70 -15.51
CA LEU C 285 45.53 -22.95 -15.97
C LEU C 285 44.04 -22.78 -15.77
N ASP C 286 43.42 -22.16 -16.77
CA ASP C 286 42.00 -21.86 -16.76
C ASP C 286 41.07 -23.07 -16.70
N SER C 287 41.42 -24.15 -17.40
CA SER C 287 40.50 -25.29 -17.34
C SER C 287 40.27 -25.78 -15.91
N MSE C 288 40.97 -25.19 -14.94
CA MSE C 288 40.91 -25.61 -13.54
C MSE C 288 40.15 -24.67 -12.61
O MSE C 288 40.11 -23.47 -12.81
CB MSE C 288 42.32 -25.77 -12.97
CG MSE C 288 43.19 -26.71 -13.74
SE MSE C 288 42.67 -28.53 -13.48
CE MSE C 288 41.34 -28.73 -14.87
N GLU C 289 39.56 -25.24 -11.56
CA GLU C 289 39.03 -24.44 -10.49
C GLU C 289 40.08 -24.29 -9.41
N ARG C 290 40.81 -25.36 -9.16
CA ARG C 290 41.73 -25.41 -8.03
C ARG C 290 43.13 -25.92 -8.37
N ILE C 291 44.11 -25.41 -7.63
CA ILE C 291 45.47 -25.85 -7.76
C ILE C 291 45.90 -26.16 -6.36
N SER C 292 46.40 -27.37 -6.10
CA SER C 292 46.90 -27.67 -4.75
C SER C 292 48.40 -27.98 -4.78
N ILE C 293 49.04 -27.91 -3.63
CA ILE C 293 50.47 -28.10 -3.57
C ILE C 293 50.92 -28.29 -2.13
N ILE C 294 51.91 -29.15 -1.92
CA ILE C 294 52.50 -29.29 -0.61
C ILE C 294 53.70 -28.36 -0.54
N THR C 295 53.59 -27.33 0.27
CA THR C 295 54.64 -26.33 0.35
C THR C 295 55.01 -26.13 1.82
N HIS C 296 55.69 -25.03 2.12
CA HIS C 296 56.14 -24.79 3.48
C HIS C 296 55.50 -23.53 4.04
N PRO C 297 55.60 -23.34 5.37
CA PRO C 297 54.88 -22.22 5.96
C PRO C 297 55.26 -20.84 5.42
N GLN C 298 56.54 -20.57 5.20
CA GLN C 298 56.93 -19.26 4.73
C GLN C 298 56.78 -19.09 3.21
N ASP C 299 56.05 -20.00 2.56
CA ASP C 299 55.73 -19.84 1.14
C ASP C 299 55.01 -18.51 0.93
N PRO C 300 55.55 -17.66 0.05
CA PRO C 300 55.05 -16.29 -0.14
C PRO C 300 53.83 -16.12 -1.08
N LEU C 301 53.35 -17.20 -1.68
CA LEU C 301 52.20 -17.15 -2.58
C LEU C 301 51.04 -16.28 -2.10
N PRO C 302 50.59 -16.48 -0.86
CA PRO C 302 49.47 -15.67 -0.38
C PRO C 302 49.68 -14.16 -0.62
N HIS C 303 50.90 -13.67 -0.42
CA HIS C 303 51.17 -12.23 -0.56
C HIS C 303 51.24 -11.70 -1.98
N LEU C 304 51.34 -12.61 -2.96
CA LEU C 304 51.30 -12.22 -4.36
C LEU C 304 49.87 -12.01 -4.86
N LEU C 305 48.90 -12.39 -4.04
CA LEU C 305 47.49 -12.26 -4.41
C LEU C 305 46.84 -11.00 -3.85
N THR C 306 45.78 -10.57 -4.52
CA THR C 306 45.08 -9.38 -4.09
C THR C 306 44.21 -9.78 -2.92
N ASP C 307 43.95 -11.08 -2.84
CA ASP C 307 43.14 -11.63 -1.78
C ASP C 307 44.13 -12.61 -1.16
N THR C 308 44.59 -12.30 0.05
CA THR C 308 45.54 -13.18 0.73
C THR C 308 44.91 -14.52 1.02
N ARG C 309 43.64 -14.45 1.40
CA ARG C 309 42.82 -15.62 1.73
C ARG C 309 42.61 -16.71 0.67
N LEU C 310 42.79 -16.40 -0.61
CA LEU C 310 42.60 -17.41 -1.65
C LEU C 310 43.51 -18.62 -1.46
N ALA C 311 44.76 -18.39 -1.10
CA ALA C 311 45.69 -19.50 -0.90
C ALA C 311 45.50 -20.03 0.52
N ARG C 312 44.31 -20.59 0.77
CA ARG C 312 43.97 -21.15 2.07
C ARG C 312 44.63 -22.48 2.40
N THR C 313 45.04 -22.64 3.66
CA THR C 313 45.68 -23.86 4.11
C THR C 313 44.60 -24.92 4.13
N THR C 314 44.95 -26.17 3.83
CA THR C 314 43.95 -27.22 3.83
C THR C 314 44.48 -28.47 4.49
N TRP C 315 45.68 -28.35 5.04
CA TRP C 315 46.34 -29.48 5.65
C TRP C 315 47.68 -29.01 6.12
N ARG C 316 48.03 -29.39 7.35
CA ARG C 316 49.31 -29.02 7.96
C ARG C 316 49.89 -30.22 8.71
N GLN C 317 51.16 -30.55 8.47
CA GLN C 317 51.77 -31.69 9.14
C GLN C 317 53.31 -31.70 9.12
N ASP C 318 53.91 -32.47 10.03
CA ASP C 318 55.35 -32.57 10.10
C ASP C 318 55.81 -33.37 8.90
N GLY C 319 57.00 -33.04 8.38
CA GLY C 319 57.60 -33.76 7.26
C GLY C 319 58.87 -34.51 7.67
N LEU C 320 60.00 -33.81 7.71
CA LEU C 320 61.26 -34.48 7.96
C LEU C 320 61.56 -34.50 9.44
N TRP C 321 61.94 -35.67 9.94
CA TRP C 321 62.32 -35.84 11.34
C TRP C 321 63.82 -36.02 11.40
N LEU C 322 64.41 -35.45 12.44
CA LEU C 322 65.87 -35.46 12.61
C LEU C 322 66.29 -35.99 13.97
N ARG C 323 67.36 -36.76 13.99
CA ARG C 323 67.92 -37.24 15.24
C ARG C 323 69.37 -36.79 15.25
N ILE C 324 69.76 -36.01 16.25
CA ILE C 324 71.15 -35.63 16.35
C ILE C 324 72.01 -36.80 16.86
N MSE C 325 72.86 -37.35 16.00
CA MSE C 325 73.69 -38.49 16.33
C MSE C 325 74.88 -38.03 17.16
O MSE C 325 75.30 -38.69 18.10
CB MSE C 325 74.24 -39.13 15.05
CG MSE C 325 73.19 -39.61 14.09
SE MSE C 325 71.97 -40.73 15.06
CE MSE C 325 73.21 -42.16 15.54
N ASN C 326 75.41 -36.89 16.76
CA ASN C 326 76.64 -36.35 17.32
C ASN C 326 76.48 -34.86 17.62
N VAL C 327 76.21 -34.55 18.90
CA VAL C 327 75.82 -33.20 19.29
C VAL C 327 76.82 -32.10 18.86
N PRO C 328 78.10 -32.27 19.19
CA PRO C 328 79.09 -31.24 18.88
C PRO C 328 79.27 -31.07 17.38
N ALA C 329 79.34 -32.17 16.65
CA ALA C 329 79.47 -32.11 15.20
C ALA C 329 78.25 -31.46 14.57
N ALA C 330 77.06 -31.82 15.05
CA ALA C 330 75.83 -31.26 14.50
C ALA C 330 75.74 -29.75 14.72
N LEU C 331 76.04 -29.31 15.93
CA LEU C 331 75.91 -27.90 16.30
C LEU C 331 77.01 -27.05 15.71
N GLU C 332 78.21 -27.61 15.61
CA GLU C 332 79.31 -26.85 15.02
C GLU C 332 79.15 -26.64 13.51
N ALA C 333 78.46 -27.58 12.85
CA ALA C 333 78.23 -27.54 11.40
C ALA C 333 77.29 -26.46 10.88
N ARG C 334 76.17 -26.26 11.57
CA ARG C 334 75.17 -25.27 11.18
C ARG C 334 75.46 -23.81 11.49
N GLY C 335 75.11 -22.95 10.52
CA GLY C 335 75.31 -21.51 10.64
C GLY C 335 74.27 -20.96 11.59
N TYR C 336 74.59 -19.87 12.26
CA TYR C 336 73.65 -19.26 13.19
C TYR C 336 73.41 -17.81 12.86
N ALA C 337 72.22 -17.34 13.19
CA ALA C 337 71.84 -15.98 12.90
C ALA C 337 72.95 -15.06 13.38
N HIS C 338 73.27 -14.05 12.56
CA HIS C 338 74.28 -13.03 12.88
C HIS C 338 73.66 -11.94 13.75
N GLU C 339 72.34 -11.84 13.64
CA GLU C 339 71.55 -10.80 14.30
C GLU C 339 71.35 -11.08 15.79
N VAL C 340 72.21 -11.89 16.39
CA VAL C 340 72.15 -12.22 17.82
C VAL C 340 73.52 -12.07 18.49
N GLY C 341 73.55 -11.36 19.62
CA GLY C 341 74.81 -11.09 20.28
C GLY C 341 75.44 -12.34 20.83
N GLU C 342 76.74 -12.47 20.63
CA GLU C 342 77.51 -13.59 21.18
C GLU C 342 77.07 -13.96 22.60
N PHE C 343 77.05 -15.27 22.90
CA PHE C 343 76.69 -15.78 24.22
C PHE C 343 77.19 -17.21 24.44
N SER C 344 77.31 -17.63 25.70
CA SER C 344 77.74 -18.99 26.02
C SER C 344 76.80 -19.65 26.97
N THR C 345 76.70 -20.96 26.88
CA THR C 345 75.85 -21.68 27.79
C THR C 345 76.28 -23.13 27.96
N VAL C 346 75.43 -23.91 28.60
CA VAL C 346 75.69 -25.32 28.83
C VAL C 346 74.49 -26.03 28.23
N LEU C 347 74.73 -27.01 27.37
CA LEU C 347 73.64 -27.73 26.75
C LEU C 347 73.57 -29.15 27.27
N GLU C 348 72.40 -29.54 27.76
CA GLU C 348 72.23 -30.88 28.29
C GLU C 348 71.14 -31.66 27.57
N VAL C 349 71.51 -32.84 27.11
CA VAL C 349 70.61 -33.74 26.40
C VAL C 349 70.34 -34.94 27.30
N SER C 350 69.07 -35.23 27.55
CA SER C 350 68.70 -36.37 28.40
C SER C 350 69.50 -37.61 28.03
N ASP C 351 70.37 -38.06 28.93
CA ASP C 351 71.17 -39.25 28.70
C ASP C 351 72.00 -39.10 27.43
N GLY C 352 72.24 -37.86 27.01
CA GLY C 352 73.00 -37.60 25.81
C GLY C 352 74.26 -36.79 26.07
N GLY C 353 74.51 -36.52 27.34
CA GLY C 353 75.66 -35.74 27.72
C GLY C 353 75.32 -34.30 28.01
N ARG C 354 76.35 -33.52 28.31
CA ARG C 354 76.20 -32.14 28.70
C ARG C 354 77.25 -31.42 27.87
N PHE C 355 76.97 -30.19 27.42
CA PHE C 355 77.81 -29.56 26.39
C PHE C 355 78.04 -28.06 26.53
N ALA C 356 79.30 -27.64 26.41
CA ALA C 356 79.61 -26.23 26.53
C ALA C 356 79.43 -25.71 25.11
N LEU C 357 78.44 -24.84 24.93
CA LEU C 357 78.18 -24.28 23.61
C LEU C 357 78.33 -22.77 23.54
N LYS C 358 79.11 -22.32 22.58
CA LYS C 358 79.35 -20.89 22.39
C LYS C 358 78.94 -20.51 20.98
N ILE C 359 78.10 -19.48 20.87
CA ILE C 359 77.64 -19.01 19.58
C ILE C 359 77.87 -17.52 19.49
N GLY C 360 78.50 -17.10 18.41
CA GLY C 360 78.79 -15.69 18.14
C GLY C 360 79.27 -15.56 16.70
N ASP C 361 78.82 -14.52 16.00
CA ASP C 361 79.24 -14.34 14.61
C ASP C 361 78.70 -15.42 13.69
N GLY C 362 77.53 -15.97 14.02
CA GLY C 362 76.94 -17.01 13.22
C GLY C 362 77.57 -18.38 13.38
N ARG C 363 78.58 -18.50 14.22
CA ARG C 363 79.30 -19.76 14.38
C ARG C 363 79.12 -20.39 15.77
N ALA C 364 79.32 -21.70 15.85
CA ALA C 364 79.17 -22.35 17.14
C ALA C 364 80.36 -23.22 17.50
N ARG C 365 80.79 -23.13 18.76
CA ARG C 365 81.83 -23.99 19.29
C ARG C 365 81.19 -24.86 20.35
N CYS C 366 81.34 -26.16 20.19
CA CYS C 366 80.61 -27.09 21.06
C CYS C 366 81.51 -28.26 21.48
N THR C 367 81.66 -28.41 22.80
CA THR C 367 82.56 -29.41 23.38
C THR C 367 81.87 -30.01 24.59
N PRO C 368 82.06 -31.31 24.82
CA PRO C 368 81.50 -31.93 26.02
C PRO C 368 82.08 -31.25 27.26
N THR C 369 81.36 -31.27 28.37
CA THR C 369 81.82 -30.60 29.58
C THR C 369 81.11 -31.20 30.77
N ASP C 370 81.47 -30.75 31.97
CA ASP C 370 80.78 -31.20 33.19
C ASP C 370 80.13 -30.04 33.95
N ALA C 371 80.36 -28.80 33.50
CA ALA C 371 79.75 -27.65 34.16
C ALA C 371 78.25 -27.90 34.42
N ALA C 372 77.64 -27.15 35.33
CA ALA C 372 76.21 -27.32 35.52
C ALA C 372 75.56 -27.03 34.19
N ALA C 373 74.53 -27.80 33.84
CA ALA C 373 73.75 -27.46 32.66
C ALA C 373 72.91 -26.22 32.93
N GLU C 374 72.83 -25.30 31.97
CA GLU C 374 71.93 -24.15 32.12
C GLU C 374 70.63 -24.36 31.34
N ILE C 375 70.53 -25.48 30.64
CA ILE C 375 69.33 -25.85 29.90
C ILE C 375 69.31 -27.35 29.57
N GLU C 376 68.12 -27.94 29.60
CA GLU C 376 68.00 -29.37 29.34
C GLU C 376 66.80 -29.73 28.45
N MSE C 377 67.00 -30.73 27.60
CA MSE C 377 65.93 -31.24 26.73
C MSE C 377 66.27 -32.66 26.34
O MSE C 377 67.44 -33.04 26.38
CB MSE C 377 65.81 -30.36 25.48
CG MSE C 377 67.09 -30.28 24.64
SE MSE C 377 67.16 -28.79 23.36
CE MSE C 377 67.32 -27.26 24.60
N ASP C 378 65.25 -33.44 26.00
CA ASP C 378 65.48 -34.75 25.42
C ASP C 378 66.18 -34.51 24.11
N ARG C 379 66.81 -35.55 23.59
CA ARG C 379 67.44 -35.50 22.27
C ARG C 379 66.44 -35.08 21.17
N ASP C 380 65.24 -35.63 21.18
CA ASP C 380 64.38 -35.43 20.04
C ASP C 380 64.05 -33.95 19.86
N VAL C 381 64.17 -33.19 20.94
CA VAL C 381 63.84 -31.76 20.95
C VAL C 381 64.91 -30.95 20.22
N LEU C 382 66.18 -31.31 20.43
CA LEU C 382 67.27 -30.63 19.74
C LEU C 382 67.07 -30.74 18.24
N GLY C 383 66.61 -31.91 17.79
CA GLY C 383 66.41 -32.18 16.37
C GLY C 383 65.33 -31.29 15.80
N SER C 384 64.32 -31.00 16.61
CA SER C 384 63.23 -30.13 16.18
C SER C 384 63.73 -28.71 16.05
N LEU C 385 64.65 -28.32 16.92
CA LEU C 385 65.23 -26.99 16.88
C LEU C 385 66.25 -26.84 15.75
N TYR C 386 66.75 -27.97 15.25
CA TYR C 386 67.95 -27.92 14.40
C TYR C 386 67.85 -27.07 13.14
N LEU C 387 66.72 -27.14 12.44
CA LEU C 387 66.61 -26.49 11.15
C LEU C 387 65.91 -25.12 11.22
N GLY C 388 65.27 -24.81 12.34
CA GLY C 388 64.63 -23.51 12.54
C GLY C 388 63.11 -23.56 12.44
N ALA C 389 62.59 -24.77 12.41
CA ALA C 389 61.18 -25.00 12.16
C ALA C 389 60.32 -24.81 13.40
N HIS C 390 60.97 -24.78 14.55
CA HIS C 390 60.23 -24.66 15.79
C HIS C 390 60.96 -23.71 16.71
N ARG C 391 60.22 -22.79 17.31
CA ARG C 391 60.79 -21.79 18.19
C ARG C 391 61.12 -22.49 19.49
N ALA C 392 62.33 -22.30 20.00
CA ALA C 392 62.62 -22.75 21.36
C ALA C 392 61.51 -22.30 22.33
N SER C 393 61.19 -21.01 22.34
CA SER C 393 60.17 -20.47 23.26
C SER C 393 58.91 -21.34 23.37
N THR C 394 58.43 -21.84 22.24
CA THR C 394 57.20 -22.62 22.20
C THR C 394 57.39 -23.97 22.90
N LEU C 395 58.55 -24.57 22.68
CA LEU C 395 58.82 -25.88 23.24
C LEU C 395 58.98 -25.79 24.74
N ALA C 396 59.47 -24.63 25.19
CA ALA C 396 59.62 -24.40 26.62
C ALA C 396 58.24 -24.25 27.23
N ALA C 397 57.35 -23.59 26.50
CA ALA C 397 55.99 -23.43 26.96
C ALA C 397 55.33 -24.78 27.25
N ALA C 398 55.80 -25.84 26.61
CA ALA C 398 55.22 -27.18 26.75
C ALA C 398 56.10 -28.05 27.64
N ASN C 399 57.01 -27.39 28.34
CA ASN C 399 57.96 -28.02 29.25
C ASN C 399 58.86 -29.04 28.58
N ARG C 400 59.09 -28.90 27.29
CA ARG C 400 59.90 -29.86 26.55
C ARG C 400 61.40 -29.66 26.79
N LEU C 401 61.79 -28.39 26.81
CA LEU C 401 63.16 -27.99 27.07
C LEU C 401 62.95 -27.05 28.23
N ARG C 402 63.70 -27.25 29.31
CA ARG C 402 63.50 -26.36 30.44
C ARG C 402 64.69 -25.61 31.01
N THR C 403 64.52 -24.29 31.09
CA THR C 403 65.55 -23.42 31.61
C THR C 403 64.92 -22.22 32.30
N LYS C 404 65.40 -21.94 33.49
CA LYS C 404 64.91 -20.83 34.28
C LYS C 404 65.21 -19.44 33.70
N ASP C 405 66.39 -19.31 33.07
CA ASP C 405 66.81 -18.03 32.49
C ASP C 405 66.01 -17.68 31.23
N SER C 406 65.18 -16.62 31.27
CA SER C 406 64.40 -16.28 30.08
C SER C 406 65.24 -15.59 28.99
N GLN C 407 66.28 -14.87 29.37
CA GLN C 407 67.15 -14.26 28.38
C GLN C 407 67.80 -15.33 27.50
N LEU C 408 68.28 -16.40 28.13
CA LEU C 408 68.90 -17.50 27.42
C LEU C 408 67.96 -18.16 26.41
N LEU C 409 66.68 -18.31 26.78
CA LEU C 409 65.70 -18.80 25.82
C LEU C 409 65.70 -17.96 24.54
N ARG C 410 65.45 -16.66 24.70
CA ARG C 410 65.31 -15.74 23.57
C ARG C 410 66.53 -15.75 22.66
N ARG C 411 67.70 -15.92 23.25
CA ARG C 411 68.93 -16.02 22.50
C ARG C 411 68.99 -17.29 21.65
N LEU C 412 68.57 -18.41 22.24
CA LEU C 412 68.47 -19.66 21.48
C LEU C 412 67.43 -19.57 20.38
N ASP C 413 66.22 -19.10 20.73
CA ASP C 413 65.21 -18.81 19.71
C ASP C 413 65.87 -18.13 18.50
N ALA C 414 66.41 -16.94 18.73
CA ALA C 414 67.02 -16.14 17.68
C ALA C 414 68.12 -16.88 16.96
N ALA C 415 69.06 -17.45 17.70
CA ALA C 415 70.26 -18.01 17.08
C ALA C 415 69.92 -19.18 16.16
N PHE C 416 68.98 -20.00 16.60
CA PHE C 416 68.60 -21.20 15.86
C PHE C 416 67.65 -20.86 14.70
N ALA C 417 67.17 -19.63 14.67
CA ALA C 417 66.32 -19.19 13.57
C ALA C 417 67.04 -19.39 12.24
N SER C 418 66.27 -19.67 11.19
CA SER C 418 66.86 -19.79 9.87
C SER C 418 66.49 -18.58 9.02
N ASP C 419 67.54 -17.91 8.53
CA ASP C 419 67.40 -16.75 7.67
C ASP C 419 66.59 -17.19 6.46
N VAL C 420 67.12 -18.12 5.67
CA VAL C 420 66.32 -18.79 4.66
C VAL C 420 65.39 -19.72 5.41
N PRO C 421 64.08 -19.62 5.13
CA PRO C 421 63.10 -20.57 5.70
C PRO C 421 63.25 -22.00 5.16
N VAL C 422 63.29 -22.94 6.10
CA VAL C 422 63.44 -24.36 5.80
C VAL C 422 62.27 -24.92 5.01
N GLN C 423 62.60 -25.73 4.00
CA GLN C 423 61.59 -26.35 3.16
C GLN C 423 61.83 -27.85 3.01
N THR C 424 60.77 -28.63 3.16
CA THR C 424 60.86 -30.08 3.03
C THR C 424 61.19 -30.43 1.59
N ALA C 425 62.02 -31.46 1.45
CA ALA C 425 62.44 -31.98 0.17
C ALA C 425 61.64 -33.27 0.07
N PHE C 426 61.97 -34.12 -0.88
CA PHE C 426 61.26 -35.39 -1.11
C PHE C 426 61.23 -36.48 0.01
N GLU C 427 60.03 -37.05 0.24
CA GLU C 427 59.83 -38.11 1.21
C GLU C 427 60.57 -39.37 0.81
N PHE C 428 61.12 -40.08 1.81
CA PHE C 428 61.88 -41.30 1.54
C PHE C 428 61.60 -42.40 2.58
N THR D 28 22.70 13.83 -4.93
CA THR D 28 22.41 12.40 -4.85
C THR D 28 22.69 11.86 -3.45
N VAL D 29 23.55 10.84 -3.38
CA VAL D 29 23.89 10.22 -2.11
C VAL D 29 24.63 11.21 -1.21
N THR D 30 24.35 11.16 0.09
CA THR D 30 24.98 12.05 1.04
C THR D 30 25.71 11.28 2.14
N LEU D 31 26.93 11.71 2.45
CA LEU D 31 27.74 11.06 3.49
C LEU D 31 27.81 11.83 4.82
N CYS D 32 27.21 11.31 5.89
CA CYS D 32 27.16 12.05 7.17
C CYS D 32 27.02 11.27 8.50
N SER D 33 27.09 11.99 9.63
CA SER D 33 26.83 11.40 10.96
C SER D 33 25.35 11.07 11.19
N PRO D 34 25.08 9.88 11.71
CA PRO D 34 23.71 9.44 11.98
C PRO D 34 22.87 10.27 12.95
N THR D 35 21.59 10.40 12.59
CA THR D 35 20.59 11.14 13.35
C THR D 35 19.66 10.07 13.91
N GLU D 36 19.06 10.33 15.06
CA GLU D 36 18.17 9.33 15.64
C GLU D 36 17.22 8.66 14.64
N ASP D 37 16.71 9.41 13.67
CA ASP D 37 15.80 8.86 12.68
C ASP D 37 16.52 7.86 11.79
N ASP D 38 17.80 7.64 12.07
CA ASP D 38 18.62 6.76 11.25
C ASP D 38 18.78 5.36 11.86
N TRP D 39 18.38 5.19 13.12
CA TRP D 39 18.59 3.92 13.79
C TRP D 39 17.86 2.75 13.11
N PRO D 40 16.58 2.95 12.78
CA PRO D 40 15.88 1.87 12.06
C PRO D 40 16.55 1.53 10.71
N GLY D 41 16.98 2.53 9.97
CA GLY D 41 17.66 2.30 8.72
C GLY D 41 18.92 1.47 8.92
N MSE D 42 19.75 1.92 9.86
CA MSE D 42 20.98 1.21 10.18
C MSE D 42 20.65 -0.21 10.59
O MSE D 42 21.31 -1.17 10.17
CB MSE D 42 21.72 1.94 11.30
CG MSE D 42 21.97 3.42 10.99
SE MSE D 42 22.72 4.55 12.41
CE MSE D 42 24.53 3.81 12.48
N PHE D 43 19.62 -0.35 11.41
CA PHE D 43 19.20 -1.65 11.89
C PHE D 43 18.76 -2.59 10.77
N LEU D 44 18.03 -2.06 9.79
CA LEU D 44 17.60 -2.87 8.65
C LEU D 44 18.79 -3.35 7.82
N LEU D 45 19.70 -2.44 7.53
CA LEU D 45 20.84 -2.72 6.68
C LEU D 45 21.80 -3.73 7.31
N ALA D 46 22.08 -3.53 8.61
CA ALA D 46 22.94 -4.44 9.37
C ALA D 46 22.35 -5.84 9.47
N ALA D 47 21.03 -5.91 9.54
CA ALA D 47 20.32 -7.19 9.60
C ALA D 47 20.33 -7.91 8.25
N ALA D 48 20.33 -7.14 7.16
CA ALA D 48 20.29 -7.71 5.83
C ALA D 48 21.69 -7.98 5.29
N SER D 49 22.70 -7.54 6.04
CA SER D 49 24.10 -7.64 5.63
C SER D 49 24.91 -8.58 6.51
N PHE D 50 24.50 -8.73 7.78
CA PHE D 50 25.12 -9.71 8.70
C PHE D 50 24.11 -10.74 9.21
N THR D 51 24.38 -12.01 8.88
CA THR D 51 23.55 -13.14 9.32
C THR D 51 23.44 -13.20 10.85
N ASP D 52 24.58 -13.09 11.50
CA ASP D 52 24.65 -13.12 12.96
C ASP D 52 23.99 -11.91 13.61
N PHE D 53 23.52 -10.96 12.83
CA PHE D 53 23.01 -9.73 13.43
C PHE D 53 21.69 -9.97 14.15
N ILE D 54 21.40 -9.06 15.09
CA ILE D 54 20.19 -9.09 15.89
C ILE D 54 19.97 -7.68 16.44
N GLY D 55 18.72 -7.24 16.55
CA GLY D 55 18.44 -5.90 17.06
C GLY D 55 18.91 -5.54 18.47
N PRO D 56 18.76 -6.45 19.43
CA PRO D 56 19.19 -6.16 20.81
C PRO D 56 20.69 -5.99 21.06
N GLU D 57 21.52 -6.88 20.51
CA GLU D 57 22.97 -6.80 20.68
C GLU D 57 23.65 -5.58 20.05
N SER D 58 23.23 -5.28 18.83
CA SER D 58 23.74 -4.14 18.08
C SER D 58 23.46 -2.87 18.86
N ALA D 59 22.29 -2.82 19.48
CA ALA D 59 21.95 -1.65 20.28
C ALA D 59 22.90 -1.40 21.48
N THR D 60 23.28 -2.45 22.22
CA THR D 60 24.17 -2.24 23.39
C THR D 60 25.61 -1.75 23.13
N ALA D 61 26.22 -2.34 22.11
CA ALA D 61 27.56 -2.13 21.59
C ALA D 61 27.77 -0.71 21.09
N TRP D 62 26.85 -0.24 20.25
CA TRP D 62 26.96 1.07 19.63
C TRP D 62 26.88 2.21 20.65
N ARG D 63 25.86 2.24 21.49
CA ARG D 63 25.84 3.34 22.44
C ARG D 63 27.07 3.29 23.34
N THR D 64 27.38 2.09 23.84
CA THR D 64 28.54 1.84 24.73
C THR D 64 30.00 1.94 24.22
N LEU D 65 30.31 1.43 23.03
CA LEU D 65 31.70 1.44 22.53
C LEU D 65 32.10 2.36 21.37
N VAL D 66 31.17 3.15 20.85
CA VAL D 66 31.45 4.05 19.75
C VAL D 66 31.47 5.47 20.27
N PRO D 67 32.55 6.19 20.02
CA PRO D 67 32.70 7.58 20.46
C PRO D 67 31.75 8.45 19.66
N THR D 68 31.37 9.60 20.19
CA THR D 68 30.46 10.46 19.46
C THR D 68 31.13 10.78 18.14
N ASP D 69 30.37 10.67 17.06
CA ASP D 69 30.88 10.95 15.73
C ASP D 69 31.73 9.78 15.23
N GLY D 70 31.68 8.67 15.94
CA GLY D 70 32.45 7.50 15.54
C GLY D 70 31.64 6.71 14.52
N ALA D 71 30.47 7.25 14.15
CA ALA D 71 29.60 6.60 13.18
C ALA D 71 29.25 7.43 11.95
N VAL D 72 29.36 6.80 10.77
CA VAL D 72 29.06 7.46 9.50
C VAL D 72 28.06 6.65 8.68
N VAL D 73 27.09 7.33 8.07
CA VAL D 73 26.07 6.66 7.26
C VAL D 73 25.80 7.37 5.93
N VAL D 74 25.33 6.61 4.95
CA VAL D 74 25.02 7.13 3.63
C VAL D 74 23.52 7.03 3.38
N ARG D 75 22.95 8.13 2.89
CA ARG D 75 21.52 8.18 2.59
C ARG D 75 21.25 8.35 1.10
N ASP D 76 20.19 7.72 0.61
CA ASP D 76 19.83 7.81 -0.79
C ASP D 76 19.04 9.09 -1.05
N GLY D 77 19.77 10.20 -1.09
CA GLY D 77 19.20 11.52 -1.32
C GLY D 77 19.17 12.39 -0.08
N ALA D 78 18.37 13.45 -0.15
CA ALA D 78 18.20 14.34 0.97
C ALA D 78 16.75 14.38 1.44
N GLY D 79 16.51 14.97 2.60
CA GLY D 79 15.19 15.02 3.19
C GLY D 79 15.01 13.97 4.27
N PRO D 80 14.86 14.40 5.53
CA PRO D 80 14.86 13.43 6.62
C PRO D 80 13.95 12.27 6.24
N GLY D 81 14.39 11.05 6.48
CA GLY D 81 13.61 9.88 6.14
C GLY D 81 14.17 9.18 4.91
N SER D 82 15.10 9.83 4.23
CA SER D 82 15.86 9.16 3.18
C SER D 82 16.39 7.89 3.77
N GLU D 83 16.45 6.84 2.96
CA GLU D 83 16.83 5.53 3.47
C GLU D 83 18.33 5.41 3.68
N VAL D 84 18.73 4.57 4.62
CA VAL D 84 20.14 4.32 4.90
C VAL D 84 20.66 3.29 3.90
N VAL D 85 21.71 3.64 3.17
CA VAL D 85 22.24 2.72 2.19
C VAL D 85 23.72 2.44 2.41
N GLY D 86 24.25 3.06 3.46
CA GLY D 86 25.63 2.85 3.83
C GLY D 86 25.81 3.11 5.31
N MSE D 87 26.60 2.27 5.96
CA MSE D 87 26.98 2.55 7.34
C MSE D 87 28.36 2.06 7.69
O MSE D 87 28.90 1.13 7.07
CB MSE D 87 25.97 2.00 8.32
CG MSE D 87 25.81 0.49 8.23
SE MSE D 87 24.58 -0.09 9.58
CE MSE D 87 25.64 0.41 11.14
N ALA D 88 28.94 2.73 8.69
CA ALA D 88 30.22 2.31 9.21
C ALA D 88 30.44 3.02 10.53
N LEU D 89 31.08 2.35 11.47
CA LEU D 89 31.49 3.06 12.65
C LEU D 89 32.81 2.52 13.13
N TYR D 90 33.37 3.15 14.15
CA TYR D 90 34.53 2.60 14.80
C TYR D 90 34.33 2.60 16.30
N MSE D 91 34.95 1.62 16.96
CA MSE D 91 34.94 1.59 18.41
C MSE D 91 36.27 2.00 19.02
O MSE D 91 37.33 1.87 18.41
CB MSE D 91 34.56 0.23 18.91
CG MSE D 91 33.12 -0.04 18.65
SE MSE D 91 32.84 -1.89 18.90
CE MSE D 91 30.92 -1.85 19.17
N ASP D 92 36.20 2.51 20.25
CA ASP D 92 37.39 2.94 20.94
C ASP D 92 37.80 1.68 21.69
N LEU D 93 38.95 1.14 21.33
CA LEU D 93 39.46 -0.07 21.98
C LEU D 93 40.95 0.01 22.27
N ARG D 94 41.39 -0.78 23.24
CA ARG D 94 42.79 -0.80 23.61
C ARG D 94 43.41 -2.11 23.15
N LEU D 95 44.47 -2.00 22.35
CA LEU D 95 45.18 -3.16 21.82
C LEU D 95 46.58 -3.34 22.43
N THR D 96 46.91 -4.60 22.73
CA THR D 96 48.23 -4.92 23.25
C THR D 96 49.24 -5.26 22.14
N VAL D 97 50.33 -4.50 22.09
CA VAL D 97 51.37 -4.72 21.09
C VAL D 97 52.62 -5.27 21.77
N PRO D 98 53.52 -5.88 20.99
CA PRO D 98 54.76 -6.43 21.55
C PRO D 98 55.43 -5.50 22.55
N GLY D 99 55.93 -6.03 23.65
CA GLY D 99 56.60 -5.22 24.64
C GLY D 99 55.57 -4.82 25.66
N GLU D 100 54.44 -5.52 25.62
CA GLU D 100 53.34 -5.33 26.54
C GLU D 100 52.86 -3.86 26.60
N VAL D 101 52.82 -3.20 25.46
CA VAL D 101 52.32 -1.84 25.42
C VAL D 101 50.89 -1.82 24.91
N VAL D 102 50.06 -1.04 25.56
CA VAL D 102 48.65 -0.95 25.19
C VAL D 102 48.33 0.30 24.39
N LEU D 103 47.92 0.13 23.14
CA LEU D 103 47.60 1.30 22.33
C LEU D 103 46.11 1.44 22.09
N PRO D 104 45.57 2.61 22.40
CA PRO D 104 44.14 2.81 22.19
C PRO D 104 43.96 2.62 20.71
N THR D 105 42.94 1.87 20.30
CA THR D 105 42.75 1.67 18.87
C THR D 105 41.31 1.80 18.40
N ALA D 106 41.18 2.29 17.17
CA ALA D 106 39.90 2.48 16.52
C ALA D 106 39.58 1.14 15.88
N GLY D 107 38.44 0.57 16.24
CA GLY D 107 38.01 -0.71 15.71
C GLY D 107 36.83 -0.55 14.77
N LEU D 108 37.04 -0.84 13.49
CA LEU D 108 35.98 -0.71 12.50
C LEU D 108 34.99 -1.88 12.54
N SER D 109 33.70 -1.55 12.55
CA SER D 109 32.65 -2.55 12.60
C SER D 109 31.34 -2.02 12.02
N PHE D 110 30.47 -2.94 11.59
CA PHE D 110 29.19 -2.58 11.02
C PHE D 110 29.25 -1.93 9.64
N VAL D 111 30.38 -2.13 8.94
CA VAL D 111 30.57 -1.60 7.65
C VAL D 111 29.60 -2.32 6.73
N ALA D 112 28.69 -1.55 6.13
CA ALA D 112 27.75 -2.16 5.23
C ALA D 112 27.31 -1.21 4.14
N VAL D 113 27.18 -1.76 2.96
CA VAL D 113 26.59 -1.05 1.84
C VAL D 113 25.40 -1.88 1.43
N ALA D 114 24.27 -1.23 1.19
CA ALA D 114 23.10 -1.94 0.70
C ALA D 114 23.39 -2.55 -0.66
N PRO D 115 22.78 -3.71 -0.94
CA PRO D 115 22.90 -4.40 -2.23
C PRO D 115 22.44 -3.55 -3.40
N THR D 116 21.68 -2.50 -3.12
CA THR D 116 21.17 -1.61 -4.17
C THR D 116 22.14 -0.46 -4.50
N HIS D 117 23.19 -0.33 -3.70
CA HIS D 117 24.19 0.72 -3.88
C HIS D 117 25.61 0.18 -4.00
N ARG D 118 25.73 -1.11 -4.30
CA ARG D 118 27.03 -1.75 -4.44
C ARG D 118 27.87 -1.20 -5.59
N ARG D 119 29.18 -1.17 -5.37
CA ARG D 119 30.15 -0.68 -6.35
C ARG D 119 30.02 0.78 -6.77
N ARG D 120 29.63 1.65 -5.84
CA ARG D 120 29.49 3.06 -6.18
C ARG D 120 30.37 3.92 -5.27
N GLY D 121 31.41 3.32 -4.71
CA GLY D 121 32.39 4.06 -3.94
C GLY D 121 31.98 4.46 -2.53
N LEU D 122 30.82 3.99 -2.07
CA LEU D 122 30.37 4.32 -0.72
C LEU D 122 31.27 3.74 0.39
N LEU D 123 31.83 2.56 0.18
CA LEU D 123 32.76 2.05 1.18
C LEU D 123 34.00 2.95 1.20
N ARG D 124 34.52 3.27 0.02
CA ARG D 124 35.70 4.11 -0.07
C ARG D 124 35.41 5.48 0.53
N ALA D 125 34.22 6.00 0.25
CA ALA D 125 33.83 7.31 0.76
C ALA D 125 33.76 7.25 2.28
N MSE D 126 33.25 6.13 2.80
CA MSE D 126 33.11 5.92 4.24
C MSE D 126 34.42 5.68 5.00
O MSE D 126 34.64 6.25 6.07
CB MSE D 126 32.04 4.86 4.55
CG MSE D 126 30.63 5.39 4.35
SE MSE D 126 29.16 4.37 5.13
CE MSE D 126 29.41 2.74 4.16
N CYS D 127 35.31 4.84 4.47
CA CYS D 127 36.59 4.60 5.10
C CYS D 127 37.36 5.92 5.17
N ALA D 128 37.29 6.70 4.10
CA ALA D 128 38.08 7.92 4.06
C ALA D 128 37.60 8.88 5.14
N GLU D 129 36.29 8.95 5.32
CA GLU D 129 35.73 9.81 6.36
C GLU D 129 36.14 9.31 7.75
N LEU D 130 35.87 8.04 8.02
CA LEU D 130 36.16 7.52 9.35
C LEU D 130 37.64 7.69 9.69
N HIS D 131 38.51 7.35 8.73
CA HIS D 131 39.95 7.48 8.94
C HIS D 131 40.37 8.91 9.24
N ARG D 132 39.78 9.88 8.56
CA ARG D 132 40.14 11.27 8.79
C ARG D 132 39.80 11.66 10.24
N ARG D 133 38.63 11.23 10.70
CA ARG D 133 38.19 11.52 12.05
C ARG D 133 39.08 10.84 13.09
N ILE D 134 39.46 9.62 12.78
CA ILE D 134 40.32 8.81 13.64
C ILE D 134 41.67 9.48 13.85
N ALA D 135 42.28 9.89 12.74
CA ALA D 135 43.45 10.75 12.77
C ALA D 135 43.19 11.95 13.67
N ASP D 136 42.11 12.68 13.43
CA ASP D 136 41.86 13.91 14.17
C ASP D 136 41.75 13.59 15.64
N SER D 137 41.30 12.37 15.94
CA SER D 137 41.05 11.95 17.32
C SER D 137 42.29 11.50 18.07
N GLY D 138 43.35 11.17 17.34
CA GLY D 138 44.62 10.89 17.98
C GLY D 138 45.09 9.46 17.87
N TYR D 139 44.20 8.55 17.52
CA TYR D 139 44.56 7.13 17.43
C TYR D 139 45.79 6.83 16.56
N PRO D 140 46.74 6.10 17.14
CA PRO D 140 47.97 5.74 16.43
C PRO D 140 47.66 4.76 15.28
N VAL D 141 46.73 3.83 15.53
CA VAL D 141 46.33 2.82 14.54
C VAL D 141 44.85 2.42 14.57
N ALA D 142 44.40 1.77 13.49
CA ALA D 142 43.01 1.30 13.35
C ALA D 142 43.03 -0.21 13.09
N ALA D 143 41.94 -0.92 13.40
CA ALA D 143 41.90 -2.35 13.17
C ALA D 143 40.50 -2.84 12.88
N LEU D 144 40.41 -3.95 12.15
CA LEU D 144 39.13 -4.50 11.74
C LEU D 144 39.26 -5.99 11.56
N HIS D 145 38.12 -6.66 11.51
CA HIS D 145 38.06 -8.05 11.07
C HIS D 145 37.39 -8.04 9.70
N ALA D 146 37.96 -8.77 8.75
CA ALA D 146 37.48 -8.70 7.38
C ALA D 146 36.49 -9.81 7.03
N SER D 147 35.37 -9.42 6.41
CA SER D 147 34.42 -10.39 5.89
C SER D 147 35.04 -11.13 4.67
N GLU D 148 35.85 -10.39 3.91
CA GLU D 148 36.55 -10.98 2.78
C GLU D 148 38.01 -10.58 2.83
N GLY D 149 38.87 -11.28 2.09
CA GLY D 149 40.29 -10.97 2.11
C GLY D 149 40.83 -10.00 1.07
N GLY D 150 39.96 -9.46 0.21
CA GLY D 150 40.41 -8.56 -0.83
C GLY D 150 39.85 -7.14 -0.74
N ILE D 151 39.25 -6.81 0.39
CA ILE D 151 38.66 -5.48 0.53
C ILE D 151 39.64 -4.45 1.09
N TYR D 152 40.14 -4.69 2.30
CA TYR D 152 40.75 -3.61 3.08
C TYR D 152 42.22 -3.28 2.84
N GLY D 153 42.92 -4.15 2.14
CA GLY D 153 44.34 -3.95 1.84
C GLY D 153 44.68 -2.71 1.04
N ARG D 154 43.87 -2.39 0.05
CA ARG D 154 44.11 -1.21 -0.78
C ARG D 154 44.08 0.07 0.04
N PHE D 155 43.12 0.16 0.96
CA PHE D 155 42.97 1.34 1.81
C PHE D 155 44.17 1.57 2.74
N GLY D 156 44.72 0.49 3.27
CA GLY D 156 45.86 0.56 4.16
C GLY D 156 45.90 -0.47 5.30
N TYR D 157 44.91 -1.37 5.32
CA TYR D 157 44.87 -2.44 6.33
C TYR D 157 45.67 -3.68 5.92
N GLY D 158 46.31 -4.30 6.90
CA GLY D 158 47.03 -5.54 6.66
C GLY D 158 46.65 -6.56 7.71
N PRO D 159 46.56 -7.83 7.29
CA PRO D 159 46.30 -8.94 8.21
C PRO D 159 47.49 -9.10 9.15
N ALA D 160 47.25 -8.99 10.46
CA ALA D 160 48.29 -8.85 11.47
C ALA D 160 48.36 -10.01 12.46
N THR D 161 47.27 -10.76 12.56
CA THR D 161 47.28 -12.01 13.32
C THR D 161 46.77 -13.21 12.48
N THR D 162 47.16 -14.41 12.88
CA THR D 162 46.74 -15.63 12.20
C THR D 162 45.95 -16.58 13.09
N LEU D 163 44.74 -16.94 12.65
CA LEU D 163 43.93 -17.94 13.36
C LEU D 163 44.31 -19.32 12.90
N HIS D 164 44.36 -20.24 13.85
CA HIS D 164 44.70 -21.62 13.55
C HIS D 164 43.54 -22.36 14.16
N GLU D 165 42.72 -23.00 13.34
CA GLU D 165 41.59 -23.72 13.88
C GLU D 165 42.24 -25.04 14.21
N LEU D 166 42.09 -25.51 15.44
CA LEU D 166 42.73 -26.79 15.73
C LEU D 166 41.78 -27.87 16.21
N THR D 167 41.86 -29.03 15.56
CA THR D 167 41.02 -30.14 15.94
C THR D 167 41.93 -31.33 16.18
N VAL D 168 41.90 -31.84 17.40
CA VAL D 168 42.73 -32.98 17.75
C VAL D 168 41.82 -34.04 18.31
N ASP D 169 41.90 -35.26 17.78
CA ASP D 169 41.05 -36.30 18.29
C ASP D 169 41.53 -36.53 19.71
N ARG D 170 40.58 -36.53 20.65
CA ARG D 170 40.87 -36.73 22.06
C ARG D 170 40.96 -38.21 22.46
N ARG D 171 40.26 -39.06 21.71
CA ARG D 171 40.28 -40.48 22.02
C ARG D 171 41.72 -41.00 22.07
N PHE D 172 42.59 -40.43 21.25
CA PHE D 172 43.97 -40.91 21.14
C PHE D 172 45.00 -40.10 21.93
N ALA D 173 44.56 -39.00 22.53
CA ALA D 173 45.45 -38.06 23.19
C ALA D 173 46.05 -38.61 24.50
N ARG D 174 47.38 -38.73 24.53
CA ARG D 174 48.13 -38.97 25.77
C ARG D 174 49.08 -37.80 26.00
N PHE D 175 49.16 -37.33 27.24
CA PHE D 175 50.07 -36.22 27.55
C PHE D 175 51.52 -36.67 27.70
N HIS D 176 52.43 -35.87 27.16
CA HIS D 176 53.85 -36.20 27.18
C HIS D 176 54.38 -36.27 28.61
N ALA D 177 55.37 -37.12 28.82
CA ALA D 177 55.95 -37.24 30.15
C ALA D 177 56.35 -35.88 30.66
N ASP D 178 56.81 -35.02 29.75
CA ASP D 178 57.30 -33.69 30.10
C ASP D 178 56.19 -32.71 30.45
N ALA D 179 54.96 -33.02 30.05
CA ALA D 179 53.87 -32.04 30.17
C ALA D 179 53.72 -31.59 31.61
N PRO D 180 53.53 -30.28 31.82
CA PRO D 180 53.31 -29.87 33.22
C PRO D 180 52.05 -30.50 33.80
N GLY D 181 52.07 -30.77 35.09
CA GLY D 181 50.96 -31.45 35.74
C GLY D 181 51.15 -32.95 35.66
N SER D 187 42.16 -31.51 38.29
CA SER D 187 42.14 -31.36 39.74
C SER D 187 42.08 -29.89 40.14
N SER D 188 42.99 -29.09 39.60
CA SER D 188 43.02 -27.67 39.90
C SER D 188 41.79 -27.04 39.29
N VAL D 189 41.49 -27.47 38.06
CA VAL D 189 40.36 -27.01 37.27
C VAL D 189 39.03 -27.61 37.70
N ARG D 190 37.94 -26.86 37.48
CA ARG D 190 36.61 -27.33 37.85
C ARG D 190 35.57 -27.01 36.78
N LEU D 191 34.57 -27.88 36.65
CA LEU D 191 33.52 -27.71 35.67
C LEU D 191 32.42 -26.82 36.25
N VAL D 192 32.30 -25.59 35.73
CA VAL D 192 31.29 -24.67 36.24
C VAL D 192 30.30 -24.20 35.20
N ARG D 193 29.21 -23.58 35.68
CA ARG D 193 28.26 -22.87 34.83
C ARG D 193 28.80 -21.48 34.63
N PRO D 194 29.02 -21.09 33.38
CA PRO D 194 29.65 -19.78 33.14
C PRO D 194 28.98 -18.60 33.85
N THR D 195 27.65 -18.55 33.93
CA THR D 195 27.01 -17.34 34.46
C THR D 195 27.32 -17.14 35.93
N GLU D 196 27.61 -18.23 36.63
CA GLU D 196 27.90 -18.15 38.05
C GLU D 196 29.34 -17.72 38.34
N HIS D 197 30.14 -17.51 37.29
CA HIS D 197 31.54 -17.21 37.51
C HIS D 197 32.09 -16.08 36.64
N ARG D 198 31.19 -15.19 36.24
CA ARG D 198 31.52 -14.08 35.37
C ARG D 198 32.75 -13.28 35.83
N GLY D 199 32.77 -12.91 37.11
CA GLY D 199 33.90 -12.15 37.63
C GLY D 199 35.22 -12.87 37.48
N GLU D 200 35.23 -14.17 37.71
CA GLU D 200 36.46 -14.96 37.58
C GLU D 200 36.99 -14.92 36.15
N PHE D 201 36.08 -15.03 35.19
CA PHE D 201 36.45 -15.02 33.77
C PHE D 201 37.02 -13.68 33.34
N GLU D 202 36.41 -12.59 33.81
CA GLU D 202 36.83 -11.26 33.49
C GLU D 202 38.27 -11.05 33.92
N ALA D 203 38.52 -11.23 35.21
CA ALA D 203 39.86 -11.09 35.75
C ALA D 203 40.91 -11.95 34.98
N ILE D 204 40.55 -13.17 34.62
CA ILE D 204 41.50 -14.00 33.89
C ILE D 204 41.76 -13.38 32.52
N TYR D 205 40.67 -13.02 31.85
CA TYR D 205 40.76 -12.30 30.61
C TYR D 205 41.52 -10.96 30.66
N GLU D 206 41.23 -10.15 31.67
CA GLU D 206 41.95 -8.91 31.85
C GLU D 206 43.46 -9.18 32.07
N ARG D 207 43.75 -10.29 32.75
CA ARG D 207 45.10 -10.64 33.08
C ARG D 207 45.80 -11.13 31.83
N TRP D 208 45.04 -11.86 31.01
CA TRP D 208 45.57 -12.42 29.77
C TRP D 208 45.89 -11.35 28.75
N ARG D 209 44.89 -10.52 28.44
CA ARG D 209 45.04 -9.50 27.40
C ARG D 209 46.15 -8.49 27.67
N GLN D 210 46.51 -8.28 28.94
CA GLN D 210 47.62 -7.37 29.27
C GLN D 210 48.97 -7.87 28.77
N GLN D 211 49.10 -9.19 28.64
CA GLN D 211 50.40 -9.81 28.48
C GLN D 211 50.63 -10.35 27.09
N VAL D 212 49.67 -10.18 26.19
CA VAL D 212 49.75 -10.86 24.92
C VAL D 212 49.58 -9.89 23.78
N PRO D 213 50.55 -9.87 22.86
CA PRO D 213 50.29 -9.07 21.68
C PRO D 213 49.07 -9.62 20.97
N GLY D 214 48.08 -8.76 20.76
CA GLY D 214 46.86 -9.12 20.08
C GLY D 214 45.69 -8.94 21.03
N GLY D 215 46.00 -8.88 22.33
CA GLY D 215 44.97 -8.70 23.33
C GLY D 215 44.20 -7.42 23.21
N LEU D 216 42.88 -7.56 23.29
CA LEU D 216 41.94 -6.44 23.35
C LEU D 216 41.32 -6.39 24.73
N LEU D 217 41.20 -5.20 25.29
CA LEU D 217 40.43 -5.02 26.52
C LEU D 217 38.97 -5.44 26.27
N ARG D 218 38.32 -6.07 27.23
CA ARG D 218 36.92 -6.45 27.03
C ARG D 218 35.93 -5.74 27.95
N PRO D 219 35.21 -4.76 27.39
CA PRO D 219 34.36 -3.85 28.18
C PRO D 219 33.10 -4.51 28.72
N GLN D 220 32.64 -4.08 29.88
CA GLN D 220 31.47 -4.72 30.50
C GLN D 220 30.43 -5.18 29.49
N VAL D 221 30.03 -4.27 28.60
CA VAL D 221 28.96 -4.57 27.64
C VAL D 221 29.21 -5.86 26.86
N LEU D 222 30.46 -6.08 26.47
CA LEU D 222 30.78 -7.21 25.61
C LEU D 222 30.70 -8.53 26.39
N TRP D 223 31.04 -8.46 27.67
CA TRP D 223 30.81 -9.58 28.56
C TRP D 223 29.33 -9.92 28.67
N ASP D 224 28.49 -8.90 28.81
CA ASP D 224 27.05 -9.12 28.89
C ASP D 224 26.65 -10.00 27.73
N GLU D 225 27.35 -9.81 26.62
CA GLU D 225 26.93 -10.39 25.37
C GLU D 225 27.56 -11.77 25.26
N LEU D 226 28.79 -11.90 25.76
CA LEU D 226 29.46 -13.19 25.70
C LEU D 226 28.68 -14.16 26.58
N LEU D 227 28.30 -13.68 27.75
CA LEU D 227 27.55 -14.47 28.72
C LEU D 227 26.13 -14.85 28.26
N ALA D 228 25.45 -13.91 27.61
CA ALA D 228 24.10 -14.17 27.13
C ALA D 228 24.10 -15.32 26.15
N GLU D 229 25.11 -15.36 25.28
CA GLU D 229 25.23 -16.42 24.29
C GLU D 229 25.56 -17.77 24.92
N CYS D 230 25.73 -17.80 26.24
CA CYS D 230 26.10 -19.06 26.86
C CYS D 230 24.88 -19.96 27.07
N LYS D 231 23.69 -19.34 27.13
CA LYS D 231 22.46 -20.10 27.34
C LYS D 231 21.99 -20.81 26.05
N ALA D 232 21.51 -22.04 26.19
CA ALA D 232 20.99 -22.80 25.06
C ALA D 232 19.91 -22.00 24.33
N ALA D 233 19.93 -22.07 23.01
CA ALA D 233 18.94 -21.37 22.19
C ALA D 233 18.08 -22.37 21.42
N PRO D 234 16.77 -22.38 21.70
CA PRO D 234 15.84 -23.28 21.00
C PRO D 234 16.07 -23.30 19.50
N GLY D 235 16.61 -24.39 18.98
CA GLY D 235 16.90 -24.51 17.56
C GLY D 235 18.19 -23.86 17.16
N GLY D 236 19.04 -23.56 18.14
CA GLY D 236 20.38 -23.02 17.88
C GLY D 236 21.44 -23.70 18.71
N ASP D 237 22.38 -22.92 19.23
CA ASP D 237 23.47 -23.42 20.04
C ASP D 237 23.05 -24.01 21.38
N ARG D 238 23.72 -25.09 21.77
CA ARG D 238 23.47 -25.79 23.02
C ARG D 238 24.07 -24.96 24.15
N GLU D 239 23.64 -25.22 25.38
CA GLU D 239 24.16 -24.47 26.51
C GLU D 239 25.67 -24.69 26.59
N SER D 240 26.40 -23.62 26.87
CA SER D 240 27.84 -23.68 26.96
C SER D 240 28.24 -23.95 28.40
N PHE D 241 29.43 -24.52 28.59
CA PHE D 241 29.97 -24.71 29.92
C PHE D 241 31.39 -24.18 29.99
N ALA D 242 31.95 -24.17 31.19
CA ALA D 242 33.29 -23.63 31.40
C ALA D 242 34.12 -24.54 32.28
N LEU D 243 35.42 -24.56 32.01
CA LEU D 243 36.39 -25.21 32.89
C LEU D 243 37.24 -24.12 33.55
N LEU D 244 37.02 -23.92 34.86
CA LEU D 244 37.69 -22.86 35.59
C LEU D 244 38.95 -23.33 36.25
N HIS D 245 40.07 -22.69 35.91
CA HIS D 245 41.32 -22.87 36.63
C HIS D 245 41.60 -21.49 37.22
N PRO D 246 42.39 -21.43 38.31
CA PRO D 246 42.60 -20.09 38.88
C PRO D 246 43.33 -19.18 37.90
N ASP D 247 44.18 -19.77 37.05
CA ASP D 247 44.90 -18.98 36.07
C ASP D 247 44.49 -19.19 34.62
N GLY D 248 43.25 -19.60 34.39
CA GLY D 248 42.76 -19.65 33.03
C GLY D 248 41.36 -20.17 33.03
N TYR D 249 40.72 -20.15 31.86
CA TYR D 249 39.43 -20.82 31.71
C TYR D 249 39.22 -21.23 30.25
N ALA D 250 38.20 -22.06 30.04
CA ALA D 250 37.80 -22.48 28.71
C ALA D 250 36.28 -22.48 28.64
N LEU D 251 35.70 -21.80 27.66
CA LEU D 251 34.26 -21.96 27.41
C LEU D 251 34.05 -22.86 26.19
N TYR D 252 33.22 -23.88 26.36
CA TYR D 252 32.95 -24.80 25.25
C TYR D 252 31.49 -25.19 25.12
N ARG D 253 31.05 -25.38 23.88
CA ARG D 253 29.68 -25.75 23.58
C ARG D 253 29.63 -26.93 22.62
N VAL D 254 28.80 -27.93 22.91
CA VAL D 254 28.69 -29.08 22.04
C VAL D 254 28.13 -28.58 20.72
N ASP D 255 28.59 -29.12 19.60
CA ASP D 255 28.07 -28.66 18.32
C ASP D 255 26.56 -28.93 18.22
N ARG D 256 25.87 -28.22 17.33
CA ARG D 256 24.42 -28.38 17.14
C ARG D 256 24.01 -29.73 16.58
N THR D 257 24.78 -30.22 15.61
CA THR D 257 24.39 -31.40 14.85
C THR D 257 25.36 -32.57 15.05
N ASP D 258 26.66 -32.25 15.07
CA ASP D 258 27.70 -33.24 15.31
C ASP D 258 27.90 -33.41 16.80
N LEU D 259 27.20 -34.37 17.40
CA LEU D 259 27.11 -34.46 18.85
C LEU D 259 28.34 -35.05 19.52
N LYS D 260 29.33 -35.40 18.71
CA LYS D 260 30.59 -35.92 19.23
C LYS D 260 31.70 -34.88 19.02
N LEU D 261 31.30 -33.63 18.78
CA LEU D 261 32.23 -32.51 18.59
C LEU D 261 32.00 -31.44 19.63
N ALA D 262 33.03 -31.09 20.37
CA ALA D 262 32.91 -30.02 21.33
C ALA D 262 33.71 -28.86 20.80
N ARG D 263 33.07 -27.69 20.74
CA ARG D 263 33.75 -26.51 20.24
C ARG D 263 34.15 -25.57 21.35
N VAL D 264 35.45 -25.46 21.57
CA VAL D 264 35.99 -24.52 22.51
C VAL D 264 35.83 -23.10 21.98
N SER D 265 34.80 -22.41 22.45
CA SER D 265 34.57 -21.05 21.98
C SER D 265 35.76 -20.17 22.26
N GLU D 266 36.27 -20.26 23.48
CA GLU D 266 37.41 -19.45 23.82
C GLU D 266 38.19 -19.99 25.00
N LEU D 267 39.50 -19.96 24.90
CA LEU D 267 40.33 -20.46 25.98
C LEU D 267 41.31 -19.38 26.39
N ARG D 268 41.27 -18.98 27.65
CA ARG D 268 42.18 -17.95 28.12
C ARG D 268 42.99 -18.50 29.28
N ALA D 269 44.31 -18.58 29.09
CA ALA D 269 45.22 -19.09 30.12
C ALA D 269 46.35 -18.10 30.39
N VAL D 270 46.57 -17.77 31.66
CA VAL D 270 47.63 -16.83 32.04
C VAL D 270 48.99 -17.47 32.29
N THR D 271 49.02 -18.80 32.41
CA THR D 271 50.28 -19.51 32.65
C THR D 271 50.35 -20.83 31.90
N ALA D 272 51.57 -21.32 31.67
CA ALA D 272 51.72 -22.58 30.97
C ALA D 272 50.93 -23.65 31.70
N ASP D 273 51.00 -23.63 33.03
CA ASP D 273 50.29 -24.60 33.86
C ASP D 273 48.80 -24.62 33.57
N ALA D 274 48.18 -23.46 33.68
CA ALA D 274 46.75 -23.33 33.44
C ALA D 274 46.37 -23.95 32.09
N HIS D 275 47.09 -23.54 31.06
CA HIS D 275 46.87 -23.98 29.71
C HIS D 275 46.88 -25.50 29.67
N CYS D 276 47.88 -26.10 30.28
CA CYS D 276 47.99 -27.55 30.21
C CYS D 276 46.84 -28.21 30.94
N ALA D 277 46.57 -27.74 32.15
CA ALA D 277 45.50 -28.30 32.95
C ALA D 277 44.14 -28.23 32.28
N LEU D 278 43.85 -27.12 31.60
CA LEU D 278 42.57 -27.02 30.90
C LEU D 278 42.48 -28.05 29.77
N TRP D 279 43.58 -28.25 29.05
CA TRP D 279 43.57 -29.24 27.99
C TRP D 279 43.46 -30.65 28.59
N ARG D 280 44.10 -30.90 29.73
CA ARG D 280 43.94 -32.19 30.38
C ARG D 280 42.46 -32.37 30.66
N ALA D 281 41.84 -31.31 31.15
CA ALA D 281 40.40 -31.29 31.37
C ALA D 281 39.59 -31.44 30.08
N LEU D 282 39.99 -30.77 29.01
CA LEU D 282 39.24 -30.84 27.75
C LEU D 282 39.36 -32.21 27.08
N ILE D 283 40.57 -32.77 27.08
CA ILE D 283 40.80 -34.11 26.54
C ILE D 283 40.01 -35.15 27.34
N GLY D 284 39.60 -34.78 28.56
CA GLY D 284 38.79 -35.67 29.39
C GLY D 284 37.30 -35.75 29.08
N LEU D 285 36.82 -34.96 28.12
CA LEU D 285 35.40 -34.99 27.76
C LEU D 285 35.04 -36.31 27.09
N ASP D 286 34.84 -37.34 27.89
CA ASP D 286 34.76 -38.71 27.40
C ASP D 286 33.64 -39.00 26.41
N SER D 287 32.55 -38.24 26.53
CA SER D 287 31.42 -38.36 25.61
C SER D 287 31.73 -37.75 24.22
N MSE D 288 32.89 -37.11 24.09
CA MSE D 288 33.30 -36.48 22.83
C MSE D 288 34.37 -37.25 22.09
O MSE D 288 35.23 -37.88 22.70
CB MSE D 288 33.79 -35.07 23.08
CG MSE D 288 32.77 -34.18 23.79
SE MSE D 288 31.31 -33.61 22.65
CE MSE D 288 29.79 -34.46 23.52
N GLU D 289 34.30 -37.19 20.76
CA GLU D 289 35.35 -37.74 19.89
C GLU D 289 36.41 -36.67 19.62
N ARG D 290 35.96 -35.47 19.29
CA ARG D 290 36.84 -34.39 18.90
C ARG D 290 36.59 -33.09 19.68
N ILE D 291 37.64 -32.32 19.89
CA ILE D 291 37.55 -30.98 20.45
C ILE D 291 38.13 -30.02 19.42
N SER D 292 37.40 -28.97 19.08
CA SER D 292 37.95 -27.96 18.18
C SER D 292 38.17 -26.61 18.86
N ILE D 293 39.10 -25.82 18.34
CA ILE D 293 39.38 -24.52 18.92
C ILE D 293 40.10 -23.59 17.93
N ILE D 294 39.69 -22.33 17.89
CA ILE D 294 40.45 -21.31 17.17
C ILE D 294 41.54 -20.78 18.07
N THR D 295 42.78 -20.96 17.65
CA THR D 295 43.91 -20.49 18.43
C THR D 295 44.97 -19.86 17.52
N HIS D 296 46.21 -19.84 17.97
CA HIS D 296 47.27 -19.21 17.17
C HIS D 296 48.35 -20.20 16.78
N PRO D 297 49.18 -19.82 15.80
CA PRO D 297 50.18 -20.77 15.29
C PRO D 297 51.17 -21.26 16.34
N GLN D 298 51.53 -20.45 17.33
CA GLN D 298 52.51 -20.88 18.34
C GLN D 298 51.88 -21.44 19.60
N ASP D 299 50.61 -21.79 19.52
CA ASP D 299 49.91 -22.49 20.59
C ASP D 299 50.74 -23.73 20.88
N PRO D 300 51.11 -23.95 22.16
CA PRO D 300 52.02 -25.07 22.45
C PRO D 300 51.31 -26.40 22.63
N LEU D 301 49.97 -26.42 22.57
CA LEU D 301 49.21 -27.66 22.75
C LEU D 301 49.85 -28.93 22.15
N PRO D 302 50.17 -28.93 20.85
CA PRO D 302 50.66 -30.14 20.18
C PRO D 302 51.88 -30.74 20.86
N HIS D 303 52.72 -29.90 21.43
CA HIS D 303 53.93 -30.39 22.11
C HIS D 303 53.68 -30.96 23.50
N LEU D 304 52.44 -30.89 23.98
CA LEU D 304 52.03 -31.46 25.26
C LEU D 304 51.63 -32.91 25.06
N LEU D 305 51.38 -33.29 23.82
CA LEU D 305 50.95 -34.65 23.50
C LEU D 305 52.12 -35.53 23.11
N THR D 306 51.93 -36.83 23.25
CA THR D 306 52.85 -37.86 22.76
C THR D 306 52.90 -37.84 21.25
N ASP D 307 51.74 -37.75 20.62
CA ASP D 307 51.67 -37.60 19.17
C ASP D 307 51.25 -36.18 18.80
N THR D 308 52.19 -35.42 18.24
CA THR D 308 51.97 -34.04 17.82
C THR D 308 50.90 -33.96 16.73
N ARG D 309 50.83 -35.00 15.91
CA ARG D 309 49.88 -35.10 14.81
C ARG D 309 48.41 -35.06 15.24
N LEU D 310 48.12 -35.45 16.48
CA LEU D 310 46.74 -35.44 16.95
C LEU D 310 46.17 -34.02 16.86
N ALA D 311 46.96 -33.02 17.23
CA ALA D 311 46.51 -31.61 17.17
C ALA D 311 46.57 -31.15 15.74
N ARG D 312 45.47 -31.34 15.01
CA ARG D 312 45.43 -31.10 13.57
C ARG D 312 45.00 -29.67 13.29
N THR D 313 45.64 -29.05 12.30
CA THR D 313 45.20 -27.74 11.85
C THR D 313 44.18 -28.00 10.76
N THR D 314 42.94 -27.66 11.04
CA THR D 314 41.83 -27.94 10.15
C THR D 314 41.38 -26.65 9.51
N TRP D 315 42.12 -25.58 9.79
CA TRP D 315 41.74 -24.28 9.29
C TRP D 315 42.73 -23.20 9.73
N ARG D 316 43.09 -22.35 8.78
CA ARG D 316 44.03 -21.25 9.00
C ARG D 316 43.49 -20.04 8.23
N GLN D 317 43.66 -18.83 8.76
CA GLN D 317 43.16 -17.67 8.07
C GLN D 317 43.66 -16.44 8.81
N ASP D 318 43.62 -15.31 8.13
CA ASP D 318 43.92 -14.04 8.76
C ASP D 318 42.92 -13.75 9.87
N GLY D 319 43.36 -12.98 10.86
CA GLY D 319 42.54 -12.65 12.01
C GLY D 319 42.24 -11.17 12.10
N LEU D 320 43.03 -10.44 12.88
CA LEU D 320 42.86 -9.01 13.04
C LEU D 320 43.69 -8.25 11.99
N TRP D 321 43.10 -7.23 11.36
CA TRP D 321 43.86 -6.40 10.41
C TRP D 321 44.14 -5.01 11.00
N LEU D 322 45.34 -4.51 10.73
CA LEU D 322 45.76 -3.22 11.25
C LEU D 322 45.94 -2.19 10.15
N ARG D 323 45.61 -0.94 10.47
CA ARG D 323 46.05 0.16 9.62
C ARG D 323 46.92 1.11 10.44
N ILE D 324 48.21 1.22 10.12
CA ILE D 324 49.04 2.23 10.78
C ILE D 324 48.59 3.68 10.42
N MSE D 325 47.93 4.36 11.35
CA MSE D 325 47.40 5.72 11.13
C MSE D 325 48.49 6.75 11.24
O MSE D 325 48.48 7.77 10.55
CB MSE D 325 46.34 6.07 12.18
CG MSE D 325 45.12 5.15 12.24
SE MSE D 325 43.90 5.46 10.75
CE MSE D 325 43.47 7.34 10.99
N ASN D 326 49.44 6.49 12.13
CA ASN D 326 50.50 7.41 12.48
C ASN D 326 51.77 6.58 12.65
N VAL D 327 52.60 6.55 11.61
CA VAL D 327 53.76 5.66 11.57
C VAL D 327 54.78 5.87 12.70
N PRO D 328 55.19 7.12 12.95
CA PRO D 328 56.13 7.36 14.05
C PRO D 328 55.56 6.99 15.43
N ALA D 329 54.38 7.51 15.77
CA ALA D 329 53.70 7.10 17.00
C ALA D 329 53.60 5.57 17.12
N ALA D 330 53.07 4.92 16.09
CA ALA D 330 52.98 3.47 16.11
C ALA D 330 54.34 2.75 16.23
N LEU D 331 55.28 3.05 15.33
CA LEU D 331 56.55 2.34 15.37
C LEU D 331 57.35 2.64 16.64
N GLU D 332 57.28 3.88 17.10
CA GLU D 332 57.96 4.21 18.35
C GLU D 332 57.33 3.49 19.54
N ALA D 333 56.01 3.31 19.52
CA ALA D 333 55.32 2.65 20.62
C ALA D 333 55.66 1.17 20.88
N ARG D 334 55.77 0.38 19.82
CA ARG D 334 56.08 -1.05 19.96
C ARG D 334 57.54 -1.40 20.30
N GLY D 335 57.70 -2.40 21.16
CA GLY D 335 59.00 -2.87 21.59
C GLY D 335 59.61 -3.74 20.49
N TYR D 336 60.93 -3.86 20.46
CA TYR D 336 61.56 -4.69 19.43
C TYR D 336 62.46 -5.73 20.05
N ALA D 337 62.81 -6.75 19.28
CA ALA D 337 63.66 -7.80 19.81
C ALA D 337 65.00 -7.21 20.20
N HIS D 338 65.39 -7.39 21.45
CA HIS D 338 66.68 -6.92 21.95
C HIS D 338 67.79 -7.62 21.19
N GLU D 339 67.54 -8.88 20.85
CA GLU D 339 68.55 -9.76 20.27
C GLU D 339 68.92 -9.40 18.84
N VAL D 340 69.00 -8.11 18.51
CA VAL D 340 69.51 -7.69 17.20
C VAL D 340 70.30 -6.39 17.30
N GLY D 341 71.42 -6.35 16.59
CA GLY D 341 72.28 -5.19 16.63
C GLY D 341 71.59 -3.92 16.19
N GLU D 342 72.11 -2.78 16.62
CA GLU D 342 71.49 -1.49 16.36
C GLU D 342 71.70 -1.09 14.91
N PHE D 343 70.65 -0.52 14.31
CA PHE D 343 70.73 -0.09 12.92
C PHE D 343 69.86 1.14 12.58
N SER D 344 70.20 1.79 11.47
CA SER D 344 69.49 2.97 10.99
C SER D 344 69.04 2.73 9.54
N THR D 345 67.93 3.34 9.14
CA THR D 345 67.45 3.17 7.80
C THR D 345 66.39 4.23 7.54
N VAL D 346 65.84 4.22 6.33
CA VAL D 346 64.83 5.18 5.95
C VAL D 346 63.62 4.37 5.53
N LEU D 347 62.47 4.66 6.11
CA LEU D 347 61.27 3.94 5.76
C LEU D 347 60.34 4.83 4.98
N GLU D 348 59.98 4.38 3.79
CA GLU D 348 59.08 5.16 2.94
C GLU D 348 57.79 4.40 2.75
N VAL D 349 56.69 5.05 3.09
CA VAL D 349 55.37 4.45 2.97
C VAL D 349 54.71 5.00 1.72
N SER D 350 54.35 4.11 0.80
CA SER D 350 53.70 4.54 -0.43
C SER D 350 52.66 5.62 -0.14
N ASP D 351 52.97 6.85 -0.52
CA ASP D 351 52.08 7.98 -0.30
C ASP D 351 51.73 8.18 1.17
N GLY D 352 52.77 8.21 2.01
CA GLY D 352 52.61 8.48 3.42
C GLY D 352 53.88 9.18 3.85
N GLY D 353 54.76 9.39 2.88
CA GLY D 353 56.02 10.05 3.16
C GLY D 353 57.09 9.07 3.59
N ARG D 354 58.18 9.65 4.05
CA ARG D 354 59.38 8.90 4.32
C ARG D 354 59.69 9.02 5.80
N PHE D 355 60.45 8.07 6.32
CA PHE D 355 60.76 8.07 7.74
C PHE D 355 62.14 7.56 8.04
N ALA D 356 62.93 8.39 8.71
CA ALA D 356 64.17 7.96 9.33
C ALA D 356 63.79 7.00 10.45
N LEU D 357 64.33 5.80 10.41
CA LEU D 357 63.94 4.74 11.33
C LEU D 357 65.18 4.09 11.97
N LYS D 358 65.31 4.23 13.28
CA LYS D 358 66.44 3.69 14.04
C LYS D 358 65.99 2.77 15.17
N ILE D 359 66.54 1.56 15.18
CA ILE D 359 66.13 0.52 16.12
C ILE D 359 67.31 -0.04 16.91
N GLY D 360 67.20 -0.08 18.24
CA GLY D 360 68.27 -0.58 19.07
C GLY D 360 67.86 -0.67 20.52
N ASP D 361 68.43 -1.61 21.25
CA ASP D 361 68.08 -1.76 22.65
C ASP D 361 66.57 -2.06 22.76
N GLY D 362 66.01 -2.69 21.72
CA GLY D 362 64.59 -3.02 21.73
C GLY D 362 63.64 -1.85 21.53
N ARG D 363 64.17 -0.67 21.24
CA ARG D 363 63.37 0.55 21.11
C ARG D 363 63.59 1.22 19.75
N ALA D 364 62.64 1.99 19.27
CA ALA D 364 62.80 2.67 17.99
C ALA D 364 62.64 4.18 18.09
N ARG D 365 63.48 4.93 17.38
CA ARG D 365 63.18 6.33 17.10
C ARG D 365 62.80 6.45 15.62
N CYS D 366 61.72 7.16 15.37
CA CYS D 366 61.12 7.23 14.05
C CYS D 366 60.60 8.63 13.81
N THR D 367 61.12 9.27 12.76
CA THR D 367 60.83 10.68 12.51
C THR D 367 60.71 10.92 11.02
N PRO D 368 59.90 11.92 10.65
CA PRO D 368 59.81 12.35 9.25
C PRO D 368 61.17 12.85 8.78
N THR D 369 61.55 12.44 7.57
CA THR D 369 62.80 12.84 6.98
C THR D 369 62.58 13.06 5.49
N ASP D 370 63.59 13.58 4.82
CA ASP D 370 63.57 13.68 3.38
C ASP D 370 64.72 12.87 2.75
N ALA D 371 65.49 12.17 3.56
CA ALA D 371 66.60 11.35 3.07
C ALA D 371 66.09 10.34 2.04
N ALA D 372 67.02 9.78 1.28
CA ALA D 372 66.67 8.77 0.29
C ALA D 372 66.10 7.58 1.04
N ALA D 373 65.01 7.03 0.54
CA ALA D 373 64.44 5.84 1.11
C ALA D 373 65.35 4.65 0.85
N GLU D 374 65.64 3.87 1.88
CA GLU D 374 66.42 2.65 1.72
C GLU D 374 65.48 1.46 1.50
N ILE D 375 64.23 1.60 1.95
CA ILE D 375 63.25 0.52 1.85
C ILE D 375 61.82 1.08 1.82
N GLU D 376 60.99 0.56 0.91
CA GLU D 376 59.66 1.13 0.67
C GLU D 376 58.55 0.07 0.63
N MSE D 377 57.37 0.40 1.17
CA MSE D 377 56.23 -0.51 1.18
C MSE D 377 54.93 0.29 1.24
O MSE D 377 54.91 1.37 1.79
CB MSE D 377 56.30 -1.42 2.41
CG MSE D 377 56.08 -0.66 3.72
SE MSE D 377 56.48 -1.63 5.37
CE MSE D 377 58.43 -1.79 5.23
N ASP D 378 53.86 -0.28 0.67
CA ASP D 378 52.52 0.25 0.89
C ASP D 378 52.19 0.22 2.37
N ARG D 379 51.25 1.06 2.78
CA ARG D 379 50.84 1.15 4.19
C ARG D 379 50.33 -0.14 4.81
N ASP D 380 49.62 -0.93 4.04
CA ASP D 380 49.10 -2.18 4.54
C ASP D 380 50.17 -3.23 4.78
N VAL D 381 51.41 -3.01 4.31
CA VAL D 381 52.41 -4.02 4.54
C VAL D 381 52.95 -3.83 5.93
N LEU D 382 52.91 -2.58 6.40
CA LEU D 382 53.48 -2.23 7.70
C LEU D 382 52.55 -2.72 8.83
N GLY D 383 51.25 -2.64 8.59
CA GLY D 383 50.29 -3.25 9.50
C GLY D 383 50.54 -4.73 9.69
N SER D 384 50.81 -5.44 8.60
CA SER D 384 51.01 -6.89 8.64
C SER D 384 52.28 -7.28 9.39
N LEU D 385 53.29 -6.43 9.38
CA LEU D 385 54.53 -6.68 10.13
C LEU D 385 54.41 -6.22 11.58
N TYR D 386 53.55 -5.26 11.83
CA TYR D 386 53.52 -4.56 13.11
C TYR D 386 53.52 -5.42 14.39
N LEU D 387 52.75 -6.50 14.39
CA LEU D 387 52.68 -7.38 15.55
C LEU D 387 53.60 -8.58 15.39
N GLY D 388 54.29 -8.67 14.25
CA GLY D 388 55.24 -9.74 14.03
C GLY D 388 54.67 -11.03 13.48
N ALA D 389 53.43 -11.00 13.02
CA ALA D 389 52.86 -12.22 12.45
C ALA D 389 53.44 -12.58 11.08
N HIS D 390 53.93 -11.59 10.34
CA HIS D 390 54.51 -11.88 9.04
C HIS D 390 55.92 -11.35 8.98
N ARG D 391 56.82 -12.10 8.36
CA ARG D 391 58.22 -11.74 8.26
C ARG D 391 58.49 -10.79 7.09
N ALA D 392 59.31 -9.77 7.33
CA ALA D 392 59.70 -8.85 6.27
C ALA D 392 60.25 -9.63 5.08
N SER D 393 61.18 -10.55 5.35
CA SER D 393 61.83 -11.36 4.32
C SER D 393 60.83 -12.06 3.43
N THR D 394 59.73 -12.49 4.00
CA THR D 394 58.69 -13.13 3.21
C THR D 394 57.89 -12.10 2.40
N LEU D 395 57.50 -11.01 3.03
CA LEU D 395 56.82 -9.97 2.30
C LEU D 395 57.71 -9.43 1.19
N ALA D 396 59.01 -9.64 1.31
CA ALA D 396 59.94 -9.19 0.27
C ALA D 396 59.97 -10.13 -0.94
N ALA D 397 59.91 -11.44 -0.70
CA ALA D 397 59.87 -12.39 -1.80
C ALA D 397 58.68 -12.17 -2.75
N ALA D 398 57.57 -11.65 -2.22
CA ALA D 398 56.41 -11.26 -3.04
C ALA D 398 56.50 -9.80 -3.45
N ASN D 399 57.66 -9.19 -3.22
CA ASN D 399 57.93 -7.84 -3.68
C ASN D 399 56.97 -6.81 -3.10
N ARG D 400 56.39 -7.13 -1.95
CA ARG D 400 55.41 -6.23 -1.34
C ARG D 400 56.08 -5.14 -0.51
N LEU D 401 57.26 -5.47 0.03
CA LEU D 401 58.19 -4.45 0.52
C LEU D 401 59.55 -4.64 -0.14
N ARG D 402 60.20 -3.54 -0.51
CA ARG D 402 61.30 -3.57 -1.46
C ARG D 402 62.55 -2.80 -1.06
N THR D 403 63.66 -3.52 -0.96
CA THR D 403 64.92 -2.91 -0.57
C THR D 403 66.04 -3.47 -1.43
N LYS D 404 67.03 -2.64 -1.70
CA LYS D 404 68.16 -3.05 -2.52
C LYS D 404 69.15 -3.70 -1.57
N ASP D 405 68.82 -3.68 -0.29
CA ASP D 405 69.66 -4.28 0.74
C ASP D 405 69.10 -5.53 1.39
N SER D 406 69.91 -6.57 1.37
CA SER D 406 69.64 -7.90 1.92
C SER D 406 69.73 -7.91 3.45
N GLN D 407 70.85 -7.41 3.96
CA GLN D 407 71.05 -7.35 5.40
C GLN D 407 69.92 -6.59 6.12
N LEU D 408 69.47 -5.49 5.52
CA LEU D 408 68.40 -4.70 6.13
C LEU D 408 67.13 -5.55 6.40
N LEU D 409 66.90 -6.58 5.58
CA LEU D 409 65.73 -7.43 5.73
C LEU D 409 65.84 -8.38 6.92
N ARG D 410 66.99 -9.03 7.03
CA ARG D 410 67.23 -9.92 8.16
C ARG D 410 67.04 -9.14 9.44
N ARG D 411 67.53 -7.92 9.45
CA ARG D 411 67.45 -7.07 10.62
C ARG D 411 66.02 -6.69 10.95
N LEU D 412 65.22 -6.38 9.92
CA LEU D 412 63.80 -6.14 10.12
C LEU D 412 63.07 -7.40 10.62
N ASP D 413 63.34 -8.55 10.01
CA ASP D 413 62.81 -9.81 10.54
C ASP D 413 63.10 -9.90 12.02
N ALA D 414 64.37 -9.82 12.37
CA ALA D 414 64.82 -9.96 13.75
C ALA D 414 64.08 -9.04 14.69
N ALA D 415 64.13 -7.74 14.42
CA ALA D 415 63.65 -6.75 15.35
C ALA D 415 62.14 -6.75 15.50
N PHE D 416 61.42 -6.97 14.41
CA PHE D 416 59.96 -6.87 14.44
C PHE D 416 59.30 -8.09 15.07
N ALA D 417 60.04 -9.20 15.15
CA ALA D 417 59.54 -10.40 15.80
C ALA D 417 59.06 -10.13 17.21
N SER D 418 58.08 -10.90 17.67
CA SER D 418 57.55 -10.73 19.01
C SER D 418 58.07 -11.81 19.97
N ASP D 419 58.51 -11.39 21.15
CA ASP D 419 59.04 -12.32 22.14
C ASP D 419 57.92 -13.28 22.53
N VAL D 420 56.72 -12.73 22.69
CA VAL D 420 55.56 -13.52 23.05
C VAL D 420 54.85 -13.62 21.72
N PRO D 421 54.53 -14.82 21.28
CA PRO D 421 53.85 -14.96 19.99
C PRO D 421 52.48 -14.26 20.02
N VAL D 422 52.06 -13.65 18.91
CA VAL D 422 50.84 -12.84 18.92
C VAL D 422 49.58 -13.68 18.80
N GLN D 423 48.53 -13.25 19.48
CA GLN D 423 47.30 -14.01 19.52
C GLN D 423 46.11 -13.14 19.13
N THR D 424 44.94 -13.75 18.98
CA THR D 424 43.75 -12.99 18.58
C THR D 424 42.77 -13.00 19.72
N ALA D 425 42.17 -11.85 19.99
CA ALA D 425 41.26 -11.66 21.11
C ALA D 425 39.82 -11.96 20.68
N PHE D 426 38.94 -10.98 20.66
CA PHE D 426 37.61 -11.25 20.14
C PHE D 426 37.35 -10.61 18.78
N GLU D 427 36.67 -11.32 17.90
CA GLU D 427 36.22 -10.74 16.65
C GLU D 427 35.36 -9.54 17.02
N PHE D 428 35.31 -8.49 16.18
CA PHE D 428 34.37 -7.38 16.43
C PHE D 428 33.77 -6.71 15.18
N THR E 28 -21.36 -48.85 5.45
CA THR E 28 -19.98 -49.04 5.88
C THR E 28 -19.13 -47.79 5.65
N VAL E 29 -19.03 -47.38 4.39
CA VAL E 29 -18.25 -46.20 4.03
C VAL E 29 -19.14 -45.12 3.43
N THR E 30 -19.04 -43.91 3.99
CA THR E 30 -19.86 -42.80 3.52
C THR E 30 -19.05 -41.60 3.02
N LEU E 31 -19.53 -40.99 1.95
CA LEU E 31 -18.90 -39.84 1.34
C LEU E 31 -19.86 -38.65 1.38
N CYS E 32 -19.48 -37.58 2.07
CA CYS E 32 -20.43 -36.47 2.28
C CYS E 32 -19.78 -35.12 2.58
N SER E 33 -20.60 -34.08 2.66
CA SER E 33 -20.13 -32.75 3.06
C SER E 33 -20.03 -32.77 4.57
N PRO E 34 -18.91 -32.31 5.13
CA PRO E 34 -18.81 -32.37 6.61
C PRO E 34 -19.88 -31.62 7.40
N THR E 35 -19.93 -31.90 8.69
CA THR E 35 -20.76 -31.16 9.62
C THR E 35 -19.81 -30.78 10.74
N GLU E 36 -20.30 -30.06 11.73
CA GLU E 36 -19.43 -29.61 12.81
C GLU E 36 -18.68 -30.80 13.45
N ASP E 37 -19.15 -32.01 13.18
CA ASP E 37 -18.67 -33.19 13.89
C ASP E 37 -17.41 -33.75 13.29
N ASP E 38 -17.25 -33.51 12.01
CA ASP E 38 -16.12 -34.08 11.30
C ASP E 38 -14.89 -33.19 11.48
N TRP E 39 -15.08 -31.96 11.94
CA TRP E 39 -13.95 -31.03 11.99
C TRP E 39 -12.74 -31.69 12.64
N PRO E 40 -12.91 -32.22 13.87
CA PRO E 40 -11.81 -32.90 14.59
C PRO E 40 -11.22 -34.05 13.78
N GLY E 41 -12.06 -34.82 13.09
CA GLY E 41 -11.59 -35.80 12.13
C GLY E 41 -10.70 -35.21 11.03
N MSE E 42 -11.16 -34.14 10.40
CA MSE E 42 -10.36 -33.48 9.37
C MSE E 42 -9.07 -32.87 9.94
O MSE E 42 -8.02 -32.90 9.28
CB MSE E 42 -11.17 -32.41 8.68
CG MSE E 42 -12.55 -32.83 8.33
SE MSE E 42 -13.63 -31.31 7.85
CE MSE E 42 -12.87 -31.01 6.09
N PHE E 43 -9.16 -32.29 11.12
CA PHE E 43 -7.97 -31.70 11.70
C PHE E 43 -6.88 -32.72 11.96
N LEU E 44 -7.27 -33.88 12.50
CA LEU E 44 -6.31 -34.93 12.75
C LEU E 44 -5.72 -35.43 11.43
N LEU E 45 -6.60 -35.86 10.53
CA LEU E 45 -6.16 -36.34 9.22
C LEU E 45 -5.22 -35.36 8.52
N ALA E 46 -5.58 -34.07 8.51
CA ALA E 46 -4.77 -33.06 7.83
C ALA E 46 -3.39 -32.90 8.45
N ALA E 47 -3.31 -32.87 9.77
CA ALA E 47 -2.00 -32.72 10.42
C ALA E 47 -1.02 -33.86 10.18
N ALA E 48 -1.48 -35.10 10.31
CA ALA E 48 -0.60 -36.25 10.09
C ALA E 48 -0.16 -36.34 8.63
N SER E 49 -1.12 -36.14 7.75
CA SER E 49 -0.92 -36.19 6.30
C SER E 49 -0.03 -35.12 5.65
N PHE E 50 -0.15 -33.88 6.13
CA PHE E 50 0.65 -32.79 5.58
C PHE E 50 1.67 -32.27 6.58
N THR E 51 2.94 -32.47 6.25
CA THR E 51 4.03 -32.14 7.15
C THR E 51 3.95 -30.68 7.51
N ASP E 52 3.82 -29.84 6.48
CA ASP E 52 3.73 -28.38 6.64
C ASP E 52 2.52 -27.85 7.40
N PHE E 53 1.37 -28.50 7.22
CA PHE E 53 0.12 -28.05 7.82
C PHE E 53 0.12 -27.91 9.35
N ILE E 54 -0.63 -26.93 9.84
CA ILE E 54 -0.85 -26.69 11.26
C ILE E 54 -2.28 -26.22 11.47
N GLY E 55 -2.83 -26.43 12.67
CA GLY E 55 -4.20 -26.04 12.95
C GLY E 55 -4.64 -24.58 12.95
N PRO E 56 -3.84 -23.70 13.55
CA PRO E 56 -4.19 -22.27 13.58
C PRO E 56 -4.18 -21.57 12.23
N GLU E 57 -3.14 -21.81 11.44
CA GLU E 57 -3.01 -21.20 10.12
C GLU E 57 -4.09 -21.69 9.16
N SER E 58 -4.34 -22.99 9.23
CA SER E 58 -5.33 -23.66 8.39
C SER E 58 -6.80 -23.24 8.57
N ALA E 59 -7.23 -23.01 9.80
CA ALA E 59 -8.62 -22.61 10.01
C ALA E 59 -9.18 -21.48 9.15
N THR E 60 -8.38 -20.45 8.88
CA THR E 60 -8.81 -19.31 8.09
C THR E 60 -9.00 -19.67 6.62
N ALA E 61 -7.95 -20.24 6.01
CA ALA E 61 -7.98 -20.63 4.61
C ALA E 61 -9.31 -21.28 4.22
N TRP E 62 -9.67 -22.37 4.89
CA TRP E 62 -10.90 -23.07 4.60
C TRP E 62 -12.13 -22.18 4.78
N ARG E 63 -12.23 -21.44 5.87
CA ARG E 63 -13.41 -20.60 6.00
C ARG E 63 -13.48 -19.57 4.87
N THR E 64 -12.36 -18.91 4.61
CA THR E 64 -12.25 -17.90 3.56
C THR E 64 -12.32 -18.30 2.08
N LEU E 65 -11.63 -19.38 1.69
CA LEU E 65 -11.64 -19.82 0.29
C LEU E 65 -12.46 -21.03 -0.18
N VAL E 66 -13.21 -21.67 0.72
CA VAL E 66 -14.00 -22.81 0.33
C VAL E 66 -15.48 -22.45 0.28
N PRO E 67 -16.09 -22.67 -0.88
CA PRO E 67 -17.52 -22.39 -1.08
C PRO E 67 -18.36 -23.26 -0.16
N THR E 68 -19.62 -22.89 0.04
CA THR E 68 -20.54 -23.83 0.62
C THR E 68 -20.38 -25.12 -0.18
N ASP E 69 -20.37 -26.25 0.52
CA ASP E 69 -20.09 -27.57 -0.08
C ASP E 69 -19.05 -27.69 -1.24
N GLY E 70 -17.93 -27.00 -1.11
CA GLY E 70 -16.76 -27.36 -1.88
C GLY E 70 -15.80 -28.16 -1.00
N ALA E 71 -16.36 -28.97 -0.10
CA ALA E 71 -15.54 -29.82 0.76
C ALA E 71 -16.23 -31.15 0.96
N VAL E 72 -15.43 -32.19 1.10
CA VAL E 72 -15.98 -33.53 1.25
C VAL E 72 -15.11 -34.38 2.15
N VAL E 73 -15.75 -35.30 2.87
CA VAL E 73 -15.06 -36.22 3.77
C VAL E 73 -15.55 -37.64 3.57
N VAL E 74 -14.69 -38.61 3.85
CA VAL E 74 -15.11 -39.99 3.85
C VAL E 74 -15.19 -40.43 5.29
N ARG E 75 -16.38 -40.85 5.69
CA ARG E 75 -16.65 -41.39 7.01
C ARG E 75 -16.54 -42.91 6.96
N ASP E 76 -15.92 -43.50 7.98
CA ASP E 76 -15.81 -44.96 8.11
C ASP E 76 -17.01 -45.48 8.91
N GLY E 77 -18.15 -45.57 8.23
CA GLY E 77 -19.38 -46.01 8.86
C GLY E 77 -20.50 -44.98 8.89
N ALA E 78 -21.19 -44.95 10.03
CA ALA E 78 -22.34 -44.09 10.25
C ALA E 78 -22.48 -43.79 11.73
N GLY E 79 -23.04 -42.63 12.05
CA GLY E 79 -23.15 -42.18 13.42
C GLY E 79 -22.30 -40.93 13.61
N PRO E 80 -22.81 -39.96 14.39
CA PRO E 80 -22.05 -38.73 14.62
C PRO E 80 -20.77 -39.03 15.38
N GLY E 81 -19.63 -38.69 14.78
CA GLY E 81 -18.34 -39.00 15.37
C GLY E 81 -17.67 -40.13 14.62
N SER E 82 -18.41 -40.70 13.67
CA SER E 82 -17.84 -41.67 12.73
C SER E 82 -16.49 -41.17 12.26
N GLU E 83 -15.47 -42.03 12.35
CA GLU E 83 -14.13 -41.60 12.04
C GLU E 83 -13.98 -41.08 10.61
N VAL E 84 -13.17 -40.04 10.46
CA VAL E 84 -12.92 -39.41 9.18
C VAL E 84 -11.67 -40.02 8.57
N VAL E 85 -11.82 -40.69 7.44
CA VAL E 85 -10.69 -41.43 6.86
C VAL E 85 -10.26 -40.87 5.53
N GLY E 86 -11.02 -39.91 5.03
CA GLY E 86 -10.65 -39.21 3.80
C GLY E 86 -11.20 -37.81 3.80
N MSE E 87 -10.49 -36.88 3.20
CA MSE E 87 -11.01 -35.51 3.03
C MSE E 87 -10.51 -34.92 1.73
O MSE E 87 -9.48 -35.35 1.19
CB MSE E 87 -10.66 -34.58 4.23
CG MSE E 87 -9.18 -34.17 4.35
SE MSE E 87 -8.71 -32.87 5.78
CE MSE E 87 -9.63 -31.29 5.08
N ALA E 88 -11.27 -33.98 1.18
CA ALA E 88 -10.80 -33.17 0.05
C ALA E 88 -11.71 -31.98 -0.08
N LEU E 89 -11.17 -30.90 -0.59
CA LEU E 89 -11.96 -29.70 -0.80
C LEU E 89 -11.40 -28.85 -1.93
N TYR E 90 -12.24 -28.02 -2.53
CA TYR E 90 -11.79 -27.08 -3.54
C TYR E 90 -12.01 -25.66 -3.10
N MSE E 91 -11.10 -24.77 -3.50
CA MSE E 91 -11.20 -23.36 -3.23
C MSE E 91 -11.69 -22.64 -4.46
O MSE E 91 -11.58 -23.15 -5.58
CB MSE E 91 -9.85 -22.82 -2.80
CG MSE E 91 -9.42 -23.29 -1.43
SE MSE E 91 -7.54 -22.97 -1.07
CE MSE E 91 -7.57 -23.32 0.84
N ASP E 92 -12.23 -21.44 -4.26
CA ASP E 92 -12.72 -20.65 -5.36
C ASP E 92 -11.58 -19.70 -5.64
N LEU E 93 -10.99 -19.83 -6.83
CA LEU E 93 -9.88 -18.98 -7.22
C LEU E 93 -10.03 -18.49 -8.64
N ARG E 94 -9.38 -17.38 -8.96
CA ARG E 94 -9.45 -16.83 -10.29
C ARG E 94 -8.13 -17.03 -11.01
N LEU E 95 -8.20 -17.72 -12.14
CA LEU E 95 -7.04 -18.01 -12.96
C LEU E 95 -6.99 -17.16 -14.24
N THR E 96 -5.80 -16.64 -14.52
CA THR E 96 -5.55 -15.91 -15.76
C THR E 96 -5.10 -16.89 -16.86
N VAL E 97 -5.93 -17.07 -17.87
CA VAL E 97 -5.57 -17.91 -19.01
C VAL E 97 -5.02 -17.02 -20.13
N PRO E 98 -4.56 -17.61 -21.25
CA PRO E 98 -3.94 -16.73 -22.26
C PRO E 98 -4.91 -15.77 -22.95
N GLY E 99 -4.48 -14.53 -23.15
CA GLY E 99 -5.35 -13.50 -23.68
C GLY E 99 -5.81 -12.59 -22.56
N GLU E 100 -5.24 -12.83 -21.38
CA GLU E 100 -5.54 -12.04 -20.18
C GLU E 100 -7.00 -12.18 -19.72
N VAL E 101 -7.64 -13.29 -20.09
CA VAL E 101 -8.96 -13.63 -19.59
C VAL E 101 -8.84 -14.25 -18.18
N VAL E 102 -9.85 -14.07 -17.36
CA VAL E 102 -9.83 -14.65 -16.03
C VAL E 102 -10.95 -15.67 -15.89
N LEU E 103 -10.60 -16.91 -15.57
CA LEU E 103 -11.63 -17.93 -15.41
C LEU E 103 -11.76 -18.33 -13.96
N PRO E 104 -12.99 -18.33 -13.44
CA PRO E 104 -13.15 -18.72 -12.05
C PRO E 104 -12.61 -20.12 -12.02
N THR E 105 -11.78 -20.45 -11.04
CA THR E 105 -11.24 -21.80 -11.00
C THR E 105 -11.33 -22.58 -9.70
N ALA E 106 -11.74 -23.83 -9.85
CA ALA E 106 -11.88 -24.76 -8.74
C ALA E 106 -10.47 -25.27 -8.48
N GLY E 107 -9.99 -25.03 -7.27
CA GLY E 107 -8.66 -25.45 -6.86
C GLY E 107 -8.68 -26.50 -5.76
N LEU E 108 -8.51 -27.75 -6.16
CA LEU E 108 -8.50 -28.85 -5.20
C LEU E 108 -7.29 -28.81 -4.30
N SER E 109 -7.52 -29.02 -3.00
CA SER E 109 -6.45 -29.01 -2.03
C SER E 109 -6.83 -29.77 -0.76
N PHE E 110 -5.81 -30.18 -0.02
CA PHE E 110 -5.99 -30.92 1.21
C PHE E 110 -6.68 -32.23 0.92
N VAL E 111 -6.21 -32.87 -0.14
CA VAL E 111 -6.70 -34.17 -0.53
C VAL E 111 -5.91 -35.17 0.31
N ALA E 112 -6.60 -36.05 1.01
CA ALA E 112 -5.93 -37.00 1.88
C ALA E 112 -6.78 -38.24 2.15
N VAL E 113 -6.15 -39.40 2.13
CA VAL E 113 -6.79 -40.60 2.60
C VAL E 113 -5.98 -41.04 3.79
N ALA E 114 -6.66 -41.54 4.82
CA ALA E 114 -5.95 -42.07 5.98
C ALA E 114 -5.13 -43.26 5.51
N PRO E 115 -3.98 -43.48 6.15
CA PRO E 115 -3.03 -44.56 5.80
C PRO E 115 -3.59 -45.94 6.09
N THR E 116 -4.61 -45.97 6.95
CA THR E 116 -5.33 -47.20 7.28
C THR E 116 -6.32 -47.61 6.18
N HIS E 117 -6.59 -46.71 5.23
CA HIS E 117 -7.52 -46.99 4.14
C HIS E 117 -7.02 -46.84 2.71
N ARG E 118 -5.72 -46.98 2.49
CA ARG E 118 -5.14 -46.86 1.15
C ARG E 118 -5.69 -47.90 0.17
N ARG E 119 -5.84 -47.50 -1.09
CA ARG E 119 -6.29 -48.40 -2.16
C ARG E 119 -7.69 -49.02 -2.01
N ARG E 120 -8.65 -48.26 -1.51
CA ARG E 120 -10.01 -48.77 -1.33
C ARG E 120 -10.93 -47.97 -2.25
N GLY E 121 -10.31 -47.27 -3.19
CA GLY E 121 -11.02 -46.45 -4.13
C GLY E 121 -11.40 -45.08 -3.60
N LEU E 122 -10.94 -44.74 -2.39
CA LEU E 122 -11.33 -43.49 -1.76
C LEU E 122 -10.96 -42.19 -2.50
N LEU E 123 -9.74 -42.10 -3.04
CA LEU E 123 -9.33 -40.92 -3.81
C LEU E 123 -10.19 -40.74 -5.07
N ARG E 124 -10.31 -41.82 -5.85
CA ARG E 124 -11.19 -41.86 -7.00
C ARG E 124 -12.64 -41.46 -6.67
N ALA E 125 -13.17 -41.93 -5.54
CA ALA E 125 -14.52 -41.58 -5.16
C ALA E 125 -14.62 -40.09 -4.91
N MSE E 126 -13.69 -39.56 -4.13
CA MSE E 126 -13.73 -38.15 -3.72
C MSE E 126 -13.64 -37.14 -4.87
O MSE E 126 -14.31 -36.09 -4.86
CB MSE E 126 -12.64 -37.87 -2.68
CG MSE E 126 -13.08 -38.18 -1.26
SE MSE E 126 -11.95 -37.43 0.12
CE MSE E 126 -10.23 -37.94 -0.58
N CYS E 127 -12.81 -37.48 -5.87
CA CYS E 127 -12.63 -36.67 -7.08
C CYS E 127 -13.92 -36.66 -7.89
N ALA E 128 -14.48 -37.84 -8.12
CA ALA E 128 -15.72 -37.93 -8.88
C ALA E 128 -16.81 -37.11 -8.24
N GLU E 129 -16.88 -37.09 -6.91
CA GLU E 129 -17.87 -36.28 -6.24
C GLU E 129 -17.60 -34.79 -6.42
N LEU E 130 -16.35 -34.39 -6.14
CA LEU E 130 -15.94 -33.01 -6.32
C LEU E 130 -16.15 -32.48 -7.75
N HIS E 131 -15.80 -33.33 -8.72
CA HIS E 131 -15.94 -32.98 -10.13
C HIS E 131 -17.38 -32.70 -10.50
N ARG E 132 -18.31 -33.50 -9.99
CA ARG E 132 -19.71 -33.27 -10.32
C ARG E 132 -20.17 -31.91 -9.80
N ARG E 133 -19.78 -31.60 -8.57
CA ARG E 133 -20.15 -30.33 -7.95
C ARG E 133 -19.57 -29.15 -8.72
N ILE E 134 -18.31 -29.28 -9.13
CA ILE E 134 -17.65 -28.23 -9.88
C ILE E 134 -18.35 -28.05 -11.21
N ALA E 135 -18.72 -29.17 -11.82
CA ALA E 135 -19.41 -29.16 -13.10
C ALA E 135 -20.75 -28.47 -12.98
N ASP E 136 -21.44 -28.73 -11.87
CA ASP E 136 -22.75 -28.12 -11.64
C ASP E 136 -22.64 -26.65 -11.29
N SER E 137 -21.53 -26.29 -10.65
CA SER E 137 -21.34 -24.93 -10.23
C SER E 137 -20.98 -24.03 -11.39
N GLY E 138 -20.70 -24.64 -12.54
CA GLY E 138 -20.39 -23.87 -13.73
C GLY E 138 -18.92 -23.47 -13.81
N TYR E 139 -18.05 -24.16 -13.09
CA TYR E 139 -16.63 -23.97 -13.30
C TYR E 139 -16.24 -24.61 -14.64
N PRO E 140 -15.44 -23.90 -15.44
CA PRO E 140 -14.97 -24.54 -16.68
C PRO E 140 -13.67 -25.34 -16.48
N VAL E 141 -12.83 -24.95 -15.53
CA VAL E 141 -11.63 -25.71 -15.23
C VAL E 141 -11.44 -25.97 -13.74
N ALA E 142 -10.74 -27.07 -13.42
CA ALA E 142 -10.29 -27.34 -12.06
C ALA E 142 -8.76 -27.34 -12.06
N ALA E 143 -8.15 -27.20 -10.89
CA ALA E 143 -6.70 -27.17 -10.85
C ALA E 143 -6.15 -27.66 -9.52
N LEU E 144 -4.91 -28.13 -9.55
CA LEU E 144 -4.26 -28.57 -8.33
C LEU E 144 -2.75 -28.54 -8.49
N HIS E 145 -2.05 -28.72 -7.38
CA HIS E 145 -0.63 -29.04 -7.40
C HIS E 145 -0.47 -30.48 -6.94
N ALA E 146 0.17 -31.30 -7.74
CA ALA E 146 0.24 -32.72 -7.41
C ALA E 146 1.31 -33.05 -6.36
N SER E 147 0.95 -33.87 -5.36
CA SER E 147 1.96 -34.30 -4.40
C SER E 147 2.94 -35.24 -5.10
N GLU E 148 2.41 -36.02 -6.04
CA GLU E 148 3.17 -37.01 -6.76
C GLU E 148 2.79 -36.90 -8.22
N GLY E 149 3.62 -37.44 -9.10
CA GLY E 149 3.40 -37.25 -10.51
C GLY E 149 2.40 -38.20 -11.15
N GLY E 150 2.13 -39.33 -10.50
CA GLY E 150 1.32 -40.35 -11.16
C GLY E 150 -0.14 -40.46 -10.73
N ILE E 151 -0.61 -39.51 -9.94
CA ILE E 151 -1.93 -39.63 -9.36
C ILE E 151 -3.00 -39.12 -10.29
N TYR E 152 -2.95 -37.83 -10.59
CA TYR E 152 -4.10 -37.11 -11.14
C TYR E 152 -4.40 -37.20 -12.66
N GLY E 153 -3.45 -37.71 -13.43
CA GLY E 153 -3.67 -37.87 -14.85
C GLY E 153 -4.90 -38.72 -15.11
N ARG E 154 -5.11 -39.73 -14.29
CA ARG E 154 -6.26 -40.61 -14.47
C ARG E 154 -7.57 -39.90 -14.18
N PHE E 155 -7.52 -38.81 -13.43
CA PHE E 155 -8.74 -38.11 -13.09
C PHE E 155 -8.95 -36.92 -14.03
N GLY E 156 -8.12 -36.87 -15.08
CA GLY E 156 -8.28 -35.90 -16.14
C GLY E 156 -7.55 -34.58 -15.92
N TYR E 157 -6.62 -34.59 -14.98
CA TYR E 157 -5.68 -33.48 -14.81
C TYR E 157 -4.39 -33.75 -15.60
N GLY E 158 -4.01 -32.80 -16.45
CA GLY E 158 -2.71 -32.80 -17.09
C GLY E 158 -1.88 -31.68 -16.51
N PRO E 159 -0.55 -31.86 -16.44
CA PRO E 159 0.32 -30.78 -15.96
C PRO E 159 0.32 -29.61 -16.95
N ALA E 160 0.29 -28.39 -16.44
CA ALA E 160 0.03 -27.25 -17.33
C ALA E 160 0.97 -26.07 -17.18
N THR E 161 1.75 -26.05 -16.10
CA THR E 161 2.88 -25.12 -16.05
C THR E 161 4.14 -25.87 -15.65
N THR E 162 5.28 -25.24 -15.86
CA THR E 162 6.54 -25.88 -15.53
C THR E 162 7.30 -25.03 -14.55
N LEU E 163 7.88 -25.69 -13.56
CA LEU E 163 8.65 -24.97 -12.54
C LEU E 163 10.09 -25.45 -12.59
N HIS E 164 11.01 -24.51 -12.72
CA HIS E 164 12.43 -24.83 -12.74
C HIS E 164 13.11 -24.14 -11.58
N GLU E 165 13.78 -24.89 -10.74
CA GLU E 165 14.49 -24.27 -9.64
C GLU E 165 15.65 -23.51 -10.27
N LEU E 166 15.89 -22.29 -9.83
CA LEU E 166 16.98 -21.51 -10.37
C LEU E 166 17.98 -21.12 -9.32
N THR E 167 19.25 -21.44 -9.60
CA THR E 167 20.32 -21.08 -8.70
C THR E 167 21.44 -20.56 -9.58
N VAL E 168 21.84 -19.32 -9.34
CA VAL E 168 22.91 -18.75 -10.13
C VAL E 168 24.00 -18.30 -9.18
N ASP E 169 25.24 -18.73 -9.40
CA ASP E 169 26.28 -18.30 -8.48
C ASP E 169 26.34 -16.78 -8.66
N ARG E 170 26.35 -16.04 -7.54
CA ARG E 170 26.40 -14.58 -7.60
C ARG E 170 27.80 -13.95 -7.65
N ARG E 171 28.83 -14.74 -7.40
CA ARG E 171 30.21 -14.25 -7.42
C ARG E 171 30.77 -13.98 -8.83
N PHE E 172 30.29 -14.70 -9.82
CA PHE E 172 30.81 -14.55 -11.18
C PHE E 172 29.94 -13.67 -12.10
N ALA E 173 28.75 -13.31 -11.64
CA ALA E 173 27.76 -12.69 -12.49
C ALA E 173 28.09 -11.26 -12.83
N ARG E 174 28.12 -10.97 -14.12
CA ARG E 174 28.20 -9.60 -14.60
C ARG E 174 27.02 -9.43 -15.54
N PHE E 175 26.45 -8.24 -15.55
CA PHE E 175 25.30 -7.99 -16.39
C PHE E 175 25.75 -7.68 -17.81
N HIS E 176 25.03 -8.22 -18.79
CA HIS E 176 25.34 -7.92 -20.18
C HIS E 176 25.23 -6.45 -20.43
N ALA E 177 26.03 -5.91 -21.36
CA ALA E 177 25.98 -4.48 -21.64
C ALA E 177 24.54 -4.03 -22.02
N ASP E 178 23.80 -4.92 -22.66
CA ASP E 178 22.41 -4.68 -23.08
C ASP E 178 21.36 -4.64 -21.96
N ALA E 179 21.71 -5.13 -20.78
CA ALA E 179 20.70 -5.28 -19.75
C ALA E 179 20.22 -3.90 -19.30
N PRO E 180 18.91 -3.75 -19.14
CA PRO E 180 18.26 -2.50 -18.77
C PRO E 180 18.70 -2.01 -17.40
N GLY E 181 18.95 -0.71 -17.30
CA GLY E 181 19.51 -0.13 -16.10
C GLY E 181 21.01 0.12 -16.29
N SER E 187 19.11 0.51 -7.55
CA SER E 187 19.08 1.93 -7.17
C SER E 187 17.70 2.55 -7.32
N SER E 188 16.92 1.98 -8.23
CA SER E 188 15.57 2.42 -8.51
C SER E 188 14.77 1.50 -7.60
N VAL E 189 15.50 0.68 -6.85
CA VAL E 189 14.94 -0.29 -5.90
C VAL E 189 15.42 -0.02 -4.47
N ARG E 190 14.59 -0.43 -3.50
CA ARG E 190 14.90 -0.26 -2.08
C ARG E 190 14.80 -1.58 -1.26
N LEU E 191 15.79 -1.83 -0.41
CA LEU E 191 15.69 -2.90 0.59
C LEU E 191 14.81 -2.42 1.75
N VAL E 192 13.77 -3.20 2.06
CA VAL E 192 12.76 -2.83 3.04
C VAL E 192 12.28 -4.04 3.80
N ARG E 193 11.59 -3.81 4.91
CA ARG E 193 10.92 -4.89 5.65
C ARG E 193 9.57 -5.14 5.02
N PRO E 194 9.29 -6.40 4.69
CA PRO E 194 8.04 -6.81 4.02
C PRO E 194 6.74 -6.37 4.72
N THR E 195 6.67 -6.49 6.05
CA THR E 195 5.42 -6.17 6.76
C THR E 195 5.07 -4.68 6.64
N GLU E 196 6.03 -3.87 6.22
CA GLU E 196 5.81 -2.44 6.13
C GLU E 196 5.44 -2.00 4.73
N HIS E 197 5.23 -2.96 3.82
CA HIS E 197 4.97 -2.61 2.42
C HIS E 197 3.95 -3.53 1.75
N ARG E 198 3.14 -4.18 2.59
CA ARG E 198 2.07 -5.06 2.14
C ARG E 198 1.20 -4.44 1.05
N GLY E 199 0.87 -3.16 1.20
CA GLY E 199 0.05 -2.48 0.22
C GLY E 199 0.73 -2.41 -1.13
N GLU E 200 2.01 -2.12 -1.14
CA GLU E 200 2.78 -2.03 -2.38
C GLU E 200 2.85 -3.39 -3.07
N PHE E 201 3.09 -4.44 -2.30
CA PHE E 201 3.16 -5.79 -2.84
C PHE E 201 1.82 -6.19 -3.45
N GLU E 202 0.74 -5.82 -2.76
CA GLU E 202 -0.60 -6.13 -3.20
C GLU E 202 -0.88 -5.50 -4.55
N ALA E 203 -0.54 -4.22 -4.72
CA ALA E 203 -0.82 -3.56 -5.96
C ALA E 203 -0.03 -4.24 -7.07
N ILE E 204 1.26 -4.40 -6.82
CA ILE E 204 2.16 -4.98 -7.78
C ILE E 204 1.66 -6.35 -8.20
N TYR E 205 1.37 -7.20 -7.22
CA TYR E 205 0.90 -8.56 -7.47
C TYR E 205 -0.40 -8.59 -8.28
N GLU E 206 -1.28 -7.65 -8.00
CA GLU E 206 -2.56 -7.62 -8.68
C GLU E 206 -2.42 -7.28 -10.18
N ARG E 207 -1.56 -6.31 -10.50
CA ARG E 207 -1.20 -6.01 -11.88
C ARG E 207 -0.59 -7.24 -12.55
N TRP E 208 0.46 -7.79 -11.93
CA TRP E 208 1.12 -9.00 -12.46
C TRP E 208 0.21 -10.19 -12.75
N ARG E 209 -0.65 -10.55 -11.81
CA ARG E 209 -1.47 -11.75 -11.98
C ARG E 209 -2.56 -11.58 -13.02
N GLN E 210 -2.86 -10.32 -13.34
CA GLN E 210 -3.83 -10.03 -14.37
C GLN E 210 -3.22 -10.07 -15.76
N GLN E 211 -1.89 -10.10 -15.82
CA GLN E 211 -1.16 -10.02 -17.07
C GLN E 211 -0.52 -11.33 -17.52
N VAL E 212 -0.50 -12.33 -16.64
CA VAL E 212 0.26 -13.53 -16.93
C VAL E 212 -0.55 -14.84 -16.93
N PRO E 213 -0.52 -15.56 -18.04
CA PRO E 213 -1.21 -16.86 -17.93
C PRO E 213 -0.67 -17.65 -16.76
N GLY E 214 -1.55 -18.04 -15.83
CA GLY E 214 -1.15 -18.78 -14.65
C GLY E 214 -1.33 -17.97 -13.37
N GLY E 215 -1.36 -16.65 -13.52
CA GLY E 215 -1.66 -15.76 -12.42
C GLY E 215 -2.91 -16.23 -11.70
N LEU E 216 -2.93 -16.06 -10.38
CA LEU E 216 -4.09 -16.36 -9.54
C LEU E 216 -4.35 -15.17 -8.63
N LEU E 217 -5.62 -14.80 -8.47
CA LEU E 217 -5.96 -13.75 -7.53
C LEU E 217 -5.54 -14.18 -6.12
N ARG E 218 -4.76 -13.36 -5.44
CA ARG E 218 -4.41 -13.66 -4.06
C ARG E 218 -5.28 -12.90 -3.03
N PRO E 219 -6.24 -13.59 -2.41
CA PRO E 219 -7.16 -12.96 -1.45
C PRO E 219 -6.46 -12.58 -0.15
N GLN E 220 -6.97 -11.55 0.52
CA GLN E 220 -6.39 -11.04 1.77
C GLN E 220 -5.86 -12.11 2.73
N VAL E 221 -6.59 -13.20 2.88
CA VAL E 221 -6.21 -14.22 3.85
C VAL E 221 -4.85 -14.84 3.49
N LEU E 222 -4.54 -14.89 2.20
CA LEU E 222 -3.27 -15.46 1.79
C LEU E 222 -2.12 -14.44 1.87
N TRP E 223 -2.45 -13.18 1.71
CA TRP E 223 -1.47 -12.15 2.05
C TRP E 223 -1.14 -12.24 3.54
N ASP E 224 -2.17 -12.40 4.37
CA ASP E 224 -1.96 -12.61 5.80
C ASP E 224 -0.96 -13.76 6.00
N GLU E 225 -1.30 -14.93 5.48
CA GLU E 225 -0.46 -16.10 5.68
C GLU E 225 0.94 -15.89 5.08
N LEU E 226 0.99 -15.35 3.88
CA LEU E 226 2.27 -15.08 3.24
C LEU E 226 3.09 -14.04 4.02
N LEU E 227 2.40 -13.00 4.48
CA LEU E 227 3.05 -11.92 5.22
C LEU E 227 3.64 -12.37 6.56
N ALA E 228 2.90 -13.22 7.27
CA ALA E 228 3.34 -13.71 8.57
C ALA E 228 4.62 -14.52 8.46
N GLU E 229 4.71 -15.34 7.41
CA GLU E 229 5.86 -16.19 7.19
C GLU E 229 7.16 -15.41 6.94
N CYS E 230 7.10 -14.09 6.97
CA CYS E 230 8.30 -13.28 6.82
C CYS E 230 9.05 -13.15 8.13
N LYS E 231 8.31 -13.17 9.23
CA LYS E 231 8.92 -13.06 10.55
C LYS E 231 9.64 -14.36 10.90
N ALA E 232 10.82 -14.20 11.48
CA ALA E 232 11.66 -15.33 11.81
C ALA E 232 10.93 -16.24 12.78
N ALA E 233 11.19 -17.54 12.67
CA ALA E 233 10.57 -18.51 13.55
C ALA E 233 11.65 -19.31 14.25
N PRO E 234 11.56 -19.44 15.56
CA PRO E 234 12.57 -20.21 16.27
C PRO E 234 12.52 -21.64 15.77
N GLY E 235 13.69 -22.22 15.48
CA GLY E 235 13.76 -23.57 14.99
C GLY E 235 13.30 -23.69 13.55
N GLY E 236 13.12 -22.55 12.88
CA GLY E 236 12.69 -22.58 11.49
C GLY E 236 13.34 -21.54 10.59
N ASP E 237 12.52 -20.93 9.75
CA ASP E 237 12.97 -19.98 8.73
C ASP E 237 13.45 -18.64 9.29
N ARG E 238 14.41 -18.01 8.60
CA ARG E 238 14.97 -16.72 9.03
C ARG E 238 14.14 -15.54 8.58
N GLU E 239 14.38 -14.37 9.15
CA GLU E 239 13.64 -13.19 8.75
C GLU E 239 13.88 -12.89 7.28
N SER E 240 12.84 -12.42 6.59
CA SER E 240 12.92 -12.16 5.15
C SER E 240 12.92 -10.67 4.83
N PHE E 241 13.83 -10.26 3.96
CA PHE E 241 13.96 -8.87 3.55
C PHE E 241 13.54 -8.70 2.09
N ALA E 242 12.69 -7.71 1.84
CA ALA E 242 12.17 -7.45 0.51
C ALA E 242 13.04 -6.53 -0.35
N LEU E 243 12.91 -6.68 -1.66
CA LEU E 243 13.46 -5.71 -2.58
C LEU E 243 12.33 -5.05 -3.36
N LEU E 244 12.17 -3.74 -3.20
CA LEU E 244 10.98 -3.05 -3.68
C LEU E 244 11.26 -2.07 -4.82
N HIS E 245 10.53 -2.28 -5.91
CA HIS E 245 10.63 -1.42 -7.09
C HIS E 245 9.21 -0.93 -7.38
N PRO E 246 9.08 0.19 -8.10
CA PRO E 246 7.71 0.60 -8.39
C PRO E 246 6.89 -0.46 -9.16
N ASP E 247 7.54 -1.26 -10.01
CA ASP E 247 6.84 -2.22 -10.85
C ASP E 247 7.25 -3.66 -10.59
N GLY E 248 7.79 -3.90 -9.41
CA GLY E 248 8.12 -5.24 -9.00
C GLY E 248 8.59 -5.29 -7.57
N TYR E 249 8.56 -6.50 -7.01
CA TYR E 249 9.23 -6.72 -5.75
C TYR E 249 9.87 -8.10 -5.74
N ALA E 250 10.62 -8.36 -4.67
CA ALA E 250 11.21 -9.68 -4.38
C ALA E 250 11.28 -9.87 -2.87
N LEU E 251 10.75 -10.98 -2.38
CA LEU E 251 11.00 -11.39 -1.01
C LEU E 251 12.05 -12.48 -0.97
N TYR E 252 13.07 -12.30 -0.13
CA TYR E 252 14.14 -13.28 -0.01
C TYR E 252 14.54 -13.55 1.44
N ARG E 253 14.89 -14.80 1.73
CA ARG E 253 15.32 -15.19 3.07
C ARG E 253 16.62 -15.99 3.02
N VAL E 254 17.55 -15.68 3.91
CA VAL E 254 18.80 -16.44 3.98
C VAL E 254 18.44 -17.85 4.42
N ASP E 255 19.13 -18.85 3.88
CA ASP E 255 18.81 -20.23 4.22
C ASP E 255 19.04 -20.57 5.70
N ARG E 256 18.28 -21.53 6.22
CA ARG E 256 18.46 -21.96 7.61
C ARG E 256 19.81 -22.62 7.90
N THR E 257 20.26 -23.53 7.03
CA THR E 257 21.53 -24.23 7.24
C THR E 257 22.73 -23.68 6.46
N ASP E 258 22.54 -23.42 5.17
CA ASP E 258 23.58 -22.87 4.30
C ASP E 258 23.55 -21.33 4.32
N LEU E 259 24.46 -20.73 5.09
CA LEU E 259 24.40 -19.30 5.36
C LEU E 259 25.01 -18.47 4.24
N LYS E 260 25.32 -19.15 3.14
CA LYS E 260 25.89 -18.52 1.96
C LYS E 260 24.89 -18.59 0.80
N LEU E 261 23.67 -19.07 1.09
CA LEU E 261 22.63 -19.19 0.07
C LEU E 261 21.44 -18.33 0.41
N ALA E 262 20.97 -17.55 -0.56
CA ALA E 262 19.75 -16.75 -0.37
C ALA E 262 18.62 -17.37 -1.20
N ARG E 263 17.45 -17.50 -0.59
CA ARG E 263 16.31 -18.12 -1.26
C ARG E 263 15.26 -17.07 -1.56
N VAL E 264 14.87 -16.95 -2.81
CA VAL E 264 13.86 -15.97 -3.13
C VAL E 264 12.54 -16.68 -3.10
N SER E 265 11.73 -16.34 -2.10
CA SER E 265 10.47 -17.03 -1.90
C SER E 265 9.48 -16.65 -3.00
N GLU E 266 9.56 -15.41 -3.44
CA GLU E 266 8.68 -14.89 -4.48
C GLU E 266 9.23 -13.61 -5.13
N LEU E 267 9.15 -13.57 -6.46
CA LEU E 267 9.56 -12.38 -7.20
C LEU E 267 8.43 -12.00 -8.15
N ARG E 268 7.95 -10.77 -8.05
CA ARG E 268 6.89 -10.33 -8.95
C ARG E 268 7.28 -9.06 -9.69
N ALA E 269 7.25 -9.14 -11.02
CA ALA E 269 7.58 -7.99 -11.85
C ALA E 269 6.55 -7.78 -12.96
N VAL E 270 6.12 -6.55 -13.15
CA VAL E 270 5.19 -6.24 -14.24
C VAL E 270 5.94 -5.77 -15.48
N THR E 271 7.12 -5.17 -15.30
CA THR E 271 7.89 -4.68 -16.44
C THR E 271 9.28 -5.30 -16.46
N ALA E 272 9.93 -5.24 -17.62
CA ALA E 272 11.24 -5.84 -17.79
C ALA E 272 12.32 -5.04 -17.06
N ASP E 273 12.03 -3.79 -16.76
CA ASP E 273 13.02 -3.01 -16.07
C ASP E 273 13.03 -3.35 -14.60
N ALA E 274 11.85 -3.58 -14.03
CA ALA E 274 11.79 -3.92 -12.61
C ALA E 274 12.42 -5.29 -12.41
N HIS E 275 12.22 -6.18 -13.37
CA HIS E 275 12.73 -7.52 -13.28
C HIS E 275 14.23 -7.51 -13.22
N CYS E 276 14.82 -6.63 -14.03
CA CYS E 276 16.25 -6.50 -14.13
C CYS E 276 16.85 -5.66 -13.02
N ALA E 277 16.08 -4.72 -12.48
CA ALA E 277 16.56 -3.91 -11.36
C ALA E 277 16.65 -4.79 -10.10
N LEU E 278 15.62 -5.58 -9.90
CA LEU E 278 15.57 -6.51 -8.80
C LEU E 278 16.72 -7.49 -8.90
N TRP E 279 16.95 -8.03 -10.08
CA TRP E 279 18.05 -8.98 -10.20
C TRP E 279 19.44 -8.36 -9.95
N ARG E 280 19.62 -7.10 -10.33
CA ARG E 280 20.88 -6.40 -10.06
C ARG E 280 21.10 -6.26 -8.57
N ALA E 281 20.01 -6.07 -7.85
CA ALA E 281 20.06 -5.95 -6.41
C ALA E 281 20.34 -7.30 -5.73
N LEU E 282 19.62 -8.35 -6.15
CA LEU E 282 19.87 -9.67 -5.60
C LEU E 282 21.32 -10.06 -5.86
N ILE E 283 21.76 -9.92 -7.10
CA ILE E 283 23.13 -10.20 -7.45
C ILE E 283 24.03 -9.41 -6.51
N GLY E 284 23.49 -8.33 -5.96
CA GLY E 284 24.27 -7.44 -5.11
C GLY E 284 24.42 -7.84 -3.65
N LEU E 285 23.81 -8.95 -3.24
CA LEU E 285 23.98 -9.43 -1.87
C LEU E 285 25.35 -10.07 -1.73
N ASP E 286 26.37 -9.24 -1.48
CA ASP E 286 27.78 -9.66 -1.50
C ASP E 286 28.17 -10.73 -0.48
N SER E 287 27.37 -10.85 0.57
CA SER E 287 27.59 -11.84 1.61
C SER E 287 27.06 -13.21 1.18
N MSE E 288 26.41 -13.26 0.03
CA MSE E 288 25.91 -14.53 -0.48
C MSE E 288 26.83 -15.07 -1.56
O MSE E 288 27.53 -14.33 -2.24
CB MSE E 288 24.49 -14.37 -1.02
CG MSE E 288 23.43 -13.95 0.00
SE MSE E 288 23.27 -15.12 1.57
CE MSE E 288 23.91 -13.89 2.92
N GLU E 289 26.81 -16.41 -1.69
CA GLU E 289 27.46 -17.10 -2.81
C GLU E 289 26.44 -17.45 -3.89
N ARG E 290 25.28 -17.93 -3.44
CA ARG E 290 24.24 -18.37 -4.35
C ARG E 290 22.90 -17.70 -4.05
N ILE E 291 22.12 -17.53 -5.10
CA ILE E 291 20.74 -17.08 -5.03
C ILE E 291 19.86 -18.14 -5.71
N SER E 292 18.75 -18.52 -5.09
CA SER E 292 17.88 -19.48 -5.74
C SER E 292 16.44 -19.01 -5.77
N ILE E 293 15.70 -19.44 -6.79
CA ILE E 293 14.34 -18.98 -7.05
C ILE E 293 13.58 -20.04 -7.84
N ILE E 294 12.30 -20.20 -7.56
CA ILE E 294 11.42 -20.99 -8.40
C ILE E 294 10.88 -20.03 -9.44
N THR E 295 10.94 -20.44 -10.69
CA THR E 295 10.54 -19.55 -11.77
C THR E 295 10.14 -20.37 -12.98
N HIS E 296 9.89 -19.70 -14.12
CA HIS E 296 9.41 -20.40 -15.29
C HIS E 296 10.52 -20.56 -16.34
N PRO E 297 10.30 -21.45 -17.31
CA PRO E 297 11.35 -21.73 -18.31
C PRO E 297 11.71 -20.51 -19.15
N GLN E 298 10.78 -19.56 -19.30
CA GLN E 298 10.99 -18.37 -20.11
C GLN E 298 11.46 -17.13 -19.33
N ASP E 299 11.85 -17.35 -18.09
CA ASP E 299 12.47 -16.32 -17.27
C ASP E 299 13.67 -15.80 -18.06
N PRO E 300 13.75 -14.48 -18.25
CA PRO E 300 14.86 -13.94 -19.03
C PRO E 300 16.18 -13.77 -18.28
N LEU E 301 16.25 -14.12 -16.99
CA LEU E 301 17.50 -13.94 -16.21
C LEU E 301 18.81 -14.36 -16.89
N PRO E 302 18.88 -15.60 -17.40
CA PRO E 302 20.09 -16.08 -18.07
C PRO E 302 20.61 -15.06 -19.06
N HIS E 303 19.69 -14.51 -19.85
CA HIS E 303 20.04 -13.59 -20.90
C HIS E 303 20.47 -12.19 -20.44
N LEU E 304 20.15 -11.82 -19.21
CA LEU E 304 20.62 -10.54 -18.68
C LEU E 304 22.11 -10.56 -18.31
N LEU E 305 22.70 -11.76 -18.29
CA LEU E 305 24.08 -11.95 -17.79
C LEU E 305 25.09 -12.22 -18.91
N THR E 306 26.36 -11.90 -18.69
CA THR E 306 27.38 -12.16 -19.69
C THR E 306 27.62 -13.67 -19.91
N ASP E 307 27.41 -14.47 -18.86
CA ASP E 307 27.56 -15.92 -18.91
C ASP E 307 26.22 -16.56 -18.54
N THR E 308 25.42 -16.90 -19.55
CA THR E 308 24.07 -17.38 -19.29
C THR E 308 24.05 -18.63 -18.42
N ARG E 309 25.19 -19.33 -18.36
CA ARG E 309 25.30 -20.59 -17.59
C ARG E 309 25.22 -20.36 -16.09
N LEU E 310 25.55 -19.15 -15.66
CA LEU E 310 25.53 -18.82 -14.24
C LEU E 310 24.13 -18.98 -13.68
N ALA E 311 23.12 -18.60 -14.45
CA ALA E 311 21.75 -18.78 -14.02
C ALA E 311 21.37 -20.20 -14.39
N ARG E 312 22.02 -21.15 -13.71
CA ARG E 312 21.83 -22.57 -13.94
C ARG E 312 20.49 -23.09 -13.46
N THR E 313 19.99 -24.12 -14.14
CA THR E 313 18.74 -24.76 -13.74
C THR E 313 19.15 -25.96 -12.90
N THR E 314 18.65 -26.03 -11.68
CA THR E 314 19.04 -27.09 -10.76
C THR E 314 17.90 -28.05 -10.41
N TRP E 315 16.70 -27.72 -10.87
CA TRP E 315 15.53 -28.54 -10.62
C TRP E 315 14.44 -28.28 -11.66
N ARG E 316 13.82 -29.35 -12.17
CA ARG E 316 12.76 -29.18 -13.17
C ARG E 316 11.54 -30.05 -12.82
N GLN E 317 10.37 -29.43 -12.71
CA GLN E 317 9.17 -30.19 -12.39
C GLN E 317 7.85 -29.49 -12.73
N ASP E 318 6.79 -30.28 -12.82
CA ASP E 318 5.46 -29.77 -13.10
C ASP E 318 4.99 -28.89 -11.96
N GLY E 319 4.15 -27.93 -12.28
CA GLY E 319 3.60 -27.03 -11.29
C GLY E 319 2.10 -27.23 -11.18
N LEU E 320 1.34 -26.25 -11.69
CA LEU E 320 -0.12 -26.30 -11.70
C LEU E 320 -0.65 -27.32 -12.68
N TRP E 321 -1.69 -28.04 -12.29
CA TRP E 321 -2.34 -28.99 -13.19
C TRP E 321 -3.75 -28.55 -13.48
N LEU E 322 -4.22 -28.78 -14.71
CA LEU E 322 -5.59 -28.40 -15.04
C LEU E 322 -6.46 -29.56 -15.51
N ARG E 323 -7.72 -29.51 -15.10
CA ARG E 323 -8.75 -30.36 -15.67
C ARG E 323 -9.78 -29.49 -16.36
N ILE E 324 -9.95 -29.71 -17.66
CA ILE E 324 -11.01 -29.04 -18.40
C ILE E 324 -12.39 -29.61 -18.01
N MSE E 325 -13.19 -28.83 -17.30
CA MSE E 325 -14.53 -29.29 -16.92
C MSE E 325 -15.52 -29.18 -18.09
O MSE E 325 -16.25 -30.12 -18.41
CB MSE E 325 -15.09 -28.50 -15.73
CG MSE E 325 -14.16 -28.32 -14.51
SE MSE E 325 -13.69 -29.92 -13.48
CE MSE E 325 -15.47 -30.72 -13.24
N ASN E 326 -15.54 -28.01 -18.71
CA ASN E 326 -16.45 -27.75 -19.82
C ASN E 326 -15.65 -27.41 -21.07
N VAL E 327 -15.52 -28.36 -22.00
CA VAL E 327 -14.72 -28.16 -23.21
C VAL E 327 -15.09 -26.85 -23.94
N PRO E 328 -16.33 -26.75 -24.46
CA PRO E 328 -16.74 -25.53 -25.16
C PRO E 328 -16.46 -24.25 -24.35
N ALA E 329 -16.83 -24.22 -23.08
CA ALA E 329 -16.58 -23.04 -22.27
C ALA E 329 -15.09 -22.72 -22.22
N ALA E 330 -14.28 -23.74 -21.91
CA ALA E 330 -12.84 -23.57 -21.76
C ALA E 330 -12.14 -23.09 -23.03
N LEU E 331 -12.50 -23.67 -24.16
CA LEU E 331 -11.82 -23.34 -25.41
C LEU E 331 -12.29 -21.99 -25.94
N GLU E 332 -13.53 -21.62 -25.65
CA GLU E 332 -14.04 -20.33 -26.10
C GLU E 332 -13.61 -19.19 -25.18
N ALA E 333 -13.28 -19.56 -23.94
CA ALA E 333 -12.81 -18.62 -22.93
C ALA E 333 -11.44 -18.02 -23.20
N ARG E 334 -10.54 -18.84 -23.73
CA ARG E 334 -9.16 -18.46 -23.93
C ARG E 334 -8.87 -17.90 -25.32
N GLY E 335 -8.06 -16.85 -25.35
CA GLY E 335 -7.58 -16.26 -26.59
C GLY E 335 -6.49 -17.10 -27.23
N TYR E 336 -6.41 -17.06 -28.56
CA TYR E 336 -5.44 -17.85 -29.30
C TYR E 336 -4.48 -16.97 -30.09
N ALA E 337 -3.49 -17.60 -30.70
CA ALA E 337 -2.51 -16.86 -31.48
C ALA E 337 -3.14 -16.25 -32.73
N HIS E 338 -2.88 -14.98 -32.98
CA HIS E 338 -3.37 -14.32 -34.19
C HIS E 338 -2.53 -14.76 -35.36
N GLU E 339 -1.26 -15.05 -35.07
CA GLU E 339 -0.29 -15.31 -36.14
C GLU E 339 -0.50 -16.64 -36.86
N VAL E 340 -1.60 -17.33 -36.55
CA VAL E 340 -1.97 -18.51 -37.31
C VAL E 340 -3.32 -18.29 -37.99
N GLY E 341 -3.37 -18.57 -39.28
CA GLY E 341 -4.57 -18.29 -40.04
C GLY E 341 -5.71 -19.23 -39.72
N GLU E 342 -6.92 -18.74 -39.93
CA GLU E 342 -8.15 -19.46 -39.63
C GLU E 342 -8.20 -20.92 -40.11
N PHE E 343 -8.72 -21.80 -39.25
CA PHE E 343 -8.86 -23.23 -39.56
C PHE E 343 -9.96 -23.90 -38.73
N SER E 344 -10.47 -25.04 -39.20
CA SER E 344 -11.53 -25.76 -38.48
C SER E 344 -11.23 -27.26 -38.32
N THR E 345 -11.57 -27.82 -37.16
CA THR E 345 -11.36 -29.24 -36.88
C THR E 345 -12.30 -29.81 -35.81
N VAL E 346 -12.43 -31.12 -35.78
CA VAL E 346 -13.26 -31.78 -34.78
C VAL E 346 -12.32 -32.42 -33.79
N LEU E 347 -12.49 -32.07 -32.52
CA LEU E 347 -11.64 -32.60 -31.47
C LEU E 347 -12.43 -33.55 -30.60
N GLU E 348 -11.91 -34.76 -30.42
CA GLU E 348 -12.61 -35.72 -29.59
C GLU E 348 -11.83 -36.01 -28.31
N VAL E 349 -12.52 -35.81 -27.20
CA VAL E 349 -11.99 -36.10 -25.88
C VAL E 349 -12.51 -37.45 -25.48
N SER E 350 -11.60 -38.36 -25.11
CA SER E 350 -11.99 -39.71 -24.73
C SER E 350 -13.06 -39.64 -23.66
N ASP E 351 -14.24 -40.18 -24.00
CA ASP E 351 -15.39 -40.21 -23.10
C ASP E 351 -15.73 -38.83 -22.50
N GLY E 352 -15.74 -37.83 -23.37
CA GLY E 352 -16.17 -36.48 -23.05
C GLY E 352 -16.81 -35.91 -24.29
N GLY E 353 -17.02 -36.76 -25.28
CA GLY E 353 -17.79 -36.43 -26.46
C GLY E 353 -16.95 -35.78 -27.54
N ARG E 354 -17.62 -35.26 -28.57
CA ARG E 354 -16.89 -34.72 -29.67
C ARG E 354 -17.19 -33.24 -29.80
N PHE E 355 -16.25 -32.49 -30.35
CA PHE E 355 -16.42 -31.05 -30.46
C PHE E 355 -15.96 -30.44 -31.78
N ALA E 356 -16.77 -29.55 -32.32
CA ALA E 356 -16.39 -28.86 -33.54
C ALA E 356 -15.74 -27.58 -33.04
N LEU E 357 -14.44 -27.44 -33.32
CA LEU E 357 -13.71 -26.28 -32.84
C LEU E 357 -13.19 -25.44 -34.00
N LYS E 358 -13.50 -24.16 -33.96
CA LYS E 358 -13.03 -23.25 -34.98
C LYS E 358 -12.20 -22.14 -34.35
N ILE E 359 -10.98 -21.97 -34.84
CA ILE E 359 -10.11 -20.90 -34.37
C ILE E 359 -9.63 -20.00 -35.50
N GLY E 360 -9.95 -18.71 -35.35
CA GLY E 360 -9.54 -17.69 -36.28
C GLY E 360 -9.49 -16.33 -35.60
N ASP E 361 -8.55 -15.49 -36.01
CA ASP E 361 -8.44 -14.14 -35.47
C ASP E 361 -8.31 -14.11 -33.95
N GLY E 362 -7.62 -15.09 -33.38
CA GLY E 362 -7.40 -15.13 -31.95
C GLY E 362 -8.58 -15.55 -31.09
N ARG E 363 -9.64 -16.07 -31.72
CA ARG E 363 -10.82 -16.51 -30.96
C ARG E 363 -11.22 -17.92 -31.37
N ALA E 364 -11.95 -18.61 -30.51
CA ALA E 364 -12.38 -19.96 -30.86
C ALA E 364 -13.89 -20.10 -30.80
N ARG E 365 -14.41 -20.98 -31.65
CA ARG E 365 -15.78 -21.38 -31.52
C ARG E 365 -15.78 -22.88 -31.32
N CYS E 366 -16.31 -23.31 -30.19
CA CYS E 366 -16.34 -24.74 -29.87
C CYS E 366 -17.72 -25.22 -29.48
N THR E 367 -18.27 -26.11 -30.28
CA THR E 367 -19.58 -26.69 -29.97
C THR E 367 -19.51 -28.17 -30.18
N PRO E 368 -20.34 -28.92 -29.42
CA PRO E 368 -20.42 -30.38 -29.54
C PRO E 368 -20.92 -30.73 -30.93
N THR E 369 -20.78 -31.98 -31.33
CA THR E 369 -21.10 -32.37 -32.70
C THR E 369 -21.14 -33.89 -32.77
N ASP E 370 -21.11 -34.41 -34.00
CA ASP E 370 -21.10 -35.84 -34.21
C ASP E 370 -20.26 -36.17 -35.43
N ALA E 371 -19.67 -35.14 -36.05
CA ALA E 371 -18.82 -35.38 -37.20
C ALA E 371 -17.66 -36.26 -36.79
N ALA E 372 -17.06 -36.96 -37.74
CA ALA E 372 -15.87 -37.73 -37.45
C ALA E 372 -14.90 -36.82 -36.71
N ALA E 373 -14.17 -37.38 -35.77
CA ALA E 373 -13.22 -36.62 -35.01
C ALA E 373 -11.92 -36.60 -35.77
N GLU E 374 -11.43 -35.42 -36.08
CA GLU E 374 -10.16 -35.28 -36.78
C GLU E 374 -8.98 -35.51 -35.85
N ILE E 375 -9.18 -35.26 -34.57
CA ILE E 375 -8.13 -35.48 -33.58
C ILE E 375 -8.74 -35.99 -32.28
N GLU E 376 -8.03 -36.88 -31.59
CA GLU E 376 -8.56 -37.39 -30.32
C GLU E 376 -7.51 -37.37 -29.21
N MSE E 377 -7.98 -37.22 -27.97
CA MSE E 377 -7.09 -37.14 -26.83
C MSE E 377 -7.83 -37.34 -25.54
O MSE E 377 -8.98 -36.94 -25.41
CB MSE E 377 -6.40 -35.77 -26.78
CG MSE E 377 -7.26 -34.67 -26.17
SE MSE E 377 -6.52 -32.85 -26.41
CE MSE E 377 -6.68 -32.76 -28.34
N ASP E 378 -7.14 -37.94 -24.58
CA ASP E 378 -7.63 -38.03 -23.22
C ASP E 378 -7.86 -36.64 -22.68
N ARG E 379 -8.73 -36.54 -21.68
CA ARG E 379 -9.08 -35.26 -21.06
C ARG E 379 -7.90 -34.56 -20.39
N ASP E 380 -7.04 -35.32 -19.74
CA ASP E 380 -5.89 -34.76 -19.02
C ASP E 380 -4.95 -34.01 -19.97
N VAL E 381 -4.77 -34.56 -21.16
CA VAL E 381 -3.88 -33.94 -22.15
C VAL E 381 -4.35 -32.55 -22.57
N LEU E 382 -5.66 -32.38 -22.72
CA LEU E 382 -6.20 -31.09 -23.14
C LEU E 382 -5.81 -30.01 -22.12
N GLY E 383 -5.74 -30.42 -20.86
CA GLY E 383 -5.33 -29.53 -19.82
C GLY E 383 -3.89 -29.11 -20.07
N SER E 384 -3.04 -30.11 -20.28
CA SER E 384 -1.63 -29.87 -20.55
C SER E 384 -1.39 -28.85 -21.68
N LEU E 385 -2.37 -28.72 -22.58
CA LEU E 385 -2.22 -27.83 -23.71
C LEU E 385 -2.81 -26.48 -23.38
N TYR E 386 -3.82 -26.48 -22.51
CA TYR E 386 -4.67 -25.31 -22.34
C TYR E 386 -3.91 -24.01 -22.11
N LEU E 387 -2.81 -24.09 -21.39
CA LEU E 387 -2.08 -22.87 -21.08
C LEU E 387 -0.88 -22.57 -21.97
N GLY E 388 -0.43 -23.53 -22.80
CA GLY E 388 0.67 -23.26 -23.71
C GLY E 388 2.03 -23.78 -23.30
N ALA E 389 2.11 -24.41 -22.13
CA ALA E 389 3.37 -24.94 -21.60
C ALA E 389 3.81 -26.22 -22.31
N HIS E 390 2.88 -26.88 -22.97
CA HIS E 390 3.24 -28.06 -23.72
C HIS E 390 2.79 -27.95 -25.16
N ARG E 391 3.67 -28.36 -26.06
CA ARG E 391 3.39 -28.38 -27.48
C ARG E 391 2.62 -29.64 -27.86
N ALA E 392 1.49 -29.48 -28.55
CA ALA E 392 0.71 -30.61 -29.02
C ALA E 392 1.50 -31.62 -29.87
N SER E 393 2.54 -31.17 -30.58
CA SER E 393 3.31 -32.08 -31.46
C SER E 393 4.16 -33.07 -30.65
N THR E 394 4.64 -32.63 -29.50
CA THR E 394 5.40 -33.51 -28.65
C THR E 394 4.48 -34.59 -28.07
N LEU E 395 3.34 -34.17 -27.53
CA LEU E 395 2.37 -35.12 -26.97
C LEU E 395 1.92 -36.11 -28.04
N ALA E 396 1.67 -35.58 -29.24
CA ALA E 396 1.44 -36.41 -30.42
C ALA E 396 2.54 -37.45 -30.59
N ALA E 397 3.79 -37.02 -30.44
CA ALA E 397 4.92 -37.93 -30.57
C ALA E 397 4.89 -39.06 -29.54
N ALA E 398 4.16 -38.83 -28.45
CA ALA E 398 4.06 -39.79 -27.36
C ALA E 398 2.73 -40.50 -27.42
N ASN E 399 2.11 -40.43 -28.59
CA ASN E 399 0.78 -40.97 -28.81
C ASN E 399 -0.28 -40.54 -27.78
N ARG E 400 -0.09 -39.40 -27.14
CA ARG E 400 -1.08 -38.92 -26.18
C ARG E 400 -2.15 -38.05 -26.85
N LEU E 401 -1.87 -37.59 -28.06
CA LEU E 401 -2.92 -37.01 -28.88
C LEU E 401 -2.69 -37.42 -30.32
N ARG E 402 -3.75 -37.97 -30.91
CA ARG E 402 -3.65 -38.61 -32.21
C ARG E 402 -4.45 -37.86 -33.29
N THR E 403 -4.04 -38.09 -34.53
CA THR E 403 -4.67 -37.52 -35.71
C THR E 403 -3.89 -38.03 -36.92
N LYS E 404 -4.46 -37.90 -38.12
CA LYS E 404 -3.74 -38.37 -39.29
C LYS E 404 -3.26 -37.20 -40.13
N ASP E 405 -3.57 -35.99 -39.69
CA ASP E 405 -3.27 -34.80 -40.47
C ASP E 405 -2.15 -33.98 -39.85
N SER E 406 -0.92 -34.25 -40.25
CA SER E 406 0.25 -33.57 -39.72
C SER E 406 0.08 -32.03 -39.71
N GLN E 407 -0.68 -31.52 -40.67
CA GLN E 407 -0.91 -30.08 -40.81
C GLN E 407 -1.73 -29.47 -39.67
N LEU E 408 -2.73 -30.22 -39.23
CA LEU E 408 -3.54 -29.87 -38.07
C LEU E 408 -2.70 -29.76 -36.79
N LEU E 409 -1.77 -30.70 -36.59
CA LEU E 409 -0.83 -30.63 -35.47
C LEU E 409 -0.18 -29.26 -35.39
N ARG E 410 0.50 -28.89 -36.47
CA ARG E 410 1.22 -27.63 -36.50
C ARG E 410 0.31 -26.46 -36.17
N ARG E 411 -0.93 -26.52 -36.67
CA ARG E 411 -1.91 -25.45 -36.42
C ARG E 411 -2.31 -25.32 -34.94
N LEU E 412 -2.50 -26.45 -34.27
CA LEU E 412 -2.81 -26.46 -32.84
C LEU E 412 -1.60 -25.99 -32.03
N ASP E 413 -0.45 -26.60 -32.30
CA ASP E 413 0.80 -26.13 -31.73
C ASP E 413 0.78 -24.61 -31.73
N ALA E 414 0.53 -24.07 -32.92
CA ALA E 414 0.59 -22.65 -33.15
C ALA E 414 -0.52 -21.91 -32.43
N ALA E 415 -1.75 -22.40 -32.61
CA ALA E 415 -2.94 -21.73 -32.08
C ALA E 415 -2.88 -21.61 -30.57
N PHE E 416 -2.55 -22.71 -29.91
CA PHE E 416 -2.65 -22.82 -28.46
C PHE E 416 -1.46 -22.18 -27.76
N ALA E 417 -0.44 -21.81 -28.52
CA ALA E 417 0.72 -21.17 -27.94
C ALA E 417 0.35 -19.86 -27.25
N SER E 418 1.05 -19.53 -26.17
CA SER E 418 0.76 -18.30 -25.44
C SER E 418 1.71 -17.16 -25.81
N ASP E 419 1.14 -16.00 -26.12
CA ASP E 419 1.93 -14.82 -26.47
C ASP E 419 2.80 -14.46 -25.29
N VAL E 420 2.24 -14.57 -24.09
CA VAL E 420 2.96 -14.28 -22.87
C VAL E 420 3.23 -15.65 -22.27
N PRO E 421 4.49 -15.93 -21.95
CA PRO E 421 4.86 -17.22 -21.37
C PRO E 421 4.17 -17.46 -20.03
N VAL E 422 3.72 -18.68 -19.81
CA VAL E 422 3.02 -19.05 -18.58
C VAL E 422 3.89 -18.92 -17.33
N GLN E 423 3.28 -18.44 -16.27
CA GLN E 423 3.96 -18.28 -14.98
C GLN E 423 3.11 -18.93 -13.90
N THR E 424 3.77 -19.45 -12.87
CA THR E 424 3.06 -20.13 -11.79
C THR E 424 2.90 -19.14 -10.67
N ALA E 425 1.75 -19.15 -10.00
CA ALA E 425 1.41 -18.06 -9.09
C ALA E 425 1.81 -18.36 -7.65
N PHE E 426 1.09 -19.28 -7.03
CA PHE E 426 1.43 -19.78 -5.70
C PHE E 426 0.85 -21.18 -5.51
N GLU E 427 1.56 -22.02 -4.77
CA GLU E 427 1.14 -23.37 -4.47
C GLU E 427 -0.09 -23.38 -3.55
N PHE E 428 -0.97 -24.36 -3.69
CA PHE E 428 -2.18 -24.40 -2.85
C PHE E 428 -2.74 -25.82 -2.62
N THR F 28 57.50 -9.55 -31.78
CA THR F 28 57.11 -10.10 -30.48
C THR F 28 56.55 -11.55 -30.58
N VAL F 29 55.27 -11.69 -30.95
CA VAL F 29 54.66 -12.99 -31.32
C VAL F 29 54.18 -13.01 -32.79
N THR F 30 53.58 -14.11 -33.25
CA THR F 30 53.23 -14.25 -34.67
C THR F 30 52.08 -15.23 -34.97
N LEU F 31 51.08 -14.76 -35.72
CA LEU F 31 49.90 -15.55 -36.05
C LEU F 31 49.99 -16.07 -37.48
N CYS F 32 49.72 -17.37 -37.69
CA CYS F 32 49.92 -18.00 -39.00
C CYS F 32 49.51 -19.50 -39.06
N SER F 33 49.30 -20.01 -40.27
CA SER F 33 48.99 -21.44 -40.45
C SER F 33 50.11 -22.33 -39.89
N PRO F 34 49.73 -23.43 -39.22
CA PRO F 34 50.74 -24.37 -38.71
C PRO F 34 51.34 -25.23 -39.81
N THR F 35 52.65 -25.45 -39.74
CA THR F 35 53.26 -26.43 -40.63
C THR F 35 53.27 -27.78 -39.94
N GLU F 36 54.16 -28.65 -40.39
CA GLU F 36 54.29 -30.01 -39.89
C GLU F 36 55.10 -29.98 -38.59
N ASP F 37 56.04 -29.03 -38.50
CA ASP F 37 56.88 -28.85 -37.33
C ASP F 37 56.08 -28.42 -36.10
N ASP F 38 54.83 -28.02 -36.34
CA ASP F 38 53.97 -27.42 -35.31
C ASP F 38 53.05 -28.42 -34.65
N TRP F 39 52.97 -29.61 -35.23
CA TRP F 39 52.09 -30.66 -34.74
C TRP F 39 52.32 -31.01 -33.27
N PRO F 40 53.51 -31.53 -32.96
CA PRO F 40 53.83 -31.91 -31.58
C PRO F 40 53.43 -30.85 -30.57
N GLY F 41 53.79 -29.60 -30.85
CA GLY F 41 53.56 -28.49 -29.94
C GLY F 41 52.09 -28.32 -29.65
N MSE F 42 51.28 -28.56 -30.66
CA MSE F 42 49.84 -28.41 -30.54
C MSE F 42 49.25 -29.49 -29.65
O MSE F 42 48.51 -29.18 -28.74
CB MSE F 42 49.19 -28.38 -31.92
CG MSE F 42 49.40 -27.05 -32.62
SE MSE F 42 49.10 -27.11 -34.54
CE MSE F 42 47.18 -27.42 -34.49
N PHE F 43 49.61 -30.74 -29.92
CA PHE F 43 49.22 -31.85 -29.04
C PHE F 43 49.59 -31.57 -27.60
N LEU F 44 50.75 -30.96 -27.38
CA LEU F 44 51.15 -30.65 -26.03
C LEU F 44 50.13 -29.69 -25.42
N LEU F 45 50.00 -28.51 -26.03
CA LEU F 45 49.00 -27.54 -25.65
C LEU F 45 47.59 -28.12 -25.44
N ALA F 46 47.19 -29.07 -26.29
CA ALA F 46 45.84 -29.64 -26.21
C ALA F 46 45.69 -30.52 -24.97
N ALA F 47 46.60 -31.46 -24.82
CA ALA F 47 46.63 -32.33 -23.65
C ALA F 47 46.59 -31.55 -22.32
N ALA F 48 47.23 -30.38 -22.26
CA ALA F 48 47.29 -29.60 -21.03
C ALA F 48 46.13 -28.60 -20.95
N SER F 49 45.31 -28.59 -21.99
CA SER F 49 44.19 -27.65 -22.04
C SER F 49 42.86 -28.37 -21.93
N PHE F 50 42.84 -29.64 -22.37
CA PHE F 50 41.62 -30.44 -22.44
C PHE F 50 41.85 -31.83 -21.87
N THR F 51 41.18 -32.12 -20.74
CA THR F 51 41.43 -33.35 -19.98
C THR F 51 40.96 -34.60 -20.71
N ASP F 52 40.16 -34.40 -21.75
CA ASP F 52 39.61 -35.50 -22.54
C ASP F 52 40.47 -35.80 -23.77
N PHE F 53 41.43 -34.93 -24.05
CA PHE F 53 42.29 -35.07 -25.22
C PHE F 53 43.17 -36.32 -25.17
N ILE F 54 43.60 -36.73 -26.36
CA ILE F 54 44.49 -37.87 -26.57
C ILE F 54 45.22 -37.62 -27.89
N GLY F 55 46.53 -37.87 -27.92
CA GLY F 55 47.31 -37.67 -29.15
C GLY F 55 47.02 -38.54 -30.35
N PRO F 56 46.81 -39.83 -30.12
CA PRO F 56 46.50 -40.81 -31.17
C PRO F 56 45.12 -40.73 -31.82
N GLU F 57 44.10 -40.49 -31.00
CA GLU F 57 42.72 -40.45 -31.45
C GLU F 57 42.44 -39.22 -32.33
N SER F 58 42.96 -38.07 -31.90
CA SER F 58 42.78 -36.80 -32.61
C SER F 58 43.44 -36.62 -33.99
N ALA F 59 44.67 -37.10 -34.14
CA ALA F 59 45.42 -36.97 -35.39
C ALA F 59 44.53 -37.21 -36.61
N THR F 60 43.63 -38.18 -36.49
CA THR F 60 42.73 -38.49 -37.58
C THR F 60 41.62 -37.44 -37.71
N ALA F 61 40.87 -37.18 -36.65
CA ALA F 61 39.80 -36.20 -36.77
C ALA F 61 40.30 -34.84 -37.21
N TRP F 62 41.41 -34.37 -36.64
CA TRP F 62 41.95 -33.08 -37.03
C TRP F 62 42.38 -33.06 -38.47
N ARG F 63 43.11 -34.11 -38.86
CA ARG F 63 43.64 -34.25 -40.23
C ARG F 63 42.67 -34.43 -41.39
N THR F 64 41.65 -35.27 -41.20
CA THR F 64 40.68 -35.54 -42.26
C THR F 64 39.41 -34.69 -42.24
N LEU F 65 39.28 -33.82 -41.24
CA LEU F 65 38.10 -32.98 -41.13
C LEU F 65 38.38 -31.49 -41.09
N VAL F 66 39.62 -31.15 -40.79
CA VAL F 66 40.06 -29.76 -40.82
C VAL F 66 40.61 -29.46 -42.21
N PRO F 67 40.03 -28.46 -42.87
CA PRO F 67 40.42 -28.14 -44.24
C PRO F 67 41.84 -27.64 -44.22
N THR F 68 42.50 -27.72 -45.37
CA THR F 68 43.81 -27.10 -45.53
C THR F 68 43.72 -25.64 -45.08
N ASP F 69 44.72 -25.21 -44.32
CA ASP F 69 44.69 -23.87 -43.71
C ASP F 69 43.37 -23.52 -42.97
N GLY F 70 42.70 -24.53 -42.44
CA GLY F 70 41.64 -24.30 -41.48
C GLY F 70 42.22 -24.21 -40.07
N ALA F 71 43.51 -24.44 -39.95
CA ALA F 71 44.17 -24.40 -38.65
C ALA F 71 45.21 -23.28 -38.52
N VAL F 72 45.13 -22.54 -37.43
CA VAL F 72 46.06 -21.44 -37.16
C VAL F 72 46.65 -21.54 -35.75
N VAL F 73 47.90 -21.13 -35.60
CA VAL F 73 48.57 -21.18 -34.30
C VAL F 73 49.24 -19.84 -34.04
N VAL F 74 49.63 -19.61 -32.80
CA VAL F 74 50.43 -18.45 -32.43
C VAL F 74 51.71 -18.97 -31.81
N ARG F 75 52.84 -18.40 -32.22
CA ARG F 75 54.14 -18.88 -31.76
C ARG F 75 54.86 -17.80 -30.97
N ASP F 76 55.62 -18.21 -29.96
CA ASP F 76 56.45 -17.26 -29.20
C ASP F 76 57.65 -16.88 -30.07
N GLY F 77 57.63 -15.63 -30.56
CA GLY F 77 58.66 -15.12 -31.45
C GLY F 77 58.66 -15.80 -32.81
N ALA F 78 59.74 -15.63 -33.55
CA ALA F 78 59.86 -16.26 -34.86
C ALA F 78 61.10 -17.14 -35.00
N GLY F 79 61.36 -17.57 -36.23
CA GLY F 79 62.27 -18.67 -36.48
C GLY F 79 61.49 -19.92 -36.20
N PRO F 80 61.31 -20.79 -37.20
CA PRO F 80 60.48 -22.00 -37.12
C PRO F 80 60.61 -22.82 -35.84
N GLY F 81 59.56 -23.57 -35.55
CA GLY F 81 59.51 -24.43 -34.38
C GLY F 81 59.35 -23.62 -33.12
N SER F 82 59.15 -22.31 -33.26
CA SER F 82 58.89 -21.46 -32.11
C SER F 82 57.89 -22.17 -31.20
N GLU F 83 57.89 -21.82 -29.93
CA GLU F 83 56.95 -22.44 -29.02
C GLU F 83 55.55 -22.09 -29.47
N VAL F 84 54.69 -23.10 -29.51
CA VAL F 84 53.29 -22.91 -29.84
C VAL F 84 52.57 -22.45 -28.59
N VAL F 85 51.93 -21.30 -28.66
CA VAL F 85 51.25 -20.78 -27.48
C VAL F 85 49.74 -20.60 -27.68
N GLY F 86 49.33 -20.38 -28.91
CA GLY F 86 47.92 -20.28 -29.20
C GLY F 86 47.54 -21.19 -30.35
N MSE F 87 46.34 -21.73 -30.29
CA MSE F 87 45.86 -22.55 -31.39
C MSE F 87 44.34 -22.50 -31.48
O MSE F 87 43.65 -22.30 -30.48
CB MSE F 87 46.30 -23.98 -31.16
CG MSE F 87 45.74 -24.52 -29.91
SE MSE F 87 46.23 -26.34 -29.75
CE MSE F 87 45.23 -27.08 -31.26
N ALA F 88 43.84 -22.70 -32.69
CA ALA F 88 42.42 -22.66 -32.98
C ALA F 88 42.25 -23.15 -34.41
N LEU F 89 41.33 -24.05 -34.63
CA LEU F 89 41.09 -24.50 -35.98
C LEU F 89 39.58 -24.67 -36.23
N TYR F 90 39.19 -24.98 -37.46
CA TYR F 90 37.79 -25.31 -37.76
C TYR F 90 37.63 -26.51 -38.69
N MSE F 91 36.46 -27.13 -38.65
CA MSE F 91 36.20 -28.32 -39.44
C MSE F 91 35.03 -28.12 -40.37
O MSE F 91 34.08 -27.40 -40.08
CB MSE F 91 35.86 -29.49 -38.53
CG MSE F 91 36.90 -29.81 -37.48
SE MSE F 91 36.09 -30.77 -35.97
CE MSE F 91 37.71 -31.61 -35.31
N ASP F 92 35.09 -28.80 -41.52
CA ASP F 92 34.00 -28.70 -42.47
C ASP F 92 32.95 -29.70 -42.03
N LEU F 93 31.77 -29.20 -41.69
CA LEU F 93 30.68 -30.04 -41.24
C LEU F 93 29.38 -29.57 -41.85
N ARG F 94 28.41 -30.46 -41.95
CA ARG F 94 27.12 -30.10 -42.50
C ARG F 94 26.08 -30.07 -41.40
N LEU F 95 25.44 -28.90 -41.23
CA LEU F 95 24.40 -28.73 -40.23
C LEU F 95 23.00 -28.71 -40.85
N THR F 96 22.10 -29.52 -40.31
CA THR F 96 20.70 -29.44 -40.69
C THR F 96 20.02 -28.29 -39.95
N VAL F 97 19.17 -27.54 -40.66
CA VAL F 97 18.44 -26.42 -40.05
C VAL F 97 16.96 -26.53 -40.40
N PRO F 98 16.10 -25.71 -39.79
CA PRO F 98 14.66 -25.81 -40.03
C PRO F 98 14.34 -25.81 -41.52
N GLY F 99 13.49 -26.73 -41.95
CA GLY F 99 13.18 -26.89 -43.35
C GLY F 99 13.92 -28.05 -43.97
N GLU F 100 14.64 -28.81 -43.16
CA GLU F 100 15.42 -29.94 -43.64
C GLU F 100 16.50 -29.53 -44.65
N VAL F 101 17.03 -28.33 -44.47
CA VAL F 101 18.11 -27.84 -45.34
C VAL F 101 19.48 -28.04 -44.68
N VAL F 102 20.48 -28.44 -45.45
CA VAL F 102 21.83 -28.61 -44.92
C VAL F 102 22.74 -27.45 -45.28
N LEU F 103 23.33 -26.82 -44.28
CA LEU F 103 24.28 -25.74 -44.52
C LEU F 103 25.69 -26.20 -44.28
N PRO F 104 26.60 -25.87 -45.20
CA PRO F 104 28.00 -26.21 -44.98
C PRO F 104 28.35 -25.39 -43.77
N THR F 105 29.02 -25.96 -42.78
CA THR F 105 29.34 -25.20 -41.58
C THR F 105 30.77 -25.37 -41.13
N ALA F 106 31.30 -24.34 -40.48
CA ALA F 106 32.65 -24.39 -39.97
C ALA F 106 32.55 -24.56 -38.46
N GLY F 107 33.09 -25.67 -37.98
CA GLY F 107 33.08 -25.97 -36.56
C GLY F 107 34.40 -25.70 -35.86
N LEU F 108 34.44 -24.64 -35.04
CA LEU F 108 35.66 -24.30 -34.29
C LEU F 108 35.93 -25.36 -33.24
N SER F 109 37.18 -25.77 -33.11
CA SER F 109 37.56 -26.68 -32.02
C SER F 109 39.04 -26.52 -31.69
N PHE F 110 39.49 -27.22 -30.65
CA PHE F 110 40.86 -27.11 -30.20
C PHE F 110 41.35 -25.67 -30.19
N VAL F 111 40.48 -24.79 -29.72
CA VAL F 111 40.82 -23.41 -29.38
C VAL F 111 41.56 -23.43 -28.06
N ALA F 112 42.82 -23.00 -28.03
CA ALA F 112 43.57 -22.99 -26.78
C ALA F 112 44.68 -21.97 -26.78
N VAL F 113 44.80 -21.28 -25.66
CA VAL F 113 45.90 -20.36 -25.39
C VAL F 113 46.64 -20.96 -24.22
N ALA F 114 47.96 -20.93 -24.26
CA ALA F 114 48.76 -21.50 -23.18
C ALA F 114 48.63 -20.68 -21.89
N PRO F 115 48.72 -21.36 -20.74
CA PRO F 115 48.58 -20.70 -19.44
C PRO F 115 49.52 -19.51 -19.36
N THR F 116 50.65 -19.62 -20.04
CA THR F 116 51.68 -18.60 -20.03
C THR F 116 51.30 -17.31 -20.77
N HIS F 117 50.38 -17.43 -21.74
CA HIS F 117 49.97 -16.29 -22.58
C HIS F 117 48.51 -15.80 -22.46
N ARG F 118 47.85 -16.12 -21.36
CA ARG F 118 46.45 -15.72 -21.16
C ARG F 118 46.20 -14.21 -21.10
N ARG F 119 45.03 -13.79 -21.58
CA ARG F 119 44.63 -12.38 -21.58
C ARG F 119 45.57 -11.41 -22.32
N ARG F 120 46.00 -11.82 -23.51
CA ARG F 120 46.94 -11.02 -24.31
C ARG F 120 46.37 -10.79 -25.69
N GLY F 121 45.07 -11.09 -25.84
CA GLY F 121 44.39 -10.90 -27.11
C GLY F 121 44.59 -12.03 -28.10
N LEU F 122 45.24 -13.11 -27.67
CA LEU F 122 45.49 -14.24 -28.55
C LEU F 122 44.18 -14.89 -29.02
N LEU F 123 43.24 -15.07 -28.12
CA LEU F 123 41.97 -15.67 -28.48
C LEU F 123 41.21 -14.79 -29.48
N ARG F 124 41.22 -13.48 -29.22
CA ARG F 124 40.54 -12.52 -30.07
C ARG F 124 41.16 -12.45 -31.46
N ALA F 125 42.49 -12.50 -31.52
CA ALA F 125 43.20 -12.44 -32.79
C ALA F 125 43.01 -13.71 -33.61
N MSE F 126 43.00 -14.85 -32.92
CA MSE F 126 42.82 -16.14 -33.57
C MSE F 126 41.43 -16.24 -34.12
O MSE F 126 41.19 -16.92 -35.13
CB MSE F 126 43.07 -17.26 -32.58
CG MSE F 126 44.25 -18.12 -32.99
SE MSE F 126 45.17 -18.80 -31.40
CE MSE F 126 43.61 -18.90 -30.20
N CYS F 127 40.47 -15.56 -33.47
CA CYS F 127 39.09 -15.56 -33.92
C CYS F 127 38.92 -14.67 -35.14
N ALA F 128 39.48 -13.47 -35.08
CA ALA F 128 39.44 -12.53 -36.19
C ALA F 128 40.00 -13.17 -37.46
N GLU F 129 41.08 -13.92 -37.29
CA GLU F 129 41.73 -14.61 -38.40
C GLU F 129 40.86 -15.69 -39.02
N LEU F 130 40.34 -16.60 -38.19
CA LEU F 130 39.56 -17.71 -38.70
C LEU F 130 38.21 -17.27 -39.26
N HIS F 131 37.58 -16.28 -38.64
CA HIS F 131 36.32 -15.79 -39.19
C HIS F 131 36.57 -15.23 -40.59
N ARG F 132 37.71 -14.57 -40.73
CA ARG F 132 38.10 -13.97 -41.99
C ARG F 132 38.22 -15.09 -43.02
N ARG F 133 39.02 -16.10 -42.68
CA ARG F 133 39.20 -17.24 -43.56
C ARG F 133 37.87 -17.92 -43.88
N ILE F 134 36.97 -17.93 -42.89
CA ILE F 134 35.73 -18.69 -42.97
C ILE F 134 34.76 -17.92 -43.87
N ALA F 135 34.73 -16.61 -43.67
CA ALA F 135 33.96 -15.73 -44.54
C ALA F 135 34.41 -15.91 -45.97
N ASP F 136 35.73 -15.78 -46.18
CA ASP F 136 36.31 -15.90 -47.52
C ASP F 136 35.97 -17.23 -48.15
N SER F 137 36.12 -18.29 -47.36
CA SER F 137 35.98 -19.63 -47.87
C SER F 137 34.56 -20.02 -48.22
N GLY F 138 33.62 -19.13 -47.98
CA GLY F 138 32.25 -19.34 -48.40
C GLY F 138 31.31 -20.01 -47.38
N TYR F 139 31.65 -19.96 -46.10
CA TYR F 139 30.73 -20.49 -45.09
C TYR F 139 29.68 -19.44 -44.67
N PRO F 140 28.44 -19.89 -44.59
CA PRO F 140 27.30 -19.07 -44.15
C PRO F 140 27.41 -18.69 -42.67
N VAL F 141 27.82 -19.68 -41.86
CA VAL F 141 27.97 -19.49 -40.42
C VAL F 141 28.96 -20.48 -39.78
N ALA F 142 29.43 -20.14 -38.58
CA ALA F 142 30.37 -20.98 -37.84
C ALA F 142 29.78 -21.36 -36.47
N ALA F 143 29.92 -22.63 -36.09
CA ALA F 143 29.39 -23.09 -34.81
C ALA F 143 30.48 -23.70 -33.94
N LEU F 144 30.23 -23.75 -32.63
CA LEU F 144 31.15 -24.42 -31.71
C LEU F 144 30.39 -24.98 -30.52
N HIS F 145 31.15 -25.63 -29.64
CA HIS F 145 30.71 -26.00 -28.31
C HIS F 145 31.61 -25.31 -27.28
N ALA F 146 30.99 -24.67 -26.30
CA ALA F 146 31.72 -23.76 -25.42
C ALA F 146 32.14 -24.38 -24.09
N SER F 147 33.43 -24.32 -23.80
CA SER F 147 33.96 -24.80 -22.54
C SER F 147 33.43 -23.96 -21.38
N GLU F 148 33.31 -22.66 -21.60
CA GLU F 148 32.69 -21.77 -20.64
C GLU F 148 31.60 -20.93 -21.31
N GLY F 149 30.86 -20.17 -20.51
CA GLY F 149 29.61 -19.61 -20.98
C GLY F 149 29.65 -18.16 -21.41
N GLY F 150 30.78 -17.51 -21.17
CA GLY F 150 30.86 -16.09 -21.43
C GLY F 150 32.08 -15.74 -22.24
N ILE F 151 32.49 -16.65 -23.12
CA ILE F 151 33.64 -16.47 -23.97
C ILE F 151 33.26 -16.02 -25.38
N TYR F 152 32.25 -16.65 -25.97
CA TYR F 152 32.04 -16.54 -27.41
C TYR F 152 30.98 -15.55 -27.90
N GLY F 153 30.08 -15.16 -27.00
CA GLY F 153 29.06 -14.17 -27.33
C GLY F 153 29.66 -12.91 -27.95
N ARG F 154 30.58 -12.26 -27.24
CA ARG F 154 31.33 -11.13 -27.79
C ARG F 154 31.86 -11.39 -29.21
N PHE F 155 32.21 -12.63 -29.51
CA PHE F 155 32.76 -12.93 -30.84
C PHE F 155 31.67 -13.23 -31.85
N GLY F 156 30.42 -13.08 -31.42
CA GLY F 156 29.30 -13.25 -32.34
C GLY F 156 28.55 -14.56 -32.21
N TYR F 157 29.03 -15.46 -31.36
CA TYR F 157 28.33 -16.73 -31.13
C TYR F 157 27.21 -16.63 -30.08
N GLY F 158 26.06 -17.20 -30.43
CA GLY F 158 24.93 -17.31 -29.53
C GLY F 158 24.52 -18.77 -29.39
N PRO F 159 24.22 -19.18 -28.15
CA PRO F 159 23.74 -20.53 -27.82
C PRO F 159 22.50 -20.86 -28.64
N ALA F 160 22.57 -21.95 -29.40
CA ALA F 160 21.56 -22.23 -30.40
C ALA F 160 20.71 -23.48 -30.16
N THR F 161 21.20 -24.40 -29.34
CA THR F 161 20.38 -25.55 -28.95
C THR F 161 20.51 -25.78 -27.45
N THR F 162 19.58 -26.56 -26.88
CA THR F 162 19.63 -26.82 -25.45
C THR F 162 19.78 -28.31 -25.11
N LEU F 163 20.68 -28.59 -24.17
CA LEU F 163 20.91 -29.93 -23.63
C LEU F 163 20.18 -30.14 -22.30
N HIS F 164 19.41 -31.22 -22.21
CA HIS F 164 18.81 -31.64 -20.95
C HIS F 164 19.42 -32.97 -20.60
N GLU F 165 19.97 -33.10 -19.40
CA GLU F 165 20.22 -34.46 -18.91
C GLU F 165 18.93 -34.94 -18.29
N LEU F 166 18.42 -36.07 -18.79
CA LEU F 166 17.32 -36.77 -18.12
C LEU F 166 17.91 -37.91 -17.31
N THR F 167 17.53 -37.99 -16.04
CA THR F 167 17.86 -39.16 -15.23
C THR F 167 16.55 -39.84 -14.86
N VAL F 168 16.38 -41.08 -15.30
CA VAL F 168 15.10 -41.77 -15.05
C VAL F 168 15.28 -42.94 -14.10
N ASP F 169 14.39 -43.02 -13.12
CA ASP F 169 14.46 -44.15 -12.20
C ASP F 169 13.70 -45.26 -12.92
N ARG F 170 14.45 -46.28 -13.33
CA ARG F 170 13.92 -47.43 -14.06
C ARG F 170 12.92 -48.26 -13.28
N ARG F 171 13.16 -48.38 -11.98
CA ARG F 171 12.33 -49.19 -11.10
C ARG F 171 10.87 -48.74 -11.01
N PHE F 172 10.61 -47.45 -11.00
CA PHE F 172 9.23 -47.00 -10.88
C PHE F 172 8.51 -46.80 -12.23
N ALA F 173 9.27 -46.71 -13.32
CA ALA F 173 8.69 -46.45 -14.63
C ALA F 173 7.63 -47.46 -15.06
N ARG F 174 6.54 -46.94 -15.60
CA ARG F 174 5.46 -47.74 -16.18
C ARG F 174 4.93 -46.99 -17.37
N PHE F 175 4.78 -47.68 -18.49
CA PHE F 175 4.38 -47.01 -19.69
C PHE F 175 2.89 -46.68 -19.70
N HIS F 176 2.58 -45.50 -20.21
CA HIS F 176 1.21 -45.06 -20.37
C HIS F 176 0.49 -46.03 -21.32
N ALA F 177 -0.79 -46.26 -21.07
CA ALA F 177 -1.58 -47.10 -21.96
C ALA F 177 -1.53 -46.55 -23.39
N ASP F 178 -1.36 -45.24 -23.51
CA ASP F 178 -1.26 -44.64 -24.83
C ASP F 178 0.07 -44.96 -25.50
N ALA F 179 1.04 -45.41 -24.73
CA ALA F 179 2.38 -45.58 -25.27
C ALA F 179 2.49 -46.68 -26.34
N PRO F 180 3.02 -46.31 -27.50
CA PRO F 180 3.25 -47.24 -28.61
C PRO F 180 4.01 -48.47 -28.12
N GLY F 181 3.54 -49.65 -28.51
CA GLY F 181 4.13 -50.89 -28.04
C GLY F 181 3.19 -51.62 -27.08
N SER F 187 10.99 -55.61 -27.99
CA SER F 187 10.61 -56.85 -28.71
C SER F 187 10.97 -56.78 -30.18
N SER F 188 10.92 -55.58 -30.74
CA SER F 188 11.30 -55.35 -32.12
C SER F 188 12.78 -54.95 -32.12
N VAL F 189 13.36 -54.91 -30.92
CA VAL F 189 14.76 -54.53 -30.73
C VAL F 189 15.60 -55.64 -30.08
N ARG F 190 16.85 -55.78 -30.52
CA ARG F 190 17.75 -56.80 -30.00
C ARG F 190 19.05 -56.25 -29.40
N LEU F 191 19.45 -56.78 -28.26
CA LEU F 191 20.67 -56.37 -27.59
C LEU F 191 21.92 -56.88 -28.34
N VAL F 192 22.67 -55.95 -28.94
CA VAL F 192 23.74 -56.27 -29.88
C VAL F 192 25.09 -55.65 -29.51
N ARG F 193 26.19 -56.26 -29.94
CA ARG F 193 27.50 -55.62 -29.84
C ARG F 193 27.62 -54.53 -30.90
N PRO F 194 27.79 -53.28 -30.46
CA PRO F 194 27.91 -52.15 -31.40
C PRO F 194 28.79 -52.44 -32.64
N THR F 195 30.00 -52.95 -32.43
CA THR F 195 30.94 -53.10 -33.55
C THR F 195 30.43 -54.05 -34.64
N GLU F 196 29.28 -54.65 -34.43
CA GLU F 196 28.73 -55.62 -35.38
C GLU F 196 27.58 -55.03 -36.20
N HIS F 197 27.29 -53.75 -36.01
CA HIS F 197 26.10 -53.20 -36.67
C HIS F 197 26.33 -51.78 -37.17
N ARG F 198 27.61 -51.42 -37.23
CA ARG F 198 28.05 -50.17 -37.80
C ARG F 198 27.19 -49.68 -38.97
N GLY F 199 27.05 -50.54 -39.97
CA GLY F 199 26.24 -50.19 -41.12
C GLY F 199 24.86 -49.75 -40.72
N GLU F 200 24.16 -50.55 -39.92
CA GLU F 200 22.79 -50.18 -39.57
C GLU F 200 22.74 -48.94 -38.66
N PHE F 201 23.79 -48.73 -37.87
CA PHE F 201 23.86 -47.51 -37.07
C PHE F 201 24.00 -46.30 -37.97
N GLU F 202 24.93 -46.39 -38.91
CA GLU F 202 25.26 -45.31 -39.84
C GLU F 202 24.06 -44.88 -40.66
N ALA F 203 23.31 -45.86 -41.15
CA ALA F 203 22.15 -45.62 -42.00
C ALA F 203 21.09 -44.97 -41.17
N ILE F 204 20.90 -45.52 -39.98
CA ILE F 204 19.95 -44.92 -39.07
C ILE F 204 20.38 -43.48 -38.79
N TYR F 205 21.66 -43.29 -38.48
CA TYR F 205 22.12 -41.95 -38.15
C TYR F 205 21.87 -40.94 -39.28
N GLU F 206 22.18 -41.36 -40.49
CA GLU F 206 21.96 -40.54 -41.68
C GLU F 206 20.48 -40.14 -41.78
N ARG F 207 19.56 -41.09 -41.63
CA ARG F 207 18.15 -40.71 -41.59
C ARG F 207 17.83 -39.62 -40.55
N TRP F 208 18.42 -39.75 -39.36
CA TRP F 208 18.07 -38.85 -38.28
C TRP F 208 18.59 -37.43 -38.49
N ARG F 209 19.84 -37.32 -38.94
CA ARG F 209 20.47 -36.01 -39.06
C ARG F 209 19.90 -35.16 -40.22
N GLN F 210 19.48 -35.80 -41.31
CA GLN F 210 18.81 -35.10 -42.40
C GLN F 210 17.37 -34.64 -42.05
N GLN F 211 16.93 -34.98 -40.84
CA GLN F 211 15.55 -34.70 -40.45
C GLN F 211 15.50 -33.82 -39.21
N VAL F 212 16.62 -33.72 -38.51
CA VAL F 212 16.61 -32.96 -37.27
C VAL F 212 17.45 -31.73 -37.36
N PRO F 213 16.81 -30.57 -37.25
CA PRO F 213 17.55 -29.33 -37.15
C PRO F 213 18.57 -29.50 -36.04
N GLY F 214 19.82 -29.17 -36.29
CA GLY F 214 20.88 -29.37 -35.32
C GLY F 214 21.61 -30.67 -35.61
N GLY F 215 21.10 -31.43 -36.58
CA GLY F 215 21.76 -32.67 -36.98
C GLY F 215 23.08 -32.40 -37.66
N LEU F 216 24.04 -33.30 -37.49
CA LEU F 216 25.36 -33.16 -38.13
C LEU F 216 25.69 -34.39 -38.96
N LEU F 217 26.21 -34.16 -40.17
CA LEU F 217 26.74 -35.25 -40.94
C LEU F 217 27.85 -35.89 -40.08
N ARG F 218 27.81 -37.20 -39.91
CA ARG F 218 28.84 -37.86 -39.14
C ARG F 218 29.84 -38.45 -40.12
N PRO F 219 31.09 -38.00 -39.99
CA PRO F 219 32.16 -38.46 -40.88
C PRO F 219 32.53 -39.91 -40.60
N GLN F 220 33.05 -40.59 -41.62
CA GLN F 220 33.44 -41.97 -41.47
C GLN F 220 34.52 -42.05 -40.40
N VAL F 221 35.41 -41.07 -40.41
CA VAL F 221 36.49 -41.04 -39.42
C VAL F 221 35.92 -40.94 -37.99
N LEU F 222 34.73 -40.38 -37.86
CA LEU F 222 34.08 -40.29 -36.55
C LEU F 222 33.30 -41.55 -36.18
N TRP F 223 32.85 -42.33 -37.17
CA TRP F 223 32.32 -43.65 -36.86
C TRP F 223 33.42 -44.54 -36.34
N ASP F 224 34.61 -44.41 -36.93
CA ASP F 224 35.81 -45.05 -36.40
C ASP F 224 35.96 -44.72 -34.91
N GLU F 225 36.05 -43.44 -34.61
CA GLU F 225 36.25 -43.01 -33.24
C GLU F 225 35.20 -43.64 -32.34
N LEU F 226 33.92 -43.42 -32.66
CA LEU F 226 32.84 -43.95 -31.83
C LEU F 226 32.85 -45.47 -31.69
N LEU F 227 33.12 -46.19 -32.77
CA LEU F 227 33.16 -47.65 -32.72
C LEU F 227 34.28 -48.14 -31.81
N ALA F 228 35.41 -47.46 -31.87
CA ALA F 228 36.58 -47.80 -31.07
C ALA F 228 36.38 -47.61 -29.56
N GLU F 229 35.69 -46.52 -29.22
CA GLU F 229 35.38 -46.12 -27.85
C GLU F 229 34.49 -47.08 -27.06
N CYS F 230 33.71 -47.88 -27.76
CA CYS F 230 32.83 -48.81 -27.10
C CYS F 230 33.61 -49.79 -26.23
N LYS F 231 34.78 -50.19 -26.71
CA LYS F 231 35.60 -51.13 -25.97
C LYS F 231 35.99 -50.60 -24.58
N ALA F 232 35.96 -51.51 -23.61
CA ALA F 232 36.27 -51.23 -22.22
C ALA F 232 37.74 -50.83 -22.07
N ALA F 233 37.97 -49.83 -21.23
CA ALA F 233 39.31 -49.35 -20.94
C ALA F 233 39.62 -49.69 -19.50
N PRO F 234 40.75 -50.39 -19.27
CA PRO F 234 41.20 -50.74 -17.92
C PRO F 234 41.30 -49.48 -17.05
N GLY F 235 40.48 -49.40 -16.00
CA GLY F 235 40.47 -48.21 -15.17
C GLY F 235 39.64 -47.10 -15.79
N GLY F 236 39.37 -47.23 -17.09
CA GLY F 236 38.50 -46.28 -17.77
C GLY F 236 37.05 -46.72 -17.83
N ASP F 237 36.36 -46.31 -18.89
CA ASP F 237 34.96 -46.62 -19.10
C ASP F 237 34.75 -48.10 -19.32
N ARG F 238 33.50 -48.54 -19.21
CA ARG F 238 33.20 -49.94 -19.43
C ARG F 238 32.66 -50.17 -20.82
N GLU F 239 32.61 -51.44 -21.23
CA GLU F 239 32.18 -51.75 -22.58
C GLU F 239 30.82 -51.12 -22.81
N SER F 240 30.59 -50.61 -24.00
CA SER F 240 29.26 -50.13 -24.31
C SER F 240 28.48 -51.28 -24.90
N PHE F 241 27.16 -51.17 -24.89
CA PHE F 241 26.33 -52.11 -25.61
C PHE F 241 25.31 -51.32 -26.37
N ALA F 242 24.71 -51.92 -27.37
CA ALA F 242 23.70 -51.22 -28.15
C ALA F 242 22.38 -51.94 -28.13
N LEU F 243 21.31 -51.18 -28.28
CA LEU F 243 19.98 -51.72 -28.53
C LEU F 243 19.54 -51.27 -29.93
N LEU F 244 19.13 -52.22 -30.76
CA LEU F 244 18.92 -51.96 -32.17
C LEU F 244 17.49 -52.28 -32.65
N HIS F 245 16.84 -51.26 -33.20
CA HIS F 245 15.52 -51.36 -33.78
C HIS F 245 15.74 -51.04 -35.24
N PRO F 246 14.89 -51.54 -36.13
CA PRO F 246 15.00 -51.10 -37.52
C PRO F 246 15.13 -49.59 -37.65
N ASP F 247 14.30 -48.83 -36.94
CA ASP F 247 14.27 -47.38 -37.11
C ASP F 247 14.86 -46.57 -35.95
N GLY F 248 15.83 -47.14 -35.24
CA GLY F 248 16.50 -46.37 -34.21
C GLY F 248 17.50 -47.21 -33.47
N TYR F 249 18.36 -46.57 -32.68
CA TYR F 249 19.26 -47.34 -31.83
C TYR F 249 19.69 -46.55 -30.60
N ALA F 250 20.39 -47.22 -29.71
CA ALA F 250 20.87 -46.64 -28.47
C ALA F 250 22.20 -47.26 -28.03
N LEU F 251 23.19 -46.43 -27.68
CA LEU F 251 24.38 -46.94 -27.04
C LEU F 251 24.40 -46.57 -25.57
N TYR F 252 24.67 -47.55 -24.72
CA TYR F 252 24.71 -47.31 -23.28
C TYR F 252 25.88 -48.02 -22.61
N ARG F 253 26.52 -47.34 -21.67
CA ARG F 253 27.64 -47.91 -20.94
C ARG F 253 27.39 -47.75 -19.45
N VAL F 254 27.56 -48.83 -18.68
CA VAL F 254 27.36 -48.73 -17.25
C VAL F 254 28.42 -47.77 -16.73
N ASP F 255 28.06 -46.91 -15.79
CA ASP F 255 29.02 -45.96 -15.28
C ASP F 255 30.16 -46.65 -14.54
N ARG F 256 31.32 -45.99 -14.51
CA ARG F 256 32.56 -46.56 -13.96
C ARG F 256 32.43 -46.90 -12.49
N THR F 257 31.83 -45.98 -11.72
CA THR F 257 31.72 -46.14 -10.28
C THR F 257 30.29 -46.46 -9.79
N ASP F 258 29.27 -45.75 -10.26
CA ASP F 258 27.92 -46.11 -9.82
C ASP F 258 27.38 -47.29 -10.63
N LEU F 259 27.65 -48.49 -10.15
CA LEU F 259 27.26 -49.72 -10.84
C LEU F 259 25.75 -49.93 -10.92
N LYS F 260 24.99 -48.89 -10.57
CA LYS F 260 23.54 -48.95 -10.62
C LYS F 260 23.04 -47.89 -11.57
N LEU F 261 23.97 -47.26 -12.28
CA LEU F 261 23.57 -46.24 -13.22
C LEU F 261 23.97 -46.57 -14.64
N ALA F 262 22.99 -46.68 -15.53
CA ALA F 262 23.30 -46.87 -16.95
C ALA F 262 23.30 -45.52 -17.66
N ARG F 263 24.44 -45.20 -18.26
CA ARG F 263 24.54 -44.01 -19.07
C ARG F 263 24.38 -44.29 -20.57
N VAL F 264 23.41 -43.60 -21.17
CA VAL F 264 23.17 -43.67 -22.61
C VAL F 264 23.99 -42.58 -23.29
N SER F 265 24.95 -43.00 -24.10
CA SER F 265 25.84 -42.03 -24.70
C SER F 265 25.17 -41.38 -25.91
N GLU F 266 24.23 -42.12 -26.48
CA GLU F 266 23.63 -41.69 -27.72
C GLU F 266 22.35 -42.48 -27.96
N LEU F 267 21.25 -41.76 -28.16
CA LEU F 267 19.97 -42.40 -28.45
C LEU F 267 19.55 -41.84 -29.80
N ARG F 268 19.36 -42.71 -30.79
CA ARG F 268 18.96 -42.25 -32.11
C ARG F 268 17.69 -42.95 -32.59
N ALA F 269 16.70 -42.15 -32.98
CA ALA F 269 15.44 -42.69 -33.47
C ALA F 269 14.87 -41.81 -34.57
N VAL F 270 14.15 -42.44 -35.50
CA VAL F 270 13.54 -41.71 -36.60
C VAL F 270 12.02 -41.85 -36.61
N THR F 271 11.48 -42.75 -35.79
CA THR F 271 10.02 -42.87 -35.67
C THR F 271 9.57 -42.94 -34.21
N ALA F 272 8.36 -42.51 -33.93
CA ALA F 272 7.87 -42.59 -32.56
C ALA F 272 7.93 -44.03 -32.05
N ASP F 273 7.74 -45.00 -32.94
CA ASP F 273 7.71 -46.40 -32.51
C ASP F 273 9.07 -46.91 -32.05
N ALA F 274 10.13 -46.41 -32.68
CA ALA F 274 11.46 -46.83 -32.28
C ALA F 274 11.79 -46.18 -30.96
N HIS F 275 11.43 -44.91 -30.85
CA HIS F 275 11.85 -44.14 -29.70
C HIS F 275 11.36 -44.84 -28.46
N CYS F 276 10.13 -45.32 -28.54
CA CYS F 276 9.47 -45.92 -27.42
C CYS F 276 9.97 -47.35 -27.16
N ALA F 277 10.19 -48.10 -28.23
CA ALA F 277 10.64 -49.47 -28.10
C ALA F 277 11.98 -49.47 -27.40
N LEU F 278 12.86 -48.56 -27.82
CA LEU F 278 14.19 -48.43 -27.21
C LEU F 278 14.09 -48.09 -25.72
N TRP F 279 13.14 -47.24 -25.37
CA TRP F 279 12.96 -46.89 -23.97
C TRP F 279 12.36 -48.03 -23.17
N ARG F 280 11.49 -48.81 -23.79
CA ARG F 280 10.93 -49.96 -23.11
C ARG F 280 12.05 -50.93 -22.75
N ALA F 281 13.10 -50.93 -23.57
CA ALA F 281 14.23 -51.81 -23.34
C ALA F 281 15.25 -51.22 -22.37
N LEU F 282 15.36 -49.89 -22.35
CA LEU F 282 16.24 -49.23 -21.39
C LEU F 282 15.70 -49.37 -19.98
N ILE F 283 14.38 -49.20 -19.85
CA ILE F 283 13.70 -49.41 -18.57
C ILE F 283 13.83 -50.87 -18.16
N GLY F 284 14.16 -51.72 -19.13
CA GLY F 284 14.32 -53.14 -18.88
C GLY F 284 15.70 -53.56 -18.42
N LEU F 285 16.59 -52.58 -18.24
CA LEU F 285 17.89 -52.86 -17.63
C LEU F 285 17.66 -53.06 -16.13
N ASP F 286 17.15 -54.25 -15.79
CA ASP F 286 16.70 -54.56 -14.44
C ASP F 286 17.79 -54.43 -13.38
N SER F 287 19.05 -54.70 -13.74
CA SER F 287 20.16 -54.52 -12.80
C SER F 287 20.45 -53.05 -12.46
N MSE F 288 19.96 -52.13 -13.30
CA MSE F 288 20.17 -50.71 -13.07
C MSE F 288 19.09 -50.09 -12.18
O MSE F 288 17.93 -50.50 -12.22
CB MSE F 288 20.19 -49.94 -14.39
CG MSE F 288 21.36 -50.24 -15.30
SE MSE F 288 23.05 -49.88 -14.44
CE MSE F 288 23.39 -51.69 -13.71
N GLU F 289 19.51 -49.11 -11.40
CA GLU F 289 18.61 -48.39 -10.52
C GLU F 289 18.13 -47.13 -11.24
N ARG F 290 18.91 -46.68 -12.22
CA ARG F 290 18.58 -45.48 -12.98
C ARG F 290 19.22 -45.45 -14.38
N ILE F 291 18.64 -44.64 -15.27
CA ILE F 291 19.13 -44.48 -16.63
C ILE F 291 19.33 -42.99 -16.90
N SER F 292 20.43 -42.59 -17.52
CA SER F 292 20.66 -41.17 -17.77
C SER F 292 20.95 -40.95 -19.26
N ILE F 293 20.55 -39.80 -19.76
CA ILE F 293 20.70 -39.51 -21.17
C ILE F 293 20.83 -38.00 -21.38
N ILE F 294 21.67 -37.59 -22.32
CA ILE F 294 21.66 -36.21 -22.76
C ILE F 294 20.73 -36.06 -23.94
N THR F 295 19.73 -35.23 -23.81
CA THR F 295 18.71 -35.13 -24.84
C THR F 295 18.28 -33.69 -24.99
N HIS F 296 17.09 -33.49 -25.55
CA HIS F 296 16.63 -32.14 -25.82
C HIS F 296 15.33 -31.89 -25.10
N PRO F 297 15.02 -30.60 -24.88
CA PRO F 297 13.83 -30.15 -24.13
C PRO F 297 12.50 -30.68 -24.65
N GLN F 298 12.42 -31.17 -25.87
CA GLN F 298 11.12 -31.57 -26.42
C GLN F 298 11.00 -33.08 -26.55
N ASP F 299 12.02 -33.75 -26.01
CA ASP F 299 12.05 -35.20 -25.92
C ASP F 299 10.76 -35.73 -25.28
N PRO F 300 10.03 -36.58 -26.01
CA PRO F 300 8.72 -37.00 -25.48
C PRO F 300 8.77 -38.11 -24.43
N LEU F 301 9.96 -38.52 -23.99
CA LEU F 301 10.06 -39.59 -22.98
C LEU F 301 9.09 -39.46 -21.77
N PRO F 302 9.06 -38.29 -21.10
CA PRO F 302 8.20 -38.12 -19.93
C PRO F 302 6.72 -38.45 -20.20
N HIS F 303 6.22 -38.07 -21.36
CA HIS F 303 4.81 -38.28 -21.70
C HIS F 303 4.48 -39.75 -22.00
N LEU F 304 5.52 -40.57 -22.13
CA LEU F 304 5.39 -42.00 -22.39
C LEU F 304 5.19 -42.76 -21.08
N LEU F 305 5.41 -42.10 -19.96
CA LEU F 305 5.29 -42.74 -18.65
C LEU F 305 4.00 -42.33 -17.94
N THR F 306 3.50 -43.18 -17.07
CA THR F 306 2.30 -42.83 -16.30
C THR F 306 2.68 -41.73 -15.30
N ASP F 307 3.97 -41.65 -14.98
CA ASP F 307 4.46 -40.62 -14.07
C ASP F 307 5.37 -39.76 -14.94
N THR F 308 4.99 -38.50 -15.12
CA THR F 308 5.77 -37.58 -15.94
C THR F 308 7.15 -37.25 -15.38
N ARG F 309 7.21 -37.08 -14.07
CA ARG F 309 8.46 -36.75 -13.37
C ARG F 309 9.58 -37.78 -13.40
N LEU F 310 9.23 -39.06 -13.31
CA LEU F 310 10.26 -40.11 -13.29
C LEU F 310 11.41 -39.79 -14.25
N ALA F 311 11.08 -39.06 -15.31
CA ALA F 311 12.07 -38.65 -16.29
C ALA F 311 12.55 -37.31 -15.78
N ARG F 312 13.21 -37.34 -14.62
CA ARG F 312 13.72 -36.13 -14.00
C ARG F 312 14.81 -35.43 -14.80
N THR F 313 14.75 -34.10 -14.81
CA THR F 313 15.74 -33.31 -15.52
C THR F 313 16.79 -33.07 -14.45
N THR F 314 18.03 -33.43 -14.75
CA THR F 314 19.09 -33.25 -13.77
C THR F 314 20.15 -32.16 -14.00
N TRP F 315 20.67 -32.11 -15.23
CA TRP F 315 21.66 -31.11 -15.62
C TRP F 315 21.18 -30.39 -16.88
N ARG F 316 21.19 -29.06 -16.85
CA ARG F 316 20.74 -28.28 -18.01
C ARG F 316 21.81 -27.30 -18.48
N GLN F 317 22.15 -27.35 -19.78
CA GLN F 317 23.16 -26.45 -20.33
C GLN F 317 23.05 -26.24 -21.84
N ASP F 318 23.65 -25.15 -22.33
CA ASP F 318 23.64 -24.82 -23.75
C ASP F 318 24.52 -25.82 -24.47
N GLY F 319 24.26 -26.07 -25.75
CA GLY F 319 25.08 -27.03 -26.47
C GLY F 319 25.76 -26.38 -27.67
N LEU F 320 25.11 -26.46 -28.83
CA LEU F 320 25.66 -25.91 -30.06
C LEU F 320 25.45 -24.39 -30.14
N TRP F 321 26.53 -23.65 -30.36
CA TRP F 321 26.46 -22.20 -30.53
C TRP F 321 26.67 -21.86 -32.01
N LEU F 322 25.98 -20.81 -32.45
CA LEU F 322 26.01 -20.40 -33.84
C LEU F 322 26.53 -18.97 -34.03
N ARG F 323 27.41 -18.83 -35.01
CA ARG F 323 27.75 -17.51 -35.51
C ARG F 323 27.29 -17.42 -36.96
N ILE F 324 26.28 -16.59 -37.18
CA ILE F 324 25.84 -16.24 -38.51
C ILE F 324 26.88 -15.36 -39.17
N MSE F 325 27.57 -15.92 -40.18
CA MSE F 325 28.61 -15.23 -40.94
C MSE F 325 28.00 -14.32 -42.00
O MSE F 325 28.45 -13.20 -42.20
CB MSE F 325 29.52 -16.25 -41.60
CG MSE F 325 30.07 -17.31 -40.66
SE MSE F 325 31.30 -16.59 -39.33
CE MSE F 325 32.45 -15.53 -40.47
N ASN F 326 26.97 -14.82 -42.68
CA ASN F 326 26.32 -14.05 -43.73
C ASN F 326 24.83 -14.01 -43.46
N VAL F 327 24.34 -12.83 -43.09
CA VAL F 327 22.96 -12.70 -42.66
C VAL F 327 21.93 -13.06 -43.74
N PRO F 328 22.00 -12.44 -44.92
CA PRO F 328 21.04 -12.81 -45.97
C PRO F 328 21.17 -14.28 -46.38
N ALA F 329 22.40 -14.75 -46.50
CA ALA F 329 22.64 -16.14 -46.88
C ALA F 329 21.89 -17.06 -45.94
N ALA F 330 22.19 -16.92 -44.65
CA ALA F 330 21.60 -17.74 -43.59
C ALA F 330 20.10 -17.58 -43.48
N LEU F 331 19.65 -16.34 -43.34
CA LEU F 331 18.22 -16.12 -43.17
C LEU F 331 17.41 -16.69 -44.34
N GLU F 332 17.94 -16.60 -45.56
CA GLU F 332 17.18 -17.09 -46.71
C GLU F 332 17.21 -18.61 -46.81
N ALA F 333 18.29 -19.23 -46.36
CA ALA F 333 18.41 -20.68 -46.43
C ALA F 333 17.41 -21.47 -45.59
N ARG F 334 17.16 -21.02 -44.36
CA ARG F 334 16.22 -21.70 -43.46
C ARG F 334 14.72 -21.53 -43.75
N GLY F 335 13.98 -22.61 -43.57
CA GLY F 335 12.53 -22.62 -43.77
C GLY F 335 11.85 -21.98 -42.57
N TYR F 336 10.63 -21.48 -42.75
CA TYR F 336 9.92 -20.84 -41.64
C TYR F 336 8.55 -21.42 -41.49
N ALA F 337 7.98 -21.24 -40.31
CA ALA F 337 6.61 -21.66 -40.04
C ALA F 337 5.65 -21.19 -41.13
N HIS F 338 4.89 -22.10 -41.72
CA HIS F 338 3.83 -21.74 -42.65
C HIS F 338 2.65 -21.15 -41.88
N GLU F 339 2.56 -21.52 -40.61
CA GLU F 339 1.44 -21.10 -39.77
C GLU F 339 1.66 -19.68 -39.25
N VAL F 340 2.35 -18.85 -40.02
CA VAL F 340 2.45 -17.42 -39.74
C VAL F 340 2.25 -16.62 -41.02
N GLY F 341 1.24 -15.75 -41.03
CA GLY F 341 0.90 -14.97 -42.20
C GLY F 341 2.03 -14.07 -42.63
N GLU F 342 2.23 -13.99 -43.94
CA GLU F 342 3.27 -13.17 -44.56
C GLU F 342 3.42 -11.76 -43.96
N PHE F 343 4.67 -11.31 -43.80
CA PHE F 343 4.92 -9.99 -43.22
C PHE F 343 6.34 -9.49 -43.51
N SER F 344 6.56 -8.21 -43.27
CA SER F 344 7.82 -7.54 -43.62
C SER F 344 8.35 -6.66 -42.49
N THR F 345 9.66 -6.69 -42.30
CA THR F 345 10.27 -5.84 -41.30
C THR F 345 11.66 -5.39 -41.76
N VAL F 346 12.32 -4.57 -40.94
CA VAL F 346 13.69 -4.21 -41.21
C VAL F 346 14.55 -4.57 -40.02
N LEU F 347 15.42 -5.54 -40.23
CA LEU F 347 16.30 -6.07 -39.20
C LEU F 347 17.66 -5.39 -39.26
N GLU F 348 18.13 -4.88 -38.14
CA GLU F 348 19.51 -4.43 -38.08
C GLU F 348 20.32 -5.27 -37.11
N VAL F 349 21.31 -5.99 -37.62
CA VAL F 349 22.28 -6.68 -36.78
C VAL F 349 23.38 -5.69 -36.43
N SER F 350 23.71 -5.55 -35.15
CA SER F 350 24.76 -4.60 -34.83
C SER F 350 26.05 -5.14 -35.43
N ASP F 351 26.66 -4.35 -36.30
CA ASP F 351 27.90 -4.72 -36.96
C ASP F 351 27.59 -5.75 -38.05
N GLY F 352 26.31 -6.05 -38.22
CA GLY F 352 25.86 -7.02 -39.21
C GLY F 352 25.10 -6.48 -40.40
N GLY F 353 25.03 -5.16 -40.54
CA GLY F 353 24.32 -4.56 -41.65
C GLY F 353 22.84 -4.35 -41.38
N ARG F 354 22.14 -3.86 -42.38
CA ARG F 354 20.71 -3.60 -42.28
C ARG F 354 20.08 -4.26 -43.50
N PHE F 355 19.05 -5.06 -43.28
CA PHE F 355 18.39 -5.72 -44.40
C PHE F 355 16.88 -5.66 -44.28
N ALA F 356 16.22 -5.64 -45.43
CA ALA F 356 14.77 -5.60 -45.43
C ALA F 356 14.43 -7.07 -45.47
N LEU F 357 13.75 -7.56 -44.43
CA LEU F 357 13.40 -8.96 -44.38
C LEU F 357 11.92 -9.24 -44.50
N LYS F 358 11.58 -10.11 -45.44
CA LYS F 358 10.20 -10.49 -45.66
C LYS F 358 9.98 -12.00 -45.59
N ILE F 359 9.04 -12.40 -44.75
CA ILE F 359 8.66 -13.81 -44.57
C ILE F 359 7.23 -14.14 -44.98
N GLY F 360 7.10 -15.17 -45.79
CA GLY F 360 5.82 -15.61 -46.31
C GLY F 360 6.00 -16.97 -46.94
N ASP F 361 4.98 -17.81 -46.86
CA ASP F 361 5.03 -19.13 -47.51
C ASP F 361 6.14 -20.05 -47.01
N GLY F 362 6.70 -19.74 -45.86
CA GLY F 362 7.74 -20.59 -45.33
C GLY F 362 9.12 -20.19 -45.81
N ARG F 363 9.16 -19.21 -46.71
CA ARG F 363 10.43 -18.73 -47.25
C ARG F 363 10.68 -17.28 -46.82
N ALA F 364 11.94 -16.87 -46.88
CA ALA F 364 12.30 -15.53 -46.49
C ALA F 364 13.16 -14.94 -47.57
N ARG F 365 12.93 -13.65 -47.84
CA ARG F 365 13.80 -12.87 -48.71
C ARG F 365 14.49 -11.84 -47.82
N CYS F 366 15.79 -11.72 -47.98
CA CYS F 366 16.57 -10.82 -47.18
C CYS F 366 17.47 -9.97 -48.08
N THR F 367 17.20 -8.67 -48.12
CA THR F 367 17.88 -7.76 -49.04
C THR F 367 18.39 -6.50 -48.36
N PRO F 368 19.59 -6.04 -48.75
CA PRO F 368 20.18 -4.88 -48.07
C PRO F 368 19.24 -3.69 -48.11
N THR F 369 19.38 -2.77 -47.15
CA THR F 369 18.55 -1.59 -47.09
C THR F 369 19.11 -0.48 -46.18
N ASP F 370 18.61 0.74 -46.34
CA ASP F 370 18.98 1.82 -45.44
C ASP F 370 17.74 2.44 -44.79
N ALA F 371 16.61 1.75 -44.88
CA ALA F 371 15.41 2.16 -44.16
C ALA F 371 15.65 2.08 -42.68
N ALA F 372 14.82 2.77 -41.91
CA ALA F 372 14.93 2.74 -40.46
C ALA F 372 14.81 1.29 -40.03
N ALA F 373 15.53 0.93 -38.98
CA ALA F 373 15.44 -0.44 -38.45
C ALA F 373 14.24 -0.57 -37.52
N GLU F 374 13.39 -1.57 -37.78
CA GLU F 374 12.25 -1.83 -36.90
C GLU F 374 12.64 -2.75 -35.76
N ILE F 375 13.74 -3.46 -35.94
CA ILE F 375 14.21 -4.39 -34.92
C ILE F 375 15.73 -4.55 -34.98
N GLU F 376 16.38 -4.46 -33.82
CA GLU F 376 17.83 -4.60 -33.78
C GLU F 376 18.35 -5.63 -32.74
N MSE F 377 19.57 -6.11 -32.97
CA MSE F 377 20.21 -7.05 -32.08
C MSE F 377 21.70 -7.22 -32.40
O MSE F 377 22.15 -6.81 -33.46
CB MSE F 377 19.53 -8.40 -32.19
CG MSE F 377 19.70 -9.03 -33.53
SE MSE F 377 18.44 -10.44 -33.69
CE MSE F 377 16.79 -9.45 -33.87
N ASP F 378 22.40 -7.84 -31.46
CA ASP F 378 23.81 -8.13 -31.61
C ASP F 378 23.81 -9.34 -32.54
N ARG F 379 24.94 -9.65 -33.14
CA ARG F 379 25.02 -10.79 -34.06
C ARG F 379 24.70 -12.15 -33.43
N ASP F 380 25.14 -12.33 -32.18
CA ASP F 380 24.92 -13.56 -31.43
C ASP F 380 23.44 -13.84 -31.27
N VAL F 381 22.65 -12.78 -31.09
CA VAL F 381 21.22 -12.94 -30.91
C VAL F 381 20.70 -13.61 -32.17
N LEU F 382 21.21 -13.26 -33.35
CA LEU F 382 20.68 -13.91 -34.55
C LEU F 382 20.93 -15.43 -34.55
N GLY F 383 22.12 -15.83 -34.13
CA GLY F 383 22.47 -17.24 -34.08
C GLY F 383 21.62 -18.08 -33.15
N SER F 384 21.33 -17.55 -31.97
CA SER F 384 20.52 -18.27 -30.99
C SER F 384 19.11 -18.50 -31.55
N LEU F 385 18.58 -17.46 -32.18
CA LEU F 385 17.24 -17.49 -32.76
C LEU F 385 17.17 -18.30 -34.05
N TYR F 386 18.33 -18.62 -34.62
CA TYR F 386 18.38 -19.39 -35.87
C TYR F 386 17.80 -20.83 -35.91
N LEU F 387 18.01 -21.64 -34.86
CA LEU F 387 17.48 -23.00 -34.90
C LEU F 387 16.12 -23.07 -34.24
N GLY F 388 15.70 -21.98 -33.62
CA GLY F 388 14.39 -21.93 -33.00
C GLY F 388 14.40 -22.34 -31.53
N ALA F 389 15.59 -22.58 -30.99
CA ALA F 389 15.71 -22.97 -29.60
C ALA F 389 15.49 -21.81 -28.63
N HIS F 390 15.41 -20.60 -29.14
CA HIS F 390 15.08 -19.46 -28.29
C HIS F 390 13.98 -18.61 -28.92
N ARG F 391 13.09 -18.09 -28.08
CA ARG F 391 11.97 -17.25 -28.50
C ARG F 391 12.42 -15.80 -28.50
N ALA F 392 12.16 -15.11 -29.60
CA ALA F 392 12.57 -13.72 -29.72
C ALA F 392 12.01 -12.86 -28.59
N SER F 393 10.81 -13.20 -28.12
CA SER F 393 10.16 -12.44 -27.04
C SER F 393 10.90 -12.52 -25.70
N THR F 394 11.51 -13.67 -25.41
CA THR F 394 12.29 -13.84 -24.18
C THR F 394 13.56 -13.01 -24.26
N LEU F 395 14.23 -13.07 -25.41
CA LEU F 395 15.42 -12.26 -25.59
C LEU F 395 15.08 -10.76 -25.50
N ALA F 396 13.90 -10.39 -26.01
CA ALA F 396 13.46 -8.99 -25.94
C ALA F 396 13.38 -8.56 -24.50
N ALA F 397 12.94 -9.46 -23.63
CA ALA F 397 12.71 -9.11 -22.25
C ALA F 397 14.02 -8.92 -21.48
N ALA F 398 15.12 -9.43 -22.03
CA ALA F 398 16.43 -9.10 -21.46
C ALA F 398 17.06 -7.92 -22.20
N ASN F 399 16.29 -7.34 -23.12
CA ASN F 399 16.74 -6.21 -23.94
C ASN F 399 17.94 -6.61 -24.79
N ARG F 400 18.03 -7.90 -25.14
CA ARG F 400 19.12 -8.39 -25.97
C ARG F 400 18.78 -8.09 -27.42
N LEU F 401 17.50 -8.09 -27.68
CA LEU F 401 16.96 -7.73 -28.98
C LEU F 401 15.93 -6.64 -28.69
N ARG F 402 15.96 -5.56 -29.46
CA ARG F 402 15.00 -4.47 -29.21
C ARG F 402 14.15 -3.96 -30.38
N THR F 403 12.90 -3.63 -30.05
CA THR F 403 11.93 -3.09 -30.98
C THR F 403 10.81 -2.34 -30.24
N LYS F 404 10.04 -1.58 -30.99
CA LYS F 404 8.94 -0.80 -30.42
C LYS F 404 7.60 -1.37 -30.86
N ASP F 405 7.66 -2.43 -31.66
CA ASP F 405 6.45 -3.08 -32.14
C ASP F 405 6.36 -4.41 -31.43
N SER F 406 5.22 -4.68 -30.81
CA SER F 406 5.05 -5.92 -30.07
C SER F 406 4.51 -7.02 -31.00
N GLN F 407 3.73 -6.59 -31.99
CA GLN F 407 3.11 -7.53 -32.92
C GLN F 407 4.19 -8.23 -33.72
N LEU F 408 5.30 -7.52 -33.92
CA LEU F 408 6.44 -8.04 -34.65
C LEU F 408 7.17 -9.09 -33.85
N LEU F 409 7.41 -8.80 -32.59
CA LEU F 409 7.94 -9.81 -31.68
C LEU F 409 7.19 -11.13 -31.90
N ARG F 410 5.86 -11.06 -31.80
CA ARG F 410 5.03 -12.23 -31.92
C ARG F 410 5.24 -12.88 -33.26
N ARG F 411 5.33 -12.07 -34.31
CA ARG F 411 5.51 -12.62 -35.63
C ARG F 411 6.84 -13.37 -35.74
N LEU F 412 7.93 -12.78 -35.23
CA LEU F 412 9.19 -13.49 -35.19
C LEU F 412 9.07 -14.81 -34.42
N ASP F 413 8.69 -14.75 -33.14
CA ASP F 413 8.52 -15.98 -32.36
C ASP F 413 7.94 -17.07 -33.25
N ALA F 414 6.73 -16.84 -33.74
CA ALA F 414 6.04 -17.78 -34.61
C ALA F 414 6.82 -18.17 -35.88
N ALA F 415 7.30 -17.19 -36.63
CA ALA F 415 8.04 -17.48 -37.86
C ALA F 415 9.25 -18.37 -37.61
N PHE F 416 10.07 -18.01 -36.62
CA PHE F 416 11.33 -18.69 -36.38
C PHE F 416 11.18 -20.03 -35.68
N ALA F 417 9.99 -20.32 -35.14
CA ALA F 417 9.75 -21.61 -34.53
C ALA F 417 10.10 -22.74 -35.50
N SER F 418 10.19 -23.95 -34.97
CA SER F 418 10.51 -25.09 -35.81
C SER F 418 9.50 -26.23 -35.62
N ASP F 419 8.84 -26.63 -36.70
CA ASP F 419 7.87 -27.71 -36.65
C ASP F 419 8.52 -28.89 -35.96
N VAL F 420 9.69 -29.26 -36.47
CA VAL F 420 10.51 -30.24 -35.80
C VAL F 420 11.38 -29.51 -34.79
N PRO F 421 11.28 -29.94 -33.53
CA PRO F 421 12.07 -29.34 -32.45
C PRO F 421 13.56 -29.62 -32.63
N VAL F 422 14.39 -28.64 -32.29
CA VAL F 422 15.84 -28.78 -32.43
C VAL F 422 16.42 -29.85 -31.50
N GLN F 423 17.41 -30.57 -32.01
CA GLN F 423 18.09 -31.62 -31.25
C GLN F 423 19.59 -31.40 -31.42
N THR F 424 20.38 -31.88 -30.46
CA THR F 424 21.82 -31.68 -30.56
C THR F 424 22.49 -32.97 -31.05
N ALA F 425 23.52 -32.84 -31.89
CA ALA F 425 24.12 -34.00 -32.54
C ALA F 425 25.31 -34.55 -31.80
N PHE F 426 26.48 -33.99 -32.02
CA PHE F 426 27.64 -34.46 -31.29
C PHE F 426 28.66 -33.36 -31.06
N GLU F 427 29.19 -33.34 -29.85
CA GLU F 427 30.14 -32.32 -29.45
C GLU F 427 31.34 -32.39 -30.37
N PHE F 428 32.06 -31.29 -30.55
CA PHE F 428 33.26 -31.36 -31.39
C PHE F 428 34.33 -30.31 -31.05
N THR G 28 -18.12 61.10 40.46
CA THR G 28 -19.26 60.38 39.88
C THR G 28 -18.90 58.95 39.53
N VAL G 29 -17.68 58.75 39.03
CA VAL G 29 -17.21 57.42 38.65
C VAL G 29 -15.99 57.01 39.46
N THR G 30 -16.01 55.81 40.01
CA THR G 30 -14.89 55.31 40.81
C THR G 30 -14.23 54.12 40.14
N LEU G 31 -12.90 54.15 40.07
CA LEU G 31 -12.12 53.08 39.47
C LEU G 31 -11.31 52.35 40.55
N CYS G 32 -11.74 51.13 40.87
CA CYS G 32 -11.12 50.36 41.96
C CYS G 32 -11.07 48.89 41.62
N SER G 33 -10.61 48.07 42.57
CA SER G 33 -10.63 46.63 42.40
C SER G 33 -12.00 46.13 42.82
N PRO G 34 -12.56 45.19 42.06
CA PRO G 34 -13.93 44.77 42.38
C PRO G 34 -13.95 44.02 43.71
N THR G 35 -15.04 44.11 44.47
CA THR G 35 -15.17 43.28 45.67
C THR G 35 -16.05 42.09 45.37
N GLU G 36 -16.75 41.59 46.38
CA GLU G 36 -17.67 40.48 46.17
C GLU G 36 -19.00 41.00 45.65
N ASP G 37 -19.38 42.19 46.10
CA ASP G 37 -20.64 42.84 45.71
C ASP G 37 -20.69 43.19 44.23
N ASP G 38 -19.52 43.26 43.60
CA ASP G 38 -19.43 43.75 42.25
C ASP G 38 -19.61 42.66 41.19
N TRP G 39 -19.49 41.39 41.58
CA TRP G 39 -19.57 40.29 40.61
C TRP G 39 -20.82 40.33 39.72
N PRO G 40 -22.02 40.44 40.33
CA PRO G 40 -23.24 40.39 39.51
C PRO G 40 -23.36 41.51 38.46
N GLY G 41 -22.80 42.67 38.75
CA GLY G 41 -22.84 43.76 37.79
C GLY G 41 -21.83 43.54 36.69
N MSE G 42 -20.72 42.87 37.03
CA MSE G 42 -19.69 42.55 36.04
C MSE G 42 -20.26 41.53 35.06
O MSE G 42 -19.97 41.58 33.87
CB MSE G 42 -18.43 41.99 36.72
CG MSE G 42 -17.68 42.99 37.59
SE MSE G 42 -16.33 42.21 38.79
CE MSE G 42 -15.01 41.60 37.47
N PHE G 43 -21.06 40.60 35.58
CA PHE G 43 -21.67 39.55 34.77
C PHE G 43 -22.72 40.15 33.84
N LEU G 44 -23.44 41.15 34.34
CA LEU G 44 -24.38 41.87 33.52
C LEU G 44 -23.66 42.63 32.41
N LEU G 45 -22.51 43.22 32.71
CA LEU G 45 -21.77 44.05 31.77
C LEU G 45 -21.08 43.20 30.69
N ALA G 46 -20.39 42.17 31.14
CA ALA G 46 -19.79 41.19 30.24
C ALA G 46 -20.87 40.59 29.32
N ALA G 47 -22.05 40.32 29.89
CA ALA G 47 -23.11 39.68 29.15
C ALA G 47 -23.75 40.61 28.11
N ALA G 48 -23.90 41.89 28.44
CA ALA G 48 -24.43 42.84 27.48
C ALA G 48 -23.34 43.36 26.55
N SER G 49 -22.09 43.03 26.87
CA SER G 49 -20.95 43.50 26.08
C SER G 49 -20.41 42.48 25.09
N PHE G 50 -20.56 41.19 25.41
CA PHE G 50 -20.12 40.10 24.53
C PHE G 50 -21.23 39.07 24.35
N THR G 51 -21.53 38.69 23.10
CA THR G 51 -22.62 37.75 22.83
C THR G 51 -22.33 36.31 23.22
N ASP G 52 -21.08 35.91 23.07
CA ASP G 52 -20.67 34.54 23.35
C ASP G 52 -20.61 34.26 24.86
N PHE G 53 -20.75 35.31 25.66
CA PHE G 53 -20.54 35.19 27.10
C PHE G 53 -21.60 34.32 27.78
N ILE G 54 -21.29 33.91 29.01
CA ILE G 54 -22.19 33.07 29.81
C ILE G 54 -21.77 33.07 31.28
N GLY G 55 -22.74 33.05 32.20
CA GLY G 55 -22.48 33.05 33.63
C GLY G 55 -21.73 31.90 34.29
N PRO G 56 -22.08 30.67 33.94
CA PRO G 56 -21.44 29.47 34.48
C PRO G 56 -20.02 29.15 34.00
N GLU G 57 -19.81 29.23 32.69
CA GLU G 57 -18.51 28.93 32.09
C GLU G 57 -17.36 29.87 32.43
N SER G 58 -17.66 31.16 32.48
CA SER G 58 -16.66 32.19 32.77
C SER G 58 -16.11 32.31 34.19
N ALA G 59 -17.00 32.19 35.18
CA ALA G 59 -16.63 32.30 36.59
C ALA G 59 -15.27 31.64 36.86
N THR G 60 -15.10 30.42 36.35
CA THR G 60 -13.90 29.64 36.64
C THR G 60 -12.64 30.23 36.00
N ALA G 61 -12.72 30.61 34.72
CA ALA G 61 -11.59 31.23 34.06
C ALA G 61 -11.00 32.33 34.96
N TRP G 62 -11.88 33.11 35.58
CA TRP G 62 -11.49 34.23 36.42
C TRP G 62 -10.84 33.74 37.71
N ARG G 63 -11.58 33.05 38.56
CA ARG G 63 -10.91 32.62 39.79
C ARG G 63 -9.66 31.80 39.47
N THR G 64 -9.74 30.92 38.47
CA THR G 64 -8.59 30.09 38.11
C THR G 64 -7.33 30.76 37.51
N LEU G 65 -7.49 31.71 36.59
CA LEU G 65 -6.34 32.38 35.96
C LEU G 65 -6.06 33.89 36.17
N VAL G 66 -6.80 34.53 37.05
CA VAL G 66 -6.62 35.97 37.30
C VAL G 66 -6.01 36.25 38.68
N PRO G 67 -4.84 36.90 38.71
CA PRO G 67 -4.13 37.18 39.97
C PRO G 67 -4.98 38.00 40.92
N THR G 68 -4.59 38.05 42.19
CA THR G 68 -5.23 38.95 43.14
C THR G 68 -4.94 40.33 42.59
N ASP G 69 -5.95 41.18 42.53
CA ASP G 69 -5.81 42.51 41.94
C ASP G 69 -5.42 42.56 40.42
N GLY G 70 -5.70 41.48 39.70
CA GLY G 70 -5.57 41.50 38.26
C GLY G 70 -6.85 42.00 37.60
N ALA G 71 -7.72 42.63 38.38
CA ALA G 71 -8.97 43.15 37.83
C ALA G 71 -9.33 44.56 38.29
N VAL G 72 -9.97 45.31 37.39
CA VAL G 72 -10.38 46.68 37.68
C VAL G 72 -11.82 46.91 37.21
N VAL G 73 -12.56 47.71 37.97
CA VAL G 73 -13.94 48.03 37.62
C VAL G 73 -14.23 49.51 37.86
N VAL G 74 -15.19 50.06 37.12
CA VAL G 74 -15.53 51.45 37.28
C VAL G 74 -16.91 51.42 37.85
N ARG G 75 -17.18 52.25 38.86
CA ARG G 75 -18.50 52.26 39.47
C ARG G 75 -19.16 53.62 39.33
N ASP G 76 -20.47 53.64 39.10
CA ASP G 76 -21.22 54.89 39.05
C ASP G 76 -21.54 55.33 40.46
N GLY G 77 -20.66 56.17 41.02
CA GLY G 77 -20.87 56.79 42.32
C GLY G 77 -20.09 56.20 43.48
N ALA G 78 -20.50 56.59 44.69
CA ALA G 78 -19.94 56.04 45.93
C ALA G 78 -21.01 55.23 46.65
N GLY G 79 -20.60 54.46 47.65
CA GLY G 79 -21.53 53.65 48.43
C GLY G 79 -21.72 52.26 47.83
N PRO G 80 -21.59 51.22 48.68
CA PRO G 80 -21.68 49.81 48.24
C PRO G 80 -23.01 49.53 47.55
N GLY G 81 -22.95 48.96 46.36
CA GLY G 81 -24.14 48.75 45.55
C GLY G 81 -24.17 49.63 44.32
N SER G 82 -23.30 50.65 44.29
CA SER G 82 -23.12 51.49 43.11
C SER G 82 -22.87 50.59 41.90
N GLU G 83 -23.57 50.87 40.80
CA GLU G 83 -23.59 49.97 39.66
C GLU G 83 -22.29 49.91 38.86
N VAL G 84 -22.02 48.75 38.28
CA VAL G 84 -20.79 48.53 37.53
C VAL G 84 -20.95 48.97 36.07
N VAL G 85 -20.13 49.93 35.65
CA VAL G 85 -20.26 50.51 34.31
C VAL G 85 -18.98 50.33 33.51
N GLY G 86 -18.00 49.69 34.11
CA GLY G 86 -16.76 49.40 33.42
C GLY G 86 -16.15 48.19 34.06
N MSE G 87 -15.35 47.45 33.29
CA MSE G 87 -14.59 46.35 33.86
C MSE G 87 -13.49 45.93 32.91
O MSE G 87 -13.56 46.19 31.71
CB MSE G 87 -15.50 45.16 34.14
CG MSE G 87 -15.90 44.46 32.88
SE MSE G 87 -17.10 43.04 33.21
CE MSE G 87 -15.81 41.80 33.98
N ALA G 88 -12.49 45.27 33.45
CA ALA G 88 -11.32 44.84 32.69
C ALA G 88 -10.43 44.03 33.61
N LEU G 89 -9.87 42.96 33.10
CA LEU G 89 -8.98 42.16 33.93
C LEU G 89 -7.89 41.53 33.11
N TYR G 90 -6.84 41.07 33.77
CA TYR G 90 -5.71 40.41 33.08
C TYR G 90 -5.36 39.07 33.68
N MSE G 91 -4.88 38.19 32.83
CA MSE G 91 -4.63 36.82 33.21
C MSE G 91 -3.15 36.51 33.19
O MSE G 91 -2.40 37.09 32.42
CB MSE G 91 -5.38 35.89 32.29
CG MSE G 91 -6.86 35.94 32.56
SE MSE G 91 -7.90 35.13 31.19
CE MSE G 91 -9.60 35.12 32.12
N ASP G 92 -2.74 35.60 34.06
CA ASP G 92 -1.35 35.16 34.09
C ASP G 92 -1.13 34.07 33.05
N LEU G 93 -0.48 34.43 31.96
CA LEU G 93 -0.24 33.55 30.82
C LEU G 93 1.25 33.30 30.62
N ARG G 94 1.57 32.20 29.96
CA ARG G 94 2.94 31.94 29.57
C ARG G 94 2.98 31.85 28.05
N LEU G 95 3.80 32.69 27.42
CA LEU G 95 3.82 32.78 25.97
C LEU G 95 5.18 32.39 25.41
N THR G 96 5.16 31.50 24.43
CA THR G 96 6.38 31.12 23.77
C THR G 96 6.76 32.18 22.73
N VAL G 97 8.00 32.66 22.81
CA VAL G 97 8.55 33.61 21.85
C VAL G 97 9.65 32.92 21.04
N PRO G 98 10.11 33.55 19.93
CA PRO G 98 11.17 33.04 19.05
C PRO G 98 12.36 32.51 19.86
N GLY G 99 12.91 31.37 19.46
CA GLY G 99 13.99 30.78 20.23
C GLY G 99 13.47 29.87 21.35
N GLU G 100 12.16 29.63 21.36
CA GLU G 100 11.56 28.72 22.31
C GLU G 100 11.54 29.23 23.76
N VAL G 101 11.83 30.51 23.95
CA VAL G 101 11.80 31.09 25.28
C VAL G 101 10.35 31.38 25.75
N VAL G 102 10.05 31.09 27.02
CA VAL G 102 8.70 31.30 27.55
C VAL G 102 8.65 32.51 28.46
N LEU G 103 7.80 33.47 28.13
CA LEU G 103 7.64 34.69 28.94
C LEU G 103 6.34 34.75 29.68
N PRO G 104 6.37 35.06 30.98
CA PRO G 104 5.09 35.13 31.68
C PRO G 104 4.43 36.30 30.96
N THR G 105 3.18 36.16 30.56
CA THR G 105 2.52 37.27 29.85
C THR G 105 1.15 37.66 30.38
N ALA G 106 0.96 38.96 30.59
CA ALA G 106 -0.31 39.47 31.07
C ALA G 106 -1.28 39.34 29.90
N GLY G 107 -2.51 38.91 30.18
CA GLY G 107 -3.50 38.76 29.14
C GLY G 107 -4.75 39.55 29.41
N LEU G 108 -4.82 40.78 28.89
CA LEU G 108 -6.03 41.59 29.06
C LEU G 108 -7.22 40.87 28.45
N SER G 109 -8.37 41.02 29.09
CA SER G 109 -9.62 40.47 28.60
C SER G 109 -10.82 40.95 29.40
N PHE G 110 -12.01 40.59 28.92
CA PHE G 110 -13.28 41.08 29.46
C PHE G 110 -13.26 42.58 29.68
N VAL G 111 -12.75 43.30 28.69
CA VAL G 111 -12.73 44.75 28.72
C VAL G 111 -14.06 45.32 28.22
N ALA G 112 -14.73 46.10 29.06
CA ALA G 112 -16.06 46.57 28.70
C ALA G 112 -16.50 47.81 29.44
N VAL G 113 -17.05 48.74 28.67
CA VAL G 113 -17.70 49.90 29.21
C VAL G 113 -19.15 49.78 28.80
N ALA G 114 -20.03 50.13 29.71
CA ALA G 114 -21.45 50.14 29.43
C ALA G 114 -21.73 51.19 28.36
N PRO G 115 -22.77 50.94 27.55
CA PRO G 115 -23.18 51.92 26.53
C PRO G 115 -23.61 53.24 27.16
N THR G 116 -23.78 53.27 28.47
CA THR G 116 -24.18 54.50 29.14
C THR G 116 -22.97 55.38 29.48
N HIS G 117 -21.79 54.79 29.47
CA HIS G 117 -20.56 55.51 29.81
C HIS G 117 -19.50 55.59 28.71
N ARG G 118 -19.90 55.35 27.47
CA ARG G 118 -18.97 55.38 26.36
C ARG G 118 -18.37 56.76 26.08
N ARG G 119 -17.14 56.76 25.57
CA ARG G 119 -16.39 57.97 25.22
C ARG G 119 -16.05 58.96 26.35
N ARG G 120 -15.74 58.46 27.53
CA ARG G 120 -15.38 59.31 28.65
C ARG G 120 -14.05 58.81 29.19
N GLY G 121 -13.22 58.27 28.30
CA GLY G 121 -11.88 57.84 28.67
C GLY G 121 -11.85 56.74 29.72
N LEU G 122 -12.98 56.06 29.92
CA LEU G 122 -13.00 54.99 30.91
C LEU G 122 -12.08 53.82 30.55
N LEU G 123 -12.06 53.44 29.28
CA LEU G 123 -11.17 52.40 28.80
C LEU G 123 -9.72 52.86 28.97
N ARG G 124 -9.48 54.13 28.67
CA ARG G 124 -8.16 54.72 28.84
C ARG G 124 -7.70 54.56 30.29
N ALA G 125 -8.54 55.00 31.21
CA ALA G 125 -8.27 54.85 32.64
C ALA G 125 -7.95 53.41 33.08
N MSE G 126 -8.87 52.51 32.79
CA MSE G 126 -8.69 51.11 33.13
C MSE G 126 -7.38 50.52 32.57
O MSE G 126 -6.76 49.66 33.19
CB MSE G 126 -9.91 50.30 32.71
CG MSE G 126 -11.13 50.68 33.50
SE MSE G 126 -12.64 49.50 33.21
CE MSE G 126 -12.67 49.62 31.25
N CYS G 127 -6.96 51.01 31.41
CA CYS G 127 -5.68 50.58 30.85
C CYS G 127 -4.51 51.13 31.64
N ALA G 128 -4.58 52.40 32.03
CA ALA G 128 -3.46 53.01 32.74
C ALA G 128 -3.24 52.28 34.04
N GLU G 129 -4.33 51.90 34.67
CA GLU G 129 -4.27 51.20 35.94
C GLU G 129 -3.70 49.79 35.74
N LEU G 130 -4.35 48.98 34.91
CA LEU G 130 -3.93 47.59 34.69
C LEU G 130 -2.47 47.51 34.31
N HIS G 131 -1.99 48.54 33.62
CA HIS G 131 -0.60 48.59 33.18
C HIS G 131 0.31 48.87 34.36
N ARG G 132 -0.18 49.72 35.24
CA ARG G 132 0.56 50.02 36.43
C ARG G 132 0.72 48.73 37.24
N ARG G 133 -0.39 48.01 37.41
CA ARG G 133 -0.35 46.77 38.12
C ARG G 133 0.52 45.76 37.38
N ILE G 134 0.44 45.77 36.05
CA ILE G 134 1.18 44.81 35.25
C ILE G 134 2.70 45.02 35.36
N ALA G 135 3.14 46.26 35.24
CA ALA G 135 4.55 46.59 35.36
C ALA G 135 5.06 46.30 36.77
N ASP G 136 4.25 46.68 37.76
CA ASP G 136 4.59 46.43 39.16
C ASP G 136 4.75 44.95 39.47
N SER G 137 4.11 44.09 38.68
CA SER G 137 4.22 42.65 38.92
C SER G 137 5.38 42.09 38.12
N GLY G 138 6.03 42.97 37.35
CA GLY G 138 7.19 42.58 36.57
C GLY G 138 6.94 41.92 35.23
N TYR G 139 5.69 41.68 34.85
CA TYR G 139 5.47 41.15 33.51
C TYR G 139 6.25 41.99 32.50
N PRO G 140 7.03 41.31 31.68
CA PRO G 140 7.81 41.98 30.63
C PRO G 140 6.87 42.58 29.56
N VAL G 141 5.81 41.84 29.23
CA VAL G 141 4.84 42.26 28.21
C VAL G 141 3.37 41.87 28.50
N ALA G 142 2.45 42.53 27.78
CA ALA G 142 1.01 42.31 27.89
C ALA G 142 0.46 41.90 26.51
N ALA G 143 -0.69 41.23 26.47
CA ALA G 143 -1.21 40.81 25.18
C ALA G 143 -2.72 40.82 25.22
N LEU G 144 -3.32 40.78 24.04
CA LEU G 144 -4.76 40.72 23.99
C LEU G 144 -5.25 40.28 22.62
N HIS G 145 -6.56 40.07 22.52
CA HIS G 145 -7.23 39.94 21.25
C HIS G 145 -8.17 41.11 21.15
N ALA G 146 -8.21 41.76 20.00
CA ALA G 146 -8.98 42.99 19.90
C ALA G 146 -10.30 42.74 19.19
N SER G 147 -11.39 43.24 19.75
CA SER G 147 -12.69 43.06 19.10
C SER G 147 -12.81 43.99 17.87
N GLU G 148 -12.06 45.08 17.87
CA GLU G 148 -12.00 46.01 16.76
C GLU G 148 -10.54 46.37 16.66
N GLY G 149 -10.09 46.75 15.46
CA GLY G 149 -8.67 46.92 15.18
C GLY G 149 -8.13 48.32 15.32
N GLY G 150 -8.94 49.22 15.84
CA GLY G 150 -8.52 50.62 15.94
C GLY G 150 -8.39 51.10 17.37
N ILE G 151 -8.41 50.16 18.32
CA ILE G 151 -8.53 50.49 19.74
C ILE G 151 -7.22 50.53 20.54
N TYR G 152 -6.53 49.40 20.59
CA TYR G 152 -5.43 49.20 21.53
C TYR G 152 -4.10 49.71 21.02
N GLY G 153 -4.07 50.04 19.74
CA GLY G 153 -2.87 50.54 19.12
C GLY G 153 -2.38 51.74 19.90
N ARG G 154 -3.32 52.63 20.22
CA ARG G 154 -3.00 53.85 20.95
C ARG G 154 -2.43 53.56 22.33
N PHE G 155 -2.60 52.33 22.78
CA PHE G 155 -2.21 51.94 24.13
C PHE G 155 -0.88 51.17 24.19
N GLY G 156 -0.26 51.01 23.03
CA GLY G 156 1.03 50.37 22.98
C GLY G 156 0.94 48.98 22.40
N TYR G 157 -0.29 48.51 22.22
CA TYR G 157 -0.47 47.19 21.68
C TYR G 157 -0.40 47.27 20.18
N GLY G 158 0.27 46.27 19.59
CA GLY G 158 0.38 46.16 18.16
C GLY G 158 0.11 44.73 17.73
N PRO G 159 -0.63 44.55 16.63
CA PRO G 159 -0.99 43.22 16.14
C PRO G 159 0.28 42.38 15.84
N ALA G 160 0.34 41.19 16.43
CA ALA G 160 1.59 40.41 16.51
C ALA G 160 1.57 39.07 15.78
N THR G 161 0.38 38.52 15.55
CA THR G 161 0.27 37.27 14.82
C THR G 161 -0.83 37.45 13.81
N THR G 162 -0.76 36.71 12.70
CA THR G 162 -1.78 36.84 11.68
C THR G 162 -2.61 35.57 11.57
N LEU G 163 -3.93 35.72 11.55
CA LEU G 163 -4.83 34.59 11.34
C LEU G 163 -5.26 34.47 9.87
N HIS G 164 -5.07 33.30 9.27
CA HIS G 164 -5.74 32.95 8.02
C HIS G 164 -6.82 31.96 8.27
N GLU G 165 -7.98 32.16 7.65
CA GLU G 165 -8.91 31.07 7.51
C GLU G 165 -8.65 30.43 6.14
N LEU G 166 -8.37 29.13 6.16
CA LEU G 166 -8.34 28.30 4.97
C LEU G 166 -9.67 27.54 4.85
N THR G 167 -10.25 27.62 3.66
CA THR G 167 -11.49 26.96 3.34
C THR G 167 -11.05 26.07 2.20
N VAL G 168 -11.28 24.78 2.31
CA VAL G 168 -10.87 23.87 1.25
C VAL G 168 -11.98 23.03 0.67
N ASP G 169 -12.03 22.91 -0.66
CA ASP G 169 -13.06 22.09 -1.26
C ASP G 169 -12.50 20.68 -1.18
N ARG G 170 -13.15 19.85 -0.37
CA ARG G 170 -12.76 18.46 -0.15
C ARG G 170 -12.84 17.54 -1.36
N ARG G 171 -13.86 17.76 -2.20
CA ARG G 171 -14.06 16.94 -3.39
C ARG G 171 -12.91 16.95 -4.40
N PHE G 172 -12.29 18.10 -4.61
CA PHE G 172 -11.19 18.15 -5.58
C PHE G 172 -9.79 17.97 -4.99
N ALA G 173 -9.66 17.64 -3.72
CA ALA G 173 -8.31 17.54 -3.14
C ALA G 173 -7.62 16.22 -3.49
N ARG G 174 -6.44 16.33 -4.07
CA ARG G 174 -5.56 15.17 -4.25
C ARG G 174 -4.26 15.56 -3.60
N PHE G 175 -3.62 14.61 -2.94
CA PHE G 175 -2.34 14.91 -2.36
C PHE G 175 -1.26 14.81 -3.42
N HIS G 176 -0.35 15.77 -3.39
CA HIS G 176 0.78 15.77 -4.30
C HIS G 176 1.55 14.49 -4.09
N ALA G 177 2.31 14.10 -5.11
CA ALA G 177 3.23 12.97 -4.99
C ALA G 177 4.25 13.18 -3.85
N ASP G 178 4.82 14.38 -3.76
CA ASP G 178 5.79 14.69 -2.70
C ASP G 178 5.17 14.60 -1.29
N ALA G 179 3.84 14.70 -1.18
CA ALA G 179 3.21 14.80 0.12
C ALA G 179 3.64 13.67 1.03
N PRO G 180 3.95 13.97 2.31
CA PRO G 180 4.32 12.90 3.24
C PRO G 180 3.18 11.88 3.49
N GLY G 181 3.55 10.61 3.68
CA GLY G 181 2.59 9.53 3.84
C GLY G 181 2.25 8.85 2.53
N SER G 187 -4.01 6.56 8.18
CA SER G 187 -4.05 5.20 8.72
C SER G 187 -3.35 5.17 10.08
N SER G 188 -2.50 6.16 10.30
CA SER G 188 -1.77 6.29 11.56
C SER G 188 -2.58 7.19 12.49
N VAL G 189 -3.73 7.65 11.99
CA VAL G 189 -4.63 8.53 12.74
C VAL G 189 -5.99 7.86 12.94
N ARG G 190 -6.59 8.08 14.10
CA ARG G 190 -7.89 7.48 14.40
C ARG G 190 -8.97 8.44 14.92
N LEU G 191 -10.22 8.12 14.61
CA LEU G 191 -11.39 8.89 15.00
C LEU G 191 -11.79 8.48 16.43
N VAL G 192 -11.86 9.45 17.34
CA VAL G 192 -12.07 9.17 18.76
C VAL G 192 -12.90 10.25 19.41
N ARG G 193 -13.53 9.93 20.53
CA ARG G 193 -14.28 10.93 21.30
C ARG G 193 -13.28 11.81 22.03
N PRO G 194 -13.36 13.13 21.81
CA PRO G 194 -12.32 14.02 22.35
C PRO G 194 -12.25 13.86 23.87
N THR G 195 -13.40 13.74 24.52
CA THR G 195 -13.46 13.54 25.97
C THR G 195 -12.68 12.31 26.43
N GLU G 196 -12.70 11.24 25.64
CA GLU G 196 -12.03 10.01 26.06
C GLU G 196 -10.49 10.05 25.98
N HIS G 197 -9.93 11.17 25.52
CA HIS G 197 -8.51 11.19 25.23
C HIS G 197 -7.78 12.44 25.72
N ARG G 198 -8.42 13.14 26.64
CA ARG G 198 -7.90 14.38 27.21
C ARG G 198 -6.39 14.34 27.47
N GLY G 199 -5.93 13.28 28.09
CA GLY G 199 -4.53 13.19 28.46
C GLY G 199 -3.62 13.31 27.25
N GLU G 200 -4.01 12.63 26.17
CA GLU G 200 -3.24 12.70 24.94
C GLU G 200 -3.21 14.13 24.40
N PHE G 201 -4.38 14.76 24.33
CA PHE G 201 -4.50 16.10 23.80
C PHE G 201 -3.54 17.02 24.52
N GLU G 202 -3.65 17.07 25.84
CA GLU G 202 -2.75 17.86 26.65
C GLU G 202 -1.29 17.57 26.34
N ALA G 203 -0.93 16.31 26.17
CA ALA G 203 0.49 16.02 25.97
C ALA G 203 1.00 16.65 24.68
N ILE G 204 0.18 16.57 23.64
CA ILE G 204 0.59 17.05 22.33
C ILE G 204 0.66 18.56 22.34
N TYR G 205 -0.44 19.18 22.74
CA TYR G 205 -0.53 20.63 22.78
C TYR G 205 0.62 21.20 23.60
N GLU G 206 0.98 20.49 24.66
CA GLU G 206 2.09 20.91 25.51
C GLU G 206 3.45 20.89 24.77
N ARG G 207 3.67 19.91 23.90
CA ARG G 207 4.88 19.87 23.08
C ARG G 207 4.84 21.01 22.07
N TRP G 208 3.65 21.26 21.55
CA TRP G 208 3.48 22.23 20.48
C TRP G 208 3.72 23.64 20.97
N ARG G 209 3.07 23.97 22.07
CA ARG G 209 3.07 25.34 22.56
C ARG G 209 4.48 25.71 22.93
N GLN G 210 5.27 24.70 23.30
CA GLN G 210 6.65 24.93 23.73
C GLN G 210 7.64 25.15 22.58
N GLN G 211 7.26 24.75 21.36
CA GLN G 211 8.14 24.91 20.20
C GLN G 211 7.71 25.99 19.20
N VAL G 212 6.51 26.54 19.38
CA VAL G 212 5.97 27.50 18.44
C VAL G 212 5.88 28.91 19.04
N PRO G 213 6.49 29.90 18.37
CA PRO G 213 6.26 31.26 18.85
C PRO G 213 4.76 31.56 18.78
N GLY G 214 4.21 32.08 19.87
CA GLY G 214 2.78 32.37 19.91
C GLY G 214 2.06 31.34 20.74
N GLY G 215 2.80 30.29 21.11
CA GLY G 215 2.28 29.26 22.00
C GLY G 215 1.99 29.76 23.39
N LEU G 216 0.84 29.34 23.91
CA LEU G 216 0.42 29.68 25.27
C LEU G 216 0.29 28.40 26.11
N LEU G 217 0.84 28.39 27.32
CA LEU G 217 0.60 27.25 28.20
C LEU G 217 -0.89 27.23 28.34
N ARG G 218 -1.49 26.04 28.32
CA ARG G 218 -2.92 25.94 28.57
C ARG G 218 -3.22 25.27 29.92
N PRO G 219 -3.77 26.05 30.86
CA PRO G 219 -4.17 25.53 32.18
C PRO G 219 -5.39 24.60 32.18
N GLN G 220 -5.47 23.79 33.23
CA GLN G 220 -6.53 22.81 33.41
C GLN G 220 -7.95 23.36 33.24
N VAL G 221 -8.27 24.43 33.96
CA VAL G 221 -9.60 25.02 33.85
C VAL G 221 -9.95 25.29 32.39
N LEU G 222 -8.94 25.60 31.58
CA LEU G 222 -9.18 25.88 30.16
C LEU G 222 -9.39 24.59 29.40
N TRP G 223 -8.59 23.59 29.72
CA TRP G 223 -8.83 22.27 29.17
C TRP G 223 -10.23 21.79 29.53
N ASP G 224 -10.66 22.06 30.76
CA ASP G 224 -11.99 21.64 31.19
C ASP G 224 -13.04 22.30 30.32
N GLU G 225 -12.89 23.58 30.07
CA GLU G 225 -13.83 24.32 29.24
C GLU G 225 -13.85 23.81 27.80
N LEU G 226 -12.66 23.56 27.27
CA LEU G 226 -12.55 23.07 25.89
C LEU G 226 -13.18 21.70 25.69
N LEU G 227 -12.94 20.78 26.62
CA LEU G 227 -13.49 19.44 26.51
C LEU G 227 -15.01 19.52 26.58
N ALA G 228 -15.48 20.38 27.47
CA ALA G 228 -16.91 20.59 27.67
C ALA G 228 -17.64 21.08 26.40
N GLU G 229 -17.08 22.08 25.72
CA GLU G 229 -17.70 22.62 24.50
C GLU G 229 -17.80 21.63 23.33
N CYS G 230 -17.17 20.48 23.49
CA CYS G 230 -17.25 19.46 22.48
C CYS G 230 -18.64 18.84 22.43
N LYS G 231 -19.36 18.86 23.56
CA LYS G 231 -20.70 18.27 23.60
C LYS G 231 -21.75 19.16 22.91
N ALA G 232 -22.65 18.52 22.17
CA ALA G 232 -23.64 19.26 21.40
C ALA G 232 -24.60 19.97 22.35
N ALA G 233 -25.02 21.17 21.95
CA ALA G 233 -25.98 21.92 22.73
C ALA G 233 -27.21 22.23 21.87
N PRO G 234 -28.42 21.90 22.40
CA PRO G 234 -29.69 22.19 21.71
C PRO G 234 -29.80 23.64 21.23
N GLY G 235 -29.80 23.84 19.91
CA GLY G 235 -29.90 25.16 19.34
C GLY G 235 -28.53 25.78 19.16
N GLY G 236 -27.51 25.00 19.49
CA GLY G 236 -26.14 25.44 19.40
C GLY G 236 -25.31 24.53 18.51
N ASP G 237 -24.03 24.40 18.87
CA ASP G 237 -23.08 23.57 18.13
C ASP G 237 -23.26 22.07 18.23
N ARG G 238 -22.92 21.39 17.14
CA ARG G 238 -23.01 19.93 17.04
C ARG G 238 -21.85 19.29 17.77
N GLU G 239 -21.93 18.00 18.02
CA GLU G 239 -20.87 17.28 18.71
C GLU G 239 -19.57 17.34 17.91
N SER G 240 -18.45 17.44 18.63
CA SER G 240 -17.13 17.51 18.00
C SER G 240 -16.31 16.25 18.14
N PHE G 241 -15.73 15.81 17.02
CA PHE G 241 -14.91 14.61 16.97
C PHE G 241 -13.46 14.97 16.64
N ALA G 242 -12.51 14.38 17.36
CA ALA G 242 -11.10 14.65 17.14
C ALA G 242 -10.29 13.50 16.55
N LEU G 243 -9.52 13.81 15.52
CA LEU G 243 -8.67 12.86 14.84
C LEU G 243 -7.35 12.95 15.58
N LEU G 244 -6.90 11.82 16.11
CA LEU G 244 -5.74 11.78 16.99
C LEU G 244 -4.62 11.00 16.33
N HIS G 245 -3.42 11.54 16.41
CA HIS G 245 -2.21 10.97 15.85
C HIS G 245 -1.13 11.07 16.92
N PRO G 246 -0.26 10.06 17.00
CA PRO G 246 0.82 10.10 18.00
C PRO G 246 1.38 11.51 18.22
N ASP G 247 1.63 12.24 17.13
CA ASP G 247 2.26 13.55 17.25
C ASP G 247 1.36 14.73 16.90
N GLY G 248 0.05 14.51 16.91
CA GLY G 248 -0.88 15.61 16.70
C GLY G 248 -2.34 15.21 16.75
N TYR G 249 -3.21 16.17 17.05
CA TYR G 249 -4.64 15.93 17.01
C TYR G 249 -5.38 17.02 16.22
N ALA G 250 -6.68 16.79 16.02
CA ALA G 250 -7.55 17.76 15.35
C ALA G 250 -8.95 17.66 15.91
N LEU G 251 -9.49 18.80 16.36
CA LEU G 251 -10.88 18.88 16.77
C LEU G 251 -11.65 19.53 15.66
N TYR G 252 -12.74 18.89 15.23
CA TYR G 252 -13.57 19.42 14.16
C TYR G 252 -15.05 19.15 14.42
N ARG G 253 -15.91 20.05 13.95
CA ARG G 253 -17.34 19.88 14.13
C ARG G 253 -18.12 20.35 12.90
N VAL G 254 -19.25 19.71 12.64
CA VAL G 254 -20.08 20.08 11.50
C VAL G 254 -20.71 21.44 11.81
N ASP G 255 -20.89 22.27 10.78
CA ASP G 255 -21.48 23.59 11.01
C ASP G 255 -22.94 23.47 11.50
N ARG G 256 -23.42 24.50 12.19
CA ARG G 256 -24.81 24.52 12.64
C ARG G 256 -25.82 24.46 11.49
N THR G 257 -25.56 25.15 10.40
CA THR G 257 -26.55 25.24 9.34
C THR G 257 -26.08 24.55 8.07
N ASP G 258 -24.88 24.90 7.63
CA ASP G 258 -24.32 24.29 6.44
C ASP G 258 -23.83 22.87 6.71
N LEU G 259 -24.71 21.90 6.52
CA LEU G 259 -24.41 20.53 6.88
C LEU G 259 -23.36 19.88 5.96
N LYS G 260 -22.86 20.65 5.02
CA LYS G 260 -21.84 20.17 4.09
C LYS G 260 -20.50 20.83 4.38
N LEU G 261 -20.36 21.42 5.57
CA LEU G 261 -19.14 22.15 5.97
C LEU G 261 -18.55 21.70 7.31
N ALA G 262 -17.31 21.26 7.31
CA ALA G 262 -16.65 20.83 8.54
C ALA G 262 -15.75 21.93 9.08
N ARG G 263 -15.97 22.31 10.33
CA ARG G 263 -15.22 23.38 10.92
C ARG G 263 -14.19 22.84 11.90
N VAL G 264 -12.92 22.90 11.52
CA VAL G 264 -11.85 22.52 12.43
C VAL G 264 -11.75 23.60 13.51
N SER G 265 -11.86 23.20 14.77
CA SER G 265 -11.88 24.17 15.87
C SER G 265 -10.47 24.35 16.41
N GLU G 266 -9.64 23.37 16.15
CA GLU G 266 -8.24 23.46 16.56
C GLU G 266 -7.43 22.33 15.91
N LEU G 267 -6.32 22.70 15.29
CA LEU G 267 -5.47 21.71 14.67
C LEU G 267 -4.15 21.84 15.39
N ARG G 268 -3.74 20.79 16.08
CA ARG G 268 -2.47 20.83 16.80
C ARG G 268 -1.58 19.70 16.34
N ALA G 269 -0.40 20.04 15.84
CA ALA G 269 0.55 19.02 15.36
C ALA G 269 2.01 19.34 15.68
N VAL G 270 2.76 18.32 16.06
CA VAL G 270 4.18 18.49 16.39
C VAL G 270 5.14 18.03 15.29
N THR G 271 4.61 17.47 14.20
CA THR G 271 5.44 16.99 13.10
C THR G 271 4.81 17.27 11.73
N ALA G 272 5.63 17.30 10.70
CA ALA G 272 5.13 17.54 9.35
C ALA G 272 4.19 16.39 9.01
N ASP G 273 4.60 15.18 9.40
CA ASP G 273 3.81 13.98 9.15
C ASP G 273 2.48 14.04 9.89
N ALA G 274 2.51 14.52 11.13
CA ALA G 274 1.30 14.63 11.92
C ALA G 274 0.35 15.59 11.23
N HIS G 275 0.92 16.68 10.71
CA HIS G 275 0.15 17.69 10.00
C HIS G 275 -0.47 17.10 8.74
N CYS G 276 0.30 16.29 8.02
CA CYS G 276 -0.15 15.71 6.76
C CYS G 276 -1.13 14.57 6.95
N ALA G 277 -0.84 13.69 7.91
CA ALA G 277 -1.76 12.64 8.28
C ALA G 277 -3.14 13.21 8.64
N LEU G 278 -3.16 14.20 9.52
CA LEU G 278 -4.42 14.79 9.94
C LEU G 278 -5.22 15.32 8.74
N TRP G 279 -4.52 15.92 7.78
CA TRP G 279 -5.22 16.51 6.64
C TRP G 279 -5.66 15.44 5.63
N ARG G 280 -4.87 14.38 5.51
CA ARG G 280 -5.31 13.27 4.71
C ARG G 280 -6.66 12.75 5.25
N ALA G 281 -6.77 12.67 6.57
CA ALA G 281 -8.02 12.28 7.21
C ALA G 281 -9.11 13.32 7.03
N LEU G 282 -8.80 14.59 7.30
CA LEU G 282 -9.82 15.63 7.12
C LEU G 282 -10.38 15.64 5.69
N ILE G 283 -9.50 15.45 4.69
CA ILE G 283 -9.96 15.41 3.32
C ILE G 283 -10.84 14.19 3.08
N GLY G 284 -10.68 13.18 3.93
CA GLY G 284 -11.44 11.95 3.83
C GLY G 284 -12.84 12.02 4.42
N LEU G 285 -13.30 13.22 4.75
CA LEU G 285 -14.63 13.40 5.31
C LEU G 285 -15.68 13.42 4.21
N ASP G 286 -15.88 12.28 3.57
CA ASP G 286 -16.59 12.16 2.30
C ASP G 286 -17.98 12.81 2.22
N SER G 287 -18.61 13.02 3.37
CA SER G 287 -19.93 13.65 3.40
C SER G 287 -19.87 15.18 3.54
N MSE G 288 -18.66 15.72 3.67
CA MSE G 288 -18.48 17.16 3.64
C MSE G 288 -18.13 17.66 2.24
O MSE G 288 -17.53 16.93 1.43
CB MSE G 288 -17.41 17.61 4.65
CG MSE G 288 -17.78 17.47 6.12
SE MSE G 288 -19.32 18.51 6.79
CE MSE G 288 -20.47 17.04 7.35
N GLU G 289 -18.50 18.90 1.95
CA GLU G 289 -18.06 19.57 0.73
C GLU G 289 -16.80 20.39 1.00
N ARG G 290 -16.83 21.11 2.12
CA ARG G 290 -15.76 22.01 2.45
C ARG G 290 -15.20 21.70 3.83
N ILE G 291 -13.92 21.98 4.04
CA ILE G 291 -13.32 21.95 5.36
C ILE G 291 -12.74 23.32 5.61
N SER G 292 -13.09 23.95 6.74
CA SER G 292 -12.54 25.26 7.07
C SER G 292 -11.76 25.26 8.37
N ILE G 293 -10.82 26.19 8.48
CA ILE G 293 -9.97 26.23 9.66
C ILE G 293 -9.30 27.59 9.83
N ILE G 294 -9.14 28.02 11.07
CA ILE G 294 -8.29 29.16 11.36
C ILE G 294 -6.84 28.72 11.51
N THR G 295 -5.95 29.22 10.65
CA THR G 295 -4.55 28.81 10.68
C THR G 295 -3.64 30.03 10.55
N HIS G 296 -2.34 29.82 10.36
CA HIS G 296 -1.40 30.92 10.18
C HIS G 296 -0.94 31.04 8.73
N PRO G 297 -0.34 32.20 8.37
CA PRO G 297 0.02 32.40 6.96
C PRO G 297 0.99 31.33 6.43
N GLN G 298 1.83 30.74 7.28
CA GLN G 298 2.82 29.78 6.78
C GLN G 298 2.40 28.32 6.95
N ASP G 299 1.09 28.08 7.10
CA ASP G 299 0.56 26.74 7.03
C ASP G 299 0.88 26.11 5.68
N PRO G 300 1.57 24.98 5.71
CA PRO G 300 1.97 24.29 4.47
C PRO G 300 0.83 23.50 3.85
N LEU G 301 -0.39 23.64 4.32
CA LEU G 301 -1.48 22.88 3.73
C LEU G 301 -1.46 22.89 2.20
N PRO G 302 -1.50 24.07 1.58
CA PRO G 302 -1.64 24.16 0.13
C PRO G 302 -0.59 23.38 -0.66
N HIS G 303 0.65 23.28 -0.16
CA HIS G 303 1.68 22.57 -0.91
C HIS G 303 1.58 21.03 -0.80
N LEU G 304 0.65 20.57 0.02
CA LEU G 304 0.40 19.15 0.15
C LEU G 304 -0.51 18.66 -0.98
N LEU G 305 -1.17 19.58 -1.66
CA LEU G 305 -2.15 19.26 -2.72
C LEU G 305 -1.66 19.51 -4.16
N THR G 306 -2.17 18.75 -5.12
CA THR G 306 -1.83 18.98 -6.52
C THR G 306 -2.30 20.35 -7.01
N ASP G 307 -3.29 20.92 -6.34
CA ASP G 307 -3.76 22.25 -6.70
C ASP G 307 -3.80 23.18 -5.48
N THR G 308 -2.76 24.00 -5.33
CA THR G 308 -2.68 24.90 -4.18
C THR G 308 -3.91 25.81 -3.98
N ARG G 309 -4.66 26.04 -5.04
CA ARG G 309 -5.85 26.90 -5.01
C ARG G 309 -6.95 26.33 -4.12
N LEU G 310 -7.06 25.00 -4.07
CA LEU G 310 -8.11 24.39 -3.26
C LEU G 310 -8.01 24.87 -1.82
N ALA G 311 -6.79 25.00 -1.32
CA ALA G 311 -6.60 25.48 0.03
C ALA G 311 -6.64 26.99 -0.06
N ARG G 312 -7.81 27.50 -0.40
CA ARG G 312 -8.06 28.94 -0.54
C ARG G 312 -8.16 29.71 0.76
N THR G 313 -7.88 31.00 0.69
CA THR G 313 -7.95 31.87 1.86
C THR G 313 -9.30 32.56 1.78
N THR G 314 -10.07 32.45 2.85
CA THR G 314 -11.40 33.03 2.89
C THR G 314 -11.51 34.14 3.93
N TRP G 315 -10.44 34.33 4.72
CA TRP G 315 -10.44 35.36 5.75
C TRP G 315 -9.02 35.74 6.21
N ARG G 316 -8.79 37.02 6.48
CA ARG G 316 -7.47 37.48 6.94
C ARG G 316 -7.58 38.54 8.03
N GLN G 317 -6.93 38.33 9.18
CA GLN G 317 -6.99 39.32 10.26
C GLN G 317 -5.95 39.16 11.36
N ASP G 318 -5.74 40.23 12.14
CA ASP G 318 -4.81 40.21 13.24
C ASP G 318 -5.37 39.28 14.30
N GLY G 319 -4.47 38.57 15.00
CA GLY G 319 -4.85 37.69 16.10
C GLY G 319 -4.41 38.25 17.45
N LEU G 320 -3.34 37.69 18.01
CA LEU G 320 -2.77 38.16 19.25
C LEU G 320 -2.01 39.48 19.05
N TRP G 321 -2.25 40.45 19.93
CA TRP G 321 -1.54 41.73 19.95
C TRP G 321 -0.63 41.79 21.17
N LEU G 322 0.56 42.35 21.00
CA LEU G 322 1.48 42.43 22.11
C LEU G 322 2.03 43.81 22.38
N ARG G 323 1.99 44.22 23.64
CA ARG G 323 2.49 45.51 24.02
C ARG G 323 3.70 45.20 24.88
N ILE G 324 4.88 45.64 24.44
CA ILE G 324 6.07 45.38 25.22
C ILE G 324 6.01 46.25 26.46
N MSE G 325 6.33 45.67 27.62
CA MSE G 325 6.29 46.47 28.84
C MSE G 325 7.68 46.84 29.26
O MSE G 325 7.90 47.86 29.91
CB MSE G 325 5.60 45.71 29.97
CG MSE G 325 4.17 45.32 29.71
SE MSE G 325 2.79 46.68 29.94
CE MSE G 325 3.14 47.25 31.76
N ASN G 326 8.64 46.02 28.86
CA ASN G 326 10.02 46.12 29.32
C ASN G 326 10.93 45.85 28.15
N VAL G 327 11.31 46.92 27.47
CA VAL G 327 12.03 46.79 26.21
C VAL G 327 13.29 45.97 26.39
N PRO G 328 14.10 46.30 27.41
CA PRO G 328 15.31 45.48 27.60
C PRO G 328 14.95 44.02 27.86
N ALA G 329 14.06 43.79 28.83
CA ALA G 329 13.68 42.44 29.20
C ALA G 329 13.21 41.58 28.02
N ALA G 330 12.20 42.08 27.31
CA ALA G 330 11.63 41.39 26.17
C ALA G 330 12.61 41.23 25.00
N LEU G 331 13.37 42.29 24.74
CA LEU G 331 14.34 42.26 23.65
C LEU G 331 15.43 41.23 23.86
N GLU G 332 15.90 41.11 25.09
CA GLU G 332 16.96 40.14 25.40
C GLU G 332 16.42 38.70 25.48
N ALA G 333 15.20 38.54 25.97
CA ALA G 333 14.63 37.20 26.08
C ALA G 333 14.45 36.46 24.75
N ARG G 334 13.98 37.15 23.72
CA ARG G 334 13.77 36.53 22.41
C ARG G 334 15.03 36.22 21.58
N GLY G 335 15.01 35.08 20.89
CA GLY G 335 16.10 34.64 20.04
C GLY G 335 16.07 35.38 18.72
N TYR G 336 17.19 35.44 18.00
CA TYR G 336 17.20 36.14 16.74
C TYR G 336 17.79 35.23 15.68
N ALA G 337 17.56 35.54 14.42
CA ALA G 337 18.12 34.72 13.35
C ALA G 337 19.64 34.77 13.45
N HIS G 338 20.27 33.62 13.30
CA HIS G 338 21.73 33.55 13.31
C HIS G 338 22.23 33.94 11.94
N GLU G 339 21.35 33.83 10.96
CA GLU G 339 21.73 33.98 9.55
C GLU G 339 22.04 35.43 9.14
N VAL G 340 21.92 36.38 10.07
CA VAL G 340 22.36 37.75 9.87
C VAL G 340 23.54 37.99 10.77
N GLY G 341 24.56 38.69 10.29
CA GLY G 341 25.77 38.88 11.07
C GLY G 341 25.59 39.86 12.20
N GLU G 342 26.55 39.88 13.13
CA GLU G 342 26.49 40.79 14.27
C GLU G 342 26.34 42.28 13.86
N PHE G 343 25.68 43.08 14.70
CA PHE G 343 25.49 44.52 14.45
C PHE G 343 24.87 45.31 15.61
N SER G 344 25.09 46.62 15.62
CA SER G 344 24.66 47.47 16.74
C SER G 344 23.77 48.63 16.32
N THR G 345 22.90 49.08 17.21
CA THR G 345 22.12 50.30 17.00
C THR G 345 21.54 50.89 18.30
N VAL G 346 20.93 52.06 18.17
CA VAL G 346 20.32 52.74 19.29
C VAL G 346 18.85 52.69 18.94
N LEU G 347 18.04 52.13 19.82
CA LEU G 347 16.61 52.03 19.55
C LEU G 347 15.83 52.99 20.42
N GLU G 348 15.01 53.81 19.79
CA GLU G 348 14.20 54.77 20.51
C GLU G 348 12.72 54.46 20.36
N VAL G 349 12.07 54.32 21.51
CA VAL G 349 10.65 54.03 21.56
C VAL G 349 9.96 55.32 21.97
N SER G 350 9.02 55.77 21.15
CA SER G 350 8.31 57.02 21.41
C SER G 350 7.85 57.08 22.85
N ASP G 351 8.41 58.02 23.61
CA ASP G 351 8.12 58.13 25.04
C ASP G 351 8.22 56.76 25.69
N GLY G 352 9.40 56.17 25.59
CA GLY G 352 9.65 54.87 26.20
C GLY G 352 11.13 54.73 26.45
N GLY G 353 11.88 55.69 25.93
CA GLY G 353 13.32 55.74 26.12
C GLY G 353 14.11 55.38 24.89
N ARG G 354 15.43 55.50 25.02
CA ARG G 354 16.36 55.14 23.98
C ARG G 354 17.14 53.92 24.46
N PHE G 355 17.65 53.11 23.54
CA PHE G 355 18.22 51.82 23.92
C PHE G 355 19.30 51.34 22.98
N ALA G 356 20.50 51.10 23.52
CA ALA G 356 21.58 50.62 22.68
C ALA G 356 21.19 49.20 22.32
N LEU G 357 21.30 48.83 21.06
CA LEU G 357 20.92 47.48 20.67
C LEU G 357 22.05 46.71 20.01
N LYS G 358 22.35 45.54 20.56
CA LYS G 358 23.39 44.68 20.03
C LYS G 358 22.78 43.32 19.74
N ILE G 359 22.99 42.82 18.53
CA ILE G 359 22.44 41.52 18.17
C ILE G 359 23.45 40.72 17.38
N GLY G 360 23.90 39.62 17.95
CA GLY G 360 24.87 38.77 17.29
C GLY G 360 24.79 37.35 17.80
N ASP G 361 25.08 36.38 16.94
CA ASP G 361 25.06 34.99 17.36
C ASP G 361 23.69 34.54 17.83
N GLY G 362 22.66 35.19 17.32
CA GLY G 362 21.30 34.83 17.70
C GLY G 362 20.82 35.38 19.02
N ARG G 363 21.69 36.13 19.69
CA ARG G 363 21.32 36.71 20.97
C ARG G 363 21.35 38.23 20.89
N ALA G 364 20.77 38.89 21.89
CA ALA G 364 20.74 40.35 21.91
C ALA G 364 21.05 40.92 23.27
N ARG G 365 21.86 41.97 23.27
CA ARG G 365 22.04 42.77 24.47
C ARG G 365 21.40 44.15 24.29
N CYS G 366 20.52 44.50 25.22
CA CYS G 366 19.78 45.72 25.13
C CYS G 366 19.88 46.44 26.46
N THR G 367 20.47 47.63 26.43
CA THR G 367 20.65 48.47 27.61
C THR G 367 20.26 49.91 27.26
N PRO G 368 19.64 50.64 28.21
CA PRO G 368 19.34 52.04 27.90
C PRO G 368 20.61 52.85 27.72
N THR G 369 20.56 53.81 26.80
CA THR G 369 21.70 54.69 26.56
C THR G 369 21.11 56.08 26.50
N ASP G 370 21.94 57.03 26.10
CA ASP G 370 21.49 58.37 25.80
C ASP G 370 21.93 58.75 24.38
N ALA G 371 22.72 57.86 23.77
CA ALA G 371 23.24 58.07 22.42
C ALA G 371 22.16 58.49 21.43
N ALA G 372 22.56 59.12 20.33
CA ALA G 372 21.63 59.46 19.27
C ALA G 372 20.90 58.18 18.83
N ALA G 373 19.59 58.29 18.65
CA ALA G 373 18.81 57.19 18.11
C ALA G 373 19.09 57.02 16.61
N GLU G 374 19.27 55.78 16.18
CA GLU G 374 19.47 55.50 14.75
C GLU G 374 18.14 55.16 14.07
N ILE G 375 17.13 54.86 14.88
CA ILE G 375 15.84 54.40 14.38
C ILE G 375 14.79 54.70 15.45
N GLU G 376 13.56 54.99 15.05
CA GLU G 376 12.51 55.19 16.05
C GLU G 376 11.14 54.61 15.71
N MSE G 377 10.25 54.59 16.71
CA MSE G 377 8.91 54.04 16.57
C MSE G 377 8.06 54.12 17.84
O MSE G 377 8.60 54.24 18.95
CB MSE G 377 9.00 52.58 16.20
CG MSE G 377 9.36 51.73 17.39
SE MSE G 377 10.14 50.07 16.82
CE MSE G 377 11.75 50.76 15.95
N ASP G 378 6.76 54.01 17.66
CA ASP G 378 5.80 54.03 18.76
C ASP G 378 5.94 52.67 19.43
N ARG G 379 5.44 52.56 20.65
CA ARG G 379 5.54 51.29 21.38
C ARG G 379 4.84 50.12 20.68
N ASP G 380 3.69 50.37 20.07
CA ASP G 380 2.95 49.31 19.37
C ASP G 380 3.72 48.69 18.21
N VAL G 381 4.43 49.51 17.43
CA VAL G 381 5.18 49.02 16.31
C VAL G 381 6.09 47.90 16.82
N LEU G 382 6.76 48.16 17.93
CA LEU G 382 7.67 47.18 18.51
C LEU G 382 7.00 45.82 18.77
N GLY G 383 5.84 45.83 19.43
CA GLY G 383 5.10 44.60 19.63
C GLY G 383 4.76 43.86 18.33
N SER G 384 4.44 44.60 17.27
CA SER G 384 4.06 43.99 16.01
C SER G 384 5.24 43.22 15.46
N LEU G 385 6.44 43.79 15.65
CA LEU G 385 7.65 43.19 15.10
C LEU G 385 8.08 42.00 15.94
N TYR G 386 7.63 42.00 17.18
CA TYR G 386 8.28 41.21 18.19
C TYR G 386 8.33 39.71 17.89
N LEU G 387 7.33 39.19 17.20
CA LEU G 387 7.27 37.75 16.98
C LEU G 387 7.65 37.30 15.55
N GLY G 388 7.78 38.25 14.61
CA GLY G 388 8.11 37.91 13.24
C GLY G 388 6.90 37.89 12.31
N ALA G 389 5.79 38.44 12.79
CA ALA G 389 4.59 38.52 11.98
C ALA G 389 4.70 39.62 10.93
N HIS G 390 5.54 40.60 11.21
CA HIS G 390 5.62 41.76 10.33
C HIS G 390 7.07 42.19 10.08
N ARG G 391 7.34 42.62 8.85
CA ARG G 391 8.66 43.09 8.48
C ARG G 391 8.88 44.52 8.98
N ALA G 392 10.11 44.86 9.30
CA ALA G 392 10.40 46.23 9.70
C ALA G 392 10.36 47.09 8.46
N SER G 393 10.53 46.45 7.30
CA SER G 393 10.62 47.21 6.04
C SER G 393 9.23 47.65 5.62
N THR G 394 8.25 46.80 5.88
CA THR G 394 6.90 47.17 5.53
C THR G 394 6.37 48.30 6.41
N LEU G 395 6.71 48.25 7.69
CA LEU G 395 6.26 49.28 8.60
C LEU G 395 6.99 50.57 8.27
N ALA G 396 8.28 50.44 7.96
CA ALA G 396 9.07 51.56 7.48
C ALA G 396 8.38 52.26 6.31
N ALA G 397 7.87 51.50 5.36
CA ALA G 397 7.13 52.07 4.22
C ALA G 397 5.94 52.93 4.61
N ALA G 398 5.22 52.54 5.65
CA ALA G 398 4.06 53.31 6.07
C ALA G 398 4.48 54.36 7.09
N ASN G 399 5.79 54.62 7.13
CA ASN G 399 6.38 55.55 8.08
C ASN G 399 6.05 55.26 9.55
N ARG G 400 5.96 53.98 9.90
CA ARG G 400 5.72 53.57 11.28
C ARG G 400 7.04 53.33 11.98
N LEU G 401 8.02 52.85 11.21
CA LEU G 401 9.38 52.64 11.70
C LEU G 401 10.34 53.47 10.88
N ARG G 402 10.77 54.60 11.44
CA ARG G 402 11.60 55.55 10.71
C ARG G 402 13.08 55.43 11.03
N THR G 403 13.91 55.43 9.98
CA THR G 403 15.35 55.41 10.14
C THR G 403 16.08 55.99 8.94
N LYS G 404 17.15 56.72 9.23
CA LYS G 404 17.98 57.36 8.22
C LYS G 404 18.71 56.36 7.30
N ASP G 405 19.19 55.26 7.87
CA ASP G 405 19.92 54.26 7.11
C ASP G 405 19.11 53.04 6.64
N SER G 406 19.13 52.81 5.34
CA SER G 406 18.41 51.70 4.72
C SER G 406 18.94 50.32 5.12
N GLN G 407 20.25 50.18 5.22
CA GLN G 407 20.85 48.89 5.56
C GLN G 407 20.35 48.34 6.89
N LEU G 408 20.16 49.21 7.87
CA LEU G 408 19.68 48.77 9.17
C LEU G 408 18.33 48.08 9.06
N LEU G 409 17.46 48.62 8.20
CA LEU G 409 16.12 48.05 8.02
C LEU G 409 16.21 46.58 7.65
N ARG G 410 17.12 46.26 6.75
CA ARG G 410 17.29 44.90 6.26
C ARG G 410 17.77 43.99 7.37
N ARG G 411 18.65 44.51 8.23
CA ARG G 411 19.13 43.76 9.39
C ARG G 411 18.01 43.52 10.41
N LEU G 412 17.33 44.58 10.83
CA LEU G 412 16.19 44.40 11.73
C LEU G 412 15.23 43.36 11.16
N ASP G 413 14.97 43.44 9.86
CA ASP G 413 14.19 42.43 9.15
C ASP G 413 14.74 41.02 9.34
N ALA G 414 15.98 40.81 8.91
CA ALA G 414 16.57 39.49 8.99
C ALA G 414 16.56 38.98 10.43
N ALA G 415 17.08 39.79 11.35
CA ALA G 415 17.21 39.43 12.77
C ALA G 415 15.89 39.04 13.46
N PHE G 416 14.86 39.86 13.31
CA PHE G 416 13.63 39.64 14.02
C PHE G 416 12.79 38.51 13.46
N ALA G 417 13.18 38.02 12.28
CA ALA G 417 12.41 36.94 11.69
C ALA G 417 12.53 35.70 12.56
N SER G 418 11.70 34.71 12.28
CA SER G 418 11.60 33.55 13.14
C SER G 418 11.80 32.28 12.33
N ASP G 419 12.79 31.47 12.70
CA ASP G 419 13.02 30.17 12.06
C ASP G 419 11.69 29.44 11.95
N VAL G 420 11.02 29.35 13.09
CA VAL G 420 9.68 28.77 13.17
C VAL G 420 8.62 29.84 12.91
N PRO G 421 7.69 29.54 12.00
CA PRO G 421 6.62 30.50 11.68
C PRO G 421 5.73 30.75 12.88
N VAL G 422 5.35 32.02 13.08
CA VAL G 422 4.50 32.38 14.21
C VAL G 422 3.09 31.79 14.07
N GLN G 423 2.54 31.32 15.19
CA GLN G 423 1.21 30.74 15.20
C GLN G 423 0.42 31.24 16.40
N THR G 424 -0.90 31.32 16.28
CA THR G 424 -1.72 31.79 17.40
C THR G 424 -2.47 30.62 18.03
N ALA G 425 -2.15 30.33 19.30
CA ALA G 425 -2.77 29.23 20.07
C ALA G 425 -4.28 29.33 20.39
N PHE G 426 -4.74 30.48 20.88
CA PHE G 426 -6.16 30.64 21.21
C PHE G 426 -6.63 32.08 21.53
N GLU G 427 -7.95 32.27 21.55
CA GLU G 427 -8.57 33.56 21.84
C GLU G 427 -8.92 33.59 23.32
N PHE G 428 -8.61 34.68 24.00
CA PHE G 428 -8.88 34.79 25.44
C PHE G 428 -9.37 36.18 25.83
N THR H 28 -3.13 10.98 -38.05
CA THR H 28 -4.20 11.18 -37.06
C THR H 28 -4.48 12.67 -36.81
N VAL H 29 -3.49 13.36 -36.23
CA VAL H 29 -3.50 14.82 -36.09
C VAL H 29 -2.06 15.35 -36.30
N THR H 30 -1.85 16.66 -36.28
CA THR H 30 -0.52 17.19 -36.60
C THR H 30 -0.15 18.51 -35.90
N LEU H 31 0.96 18.48 -35.19
CA LEU H 31 1.47 19.67 -34.50
C LEU H 31 2.45 20.43 -35.41
N CYS H 32 2.30 21.75 -35.47
CA CYS H 32 3.21 22.58 -36.28
C CYS H 32 2.96 24.09 -36.13
N SER H 33 3.86 24.93 -36.65
CA SER H 33 3.63 26.38 -36.61
C SER H 33 2.48 26.75 -37.53
N PRO H 34 1.66 27.73 -37.10
CA PRO H 34 0.50 28.17 -37.88
C PRO H 34 0.87 28.95 -39.15
N THR H 35 0.16 28.68 -40.25
CA THR H 35 0.28 29.50 -41.45
C THR H 35 -0.79 30.58 -41.43
N GLU H 36 -1.01 31.24 -42.55
CA GLU H 36 -2.01 32.31 -42.61
C GLU H 36 -3.43 31.75 -42.66
N ASP H 37 -3.56 30.49 -43.06
CA ASP H 37 -4.87 29.87 -43.22
C ASP H 37 -5.42 29.42 -41.86
N ASP H 38 -4.61 29.60 -40.83
CA ASP H 38 -4.96 29.13 -39.49
C ASP H 38 -5.42 30.26 -38.57
N TRP H 39 -5.35 31.50 -39.05
CA TRP H 39 -5.80 32.63 -38.23
C TRP H 39 -7.28 32.52 -37.82
N PRO H 40 -8.15 32.02 -38.71
CA PRO H 40 -9.56 31.89 -38.34
C PRO H 40 -9.84 30.77 -37.33
N GLY H 41 -9.20 29.61 -37.51
CA GLY H 41 -9.40 28.47 -36.63
C GLY H 41 -8.93 28.80 -35.24
N MSE H 42 -7.92 29.66 -35.18
CA MSE H 42 -7.38 30.23 -33.93
C MSE H 42 -8.35 31.22 -33.27
O MSE H 42 -8.57 31.15 -32.07
CB MSE H 42 -6.02 30.92 -34.19
CG MSE H 42 -4.86 29.96 -34.50
SE MSE H 42 -3.22 30.79 -35.25
CE MSE H 42 -2.44 31.66 -33.69
N PHE H 43 -8.93 32.13 -34.05
CA PHE H 43 -9.87 33.10 -33.50
C PHE H 43 -11.11 32.39 -32.96
N LEU H 44 -11.59 31.39 -33.69
CA LEU H 44 -12.72 30.62 -33.24
C LEU H 44 -12.35 29.89 -31.96
N LEU H 45 -11.25 29.15 -31.99
CA LEU H 45 -10.79 28.38 -30.83
C LEU H 45 -10.47 29.25 -29.60
N ALA H 46 -9.89 30.43 -29.83
CA ALA H 46 -9.59 31.36 -28.74
C ALA H 46 -10.82 32.08 -28.22
N ALA H 47 -11.76 32.39 -29.11
CA ALA H 47 -12.99 33.07 -28.69
C ALA H 47 -13.91 32.12 -27.95
N ALA H 48 -13.79 30.83 -28.22
CA ALA H 48 -14.63 29.84 -27.58
C ALA H 48 -14.02 29.41 -26.27
N SER H 49 -12.75 29.74 -26.06
CA SER H 49 -12.00 29.21 -24.93
C SER H 49 -11.82 30.21 -23.79
N PHE H 50 -11.84 31.50 -24.13
CA PHE H 50 -11.68 32.57 -23.16
C PHE H 50 -12.85 33.54 -23.31
N THR H 51 -13.55 33.82 -22.22
CA THR H 51 -14.73 34.68 -22.27
C THR H 51 -14.38 36.12 -22.61
N ASP H 52 -13.18 36.54 -22.24
CA ASP H 52 -12.78 37.94 -22.33
C ASP H 52 -12.05 38.24 -23.63
N PHE H 53 -12.05 37.29 -24.56
CA PHE H 53 -11.32 37.45 -25.83
C PHE H 53 -11.90 38.50 -26.79
N ILE H 54 -11.02 39.28 -27.39
CA ILE H 54 -11.39 40.26 -28.41
C ILE H 54 -10.56 40.06 -29.67
N GLY H 55 -11.23 39.95 -30.81
CA GLY H 55 -10.53 39.71 -32.07
C GLY H 55 -9.57 40.84 -32.42
N PRO H 56 -10.03 42.07 -32.26
CA PRO H 56 -9.17 43.22 -32.54
C PRO H 56 -7.98 43.27 -31.58
N GLU H 57 -8.24 43.02 -30.30
CA GLU H 57 -7.20 43.00 -29.28
C GLU H 57 -6.20 41.87 -29.54
N SER H 58 -6.73 40.72 -29.91
CA SER H 58 -5.91 39.54 -30.18
C SER H 58 -4.98 39.77 -31.35
N ALA H 59 -5.48 40.44 -32.38
CA ALA H 59 -4.69 40.70 -33.58
C ALA H 59 -3.50 41.63 -33.32
N THR H 60 -3.71 42.69 -32.54
CA THR H 60 -2.59 43.62 -32.27
C THR H 60 -1.35 43.07 -31.51
N ALA H 61 -1.63 42.28 -30.48
CA ALA H 61 -0.72 41.62 -29.55
C ALA H 61 0.12 40.55 -30.27
N TRP H 62 -0.55 39.61 -30.93
CA TRP H 62 0.15 38.51 -31.58
C TRP H 62 1.17 39.00 -32.59
N ARG H 63 0.70 39.81 -33.53
CA ARG H 63 1.55 40.38 -34.57
C ARG H 63 2.83 41.03 -34.03
N THR H 64 2.75 41.68 -32.86
CA THR H 64 3.88 42.46 -32.36
C THR H 64 4.70 41.85 -31.25
N LEU H 65 4.12 40.97 -30.44
CA LEU H 65 4.86 40.42 -29.30
C LEU H 65 5.28 38.97 -29.49
N VAL H 66 4.54 38.22 -30.28
CA VAL H 66 4.92 36.85 -30.56
C VAL H 66 6.06 36.80 -31.56
N PRO H 67 7.18 36.18 -31.17
CA PRO H 67 8.36 35.98 -32.03
C PRO H 67 8.04 35.14 -33.24
N THR H 68 8.95 35.10 -34.21
CA THR H 68 8.75 34.26 -35.38
C THR H 68 8.68 32.84 -34.84
N ASP H 69 7.81 32.02 -35.42
CA ASP H 69 7.50 30.70 -34.86
C ASP H 69 7.45 30.68 -33.30
N GLY H 70 6.88 31.72 -32.70
CA GLY H 70 6.57 31.67 -31.29
C GLY H 70 5.17 31.11 -31.06
N ALA H 71 4.50 30.72 -32.15
CA ALA H 71 3.15 30.17 -32.06
C ALA H 71 3.12 28.74 -32.56
N VAL H 72 2.06 28.03 -32.23
CA VAL H 72 1.97 26.62 -32.57
C VAL H 72 0.51 26.16 -32.53
N VAL H 73 0.09 25.39 -33.52
CA VAL H 73 -1.28 24.87 -33.56
C VAL H 73 -1.26 23.36 -33.74
N VAL H 74 -2.37 22.73 -33.37
CA VAL H 74 -2.56 21.34 -33.70
C VAL H 74 -3.72 21.30 -34.68
N ARG H 75 -3.63 20.37 -35.63
CA ARG H 75 -4.70 20.23 -36.62
C ARG H 75 -5.30 18.84 -36.55
N ASP H 76 -6.58 18.75 -36.92
CA ASP H 76 -7.26 17.49 -37.09
C ASP H 76 -7.09 17.10 -38.55
N GLY H 77 -6.16 16.18 -38.82
CA GLY H 77 -5.94 15.68 -40.16
C GLY H 77 -5.01 16.51 -41.03
N ALA H 78 -4.72 16.01 -42.23
CA ALA H 78 -3.84 16.71 -43.17
C ALA H 78 -4.63 17.42 -44.27
N GLY H 79 -3.94 18.29 -45.01
CA GLY H 79 -4.57 19.04 -46.07
C GLY H 79 -5.03 20.39 -45.58
N PRO H 80 -4.62 21.47 -46.27
CA PRO H 80 -4.94 22.84 -45.84
C PRO H 80 -6.43 23.02 -45.61
N GLY H 81 -6.79 23.70 -44.52
CA GLY H 81 -8.18 23.85 -44.15
C GLY H 81 -8.58 22.87 -43.06
N SER H 82 -7.72 21.88 -42.80
CA SER H 82 -7.88 20.98 -41.67
C SER H 82 -8.14 21.84 -40.44
N GLU H 83 -8.97 21.37 -39.53
CA GLU H 83 -9.41 22.24 -38.46
C GLU H 83 -8.44 22.33 -37.29
N VAL H 84 -8.37 23.52 -36.70
CA VAL H 84 -7.49 23.82 -35.58
C VAL H 84 -8.15 23.40 -34.28
N VAL H 85 -7.60 22.38 -33.64
CA VAL H 85 -8.15 21.87 -32.39
C VAL H 85 -7.26 22.18 -31.18
N GLY H 86 -6.27 23.06 -31.38
CA GLY H 86 -5.29 23.36 -30.36
C GLY H 86 -4.38 24.50 -30.78
N MSE H 87 -4.08 25.39 -29.83
CA MSE H 87 -3.17 26.49 -30.08
C MSE H 87 -2.40 26.82 -28.80
O MSE H 87 -2.81 26.48 -27.70
CB MSE H 87 -3.90 27.72 -30.63
CG MSE H 87 -4.94 28.31 -29.67
SE MSE H 87 -5.76 30.01 -30.23
CE MSE H 87 -4.17 31.12 -30.44
N ALA H 88 -1.26 27.49 -28.96
CA ALA H 88 -0.41 27.88 -27.85
C ALA H 88 0.69 28.77 -28.40
N LEU H 89 0.98 29.86 -27.71
CA LEU H 89 2.05 30.76 -28.14
C LEU H 89 2.76 31.43 -26.98
N TYR H 90 3.92 32.01 -27.24
CA TYR H 90 4.65 32.74 -26.19
C TYR H 90 5.06 34.15 -26.64
N MSE H 91 5.00 35.08 -25.71
CA MSE H 91 5.36 36.44 -26.03
C MSE H 91 6.75 36.68 -25.49
O MSE H 91 7.20 36.02 -24.55
CB MSE H 91 4.37 37.40 -25.39
CG MSE H 91 2.97 37.35 -26.02
SE MSE H 91 1.70 38.56 -25.18
CE MSE H 91 0.17 38.33 -26.36
N ASP H 92 7.44 37.65 -26.08
CA ASP H 92 8.78 38.02 -25.67
C ASP H 92 8.67 39.10 -24.61
N LEU H 93 9.06 38.78 -23.39
CA LEU H 93 8.85 39.68 -22.26
C LEU H 93 10.13 39.99 -21.51
N ARG H 94 10.12 41.06 -20.73
CA ARG H 94 11.24 41.43 -19.90
C ARG H 94 10.75 41.49 -18.49
N LEU H 95 11.21 40.54 -17.68
CA LEU H 95 10.77 40.41 -16.30
C LEU H 95 11.86 40.85 -15.30
N THR H 96 11.47 41.67 -14.33
CA THR H 96 12.38 42.13 -13.30
C THR H 96 12.46 41.17 -12.14
N VAL H 97 13.67 40.81 -11.73
CA VAL H 97 13.84 39.86 -10.64
C VAL H 97 14.52 40.53 -9.46
N PRO H 98 14.66 39.80 -8.35
CA PRO H 98 15.35 40.47 -7.24
C PRO H 98 16.77 40.86 -7.64
N GLY H 99 17.21 42.02 -7.15
CA GLY H 99 18.50 42.57 -7.52
C GLY H 99 18.29 43.73 -8.46
N GLU H 100 17.05 43.86 -8.95
CA GLU H 100 16.68 44.87 -9.96
C GLU H 100 17.17 44.52 -11.37
N VAL H 101 17.56 43.27 -11.58
CA VAL H 101 17.99 42.86 -12.89
C VAL H 101 16.81 42.44 -13.76
N VAL H 102 16.95 42.50 -15.07
CA VAL H 102 15.85 42.10 -15.94
C VAL H 102 16.23 40.90 -16.80
N LEU H 103 15.26 40.03 -17.02
CA LEU H 103 15.50 38.84 -17.82
C LEU H 103 14.55 38.76 -19.00
N PRO H 104 15.09 38.48 -20.18
CA PRO H 104 14.21 38.25 -21.32
C PRO H 104 13.43 37.01 -20.92
N THR H 105 12.12 37.02 -21.10
CA THR H 105 11.32 35.89 -20.66
C THR H 105 10.28 35.51 -21.70
N ALA H 106 9.92 34.23 -21.71
CA ALA H 106 8.90 33.77 -22.62
C ALA H 106 7.63 33.53 -21.83
N GLY H 107 6.59 34.27 -22.18
CA GLY H 107 5.29 34.13 -21.56
C GLY H 107 4.25 33.38 -22.36
N LEU H 108 3.97 32.15 -21.98
CA LEU H 108 2.87 31.37 -22.55
C LEU H 108 1.58 32.15 -22.46
N SER H 109 0.76 32.00 -23.50
CA SER H 109 -0.56 32.62 -23.52
C SER H 109 -1.41 32.03 -24.65
N PHE H 110 -2.72 32.18 -24.52
CA PHE H 110 -3.65 31.59 -25.49
C PHE H 110 -3.38 30.11 -25.67
N VAL H 111 -3.08 29.44 -24.57
CA VAL H 111 -3.00 28.01 -24.59
C VAL H 111 -4.42 27.50 -24.57
N ALA H 112 -4.77 26.67 -25.53
CA ALA H 112 -6.14 26.25 -25.71
C ALA H 112 -6.25 24.93 -26.43
N VAL H 113 -7.14 24.08 -25.94
CA VAL H 113 -7.48 22.85 -26.59
C VAL H 113 -8.98 22.85 -26.81
N ALA H 114 -9.41 22.31 -27.94
CA ALA H 114 -10.83 22.25 -28.25
C ALA H 114 -11.60 21.28 -27.36
N PRO H 115 -12.80 21.68 -26.92
CA PRO H 115 -13.68 20.80 -26.16
C PRO H 115 -13.73 19.40 -26.73
N THR H 116 -13.61 19.30 -28.05
CA THR H 116 -13.73 18.01 -28.75
C THR H 116 -12.50 17.15 -28.57
N HIS H 117 -11.34 17.77 -28.35
CA HIS H 117 -10.10 17.02 -28.29
C HIS H 117 -9.37 17.15 -26.96
N ARG H 118 -10.11 17.13 -25.85
CA ARG H 118 -9.52 17.19 -24.52
C ARG H 118 -8.94 15.82 -24.13
N ARG H 119 -7.97 15.81 -23.22
CA ARG H 119 -7.35 14.55 -22.73
C ARG H 119 -6.73 13.64 -23.79
N ARG H 120 -5.97 14.22 -24.72
CA ARG H 120 -5.33 13.48 -25.80
C ARG H 120 -3.83 13.78 -25.83
N GLY H 121 -3.37 14.55 -24.85
CA GLY H 121 -1.98 14.92 -24.74
C GLY H 121 -1.58 16.13 -25.57
N LEU H 122 -2.58 16.81 -26.13
CA LEU H 122 -2.33 17.98 -26.96
C LEU H 122 -1.67 19.11 -26.17
N LEU H 123 -2.14 19.32 -24.94
CA LEU H 123 -1.56 20.34 -24.08
C LEU H 123 -0.13 19.94 -23.74
N ARG H 124 0.05 18.66 -23.48
CA ARG H 124 1.38 18.13 -23.18
C ARG H 124 2.35 18.26 -24.35
N ALA H 125 1.89 17.90 -25.56
CA ALA H 125 2.68 18.06 -26.75
C ALA H 125 3.03 19.51 -27.05
N MSE H 126 2.04 20.40 -27.03
CA MSE H 126 2.30 21.82 -27.28
C MSE H 126 3.36 22.39 -26.32
O MSE H 126 4.31 23.05 -26.76
CB MSE H 126 1.00 22.64 -27.28
CG MSE H 126 0.08 22.39 -28.46
SE MSE H 126 -1.33 23.72 -28.73
CE MSE H 126 -2.32 23.50 -27.06
N CYS H 127 3.24 22.14 -25.02
CA CYS H 127 4.26 22.63 -24.08
C CYS H 127 5.66 22.11 -24.43
N ALA H 128 5.77 20.83 -24.72
CA ALA H 128 7.07 20.24 -25.05
C ALA H 128 7.70 20.97 -26.23
N GLU H 129 6.87 21.30 -27.22
CA GLU H 129 7.36 21.94 -28.42
C GLU H 129 7.80 23.36 -28.13
N LEU H 130 6.90 24.19 -27.63
CA LEU H 130 7.27 25.56 -27.29
C LEU H 130 8.50 25.59 -26.38
N HIS H 131 8.54 24.72 -25.39
CA HIS H 131 9.66 24.71 -24.46
C HIS H 131 10.96 24.46 -25.21
N ARG H 132 10.93 23.56 -26.19
CA ARG H 132 12.11 23.27 -26.98
C ARG H 132 12.55 24.51 -27.75
N ARG H 133 11.57 25.24 -28.29
CA ARG H 133 11.83 26.47 -29.02
C ARG H 133 12.37 27.55 -28.08
N ILE H 134 11.77 27.62 -26.90
CA ILE H 134 12.17 28.57 -25.87
C ILE H 134 13.62 28.32 -25.49
N ALA H 135 13.96 27.08 -25.16
CA ALA H 135 15.35 26.75 -24.87
C ALA H 135 16.30 27.13 -26.03
N ASP H 136 15.97 26.71 -27.26
CA ASP H 136 16.82 27.01 -28.42
C ASP H 136 16.96 28.49 -28.71
N SER H 137 15.96 29.28 -28.34
CA SER H 137 16.02 30.73 -28.53
C SER H 137 16.80 31.39 -27.41
N GLY H 138 17.15 30.59 -26.41
CA GLY H 138 17.99 31.03 -25.29
C GLY H 138 17.34 31.86 -24.18
N TYR H 139 16.06 31.61 -23.87
CA TYR H 139 15.44 32.27 -22.71
C TYR H 139 15.84 31.56 -21.42
N PRO H 140 16.22 32.34 -20.42
CA PRO H 140 16.54 31.79 -19.09
C PRO H 140 15.31 31.19 -18.42
N VAL H 141 14.17 31.87 -18.54
CA VAL H 141 12.93 31.42 -17.90
C VAL H 141 11.65 31.67 -18.71
N ALA H 142 10.58 30.93 -18.37
CA ALA H 142 9.28 31.04 -19.02
C ALA H 142 8.23 31.36 -17.95
N ALA H 143 7.12 31.98 -18.34
CA ALA H 143 6.14 32.37 -17.35
C ALA H 143 4.72 32.39 -17.93
N LEU H 144 3.72 32.34 -17.07
CA LEU H 144 2.35 32.33 -17.54
C LEU H 144 1.41 32.65 -16.40
N HIS H 145 0.18 33.02 -16.72
CA HIS H 145 -0.86 33.06 -15.70
C HIS H 145 -1.76 31.84 -15.82
N ALA H 146 -1.88 31.08 -14.73
CA ALA H 146 -2.67 29.85 -14.74
C ALA H 146 -4.17 30.12 -14.72
N SER H 147 -4.92 29.39 -15.55
CA SER H 147 -6.37 29.52 -15.52
C SER H 147 -6.91 28.65 -14.40
N GLU H 148 -6.35 27.45 -14.28
CA GLU H 148 -6.65 26.55 -13.19
C GLU H 148 -5.34 26.33 -12.47
N GLY H 149 -5.43 25.94 -11.20
CA GLY H 149 -4.27 25.84 -10.33
C GLY H 149 -3.63 24.46 -10.27
N GLY H 150 -4.13 23.52 -11.08
CA GLY H 150 -3.60 22.18 -11.04
C GLY H 150 -3.06 21.71 -12.37
N ILE H 151 -2.84 22.64 -13.29
CA ILE H 151 -2.40 22.30 -14.63
C ILE H 151 -0.89 22.36 -14.82
N TYR H 152 -0.29 23.53 -14.60
CA TYR H 152 1.06 23.77 -15.11
C TYR H 152 2.22 23.29 -14.23
N GLY H 153 1.90 22.84 -13.03
CA GLY H 153 2.89 22.24 -12.17
C GLY H 153 3.73 21.17 -12.86
N ARG H 154 3.09 20.27 -13.60
CA ARG H 154 3.80 19.10 -14.09
C ARG H 154 4.76 19.49 -15.19
N PHE H 155 4.57 20.70 -15.69
CA PHE H 155 5.35 21.20 -16.82
C PHE H 155 6.47 22.10 -16.35
N GLY H 156 6.73 22.05 -15.04
CA GLY H 156 7.85 22.77 -14.48
C GLY H 156 7.57 24.21 -14.08
N TYR H 157 6.30 24.60 -14.06
CA TYR H 157 5.90 25.93 -13.57
C TYR H 157 5.48 25.90 -12.11
N GLY H 158 5.85 26.95 -11.37
CA GLY H 158 5.43 27.13 -9.99
C GLY H 158 4.94 28.55 -9.75
N PRO H 159 3.82 28.70 -9.05
CA PRO H 159 3.35 30.06 -8.72
C PRO H 159 4.46 30.84 -8.00
N ALA H 160 4.73 32.05 -8.46
CA ALA H 160 5.91 32.79 -8.04
C ALA H 160 5.58 34.12 -7.38
N THR H 161 4.35 34.61 -7.56
CA THR H 161 3.90 35.84 -6.93
C THR H 161 2.50 35.63 -6.39
N THR H 162 2.08 36.47 -5.46
CA THR H 162 0.80 36.29 -4.79
C THR H 162 -0.13 37.48 -4.95
N LEU H 163 -1.34 37.22 -5.42
CA LEU H 163 -2.35 38.28 -5.52
C LEU H 163 -3.16 38.43 -4.22
N HIS H 164 -3.27 39.66 -3.75
CA HIS H 164 -4.05 39.96 -2.57
C HIS H 164 -5.09 40.99 -2.98
N GLU H 165 -6.34 40.70 -2.69
CA GLU H 165 -7.39 41.64 -3.02
C GLU H 165 -7.83 42.27 -1.73
N LEU H 166 -7.72 43.59 -1.65
CA LEU H 166 -8.10 44.31 -0.45
C LEU H 166 -9.28 45.24 -0.69
N THR H 167 -10.29 45.12 0.17
CA THR H 167 -11.47 45.96 0.08
C THR H 167 -11.34 46.89 1.26
N VAL H 168 -11.33 48.18 1.00
CA VAL H 168 -11.19 49.17 2.06
C VAL H 168 -12.39 50.08 2.13
N ASP H 169 -12.89 50.30 3.34
CA ASP H 169 -14.04 51.16 3.50
C ASP H 169 -13.53 52.57 3.66
N ARG H 170 -13.79 53.41 2.68
CA ARG H 170 -13.34 54.79 2.72
C ARG H 170 -13.99 55.50 3.89
N ARG H 171 -15.26 55.16 4.14
CA ARG H 171 -16.01 55.77 5.21
C ARG H 171 -15.38 55.66 6.61
N PHE H 172 -14.77 54.53 6.95
CA PHE H 172 -14.21 54.46 8.29
C PHE H 172 -12.74 54.84 8.35
N ALA H 173 -12.07 54.91 7.20
CA ALA H 173 -10.61 55.06 7.25
C ALA H 173 -10.14 56.44 7.68
N ARG H 174 -9.23 56.45 8.66
CA ARG H 174 -8.48 57.64 9.03
C ARG H 174 -7.01 57.26 8.88
N PHE H 175 -6.20 58.21 8.48
CA PHE H 175 -4.79 57.94 8.27
C PHE H 175 -4.06 58.11 9.56
N HIS H 176 -3.12 57.22 9.81
CA HIS H 176 -2.32 57.26 11.01
C HIS H 176 -1.51 58.57 11.06
N ALA H 177 -1.25 59.05 12.28
CA ALA H 177 -0.45 60.27 12.47
C ALA H 177 0.92 60.12 11.80
N ASP H 178 1.54 58.97 12.03
CA ASP H 178 2.79 58.70 11.34
C ASP H 178 2.64 58.84 9.82
N ALA H 179 1.46 58.52 9.28
CA ALA H 179 1.30 58.49 7.83
C ALA H 179 1.93 59.68 7.09
N PRO H 180 2.76 59.38 6.08
CA PRO H 180 3.32 60.49 5.29
C PRO H 180 2.21 61.36 4.73
N GLY H 181 2.48 62.64 4.51
CA GLY H 181 1.49 63.58 4.01
C GLY H 181 1.00 64.58 5.06
N SER H 187 -3.14 66.01 -2.22
CA SER H 187 -3.05 67.41 -2.67
C SER H 187 -1.80 67.69 -3.51
N SER H 188 -0.97 66.66 -3.66
CA SER H 188 0.21 66.70 -4.50
C SER H 188 -0.12 65.96 -5.79
N VAL H 189 -1.37 65.50 -5.89
CA VAL H 189 -1.85 64.75 -7.05
C VAL H 189 -3.15 65.34 -7.57
N ARG H 190 -3.36 65.25 -8.89
CA ARG H 190 -4.55 65.81 -9.50
C ARG H 190 -5.39 64.80 -10.30
N LEU H 191 -6.70 64.83 -10.06
CA LEU H 191 -7.65 63.99 -10.79
C LEU H 191 -7.55 64.30 -12.29
N VAL H 192 -7.40 63.26 -13.11
CA VAL H 192 -7.17 63.44 -14.54
C VAL H 192 -7.85 62.41 -15.45
N ARG H 193 -7.98 62.75 -16.73
CA ARG H 193 -8.50 61.82 -17.73
C ARG H 193 -7.33 60.98 -18.25
N PRO H 194 -7.35 59.67 -18.01
CA PRO H 194 -6.27 58.75 -18.38
C PRO H 194 -5.64 59.00 -19.75
N THR H 195 -6.45 59.34 -20.75
CA THR H 195 -5.95 59.44 -22.12
C THR H 195 -5.14 60.73 -22.35
N GLU H 196 -5.51 61.79 -21.65
CA GLU H 196 -4.78 63.05 -21.70
C GLU H 196 -3.39 62.98 -21.03
N HIS H 197 -2.98 61.80 -20.58
CA HIS H 197 -1.72 61.72 -19.86
C HIS H 197 -0.97 60.40 -20.07
N ARG H 198 -1.17 59.80 -21.23
CA ARG H 198 -0.52 58.55 -21.60
C ARG H 198 0.96 58.57 -21.25
N GLY H 199 1.66 59.59 -21.75
CA GLY H 199 3.08 59.74 -21.51
C GLY H 199 3.52 59.57 -20.07
N GLU H 200 2.87 60.28 -19.15
CA GLU H 200 3.21 60.20 -17.74
C GLU H 200 3.00 58.78 -17.21
N PHE H 201 1.92 58.14 -17.64
CA PHE H 201 1.63 56.78 -17.21
C PHE H 201 2.72 55.84 -17.70
N GLU H 202 3.17 56.04 -18.94
CA GLU H 202 4.21 55.23 -19.52
C GLU H 202 5.51 55.36 -18.73
N ALA H 203 5.81 56.57 -18.29
CA ALA H 203 7.06 56.83 -17.60
C ALA H 203 7.01 56.30 -16.18
N ILE H 204 5.98 56.69 -15.45
CA ILE H 204 5.80 56.22 -14.09
C ILE H 204 5.76 54.70 -14.06
N TYR H 205 5.00 54.10 -14.96
CA TYR H 205 4.96 52.65 -15.03
C TYR H 205 6.35 52.06 -15.26
N GLU H 206 7.17 52.76 -16.04
CA GLU H 206 8.49 52.25 -16.39
C GLU H 206 9.42 52.27 -15.18
N ARG H 207 9.52 53.42 -14.52
CA ARG H 207 10.27 53.53 -13.28
C ARG H 207 9.85 52.43 -12.30
N TRP H 208 8.54 52.17 -12.24
CA TRP H 208 8.00 51.12 -11.38
C TRP H 208 8.44 49.71 -11.76
N ARG H 209 8.23 49.31 -13.02
CA ARG H 209 8.54 47.96 -13.46
C ARG H 209 10.02 47.66 -13.30
N GLN H 210 10.86 48.70 -13.41
CA GLN H 210 12.30 48.56 -13.31
C GLN H 210 12.84 48.38 -11.89
N GLN H 211 12.02 48.67 -10.87
CA GLN H 211 12.47 48.62 -9.47
C GLN H 211 11.80 47.52 -8.64
N VAL H 212 10.83 46.82 -9.21
CA VAL H 212 10.09 45.83 -8.46
C VAL H 212 10.14 44.48 -9.14
N PRO H 213 10.69 43.47 -8.44
CA PRO H 213 10.69 42.12 -8.98
C PRO H 213 9.26 41.76 -9.33
N GLY H 214 9.05 41.11 -10.47
CA GLY H 214 7.71 40.78 -10.92
C GLY H 214 7.21 41.78 -11.94
N GLY H 215 7.90 42.91 -12.04
CA GLY H 215 7.60 43.90 -13.06
C GLY H 215 7.81 43.35 -14.47
N LEU H 216 6.95 43.78 -15.38
CA LEU H 216 7.15 43.57 -16.81
C LEU H 216 7.14 44.91 -17.54
N LEU H 217 7.99 45.01 -18.56
CA LEU H 217 7.95 46.08 -19.51
C LEU H 217 6.59 46.04 -20.18
N ARG H 218 5.98 47.20 -20.36
CA ARG H 218 4.68 47.24 -21.01
C ARG H 218 4.88 47.65 -22.45
N PRO H 219 4.44 46.79 -23.35
CA PRO H 219 4.57 47.05 -24.78
C PRO H 219 3.69 48.23 -25.18
N GLN H 220 4.10 48.96 -26.20
CA GLN H 220 3.33 50.10 -26.66
C GLN H 220 1.97 49.57 -27.06
N VAL H 221 1.95 48.39 -27.66
CA VAL H 221 0.70 47.81 -28.10
C VAL H 221 -0.24 47.53 -26.91
N LEU H 222 0.33 47.21 -25.75
CA LEU H 222 -0.48 46.96 -24.57
C LEU H 222 -0.98 48.26 -23.94
N TRP H 223 -0.15 49.31 -23.94
CA TRP H 223 -0.62 50.65 -23.57
C TRP H 223 -1.76 51.14 -24.44
N ASP H 224 -1.77 50.72 -25.70
CA ASP H 224 -2.89 51.08 -26.56
C ASP H 224 -4.11 50.40 -25.99
N GLU H 225 -4.02 49.09 -25.84
CA GLU H 225 -5.11 48.29 -25.31
C GLU H 225 -5.64 48.91 -24.01
N LEU H 226 -4.75 49.16 -23.06
CA LEU H 226 -5.17 49.72 -21.78
C LEU H 226 -5.85 51.07 -21.96
N LEU H 227 -5.34 51.89 -22.86
CA LEU H 227 -5.92 53.19 -23.13
C LEU H 227 -7.34 53.05 -23.68
N ALA H 228 -7.53 52.07 -24.56
CA ALA H 228 -8.83 51.83 -25.18
C ALA H 228 -9.91 51.42 -24.16
N GLU H 229 -9.54 50.56 -23.23
CA GLU H 229 -10.47 50.09 -22.20
C GLU H 229 -10.78 51.11 -21.09
N CYS H 230 -10.37 52.37 -21.24
CA CYS H 230 -10.71 53.41 -20.26
C CYS H 230 -12.01 54.13 -20.62
N LYS H 231 -12.33 54.13 -21.91
CA LYS H 231 -13.59 54.71 -22.35
C LYS H 231 -14.69 53.74 -21.95
N ALA H 232 -15.82 54.26 -21.50
CA ALA H 232 -16.93 53.41 -21.09
C ALA H 232 -17.60 52.69 -22.26
N ALA H 233 -18.15 51.52 -21.98
CA ALA H 233 -18.78 50.71 -23.00
C ALA H 233 -20.26 50.47 -22.65
N PRO H 234 -21.15 50.72 -23.60
CA PRO H 234 -22.56 50.50 -23.31
C PRO H 234 -22.66 49.02 -23.01
N GLY H 235 -23.26 48.68 -21.88
CA GLY H 235 -23.40 47.29 -21.51
C GLY H 235 -22.08 46.78 -20.95
N GLY H 236 -21.08 47.65 -20.82
CA GLY H 236 -19.81 47.20 -20.28
C GLY H 236 -19.40 47.98 -19.05
N ASP H 237 -18.12 48.34 -18.97
CA ASP H 237 -17.58 49.05 -17.80
C ASP H 237 -17.82 50.54 -17.91
N ARG H 238 -17.59 51.26 -16.82
CA ARG H 238 -17.77 52.70 -16.85
C ARG H 238 -16.47 53.38 -17.20
N GLU H 239 -16.55 54.68 -17.48
CA GLU H 239 -15.36 55.45 -17.79
C GLU H 239 -14.37 55.32 -16.64
N SER H 240 -13.11 55.04 -16.96
CA SER H 240 -12.11 55.02 -15.91
C SER H 240 -11.54 56.41 -15.74
N PHE H 241 -11.20 56.76 -14.51
CA PHE H 241 -10.43 57.97 -14.30
C PHE H 241 -9.12 57.62 -13.62
N ALA H 242 -8.32 58.62 -13.36
CA ALA H 242 -7.00 58.38 -12.85
C ALA H 242 -6.62 59.46 -11.86
N LEU H 243 -5.83 59.08 -10.86
CA LEU H 243 -5.25 60.06 -9.97
C LEU H 243 -3.78 60.11 -10.33
N LEU H 244 -3.25 61.30 -10.45
CA LEU H 244 -1.91 61.46 -10.97
C LEU H 244 -1.02 62.16 -9.95
N HIS H 245 0.13 61.54 -9.71
CA HIS H 245 1.12 62.05 -8.81
C HIS H 245 2.43 62.01 -9.57
N PRO H 246 3.35 62.91 -9.22
CA PRO H 246 4.69 62.93 -9.83
C PRO H 246 5.36 61.56 -9.85
N ASP H 247 5.19 60.79 -8.79
CA ASP H 247 5.87 59.50 -8.70
C ASP H 247 4.90 58.35 -8.69
N GLY H 248 3.64 58.61 -9.00
CA GLY H 248 2.68 57.52 -9.06
C GLY H 248 1.35 57.83 -9.69
N TYR H 249 0.60 56.79 -10.02
CA TYR H 249 -0.75 56.98 -10.53
C TYR H 249 -1.68 55.80 -10.18
N ALA H 250 -2.98 56.05 -10.21
CA ALA H 250 -3.98 55.01 -10.04
C ALA H 250 -5.12 55.16 -11.08
N LEU H 251 -5.46 54.07 -11.76
CA LEU H 251 -6.66 54.07 -12.58
C LEU H 251 -7.77 53.38 -11.79
N TYR H 252 -8.95 54.00 -11.76
CA TYR H 252 -10.10 53.39 -11.10
C TYR H 252 -11.37 53.69 -11.88
N ARG H 253 -12.38 52.86 -11.67
CA ARG H 253 -13.70 53.06 -12.27
C ARG H 253 -14.72 52.54 -11.28
N VAL H 254 -15.87 53.21 -11.20
CA VAL H 254 -16.99 52.67 -10.44
C VAL H 254 -17.37 51.36 -11.07
N ASP H 255 -17.81 50.41 -10.25
CA ASP H 255 -18.24 49.10 -10.72
C ASP H 255 -19.47 49.22 -11.65
N ARG H 256 -19.73 48.19 -12.46
CA ARG H 256 -20.90 48.25 -13.36
C ARG H 256 -22.20 48.39 -12.55
N THR H 257 -22.39 47.45 -11.63
CA THR H 257 -23.64 47.25 -10.92
C THR H 257 -23.65 47.87 -9.52
N ASP H 258 -22.58 47.61 -8.75
CA ASP H 258 -22.47 48.14 -7.38
C ASP H 258 -21.97 49.57 -7.40
N LEU H 259 -22.92 50.49 -7.44
CA LEU H 259 -22.61 51.88 -7.72
C LEU H 259 -21.84 52.53 -6.58
N LYS H 260 -21.62 51.77 -5.52
CA LYS H 260 -20.91 52.29 -4.34
C LYS H 260 -19.54 51.65 -4.16
N LEU H 261 -19.09 50.90 -5.16
CA LEU H 261 -17.77 50.29 -5.17
C LEU H 261 -16.87 50.94 -6.22
N ALA H 262 -15.69 51.36 -5.80
CA ALA H 262 -14.71 51.89 -6.75
C ALA H 262 -13.62 50.86 -6.96
N ARG H 263 -13.51 50.34 -8.18
CA ARG H 263 -12.51 49.32 -8.49
C ARG H 263 -11.26 49.91 -9.10
N VAL H 264 -10.18 49.92 -8.32
CA VAL H 264 -8.87 50.38 -8.80
C VAL H 264 -8.29 49.33 -9.73
N SER H 265 -8.10 49.67 -10.99
CA SER H 265 -7.71 48.66 -11.98
C SER H 265 -6.20 48.45 -11.98
N GLU H 266 -5.46 49.50 -11.68
CA GLU H 266 -4.01 49.46 -11.59
C GLU H 266 -3.56 50.49 -10.56
N LEU H 267 -2.53 50.15 -9.80
CA LEU H 267 -1.99 51.08 -8.83
C LEU H 267 -0.50 51.14 -9.12
N ARG H 268 0.01 52.31 -9.47
CA ARG H 268 1.43 52.44 -9.77
C ARG H 268 2.10 53.54 -8.95
N ALA H 269 3.15 53.17 -8.24
CA ALA H 269 3.90 54.11 -7.44
C ALA H 269 5.34 53.65 -7.35
N VAL H 270 6.25 54.58 -7.12
CA VAL H 270 7.66 54.23 -6.99
C VAL H 270 8.24 54.74 -5.67
N THR H 271 7.49 55.55 -4.96
CA THR H 271 7.91 56.04 -3.65
C THR H 271 6.79 55.92 -2.62
N ALA H 272 7.16 55.78 -1.34
CA ALA H 272 6.16 55.70 -0.28
C ALA H 272 5.31 56.95 -0.21
N ASP H 273 5.84 58.08 -0.66
CA ASP H 273 5.02 59.29 -0.63
C ASP H 273 3.92 59.13 -1.66
N ALA H 274 4.31 58.75 -2.86
CA ALA H 274 3.35 58.60 -3.91
C ALA H 274 2.24 57.67 -3.43
N HIS H 275 2.63 56.48 -2.96
CA HIS H 275 1.67 55.46 -2.56
C HIS H 275 0.65 56.02 -1.55
N CYS H 276 1.15 56.74 -0.55
CA CYS H 276 0.28 57.26 0.48
C CYS H 276 -0.61 58.39 -0.07
N ALA H 277 0.02 59.34 -0.76
CA ALA H 277 -0.71 60.44 -1.36
C ALA H 277 -1.81 59.93 -2.27
N LEU H 278 -1.52 58.89 -3.04
CA LEU H 278 -2.53 58.30 -3.91
C LEU H 278 -3.66 57.74 -3.07
N TRP H 279 -3.32 57.00 -2.04
CA TRP H 279 -4.34 56.44 -1.17
C TRP H 279 -5.22 57.48 -0.44
N ARG H 280 -4.63 58.60 -0.05
CA ARG H 280 -5.43 59.68 0.57
C ARG H 280 -6.54 60.18 -0.36
N ALA H 281 -6.22 60.33 -1.63
CA ALA H 281 -7.22 60.71 -2.60
C ALA H 281 -8.23 59.60 -2.77
N LEU H 282 -7.76 58.37 -2.98
CA LEU H 282 -8.68 57.24 -3.12
C LEU H 282 -9.71 57.23 -2.01
N ILE H 283 -9.23 57.17 -0.76
CA ILE H 283 -10.08 57.22 0.43
C ILE H 283 -10.99 58.43 0.39
N GLY H 284 -10.61 59.43 -0.43
CA GLY H 284 -11.40 60.64 -0.55
C GLY H 284 -12.53 60.57 -1.55
N LEU H 285 -12.80 59.40 -2.11
CA LEU H 285 -13.92 59.28 -3.04
C LEU H 285 -15.24 59.23 -2.25
N ASP H 286 -15.75 60.40 -1.89
CA ASP H 286 -16.82 60.49 -0.88
C ASP H 286 -18.09 59.79 -1.32
N SER H 287 -18.35 59.80 -2.63
CA SER H 287 -19.50 59.12 -3.19
C SER H 287 -19.43 57.60 -3.01
N MSE H 288 -18.23 57.09 -2.75
CA MSE H 288 -17.97 55.65 -2.66
C MSE H 288 -18.10 55.10 -1.24
O MSE H 288 -17.86 55.81 -0.27
CB MSE H 288 -16.58 55.31 -3.19
CG MSE H 288 -16.36 55.61 -4.65
SE MSE H 288 -17.73 54.81 -5.74
CE MSE H 288 -18.88 56.37 -5.88
N GLU H 289 -18.46 53.83 -1.14
CA GLU H 289 -18.48 53.10 0.13
C GLU H 289 -17.22 52.25 0.26
N ARG H 290 -16.75 51.74 -0.86
CA ARG H 290 -15.63 50.80 -0.87
C ARG H 290 -14.68 50.98 -2.06
N ILE H 291 -13.39 50.82 -1.80
CA ILE H 291 -12.39 50.77 -2.85
C ILE H 291 -11.76 49.38 -2.82
N SER H 292 -11.88 48.64 -3.92
CA SER H 292 -11.12 47.40 -4.06
C SER H 292 -9.93 47.60 -5.00
N ILE H 293 -8.97 46.68 -4.92
CA ILE H 293 -7.72 46.75 -5.68
C ILE H 293 -7.01 45.42 -5.57
N ILE H 294 -6.40 44.96 -6.65
CA ILE H 294 -5.55 43.78 -6.53
C ILE H 294 -4.17 44.30 -6.20
N THR H 295 -3.53 43.69 -5.22
CA THR H 295 -2.22 44.15 -4.81
C THR H 295 -1.43 42.95 -4.30
N HIS H 296 -0.35 43.20 -3.57
CA HIS H 296 0.53 42.14 -3.11
C HIS H 296 0.56 42.05 -1.59
N PRO H 297 0.99 40.89 -1.06
CA PRO H 297 1.02 40.68 0.39
C PRO H 297 1.74 41.77 1.25
N GLN H 298 2.76 42.46 0.74
CA GLN H 298 3.44 43.46 1.56
C GLN H 298 2.97 44.88 1.34
N ASP H 299 1.83 45.05 0.67
CA ASP H 299 1.27 46.38 0.44
C ASP H 299 1.05 47.04 1.79
N PRO H 300 1.74 48.15 2.06
CA PRO H 300 1.70 48.70 3.42
C PRO H 300 0.47 49.51 3.71
N LEU H 301 -0.47 49.59 2.76
CA LEU H 301 -1.72 50.33 2.97
C LEU H 301 -2.24 50.11 4.40
N PRO H 302 -2.46 48.86 4.78
CA PRO H 302 -2.99 48.60 6.12
C PRO H 302 -2.34 49.51 7.15
N HIS H 303 -1.02 49.67 7.10
CA HIS H 303 -0.29 50.34 8.16
C HIS H 303 -0.36 51.87 8.14
N LEU H 304 -1.02 52.41 7.10
CA LEU H 304 -1.26 53.85 7.00
C LEU H 304 -2.53 54.22 7.78
N LEU H 305 -3.36 53.22 8.03
CA LEU H 305 -4.66 53.47 8.65
C LEU H 305 -4.69 53.27 10.17
N THR H 306 -5.51 54.05 10.87
CA THR H 306 -5.60 53.92 12.31
C THR H 306 -6.08 52.51 12.66
N ASP H 307 -6.92 51.93 11.80
CA ASP H 307 -7.43 50.57 11.98
C ASP H 307 -6.94 49.67 10.86
N THR H 308 -6.11 48.70 11.21
CA THR H 308 -5.53 47.76 10.24
C THR H 308 -6.58 46.92 9.54
N ARG H 309 -7.65 46.59 10.24
CA ARG H 309 -8.69 45.74 9.68
C ARG H 309 -9.36 46.34 8.45
N LEU H 310 -9.42 47.66 8.38
CA LEU H 310 -10.14 48.29 7.27
C LEU H 310 -9.67 47.74 5.92
N ALA H 311 -8.36 47.59 5.77
CA ALA H 311 -7.81 47.04 4.54
C ALA H 311 -7.84 45.54 4.74
N ARG H 312 -9.04 44.99 4.87
CA ARG H 312 -9.18 43.56 5.06
C ARG H 312 -9.11 42.84 3.72
N THR H 313 -8.29 41.81 3.65
CA THR H 313 -8.15 41.07 2.41
C THR H 313 -9.47 40.38 2.07
N THR H 314 -9.86 40.48 0.82
CA THR H 314 -11.09 39.85 0.34
C THR H 314 -10.87 38.68 -0.60
N TRP H 315 -9.67 38.59 -1.17
CA TRP H 315 -9.33 37.50 -2.08
C TRP H 315 -7.83 37.22 -2.11
N ARG H 316 -7.45 35.95 -2.13
CA ARG H 316 -6.04 35.58 -2.18
C ARG H 316 -5.78 34.49 -3.23
N GLN H 317 -4.83 34.71 -4.14
CA GLN H 317 -4.52 33.72 -5.15
C GLN H 317 -3.15 33.88 -5.81
N ASP H 318 -2.66 32.81 -6.43
CA ASP H 318 -1.41 32.84 -7.15
C ASP H 318 -1.54 33.77 -8.34
N GLY H 319 -0.41 34.33 -8.76
CA GLY H 319 -0.40 35.26 -9.86
C GLY H 319 0.44 34.71 -10.99
N LEU H 320 1.67 35.16 -11.05
CA LEU H 320 2.56 34.76 -12.13
C LEU H 320 3.16 33.41 -11.74
N TRP H 321 3.29 32.54 -12.74
CA TRP H 321 3.96 31.27 -12.54
C TRP H 321 5.20 31.31 -13.40
N LEU H 322 6.30 30.79 -12.86
CA LEU H 322 7.58 30.73 -13.58
C LEU H 322 8.05 29.31 -13.86
N ARG H 323 8.66 29.11 -15.03
CA ARG H 323 9.39 27.89 -15.29
C ARG H 323 10.84 28.20 -15.54
N ILE H 324 11.72 27.69 -14.69
CA ILE H 324 13.14 27.96 -14.90
C ILE H 324 13.65 27.15 -16.09
N MSE H 325 14.07 27.83 -17.14
CA MSE H 325 14.55 27.11 -18.33
C MSE H 325 15.98 26.65 -18.10
O MSE H 325 16.30 25.49 -18.28
CB MSE H 325 14.46 27.96 -19.60
CG MSE H 325 13.13 28.72 -19.76
SE MSE H 325 11.57 27.57 -20.03
CE MSE H 325 12.32 26.45 -21.42
N ASN H 326 16.81 27.58 -17.64
CA ASN H 326 18.24 27.37 -17.51
C ASN H 326 18.68 27.65 -16.07
N VAL H 327 18.89 26.58 -15.31
CA VAL H 327 19.16 26.74 -13.89
C VAL H 327 20.29 27.73 -13.62
N PRO H 328 21.49 27.49 -14.18
CA PRO H 328 22.65 28.34 -13.84
C PRO H 328 22.45 29.78 -14.28
N ALA H 329 22.00 29.96 -15.52
CA ALA H 329 21.73 31.29 -16.02
C ALA H 329 20.84 32.07 -15.06
N ALA H 330 19.70 31.49 -14.71
CA ALA H 330 18.70 32.15 -13.89
C ALA H 330 19.19 32.46 -12.49
N LEU H 331 19.80 31.47 -11.84
CA LEU H 331 20.23 31.65 -10.45
C LEU H 331 21.38 32.63 -10.35
N GLU H 332 22.25 32.63 -11.38
CA GLU H 332 23.33 33.59 -11.47
C GLU H 332 22.79 35.00 -11.80
N ALA H 333 21.76 35.09 -12.63
CA ALA H 333 21.20 36.39 -12.98
C ALA H 333 20.61 37.14 -11.77
N ARG H 334 19.88 36.43 -10.91
CA ARG H 334 19.25 37.04 -9.73
C ARG H 334 20.13 37.34 -8.53
N GLY H 335 19.82 38.45 -7.85
CA GLY H 335 20.53 38.89 -6.65
C GLY H 335 20.07 38.13 -5.41
N TYR H 336 20.90 38.12 -4.36
CA TYR H 336 20.54 37.41 -3.14
C TYR H 336 20.75 38.29 -1.92
N ALA H 337 20.01 38.00 -0.85
CA ALA H 337 20.10 38.80 0.36
C ALA H 337 21.54 38.90 0.82
N HIS H 338 22.00 40.11 1.09
CA HIS H 338 23.37 40.34 1.53
C HIS H 338 23.49 39.93 2.98
N GLU H 339 22.40 40.12 3.71
CA GLU H 339 22.38 39.90 5.14
C GLU H 339 22.57 38.44 5.57
N VAL H 340 22.95 37.56 4.64
CA VAL H 340 23.21 36.16 4.96
C VAL H 340 24.63 35.78 4.59
N GLY H 341 25.19 34.85 5.36
CA GLY H 341 26.57 34.44 5.19
C GLY H 341 26.86 33.50 4.04
N GLU H 342 27.99 33.75 3.36
CA GLU H 342 28.41 32.92 2.24
C GLU H 342 28.38 31.43 2.52
N PHE H 343 27.92 30.65 1.55
CA PHE H 343 27.74 29.22 1.75
C PHE H 343 27.61 28.53 0.41
N SER H 344 28.19 27.34 0.31
CA SER H 344 28.07 26.51 -0.88
C SER H 344 27.13 25.34 -0.62
N THR H 345 26.61 24.77 -1.70
CA THR H 345 25.76 23.59 -1.62
C THR H 345 25.68 22.98 -3.00
N VAL H 346 24.83 21.97 -3.13
CA VAL H 346 24.61 21.30 -4.39
C VAL H 346 23.11 21.40 -4.63
N LEU H 347 22.71 21.87 -5.79
CA LEU H 347 21.30 22.02 -6.07
C LEU H 347 20.86 20.96 -7.07
N GLU H 348 19.86 20.18 -6.69
CA GLU H 348 19.37 19.14 -7.58
C GLU H 348 17.93 19.41 -7.95
N VAL H 349 17.69 19.45 -9.26
CA VAL H 349 16.36 19.67 -9.80
C VAL H 349 15.97 18.33 -10.40
N SER H 350 14.75 17.90 -10.12
CA SER H 350 14.32 16.57 -10.55
C SER H 350 14.36 16.45 -12.05
N ASP H 351 15.11 15.47 -12.54
CA ASP H 351 15.24 15.28 -13.97
C ASP H 351 15.67 16.56 -14.67
N GLY H 352 16.58 17.31 -14.06
CA GLY H 352 16.99 18.60 -14.59
C GLY H 352 18.46 18.85 -14.34
N GLY H 353 19.09 17.90 -13.66
CA GLY H 353 20.51 17.96 -13.45
C GLY H 353 20.91 18.54 -12.11
N ARG H 354 22.21 18.46 -11.86
CA ARG H 354 22.74 18.86 -10.58
C ARG H 354 23.66 20.06 -10.73
N PHE H 355 23.73 20.90 -9.70
CA PHE H 355 24.39 22.18 -9.80
C PHE H 355 25.07 22.58 -8.51
N ALA H 356 26.34 22.97 -8.59
CA ALA H 356 27.04 23.41 -7.40
C ALA H 356 26.75 24.90 -7.34
N LEU H 357 26.13 25.32 -6.25
CA LEU H 357 25.77 26.73 -6.09
C LEU H 357 26.48 27.38 -4.92
N LYS H 358 27.11 28.52 -5.21
CA LYS H 358 27.82 29.28 -4.18
C LYS H 358 27.14 30.64 -4.09
N ILE H 359 26.75 31.03 -2.88
CA ILE H 359 26.09 32.31 -2.68
C ILE H 359 26.73 33.08 -1.52
N GLY H 360 27.07 34.33 -1.82
CA GLY H 360 27.68 35.24 -0.87
C GLY H 360 27.69 36.65 -1.43
N ASP H 361 27.65 37.64 -0.54
CA ASP H 361 27.72 39.03 -0.96
C ASP H 361 26.67 39.41 -1.98
N GLY H 362 25.53 38.74 -1.94
CA GLY H 362 24.44 39.00 -2.87
C GLY H 362 24.68 38.47 -4.28
N ARG H 363 25.71 37.64 -4.44
CA ARG H 363 26.03 37.08 -5.75
C ARG H 363 26.11 35.55 -5.73
N ALA H 364 25.54 34.91 -6.75
CA ALA H 364 25.54 33.45 -6.83
C ALA H 364 26.19 32.87 -8.09
N ARG H 365 27.05 31.88 -7.87
CA ARG H 365 27.73 31.17 -8.93
C ARG H 365 27.12 29.79 -8.97
N CYS H 366 26.64 29.40 -10.15
CA CYS H 366 25.98 28.12 -10.31
C CYS H 366 26.55 27.40 -11.51
N THR H 367 26.96 26.16 -11.31
CA THR H 367 27.59 25.39 -12.37
C THR H 367 27.21 23.92 -12.26
N PRO H 368 27.10 23.26 -13.41
CA PRO H 368 26.74 21.83 -13.41
C PRO H 368 27.81 21.03 -12.71
N THR H 369 27.40 20.10 -11.85
CA THR H 369 28.31 19.23 -11.12
C THR H 369 27.73 17.82 -11.06
N ASP H 370 28.46 16.90 -10.42
CA ASP H 370 28.01 15.53 -10.29
C ASP H 370 28.01 15.19 -8.81
N ALA H 371 28.48 16.14 -8.01
CA ALA H 371 28.58 15.98 -6.56
C ALA H 371 27.29 15.52 -5.89
N ALA H 372 27.41 15.05 -4.66
CA ALA H 372 26.23 14.72 -3.88
C ALA H 372 25.32 15.94 -3.82
N ALA H 373 24.04 15.72 -4.07
CA ALA H 373 23.06 16.78 -3.91
C ALA H 373 22.70 16.97 -2.44
N GLU H 374 22.81 18.21 -1.95
CA GLU H 374 22.51 18.50 -0.55
C GLU H 374 21.08 19.01 -0.38
N ILE H 375 20.44 19.30 -1.50
CA ILE H 375 19.04 19.69 -1.54
C ILE H 375 18.46 19.26 -2.87
N GLU H 376 17.16 18.96 -2.89
CA GLU H 376 16.50 18.54 -4.10
C GLU H 376 15.04 19.04 -4.14
N MSE H 377 14.54 19.26 -5.34
CA MSE H 377 13.15 19.70 -5.54
C MSE H 377 12.76 19.42 -6.98
O MSE H 377 13.62 19.13 -7.80
CB MSE H 377 13.00 21.20 -5.18
CG MSE H 377 13.81 22.18 -6.06
SE MSE H 377 13.99 24.03 -5.36
CE MSE H 377 15.56 23.81 -4.24
N ASP H 378 11.45 19.47 -7.28
CA ASP H 378 11.00 19.45 -8.68
C ASP H 378 11.27 20.82 -9.27
N ARG H 379 11.24 20.93 -10.59
CA ARG H 379 11.60 22.18 -11.27
C ARG H 379 10.71 23.38 -10.87
N ASP H 380 9.42 23.10 -10.63
CA ASP H 380 8.48 24.17 -10.35
C ASP H 380 8.67 24.72 -8.96
N VAL H 381 9.26 23.94 -8.08
CA VAL H 381 9.52 24.46 -6.76
C VAL H 381 10.52 25.59 -6.95
N LEU H 382 11.51 25.34 -7.80
CA LEU H 382 12.53 26.34 -8.03
C LEU H 382 11.86 27.63 -8.50
N GLY H 383 11.03 27.51 -9.52
CA GLY H 383 10.27 28.65 -10.00
C GLY H 383 9.65 29.40 -8.84
N SER H 384 8.88 28.70 -8.02
CA SER H 384 8.21 29.29 -6.85
C SER H 384 9.16 29.97 -5.86
N LEU H 385 10.37 29.44 -5.70
CA LEU H 385 11.32 30.06 -4.80
C LEU H 385 11.84 31.34 -5.44
N TYR H 386 11.97 31.32 -6.76
CA TYR H 386 12.71 32.35 -7.49
C TYR H 386 12.46 33.82 -7.14
N LEU H 387 11.22 34.25 -6.95
CA LEU H 387 10.99 35.69 -6.76
C LEU H 387 10.89 36.14 -5.31
N GLY H 388 11.03 35.21 -4.38
CA GLY H 388 11.00 35.53 -2.95
C GLY H 388 9.64 35.41 -2.32
N ALA H 389 8.65 35.05 -3.13
CA ALA H 389 7.27 35.05 -2.64
C ALA H 389 6.96 33.79 -1.86
N HIS H 390 7.92 32.88 -1.77
CA HIS H 390 7.73 31.64 -1.01
C HIS H 390 8.98 31.26 -0.23
N ARG H 391 8.75 30.79 1.00
CA ARG H 391 9.79 30.35 1.90
C ARG H 391 10.18 28.88 1.69
N ALA H 392 11.48 28.63 1.54
CA ALA H 392 11.98 27.28 1.43
C ALA H 392 11.55 26.40 2.60
N SER H 393 11.58 26.98 3.80
CA SER H 393 11.27 26.21 5.02
C SER H 393 9.83 25.67 5.00
N THR H 394 8.95 26.36 4.29
CA THR H 394 7.56 25.98 4.25
C THR H 394 7.30 24.93 3.16
N LEU H 395 7.92 25.09 1.99
CA LEU H 395 7.82 24.07 0.95
C LEU H 395 8.54 22.83 1.47
N ALA H 396 9.49 23.05 2.37
CA ALA H 396 10.20 21.94 2.97
C ALA H 396 9.24 21.16 3.86
N ALA H 397 8.33 21.87 4.50
CA ALA H 397 7.36 21.25 5.41
C ALA H 397 6.37 20.36 4.69
N ALA H 398 6.08 20.66 3.44
CA ALA H 398 5.17 19.85 2.66
C ALA H 398 5.95 18.76 1.89
N ASN H 399 7.22 18.67 2.22
CA ASN H 399 8.19 17.83 1.52
C ASN H 399 8.26 18.12 0.01
N ARG H 400 8.18 19.41 -0.34
CA ARG H 400 8.18 19.81 -1.74
C ARG H 400 9.59 20.10 -2.18
N LEU H 401 10.39 20.58 -1.23
CA LEU H 401 11.83 20.59 -1.38
C LEU H 401 12.41 19.86 -0.16
N ARG H 402 13.53 19.20 -0.36
CA ARG H 402 14.02 18.28 0.65
C ARG H 402 15.46 18.60 1.03
N THR H 403 15.75 18.64 2.33
CA THR H 403 17.09 19.00 2.77
C THR H 403 17.70 18.15 3.89
N LYS H 404 18.97 17.77 3.71
CA LYS H 404 19.71 17.00 4.69
C LYS H 404 19.97 17.77 5.99
N ASP H 405 20.30 19.06 5.86
CA ASP H 405 20.61 19.92 6.99
C ASP H 405 19.60 21.05 7.20
N SER H 406 19.17 21.22 8.45
CA SER H 406 18.22 22.26 8.80
C SER H 406 18.85 23.63 8.58
N GLN H 407 20.13 23.77 8.90
CA GLN H 407 20.79 25.06 8.74
C GLN H 407 20.81 25.50 7.28
N LEU H 408 21.05 24.55 6.38
CA LEU H 408 21.08 24.85 4.95
C LEU H 408 19.72 25.36 4.50
N LEU H 409 18.66 24.74 5.00
CA LEU H 409 17.31 25.14 4.65
C LEU H 409 17.06 26.58 5.11
N ARG H 410 17.54 26.89 6.31
CA ARG H 410 17.38 28.23 6.86
C ARG H 410 18.12 29.26 6.00
N ARG H 411 19.30 28.90 5.53
CA ARG H 411 20.10 29.79 4.69
C ARG H 411 19.40 30.12 3.38
N LEU H 412 18.75 29.11 2.78
CA LEU H 412 18.04 29.28 1.53
C LEU H 412 16.89 30.27 1.65
N ASP H 413 16.11 30.19 2.74
CA ASP H 413 15.04 31.15 2.97
C ASP H 413 15.65 32.52 2.84
N ALA H 414 16.68 32.72 3.64
CA ALA H 414 17.31 34.03 3.82
C ALA H 414 17.90 34.57 2.52
N ALA H 415 18.53 33.70 1.75
CA ALA H 415 19.18 34.15 0.53
C ALA H 415 18.16 34.50 -0.55
N PHE H 416 17.14 33.66 -0.69
CA PHE H 416 16.16 33.81 -1.78
C PHE H 416 15.08 34.86 -1.48
N ALA H 417 14.96 35.28 -0.23
CA ALA H 417 14.04 36.34 0.08
C ALA H 417 14.42 37.58 -0.71
N SER H 418 13.49 38.51 -0.86
CA SER H 418 13.72 39.69 -1.69
C SER H 418 13.71 41.01 -0.91
N ASP H 419 14.79 41.79 -1.03
CA ASP H 419 14.92 43.07 -0.34
C ASP H 419 13.68 43.91 -0.62
N VAL H 420 13.31 43.94 -1.90
CA VAL H 420 12.09 44.59 -2.34
C VAL H 420 11.04 43.51 -2.52
N PRO H 421 9.90 43.63 -1.83
CA PRO H 421 8.84 42.62 -1.90
C PRO H 421 8.23 42.52 -3.31
N VAL H 422 8.12 41.30 -3.82
CA VAL H 422 7.58 41.08 -5.17
C VAL H 422 6.12 41.49 -5.34
N GLN H 423 5.84 42.11 -6.47
CA GLN H 423 4.49 42.57 -6.82
C GLN H 423 4.08 42.08 -8.20
N THR H 424 2.84 41.62 -8.34
CA THR H 424 2.37 41.15 -9.64
C THR H 424 2.05 42.40 -10.48
N ALA H 425 2.55 42.44 -11.72
CA ALA H 425 2.33 43.61 -12.60
C ALA H 425 1.08 43.53 -13.49
N PHE H 426 0.94 42.46 -14.27
CA PHE H 426 -0.19 42.32 -15.19
C PHE H 426 -0.44 40.90 -15.68
N GLU H 427 -1.64 40.67 -16.22
CA GLU H 427 -2.01 39.37 -16.74
C GLU H 427 -1.72 39.40 -18.25
N PHE H 428 -1.49 38.23 -18.83
CA PHE H 428 -1.19 38.12 -20.26
C PHE H 428 -1.54 36.71 -20.79
N THR I 28 -3.94 -7.70 9.22
CA THR I 28 -3.98 -6.24 9.28
C THR I 28 -5.32 -5.68 9.75
N VAL I 29 -6.41 -5.99 9.03
CA VAL I 29 -7.75 -5.58 9.47
C VAL I 29 -8.78 -6.71 9.40
N THR I 30 -9.84 -6.59 10.19
CA THR I 30 -10.76 -7.70 10.38
C THR I 30 -12.22 -7.31 10.11
N LEU I 31 -12.87 -8.10 9.26
CA LEU I 31 -14.29 -7.95 8.97
C LEU I 31 -15.08 -9.09 9.62
N CYS I 32 -15.99 -8.75 10.51
CA CYS I 32 -16.71 -9.77 11.28
C CYS I 32 -18.06 -9.27 11.77
N SER I 33 -18.74 -10.10 12.55
CA SER I 33 -20.01 -9.67 13.15
C SER I 33 -19.74 -8.88 14.40
N PRO I 34 -20.41 -7.74 14.55
CA PRO I 34 -20.20 -6.97 15.77
C PRO I 34 -20.42 -7.84 16.99
N THR I 35 -19.58 -7.66 18.00
CA THR I 35 -19.81 -8.22 19.32
C THR I 35 -20.40 -7.10 20.18
N GLU I 36 -20.47 -7.31 21.48
CA GLU I 36 -21.06 -6.29 22.34
C GLU I 36 -20.07 -5.15 22.60
N ASP I 37 -18.78 -5.45 22.39
CA ASP I 37 -17.73 -4.47 22.60
C ASP I 37 -17.66 -3.44 21.45
N ASP I 38 -18.43 -3.69 20.39
CA ASP I 38 -18.37 -2.84 19.21
C ASP I 38 -19.55 -1.87 19.09
N TRP I 39 -20.46 -1.88 20.06
CA TRP I 39 -21.59 -0.94 20.07
C TRP I 39 -21.14 0.52 20.28
N PRO I 40 -20.22 0.74 21.24
CA PRO I 40 -19.70 2.10 21.39
C PRO I 40 -18.99 2.59 20.13
N GLY I 41 -18.15 1.73 19.54
CA GLY I 41 -17.40 2.08 18.35
C GLY I 41 -18.25 2.33 17.13
N MSE I 42 -19.45 1.78 17.10
CA MSE I 42 -20.34 1.91 15.95
C MSE I 42 -21.13 3.21 16.01
O MSE I 42 -21.50 3.78 14.98
CB MSE I 42 -21.31 0.74 15.86
CG MSE I 42 -20.68 -0.58 15.43
SE MSE I 42 -21.90 -2.06 15.74
CE MSE I 42 -23.24 -1.70 14.38
N PHE I 43 -21.38 3.66 17.24
CA PHE I 43 -22.12 4.89 17.48
C PHE I 43 -21.23 6.07 17.21
N LEU I 44 -19.95 5.90 17.55
CA LEU I 44 -18.94 6.87 17.16
C LEU I 44 -18.94 7.06 15.63
N LEU I 45 -18.62 6.00 14.91
CA LEU I 45 -18.62 6.10 13.46
C LEU I 45 -19.94 6.67 12.95
N ALA I 46 -21.06 6.06 13.35
CA ALA I 46 -22.38 6.55 12.96
C ALA I 46 -22.49 8.06 13.16
N ALA I 47 -22.22 8.49 14.39
CA ALA I 47 -22.32 9.90 14.76
C ALA I 47 -21.42 10.82 13.93
N ALA I 48 -20.20 10.37 13.66
CA ALA I 48 -19.28 11.16 12.86
C ALA I 48 -19.56 11.08 11.35
N SER I 49 -20.48 10.20 10.97
CA SER I 49 -20.73 9.94 9.55
C SER I 49 -22.08 10.45 9.05
N PHE I 50 -23.07 10.50 9.95
CA PHE I 50 -24.40 11.05 9.65
C PHE I 50 -24.74 12.20 10.60
N THR I 51 -25.17 13.32 10.06
CA THR I 51 -25.52 14.45 10.91
C THR I 51 -26.75 14.09 11.73
N ASP I 52 -27.75 13.55 11.03
CA ASP I 52 -29.06 13.25 11.58
C ASP I 52 -29.07 12.12 12.61
N PHE I 53 -27.90 11.55 12.88
CA PHE I 53 -27.79 10.42 13.81
C PHE I 53 -27.89 10.87 15.27
N ILE I 54 -28.23 9.87 16.09
CA ILE I 54 -28.40 9.94 17.53
C ILE I 54 -28.31 8.51 18.09
N GLY I 55 -27.75 8.37 19.29
CA GLY I 55 -27.61 7.06 19.90
C GLY I 55 -28.91 6.33 20.21
N PRO I 56 -29.88 7.06 20.76
CA PRO I 56 -31.17 6.45 21.10
C PRO I 56 -31.88 5.97 19.85
N GLU I 57 -31.88 6.75 18.78
CA GLU I 57 -32.57 6.35 17.56
C GLU I 57 -32.05 5.05 16.97
N SER I 58 -30.74 4.86 16.98
CA SER I 58 -30.12 3.66 16.42
C SER I 58 -30.56 2.36 17.11
N ALA I 59 -30.48 2.36 18.43
CA ALA I 59 -30.76 1.15 19.22
C ALA I 59 -32.14 0.47 19.06
N THR I 60 -33.20 1.27 19.01
CA THR I 60 -34.55 0.73 18.85
C THR I 60 -34.75 0.09 17.49
N ALA I 61 -34.28 0.77 16.45
CA ALA I 61 -34.40 0.27 15.09
C ALA I 61 -33.52 -0.96 14.83
N TRP I 62 -32.27 -0.89 15.29
CA TRP I 62 -31.32 -1.99 15.10
C TRP I 62 -31.73 -3.24 15.86
N ARG I 63 -32.12 -3.05 17.12
CA ARG I 63 -32.54 -4.15 17.96
C ARG I 63 -33.83 -4.78 17.47
N THR I 64 -34.75 -3.91 17.04
CA THR I 64 -36.05 -4.35 16.56
C THR I 64 -36.18 -4.62 15.06
N LEU I 65 -35.14 -4.37 14.26
CA LEU I 65 -35.34 -4.64 12.82
C LEU I 65 -34.16 -5.28 12.08
N VAL I 66 -33.00 -5.33 12.72
CA VAL I 66 -31.85 -6.00 12.12
C VAL I 66 -31.78 -7.45 12.56
N PRO I 67 -31.78 -8.38 11.60
CA PRO I 67 -31.70 -9.81 11.88
C PRO I 67 -30.43 -10.14 12.65
N THR I 68 -30.38 -11.36 13.19
CA THR I 68 -29.15 -11.85 13.79
C THR I 68 -28.12 -11.81 12.68
N ASP I 69 -26.92 -11.34 13.02
CA ASP I 69 -25.85 -11.13 12.04
C ASP I 69 -26.30 -10.40 10.74
N GLY I 70 -27.20 -9.45 10.88
CA GLY I 70 -27.54 -8.57 9.77
C GLY I 70 -26.58 -7.38 9.75
N ALA I 71 -25.58 -7.42 10.63
CA ALA I 71 -24.60 -6.34 10.74
C ALA I 71 -23.15 -6.79 10.63
N VAL I 72 -22.36 -6.05 9.87
CA VAL I 72 -20.93 -6.36 9.66
C VAL I 72 -20.06 -5.15 10.01
N VAL I 73 -18.93 -5.39 10.68
CA VAL I 73 -18.02 -4.31 11.06
C VAL I 73 -16.55 -4.64 10.75
N VAL I 74 -15.76 -3.59 10.52
CA VAL I 74 -14.36 -3.74 10.22
C VAL I 74 -13.57 -3.17 11.39
N ARG I 75 -12.46 -3.81 11.72
CA ARG I 75 -11.66 -3.39 12.87
C ARG I 75 -10.25 -3.09 12.46
N ASP I 76 -9.58 -2.25 13.22
CA ASP I 76 -8.20 -1.90 12.95
C ASP I 76 -7.27 -2.77 13.79
N GLY I 77 -7.00 -3.98 13.30
CA GLY I 77 -6.14 -4.93 13.99
C GLY I 77 -6.92 -6.03 14.67
N ALA I 78 -6.26 -6.76 15.56
CA ALA I 78 -6.88 -7.83 16.34
C ALA I 78 -6.74 -7.56 17.84
N GLY I 79 -7.46 -8.33 18.65
CA GLY I 79 -7.52 -8.10 20.08
C GLY I 79 -8.75 -7.28 20.43
N PRO I 80 -9.58 -7.78 21.35
CA PRO I 80 -10.83 -7.09 21.70
C PRO I 80 -10.56 -5.64 22.09
N GLY I 81 -11.40 -4.73 21.63
CA GLY I 81 -11.18 -3.31 21.84
C GLY I 81 -10.71 -2.64 20.56
N SER I 82 -10.15 -3.42 19.64
CA SER I 82 -9.74 -2.91 18.33
C SER I 82 -10.81 -1.96 17.79
N GLU I 83 -10.39 -0.76 17.37
CA GLU I 83 -11.34 0.28 16.97
C GLU I 83 -12.15 -0.04 15.72
N VAL I 84 -13.41 0.37 15.71
CA VAL I 84 -14.30 0.15 14.58
C VAL I 84 -14.02 1.21 13.52
N VAL I 85 -13.71 0.76 12.31
CA VAL I 85 -13.38 1.69 11.24
C VAL I 85 -14.35 1.59 10.08
N GLY I 86 -15.15 0.53 10.07
CA GLY I 86 -16.18 0.38 9.06
C GLY I 86 -17.44 -0.16 9.67
N MSE I 87 -18.58 0.07 9.04
CA MSE I 87 -19.84 -0.51 9.49
C MSE I 87 -20.90 -0.57 8.40
O MSE I 87 -20.92 0.27 7.52
CB MSE I 87 -20.38 0.20 10.75
CG MSE I 87 -20.85 1.65 10.61
SE MSE I 87 -21.67 2.27 12.31
CE MSE I 87 -23.33 1.23 12.18
N ALA I 88 -21.74 -1.59 8.45
CA ALA I 88 -22.86 -1.74 7.53
C ALA I 88 -23.86 -2.77 8.06
N LEU I 89 -25.11 -2.64 7.66
CA LEU I 89 -26.13 -3.59 8.09
C LEU I 89 -27.34 -3.53 7.18
N TYR I 90 -28.18 -4.56 7.23
CA TYR I 90 -29.46 -4.54 6.52
C TYR I 90 -30.59 -4.71 7.52
N MSE I 91 -31.78 -4.26 7.15
CA MSE I 91 -32.92 -4.44 8.01
C MSE I 91 -33.87 -5.35 7.26
O MSE I 91 -33.83 -5.42 6.03
CB MSE I 91 -33.57 -3.09 8.34
CG MSE I 91 -32.76 -2.16 9.31
SE MSE I 91 -33.50 -0.32 9.47
CE MSE I 91 -32.27 0.44 10.76
N ASP I 92 -34.73 -6.04 8.00
CA ASP I 92 -35.72 -6.92 7.38
C ASP I 92 -36.97 -6.15 7.00
N LEU I 93 -37.12 -5.86 5.70
CA LEU I 93 -38.16 -4.95 5.24
C LEU I 93 -39.21 -5.63 4.40
N ARG I 94 -40.30 -4.95 4.13
CA ARG I 94 -41.39 -5.56 3.36
C ARG I 94 -41.88 -4.66 2.26
N LEU I 95 -41.29 -4.85 1.08
CA LEU I 95 -41.57 -4.01 -0.07
C LEU I 95 -42.77 -4.54 -0.84
N THR I 96 -43.58 -3.64 -1.35
CA THR I 96 -44.67 -3.99 -2.22
C THR I 96 -44.18 -3.71 -3.62
N VAL I 97 -44.32 -4.67 -4.52
CA VAL I 97 -43.95 -4.51 -5.92
C VAL I 97 -45.22 -4.48 -6.76
N PRO I 98 -45.09 -4.13 -8.07
CA PRO I 98 -46.31 -3.95 -8.87
C PRO I 98 -47.18 -5.20 -8.83
N GLY I 99 -48.50 -5.02 -8.84
CA GLY I 99 -49.44 -6.13 -8.72
C GLY I 99 -49.67 -6.54 -7.26
N GLU I 100 -49.46 -5.58 -6.36
CA GLU I 100 -49.75 -5.74 -4.94
C GLU I 100 -49.11 -6.99 -4.33
N VAL I 101 -47.89 -7.27 -4.72
CA VAL I 101 -47.14 -8.40 -4.14
C VAL I 101 -46.11 -7.89 -3.16
N VAL I 102 -45.97 -8.58 -2.02
CA VAL I 102 -45.07 -8.09 -0.97
C VAL I 102 -43.81 -8.95 -0.86
N LEU I 103 -42.71 -8.48 -1.45
CA LEU I 103 -41.48 -9.23 -1.39
C LEU I 103 -40.67 -8.79 -0.18
N PRO I 104 -40.21 -9.74 0.63
CA PRO I 104 -39.43 -9.35 1.79
C PRO I 104 -38.21 -8.64 1.23
N THR I 105 -37.86 -7.49 1.80
CA THR I 105 -36.71 -6.75 1.30
C THR I 105 -35.67 -6.36 2.33
N ALA I 106 -34.42 -6.60 1.99
CA ALA I 106 -33.29 -6.27 2.84
C ALA I 106 -32.92 -4.82 2.53
N GLY I 107 -32.95 -4.00 3.56
CA GLY I 107 -32.62 -2.58 3.44
C GLY I 107 -31.29 -2.29 4.06
N LEU I 108 -30.32 -1.89 3.23
CA LEU I 108 -29.02 -1.49 3.76
C LEU I 108 -29.12 -0.11 4.41
N SER I 109 -28.35 0.11 5.46
CA SER I 109 -28.23 1.44 6.04
C SER I 109 -27.10 1.48 7.07
N PHE I 110 -26.78 2.69 7.54
CA PHE I 110 -25.71 2.86 8.50
C PHE I 110 -24.43 2.26 7.95
N VAL I 111 -24.31 2.28 6.63
CA VAL I 111 -23.08 1.88 5.94
C VAL I 111 -22.08 3.00 6.04
N ALA I 112 -20.94 2.75 6.66
CA ALA I 112 -20.00 3.84 6.93
C ALA I 112 -18.53 3.42 7.08
N VAL I 113 -17.68 4.11 6.34
CA VAL I 113 -16.25 3.96 6.46
C VAL I 113 -15.70 5.19 7.14
N ALA I 114 -14.74 4.98 8.03
CA ALA I 114 -14.09 6.05 8.77
C ALA I 114 -13.29 6.87 7.78
N PRO I 115 -13.17 8.17 8.01
CA PRO I 115 -12.45 9.00 7.03
C PRO I 115 -10.97 8.64 7.02
N THR I 116 -10.54 7.89 8.04
CA THR I 116 -9.15 7.50 8.13
C THR I 116 -8.85 6.27 7.28
N HIS I 117 -9.90 5.54 6.91
CA HIS I 117 -9.77 4.32 6.11
C HIS I 117 -10.39 4.36 4.71
N ARG I 118 -10.57 5.56 4.17
CA ARG I 118 -11.15 5.73 2.84
C ARG I 118 -10.34 5.11 1.71
N ARG I 119 -11.04 4.56 0.72
CA ARG I 119 -10.44 3.93 -0.45
C ARG I 119 -9.51 2.74 -0.19
N ARG I 120 -9.88 1.88 0.76
CA ARG I 120 -9.07 0.72 1.07
C ARG I 120 -9.90 -0.51 0.74
N GLY I 121 -11.01 -0.29 0.05
CA GLY I 121 -11.88 -1.39 -0.37
C GLY I 121 -12.91 -1.85 0.65
N LEU I 122 -12.84 -1.31 1.86
CA LEU I 122 -13.76 -1.71 2.94
C LEU I 122 -15.25 -1.65 2.58
N LEU I 123 -15.65 -0.64 1.83
CA LEU I 123 -17.06 -0.56 1.45
C LEU I 123 -17.37 -1.81 0.63
N ARG I 124 -16.44 -2.15 -0.27
CA ARG I 124 -16.59 -3.33 -1.12
C ARG I 124 -16.59 -4.63 -0.33
N ALA I 125 -15.69 -4.73 0.65
CA ALA I 125 -15.59 -5.92 1.48
C ALA I 125 -16.86 -6.12 2.28
N MSE I 126 -17.38 -5.02 2.80
CA MSE I 126 -18.63 -5.03 3.58
C MSE I 126 -19.84 -5.41 2.73
O MSE I 126 -20.67 -6.21 3.14
CB MSE I 126 -18.86 -3.67 4.33
CG MSE I 126 -17.94 -3.39 5.59
SE MSE I 126 -18.43 -1.87 6.76
CE MSE I 126 -18.97 -0.64 5.33
N CYS I 127 -19.93 -4.86 1.53
CA CYS I 127 -21.04 -5.19 0.63
C CYS I 127 -21.00 -6.65 0.24
N ALA I 128 -19.81 -7.13 -0.12
CA ALA I 128 -19.61 -8.52 -0.49
C ALA I 128 -20.14 -9.48 0.56
N GLU I 129 -19.90 -9.16 1.83
CA GLU I 129 -20.31 -10.02 2.94
C GLU I 129 -21.82 -9.99 3.20
N LEU I 130 -22.38 -8.80 3.32
CA LEU I 130 -23.82 -8.68 3.56
C LEU I 130 -24.63 -9.21 2.38
N HIS I 131 -24.10 -9.05 1.17
CA HIS I 131 -24.78 -9.54 -0.01
C HIS I 131 -24.84 -11.06 0.03
N ARG I 132 -23.72 -11.67 0.41
CA ARG I 132 -23.64 -13.13 0.52
C ARG I 132 -24.55 -13.62 1.62
N ARG I 133 -24.54 -12.91 2.74
CA ARG I 133 -25.37 -13.27 3.88
C ARG I 133 -26.82 -13.14 3.49
N ILE I 134 -27.12 -12.09 2.73
CA ILE I 134 -28.49 -11.83 2.29
C ILE I 134 -29.00 -13.00 1.46
N ALA I 135 -28.23 -13.41 0.47
CA ALA I 135 -28.62 -14.51 -0.42
C ALA I 135 -28.68 -15.87 0.29
N ASP I 136 -27.72 -16.13 1.17
CA ASP I 136 -27.81 -17.30 2.05
C ASP I 136 -29.04 -17.24 2.95
N SER I 137 -29.73 -16.10 2.92
CA SER I 137 -30.91 -15.89 3.76
C SER I 137 -32.20 -15.88 2.94
N GLY I 138 -32.06 -15.82 1.62
CA GLY I 138 -33.19 -16.01 0.74
C GLY I 138 -33.88 -14.76 0.23
N TYR I 139 -33.44 -13.58 0.69
CA TYR I 139 -34.01 -12.34 0.19
C TYR I 139 -33.87 -12.28 -1.33
N PRO I 140 -34.99 -12.04 -2.03
CA PRO I 140 -35.02 -11.87 -3.49
C PRO I 140 -34.46 -10.52 -3.96
N VAL I 141 -34.56 -9.48 -3.13
CA VAL I 141 -34.00 -8.17 -3.48
C VAL I 141 -33.44 -7.47 -2.25
N ALA I 142 -32.41 -6.65 -2.44
CA ALA I 142 -31.94 -5.77 -1.39
C ALA I 142 -32.24 -4.35 -1.84
N ALA I 143 -32.31 -3.42 -0.90
CA ALA I 143 -32.65 -2.05 -1.22
C ALA I 143 -31.91 -1.03 -0.34
N LEU I 144 -31.86 0.21 -0.80
CA LEU I 144 -31.26 1.28 -0.02
C LEU I 144 -31.60 2.68 -0.53
N HIS I 145 -31.30 3.67 0.30
CA HIS I 145 -31.29 5.07 -0.12
C HIS I 145 -29.84 5.49 -0.11
N ALA I 146 -29.43 6.22 -1.15
CA ALA I 146 -28.00 6.45 -1.37
C ALA I 146 -27.54 7.83 -0.90
N SER I 147 -26.50 7.87 -0.08
CA SER I 147 -25.89 9.15 0.29
C SER I 147 -25.48 9.92 -0.96
N GLU I 148 -24.78 9.26 -1.88
CA GLU I 148 -24.39 9.90 -3.13
C GLU I 148 -24.91 9.12 -4.36
N GLY I 149 -24.84 9.74 -5.52
CA GLY I 149 -25.39 9.15 -6.73
C GLY I 149 -24.55 8.11 -7.45
N GLY I 150 -23.23 8.15 -7.26
CA GLY I 150 -22.35 7.28 -8.01
C GLY I 150 -21.68 6.16 -7.22
N ILE I 151 -22.20 5.82 -6.05
CA ILE I 151 -21.57 4.81 -5.23
C ILE I 151 -22.08 3.39 -5.49
N TYR I 152 -23.39 3.21 -5.49
CA TYR I 152 -23.95 1.87 -5.33
C TYR I 152 -24.23 1.05 -6.59
N GLY I 153 -24.25 1.73 -7.74
CA GLY I 153 -24.43 1.05 -9.00
C GLY I 153 -23.38 -0.05 -9.17
N ARG I 154 -22.11 0.31 -8.92
CA ARG I 154 -21.03 -0.65 -9.08
C ARG I 154 -21.25 -1.92 -8.26
N PHE I 155 -22.31 -1.92 -7.44
CA PHE I 155 -22.59 -3.04 -6.55
C PHE I 155 -23.90 -3.74 -6.90
N GLY I 156 -24.56 -3.31 -7.99
CA GLY I 156 -25.77 -3.95 -8.43
C GLY I 156 -27.07 -3.21 -8.14
N TYR I 157 -26.98 -2.06 -7.47
CA TYR I 157 -28.16 -1.27 -7.14
C TYR I 157 -28.43 -0.18 -8.19
N GLY I 158 -29.68 -0.10 -8.64
CA GLY I 158 -30.09 0.98 -9.53
C GLY I 158 -31.21 1.84 -8.94
N PRO I 159 -31.29 3.11 -9.34
CA PRO I 159 -32.38 3.99 -8.88
C PRO I 159 -33.73 3.51 -9.38
N ALA I 160 -34.62 3.17 -8.45
CA ALA I 160 -35.86 2.49 -8.76
C ALA I 160 -37.11 3.30 -8.42
N THR I 161 -36.93 4.43 -7.75
CA THR I 161 -38.04 5.35 -7.54
C THR I 161 -37.56 6.79 -7.77
N THR I 162 -38.47 7.74 -7.75
CA THR I 162 -38.10 9.11 -8.09
C THR I 162 -38.84 10.15 -7.25
N LEU I 163 -38.10 10.84 -6.39
CA LEU I 163 -38.69 11.84 -5.50
C LEU I 163 -38.89 13.20 -6.18
N HIS I 164 -40.09 13.74 -6.08
CA HIS I 164 -40.33 15.12 -6.47
C HIS I 164 -40.65 15.89 -5.21
N GLU I 165 -39.99 17.03 -5.01
CA GLU I 165 -40.49 17.98 -4.02
C GLU I 165 -41.37 18.98 -4.74
N LEU I 166 -42.63 19.06 -4.33
CA LEU I 166 -43.50 20.12 -4.81
C LEU I 166 -43.55 21.26 -3.79
N THR I 167 -43.45 22.47 -4.31
CA THR I 167 -43.50 23.70 -3.53
C THR I 167 -44.54 24.47 -4.30
N VAL I 168 -45.56 24.97 -3.61
CA VAL I 168 -46.59 25.71 -4.30
C VAL I 168 -46.95 27.00 -3.59
N ASP I 169 -47.33 28.01 -4.36
CA ASP I 169 -47.72 29.26 -3.77
C ASP I 169 -49.19 29.05 -3.52
N ARG I 170 -49.52 28.72 -2.29
CA ARG I 170 -50.89 28.46 -1.89
C ARG I 170 -51.74 29.69 -2.08
N ARG I 171 -51.17 30.85 -1.79
CA ARG I 171 -51.92 32.10 -1.92
C ARG I 171 -52.75 32.20 -3.19
N PHE I 172 -52.27 31.62 -4.28
CA PHE I 172 -52.99 31.73 -5.55
C PHE I 172 -53.79 30.49 -5.92
N ALA I 173 -53.52 29.37 -5.24
CA ALA I 173 -54.13 28.11 -5.66
C ALA I 173 -55.65 28.10 -5.49
N ARG I 174 -56.34 27.86 -6.59
CA ARG I 174 -57.76 27.62 -6.58
C ARG I 174 -57.93 26.19 -7.09
N PHE I 175 -59.08 25.58 -6.83
CA PHE I 175 -59.31 24.23 -7.33
C PHE I 175 -60.15 24.16 -8.60
N HIS I 176 -59.70 23.35 -9.54
CA HIS I 176 -60.46 23.18 -10.77
C HIS I 176 -61.86 22.62 -10.43
N ALA I 177 -62.84 23.03 -11.22
CA ALA I 177 -64.22 22.56 -11.13
C ALA I 177 -64.34 21.05 -10.95
N ASP I 178 -63.60 20.29 -11.74
CA ASP I 178 -63.78 18.84 -11.75
C ASP I 178 -63.31 18.24 -10.44
N ALA I 179 -62.62 19.03 -9.63
CA ALA I 179 -61.94 18.46 -8.48
C ALA I 179 -62.91 17.87 -7.46
N PRO I 180 -62.57 16.68 -6.94
CA PRO I 180 -63.30 15.98 -5.89
C PRO I 180 -63.61 16.86 -4.69
N GLY I 181 -64.78 16.65 -4.08
CA GLY I 181 -65.25 17.51 -3.01
C GLY I 181 -66.23 18.55 -3.53
N SER I 187 -63.15 19.93 5.13
CA SER I 187 -64.39 19.72 5.92
C SER I 187 -64.67 18.25 6.27
N SER I 188 -64.31 17.36 5.35
CA SER I 188 -64.46 15.94 5.57
C SER I 188 -63.22 15.48 6.34
N VAL I 189 -62.30 16.41 6.53
CA VAL I 189 -61.04 16.17 7.24
C VAL I 189 -60.91 17.10 8.46
N ARG I 190 -60.30 16.59 9.53
CA ARG I 190 -60.13 17.37 10.75
C ARG I 190 -58.69 17.54 11.25
N LEU I 191 -58.37 18.75 11.70
CA LEU I 191 -57.05 19.09 12.24
C LEU I 191 -56.91 18.42 13.60
N VAL I 192 -55.84 17.65 13.81
CA VAL I 192 -55.74 16.83 15.02
C VAL I 192 -54.32 16.71 15.57
N ARG I 193 -54.20 16.61 16.89
CA ARG I 193 -52.91 16.32 17.49
C ARG I 193 -52.60 14.89 17.11
N PRO I 194 -51.46 14.68 16.44
CA PRO I 194 -51.12 13.36 15.91
C PRO I 194 -50.99 12.27 16.99
N THR I 195 -50.37 12.56 18.11
CA THR I 195 -50.17 11.55 19.14
C THR I 195 -51.50 11.01 19.70
N GLU I 196 -52.61 11.57 19.24
CA GLU I 196 -53.94 11.12 19.65
C GLU I 196 -54.65 10.34 18.54
N HIS I 197 -53.91 9.93 17.52
CA HIS I 197 -54.52 9.26 16.39
C HIS I 197 -53.59 8.24 15.75
N ARG I 198 -52.66 7.73 16.57
CA ARG I 198 -51.74 6.73 16.09
C ARG I 198 -52.53 5.64 15.40
N GLY I 199 -53.51 5.09 16.11
CA GLY I 199 -54.31 4.00 15.59
C GLY I 199 -54.73 4.20 14.15
N GLU I 200 -55.41 5.31 13.90
CA GLU I 200 -55.90 5.61 12.56
C GLU I 200 -54.78 5.80 11.53
N PHE I 201 -53.67 6.40 11.92
CA PHE I 201 -52.56 6.62 10.98
C PHE I 201 -52.02 5.27 10.56
N GLU I 202 -51.90 4.37 11.53
CA GLU I 202 -51.45 3.01 11.26
C GLU I 202 -52.39 2.33 10.27
N ALA I 203 -53.68 2.42 10.55
CA ALA I 203 -54.69 1.78 9.71
C ALA I 203 -54.66 2.31 8.28
N ILE I 204 -54.40 3.60 8.14
CA ILE I 204 -54.42 4.25 6.83
C ILE I 204 -53.15 3.96 6.05
N TYR I 205 -52.02 4.06 6.75
CA TYR I 205 -50.73 3.75 6.16
C TYR I 205 -50.77 2.34 5.60
N GLU I 206 -50.90 1.37 6.51
CA GLU I 206 -51.06 -0.05 6.17
C GLU I 206 -51.84 -0.29 4.86
N ARG I 207 -53.08 0.17 4.80
CA ARG I 207 -53.83 0.05 3.57
C ARG I 207 -52.98 0.58 2.41
N TRP I 208 -52.51 1.82 2.54
CA TRP I 208 -51.66 2.43 1.50
C TRP I 208 -50.46 1.56 1.06
N ARG I 209 -49.64 1.12 2.02
CA ARG I 209 -48.41 0.38 1.70
C ARG I 209 -48.66 -0.93 0.99
N GLN I 210 -49.87 -1.48 1.19
CA GLN I 210 -50.29 -2.73 0.54
C GLN I 210 -50.85 -2.54 -0.89
N GLN I 211 -51.21 -1.32 -1.27
CA GLN I 211 -51.75 -1.08 -2.62
C GLN I 211 -50.77 -0.39 -3.58
N VAL I 212 -49.78 0.31 -3.04
CA VAL I 212 -48.84 1.10 -3.86
C VAL I 212 -47.49 0.43 -3.97
N PRO I 213 -47.01 0.23 -5.20
CA PRO I 213 -45.64 -0.24 -5.32
C PRO I 213 -44.72 0.83 -4.77
N GLY I 214 -43.76 0.40 -3.94
CA GLY I 214 -42.91 1.32 -3.22
C GLY I 214 -43.25 1.26 -1.74
N GLY I 215 -44.47 0.82 -1.46
CA GLY I 215 -44.94 0.69 -0.09
C GLY I 215 -44.03 -0.16 0.78
N LEU I 216 -43.91 0.20 2.05
CA LEU I 216 -43.13 -0.57 3.00
C LEU I 216 -43.94 -0.84 4.27
N LEU I 217 -43.79 -2.02 4.84
CA LEU I 217 -44.39 -2.23 6.13
C LEU I 217 -43.72 -1.24 7.06
N ARG I 218 -44.45 -0.79 8.07
CA ARG I 218 -43.90 0.12 9.05
C ARG I 218 -43.96 -0.61 10.38
N PRO I 219 -42.80 -0.78 11.02
CA PRO I 219 -42.70 -1.46 12.31
C PRO I 219 -43.25 -0.65 13.47
N GLN I 220 -43.72 -1.32 14.54
CA GLN I 220 -44.26 -0.63 15.69
C GLN I 220 -43.13 0.26 16.18
N VAL I 221 -41.92 -0.29 16.15
CA VAL I 221 -40.74 0.44 16.56
C VAL I 221 -40.57 1.77 15.78
N LEU I 222 -40.96 1.78 14.50
CA LEU I 222 -40.81 3.00 13.70
C LEU I 222 -41.91 4.02 13.94
N TRP I 223 -43.14 3.54 14.12
CA TRP I 223 -44.22 4.42 14.48
C TRP I 223 -43.86 5.14 15.78
N ASP I 224 -43.25 4.39 16.70
CA ASP I 224 -42.83 4.95 17.98
C ASP I 224 -41.94 6.17 17.80
N GLU I 225 -41.06 6.07 16.81
CA GLU I 225 -40.07 7.09 16.54
C GLU I 225 -40.70 8.23 15.75
N LEU I 226 -41.58 7.87 14.81
CA LEU I 226 -42.24 8.88 13.98
C LEU I 226 -43.15 9.77 14.82
N LEU I 227 -43.91 9.16 15.72
CA LEU I 227 -44.83 9.89 16.59
C LEU I 227 -44.05 10.81 17.53
N ALA I 228 -42.93 10.31 18.04
CA ALA I 228 -42.09 11.06 18.95
C ALA I 228 -41.49 12.29 18.26
N GLU I 229 -41.10 12.13 17.01
CA GLU I 229 -40.50 13.23 16.26
C GLU I 229 -41.52 14.34 15.99
N CYS I 230 -42.78 14.07 16.30
CA CYS I 230 -43.83 15.07 16.12
C CYS I 230 -43.66 16.17 17.12
N LYS I 231 -43.24 15.81 18.33
CA LYS I 231 -43.12 16.79 19.40
C LYS I 231 -42.12 17.90 19.09
N ALA I 232 -42.42 19.10 19.58
CA ALA I 232 -41.52 20.23 19.43
C ALA I 232 -40.22 19.93 20.17
N ALA I 233 -39.11 20.37 19.59
CA ALA I 233 -37.80 20.16 20.20
C ALA I 233 -37.08 21.48 20.31
N PRO I 234 -36.48 21.74 21.48
CA PRO I 234 -35.76 23.00 21.65
C PRO I 234 -34.61 23.03 20.67
N GLY I 235 -34.43 24.16 20.00
CA GLY I 235 -33.36 24.30 19.03
C GLY I 235 -33.52 23.32 17.88
N GLY I 236 -34.76 22.95 17.58
CA GLY I 236 -35.02 22.02 16.49
C GLY I 236 -36.32 22.29 15.75
N ASP I 237 -36.97 21.22 15.32
CA ASP I 237 -38.20 21.33 14.52
C ASP I 237 -39.38 21.82 15.37
N ARG I 238 -40.49 22.11 14.70
CA ARG I 238 -41.68 22.58 15.40
C ARG I 238 -42.70 21.47 15.58
N GLU I 239 -43.65 21.68 16.47
CA GLU I 239 -44.68 20.68 16.71
C GLU I 239 -45.36 20.34 15.40
N SER I 240 -45.59 19.06 15.16
CA SER I 240 -46.23 18.61 13.93
C SER I 240 -47.72 18.41 14.16
N PHE I 241 -48.53 19.00 13.29
CA PHE I 241 -49.97 18.77 13.30
C PHE I 241 -50.39 17.77 12.22
N ALA I 242 -51.63 17.30 12.30
CA ALA I 242 -52.13 16.33 11.35
C ALA I 242 -53.44 16.78 10.73
N LEU I 243 -53.62 16.46 9.45
CA LEU I 243 -54.94 16.58 8.85
C LEU I 243 -55.42 15.16 8.56
N LEU I 244 -56.54 14.80 9.18
CA LEU I 244 -57.07 13.42 9.13
C LEU I 244 -58.41 13.32 8.41
N HIS I 245 -58.51 12.33 7.52
CA HIS I 245 -59.70 12.06 6.73
C HIS I 245 -59.98 10.57 6.93
N PRO I 246 -61.21 10.10 6.65
CA PRO I 246 -61.43 8.67 6.91
C PRO I 246 -60.46 7.77 6.13
N ASP I 247 -60.10 8.18 4.91
CA ASP I 247 -59.23 7.37 4.08
C ASP I 247 -57.83 7.97 3.84
N GLY I 248 -57.33 8.82 4.72
CA GLY I 248 -56.05 9.47 4.44
C GLY I 248 -55.61 10.51 5.44
N TYR I 249 -54.33 10.87 5.40
CA TYR I 249 -53.80 11.81 6.38
C TYR I 249 -52.50 12.47 5.93
N ALA I 250 -52.27 13.67 6.46
CA ALA I 250 -51.03 14.40 6.18
C ALA I 250 -50.45 15.01 7.46
N LEU I 251 -49.21 14.65 7.77
CA LEU I 251 -48.46 15.25 8.86
C LEU I 251 -47.69 16.46 8.33
N TYR I 252 -47.82 17.60 9.00
CA TYR I 252 -47.14 18.82 8.57
C TYR I 252 -46.61 19.66 9.73
N ARG I 253 -45.54 20.40 9.47
CA ARG I 253 -44.95 21.27 10.50
C ARG I 253 -44.45 22.57 9.89
N VAL I 254 -44.52 23.65 10.66
CA VAL I 254 -44.06 24.95 10.20
C VAL I 254 -42.55 24.84 10.12
N ASP I 255 -41.91 25.53 9.18
CA ASP I 255 -40.47 25.41 9.09
C ASP I 255 -39.82 26.00 10.36
N ARG I 256 -38.55 25.68 10.58
CA ARG I 256 -37.82 26.23 11.71
C ARG I 256 -37.66 27.74 11.53
N THR I 257 -37.20 28.14 10.35
CA THR I 257 -36.78 29.51 10.16
C THR I 257 -37.68 30.25 9.21
N ASP I 258 -38.13 29.57 8.15
CA ASP I 258 -39.09 30.19 7.23
C ASP I 258 -40.51 30.06 7.80
N LEU I 259 -40.93 31.05 8.57
CA LEU I 259 -42.17 30.95 9.33
C LEU I 259 -43.43 30.97 8.48
N LYS I 260 -43.25 31.19 7.18
CA LYS I 260 -44.39 31.26 6.25
C LYS I 260 -44.50 30.01 5.37
N LEU I 261 -43.63 29.03 5.63
CA LEU I 261 -43.59 27.80 4.85
C LEU I 261 -43.97 26.60 5.71
N ALA I 262 -44.94 25.82 5.25
CA ALA I 262 -45.30 24.58 5.95
C ALA I 262 -44.78 23.37 5.20
N ARG I 263 -44.10 22.49 5.92
CA ARG I 263 -43.47 21.31 5.32
C ARG I 263 -44.29 20.08 5.63
N VAL I 264 -44.81 19.44 4.59
CA VAL I 264 -45.58 18.23 4.76
C VAL I 264 -44.62 17.05 4.85
N SER I 265 -44.43 16.52 6.06
CA SER I 265 -43.43 15.49 6.30
C SER I 265 -43.87 14.12 5.80
N GLU I 266 -45.17 13.97 5.61
CA GLU I 266 -45.73 12.71 5.12
C GLU I 266 -47.22 12.82 4.76
N LEU I 267 -47.58 12.36 3.57
CA LEU I 267 -48.96 12.43 3.15
C LEU I 267 -49.42 11.03 2.77
N ARG I 268 -50.47 10.54 3.42
CA ARG I 268 -50.97 9.22 3.10
C ARG I 268 -52.44 9.30 2.73
N ALA I 269 -52.76 8.81 1.54
CA ALA I 269 -54.12 8.80 1.06
C ALA I 269 -54.35 7.51 0.29
N VAL I 270 -55.57 7.01 0.31
CA VAL I 270 -55.87 5.77 -0.40
C VAL I 270 -56.96 5.97 -1.45
N THR I 271 -57.66 7.11 -1.39
CA THR I 271 -58.68 7.41 -2.39
C THR I 271 -58.51 8.81 -2.94
N ALA I 272 -58.60 8.94 -4.26
CA ALA I 272 -58.50 10.26 -4.87
C ALA I 272 -59.15 11.32 -3.97
N ASP I 273 -60.41 11.10 -3.61
CA ASP I 273 -61.14 12.00 -2.72
C ASP I 273 -60.36 12.36 -1.45
N ALA I 274 -59.76 11.36 -0.82
CA ALA I 274 -58.98 11.60 0.39
C ALA I 274 -57.76 12.50 0.07
N HIS I 275 -57.09 12.19 -1.03
CA HIS I 275 -55.93 12.97 -1.48
C HIS I 275 -56.31 14.44 -1.70
N CYS I 276 -57.35 14.67 -2.49
CA CYS I 276 -57.84 16.02 -2.74
C CYS I 276 -58.23 16.74 -1.45
N ALA I 277 -59.06 16.09 -0.65
CA ALA I 277 -59.58 16.70 0.58
C ALA I 277 -58.44 17.24 1.43
N LEU I 278 -57.44 16.39 1.63
CA LEU I 278 -56.24 16.75 2.36
C LEU I 278 -55.59 18.02 1.79
N TRP I 279 -55.58 18.13 0.48
CA TRP I 279 -54.90 19.23 -0.18
C TRP I 279 -55.71 20.50 -0.08
N ARG I 280 -57.02 20.37 -0.17
CA ARG I 280 -57.87 21.52 0.10
C ARG I 280 -57.57 22.05 1.52
N ALA I 281 -57.27 21.15 2.45
CA ALA I 281 -57.03 21.55 3.83
C ALA I 281 -55.65 22.23 3.96
N LEU I 282 -54.62 21.60 3.40
CA LEU I 282 -53.29 22.19 3.43
C LEU I 282 -53.33 23.58 2.79
N ILE I 283 -54.01 23.70 1.65
CA ILE I 283 -54.07 24.96 0.92
C ILE I 283 -54.87 25.98 1.71
N GLY I 284 -55.66 25.49 2.67
CA GLY I 284 -56.52 26.34 3.47
C GLY I 284 -55.78 26.95 4.66
N LEU I 285 -54.54 26.52 4.85
CA LEU I 285 -53.65 27.07 5.87
C LEU I 285 -53.31 28.53 5.62
N ASP I 286 -54.18 29.43 6.06
CA ASP I 286 -54.18 30.83 5.64
C ASP I 286 -52.97 31.66 6.08
N SER I 287 -52.28 31.20 7.12
CA SER I 287 -51.14 31.92 7.65
C SER I 287 -49.82 31.54 6.99
N MSE I 288 -49.86 30.61 6.05
CA MSE I 288 -48.65 30.21 5.31
C MSE I 288 -48.67 30.77 3.92
O MSE I 288 -49.72 31.09 3.37
CB MSE I 288 -48.56 28.70 5.21
CG MSE I 288 -48.59 27.99 6.52
SE MSE I 288 -47.03 28.38 7.58
CE MSE I 288 -47.67 29.98 8.55
N GLU I 289 -47.50 30.91 3.32
CA GLU I 289 -47.38 31.26 1.92
C GLU I 289 -47.20 29.99 1.10
N ARG I 290 -46.43 29.05 1.63
CA ARG I 290 -46.07 27.85 0.89
C ARG I 290 -46.20 26.52 1.66
N ILE I 291 -46.78 25.54 0.99
CA ILE I 291 -46.75 24.16 1.46
C ILE I 291 -45.74 23.42 0.60
N SER I 292 -44.97 22.54 1.22
CA SER I 292 -43.99 21.78 0.49
C SER I 292 -44.10 20.32 0.88
N ILE I 293 -43.88 19.42 -0.07
CA ILE I 293 -43.99 17.98 0.16
C ILE I 293 -42.96 17.17 -0.64
N ILE I 294 -42.59 15.98 -0.14
CA ILE I 294 -41.82 15.04 -0.97
C ILE I 294 -42.71 13.90 -1.50
N THR I 295 -43.28 14.10 -2.67
CA THR I 295 -44.15 13.11 -3.30
C THR I 295 -43.50 12.37 -4.51
N HIS I 296 -44.30 11.92 -5.46
CA HIS I 296 -43.80 11.16 -6.61
C HIS I 296 -44.22 11.87 -7.90
N PRO I 297 -43.69 11.41 -9.04
CA PRO I 297 -43.92 12.06 -10.35
C PRO I 297 -45.36 12.02 -10.87
N GLN I 298 -46.11 10.99 -10.55
CA GLN I 298 -47.49 10.90 -11.03
C GLN I 298 -48.49 11.33 -9.95
N ASP I 299 -48.05 12.23 -9.07
CA ASP I 299 -48.90 12.87 -8.08
C ASP I 299 -49.85 13.82 -8.82
N PRO I 300 -51.16 13.64 -8.62
CA PRO I 300 -52.13 14.43 -9.39
C PRO I 300 -52.41 15.84 -8.86
N LEU I 301 -51.58 16.38 -7.96
CA LEU I 301 -51.85 17.69 -7.38
C LEU I 301 -51.99 18.82 -8.39
N PRO I 302 -51.09 18.86 -9.37
CA PRO I 302 -51.19 19.94 -10.36
C PRO I 302 -52.54 20.00 -11.04
N HIS I 303 -53.09 18.86 -11.45
CA HIS I 303 -54.34 18.83 -12.20
C HIS I 303 -55.61 19.16 -11.38
N LEU I 304 -55.48 19.21 -10.06
CA LEU I 304 -56.54 19.61 -9.14
C LEU I 304 -56.77 21.12 -9.14
N LEU I 305 -55.71 21.87 -9.44
CA LEU I 305 -55.72 23.33 -9.41
C LEU I 305 -56.00 23.91 -10.79
N THR I 306 -56.42 25.16 -10.84
CA THR I 306 -56.77 25.79 -12.10
C THR I 306 -55.53 26.25 -12.81
N ASP I 307 -54.41 26.10 -12.11
CA ASP I 307 -53.10 26.44 -12.63
C ASP I 307 -52.29 25.18 -12.36
N THR I 308 -51.82 24.51 -13.40
CA THR I 308 -51.03 23.29 -13.23
C THR I 308 -49.70 23.55 -12.53
N ARG I 309 -49.09 24.66 -12.90
CA ARG I 309 -47.79 25.08 -12.37
C ARG I 309 -47.65 25.43 -10.88
N LEU I 310 -48.65 26.06 -10.28
CA LEU I 310 -48.49 26.44 -8.87
C LEU I 310 -47.98 25.27 -8.02
N ALA I 311 -48.20 24.06 -8.50
CA ALA I 311 -47.72 22.87 -7.81
C ALA I 311 -46.34 22.68 -8.44
N ARG I 312 -45.45 23.63 -8.15
CA ARG I 312 -44.10 23.62 -8.69
C ARG I 312 -43.13 22.55 -8.20
N THR I 313 -42.22 22.15 -9.09
CA THR I 313 -41.22 21.15 -8.79
C THR I 313 -39.99 21.97 -8.42
N THR I 314 -39.39 21.67 -7.28
CA THR I 314 -38.23 22.42 -6.82
C THR I 314 -37.07 21.52 -6.48
N TRP I 315 -37.24 20.22 -6.75
CA TRP I 315 -36.21 19.21 -6.49
C TRP I 315 -36.53 17.92 -7.22
N ARG I 316 -35.55 17.29 -7.85
CA ARG I 316 -35.79 16.03 -8.57
C ARG I 316 -34.63 15.06 -8.37
N GLN I 317 -34.89 13.89 -7.78
CA GLN I 317 -33.79 12.94 -7.55
C GLN I 317 -34.23 11.50 -7.21
N ASP I 318 -33.30 10.56 -7.42
CA ASP I 318 -33.50 9.17 -7.09
C ASP I 318 -33.97 9.01 -5.65
N GLY I 319 -35.00 8.20 -5.46
CA GLY I 319 -35.41 7.80 -4.13
C GLY I 319 -34.78 6.47 -3.79
N LEU I 320 -35.61 5.42 -3.76
CA LEU I 320 -35.19 4.08 -3.34
C LEU I 320 -34.38 3.36 -4.40
N TRP I 321 -33.38 2.62 -3.94
CA TRP I 321 -32.49 1.88 -4.83
C TRP I 321 -32.69 0.40 -4.66
N LEU I 322 -32.96 -0.30 -5.77
CA LEU I 322 -33.13 -1.76 -5.72
C LEU I 322 -31.96 -2.49 -6.34
N ARG I 323 -31.66 -3.66 -5.78
CA ARG I 323 -30.71 -4.60 -6.36
C ARG I 323 -31.33 -6.00 -6.39
N ILE I 324 -31.54 -6.54 -7.58
CA ILE I 324 -32.08 -7.89 -7.72
C ILE I 324 -31.09 -9.01 -7.30
N MSE I 325 -31.41 -9.69 -6.21
CA MSE I 325 -30.57 -10.72 -5.62
C MSE I 325 -30.83 -12.12 -6.21
O MSE I 325 -29.94 -12.98 -6.28
CB MSE I 325 -30.78 -10.77 -4.11
CG MSE I 325 -30.73 -9.40 -3.41
SE MSE I 325 -28.94 -8.73 -3.00
CE MSE I 325 -28.19 -10.28 -2.11
N ASN I 326 -32.07 -12.35 -6.64
CA ASN I 326 -32.47 -13.55 -7.35
C ASN I 326 -33.40 -13.17 -8.49
N VAL I 327 -32.83 -13.10 -9.68
CA VAL I 327 -33.52 -12.70 -10.90
C VAL I 327 -34.82 -13.45 -11.15
N PRO I 328 -34.77 -14.80 -11.07
CA PRO I 328 -35.96 -15.61 -11.32
C PRO I 328 -37.05 -15.31 -10.32
N ALA I 329 -36.70 -15.52 -9.05
CA ALA I 329 -37.58 -15.18 -7.93
C ALA I 329 -38.22 -13.79 -8.16
N ALA I 330 -37.39 -12.76 -8.27
CA ALA I 330 -37.91 -11.41 -8.50
C ALA I 330 -38.80 -11.29 -9.72
N LEU I 331 -38.26 -11.64 -10.90
CA LEU I 331 -38.98 -11.42 -12.15
C LEU I 331 -40.33 -12.11 -12.17
N GLU I 332 -40.41 -13.26 -11.49
CA GLU I 332 -41.66 -14.01 -11.43
C GLU I 332 -42.62 -13.48 -10.37
N ALA I 333 -42.09 -13.05 -9.23
CA ALA I 333 -42.95 -12.53 -8.17
C ALA I 333 -43.75 -11.29 -8.55
N ARG I 334 -43.14 -10.37 -9.26
CA ARG I 334 -43.82 -9.14 -9.68
C ARG I 334 -44.79 -9.31 -10.85
N GLY I 335 -45.97 -8.71 -10.72
CA GLY I 335 -47.01 -8.76 -11.74
C GLY I 335 -46.60 -7.88 -12.91
N TYR I 336 -47.09 -8.19 -14.11
CA TYR I 336 -46.73 -7.38 -15.27
C TYR I 336 -47.98 -6.79 -15.88
N ALA I 337 -47.82 -5.92 -16.87
CA ALA I 337 -48.96 -5.30 -17.52
C ALA I 337 -49.70 -6.31 -18.40
N HIS I 338 -50.98 -6.49 -18.12
CA HIS I 338 -51.81 -7.32 -18.97
C HIS I 338 -51.88 -6.69 -20.35
N GLU I 339 -51.97 -5.36 -20.39
CA GLU I 339 -52.24 -4.65 -21.64
C GLU I 339 -51.10 -4.76 -22.67
N VAL I 340 -50.38 -5.89 -22.63
CA VAL I 340 -49.33 -6.18 -23.59
C VAL I 340 -49.35 -7.66 -23.98
N GLY I 341 -49.52 -7.92 -25.28
CA GLY I 341 -49.60 -9.28 -25.78
C GLY I 341 -48.45 -10.16 -25.31
N GLU I 342 -48.77 -11.36 -24.86
CA GLU I 342 -47.75 -12.31 -24.42
C GLU I 342 -46.58 -12.40 -25.41
N PHE I 343 -45.39 -12.71 -24.89
CA PHE I 343 -44.17 -12.76 -25.71
C PHE I 343 -43.02 -13.43 -24.97
N SER I 344 -41.94 -13.69 -25.69
CA SER I 344 -40.80 -14.42 -25.11
C SER I 344 -39.45 -13.90 -25.59
N THR I 345 -38.44 -14.15 -24.77
CA THR I 345 -37.10 -13.63 -25.05
C THR I 345 -36.09 -14.29 -24.13
N VAL I 346 -34.83 -13.91 -24.31
CA VAL I 346 -33.74 -14.42 -23.49
C VAL I 346 -33.13 -13.20 -22.81
N LEU I 347 -32.95 -13.27 -21.49
CA LEU I 347 -32.39 -12.15 -20.76
C LEU I 347 -31.04 -12.47 -20.14
N GLU I 348 -30.07 -11.61 -20.39
CA GLU I 348 -28.74 -11.82 -19.85
C GLU I 348 -28.40 -10.70 -18.88
N VAL I 349 -28.02 -11.10 -17.68
CA VAL I 349 -27.64 -10.16 -16.64
C VAL I 349 -26.14 -10.33 -16.63
N SER I 350 -25.41 -9.23 -16.74
CA SER I 350 -23.97 -9.35 -16.76
C SER I 350 -23.51 -10.02 -15.48
N ASP I 351 -22.67 -11.04 -15.64
CA ASP I 351 -22.11 -11.77 -14.52
C ASP I 351 -23.23 -12.23 -13.57
N GLY I 352 -24.35 -12.71 -14.11
CA GLY I 352 -25.41 -13.13 -13.23
C GLY I 352 -26.28 -14.12 -13.98
N GLY I 353 -25.78 -14.59 -15.12
CA GLY I 353 -26.51 -15.56 -15.93
C GLY I 353 -27.41 -15.02 -17.04
N ARG I 354 -27.81 -15.93 -17.92
CA ARG I 354 -28.77 -15.64 -18.98
C ARG I 354 -30.11 -16.22 -18.54
N PHE I 355 -31.23 -15.62 -18.96
CA PHE I 355 -32.53 -16.08 -18.48
C PHE I 355 -33.58 -16.14 -19.57
N ALA I 356 -34.35 -17.21 -19.59
CA ALA I 356 -35.39 -17.34 -20.59
C ALA I 356 -36.63 -16.82 -19.88
N LEU I 357 -37.21 -15.74 -20.39
CA LEU I 357 -38.39 -15.14 -19.78
C LEU I 357 -39.59 -15.03 -20.71
N LYS I 358 -40.74 -15.48 -20.21
CA LYS I 358 -41.98 -15.42 -20.96
C LYS I 358 -42.97 -14.56 -20.19
N ILE I 359 -43.50 -13.54 -20.86
CA ILE I 359 -44.42 -12.60 -20.25
C ILE I 359 -45.76 -12.65 -20.97
N GLY I 360 -46.84 -12.70 -20.20
CA GLY I 360 -48.17 -12.82 -20.76
C GLY I 360 -48.86 -14.05 -20.23
N ASP I 361 -50.03 -13.84 -19.64
CA ASP I 361 -50.61 -12.51 -19.55
C ASP I 361 -50.70 -12.17 -18.08
N GLY I 362 -50.20 -10.99 -17.72
CA GLY I 362 -50.22 -10.56 -16.34
C GLY I 362 -49.37 -11.48 -15.47
N ARG I 363 -48.38 -12.13 -16.08
CA ARG I 363 -47.51 -13.04 -15.33
C ARG I 363 -46.26 -13.33 -16.14
N ALA I 364 -45.18 -13.71 -15.45
CA ALA I 364 -43.94 -14.02 -16.14
C ALA I 364 -43.32 -15.30 -15.61
N ARG I 365 -42.76 -16.06 -16.52
CA ARG I 365 -41.99 -17.24 -16.17
C ARG I 365 -40.54 -17.00 -16.56
N CYS I 366 -39.63 -17.36 -15.65
CA CYS I 366 -38.22 -17.04 -15.82
C CYS I 366 -37.34 -18.21 -15.39
N THR I 367 -36.63 -18.78 -16.36
CA THR I 367 -35.70 -19.88 -16.06
C THR I 367 -34.27 -19.62 -16.55
N PRO I 368 -33.30 -20.25 -15.87
CA PRO I 368 -31.94 -20.35 -16.40
C PRO I 368 -31.95 -21.05 -17.77
N THR I 369 -31.24 -20.48 -18.74
CA THR I 369 -31.10 -21.08 -20.07
C THR I 369 -29.68 -20.85 -20.60
N ASP I 370 -29.41 -21.28 -21.83
CA ASP I 370 -28.14 -20.97 -22.48
C ASP I 370 -28.37 -20.40 -23.86
N ALA I 371 -29.62 -20.36 -24.31
CA ALA I 371 -29.92 -19.81 -25.63
C ALA I 371 -29.28 -18.44 -25.74
N ALA I 372 -28.95 -18.03 -26.96
CA ALA I 372 -28.37 -16.70 -27.14
C ALA I 372 -29.19 -15.69 -26.36
N ALA I 373 -28.54 -14.63 -25.90
CA ALA I 373 -29.26 -13.54 -25.26
C ALA I 373 -29.84 -12.66 -26.36
N GLU I 374 -31.11 -12.28 -26.19
CA GLU I 374 -31.76 -11.40 -27.14
C GLU I 374 -31.53 -9.98 -26.60
N ILE I 375 -31.20 -9.88 -25.32
CA ILE I 375 -30.92 -8.61 -24.67
C ILE I 375 -29.96 -8.79 -23.49
N GLU I 376 -29.39 -7.68 -23.00
CA GLU I 376 -28.44 -7.74 -21.90
C GLU I 376 -28.43 -6.46 -21.06
N MSE I 377 -27.65 -6.49 -19.97
CA MSE I 377 -27.56 -5.35 -19.07
C MSE I 377 -26.92 -5.78 -17.78
O MSE I 377 -26.84 -7.00 -17.51
CB MSE I 377 -28.96 -4.83 -18.77
CG MSE I 377 -29.93 -5.99 -18.55
SE MSE I 377 -31.52 -5.36 -17.59
CE MSE I 377 -32.48 -4.57 -19.12
N ASP I 378 -26.46 -4.83 -16.97
CA ASP I 378 -25.88 -5.16 -15.67
C ASP I 378 -27.00 -5.21 -14.65
N ARG I 379 -26.66 -5.69 -13.45
CA ARG I 379 -27.68 -5.97 -12.44
C ARG I 379 -28.48 -4.71 -12.14
N ASP I 380 -27.78 -3.66 -11.74
CA ASP I 380 -28.41 -2.41 -11.39
C ASP I 380 -29.45 -1.88 -12.41
N VAL I 381 -29.22 -2.10 -13.70
CA VAL I 381 -30.21 -1.70 -14.70
C VAL I 381 -31.51 -2.43 -14.47
N LEU I 382 -31.43 -3.63 -13.92
CA LEU I 382 -32.63 -4.41 -13.64
C LEU I 382 -33.45 -3.80 -12.49
N GLY I 383 -32.79 -3.47 -11.39
CA GLY I 383 -33.45 -2.74 -10.32
C GLY I 383 -34.13 -1.47 -10.80
N SER I 384 -33.47 -0.74 -11.71
CA SER I 384 -34.03 0.52 -12.20
C SER I 384 -35.30 0.30 -13.00
N LEU I 385 -35.49 -0.92 -13.50
CA LEU I 385 -36.64 -1.25 -14.32
C LEU I 385 -37.75 -1.91 -13.50
N TYR I 386 -37.35 -2.56 -12.42
CA TYR I 386 -38.21 -3.47 -11.67
C TYR I 386 -39.53 -2.90 -11.14
N LEU I 387 -39.62 -1.61 -10.88
CA LEU I 387 -40.86 -1.07 -10.29
C LEU I 387 -41.59 -0.13 -11.25
N GLY I 388 -41.08 -0.02 -12.47
CA GLY I 388 -41.74 0.78 -13.49
C GLY I 388 -41.37 2.26 -13.52
N ALA I 389 -40.40 2.67 -12.71
CA ALA I 389 -40.05 4.09 -12.59
C ALA I 389 -38.98 4.55 -13.61
N HIS I 390 -38.55 3.63 -14.46
CA HIS I 390 -37.69 3.97 -15.57
C HIS I 390 -38.08 3.09 -16.72
N ARG I 391 -38.36 3.73 -17.86
CA ARG I 391 -38.67 3.02 -19.09
C ARG I 391 -37.41 2.32 -19.59
N ALA I 392 -37.56 1.23 -20.34
CA ALA I 392 -36.40 0.49 -20.86
C ALA I 392 -35.80 1.06 -22.17
N SER I 393 -36.66 1.67 -22.99
CA SER I 393 -36.24 2.37 -24.22
C SER I 393 -35.21 3.42 -23.82
N THR I 394 -35.53 4.14 -22.75
CA THR I 394 -34.71 5.26 -22.31
C THR I 394 -33.39 4.72 -21.82
N LEU I 395 -33.43 3.65 -21.04
CA LEU I 395 -32.18 3.08 -20.53
C LEU I 395 -31.32 2.47 -21.63
N ALA I 396 -31.91 2.13 -22.77
CA ALA I 396 -31.15 1.60 -23.89
C ALA I 396 -30.61 2.72 -24.78
N ALA I 397 -31.36 3.81 -24.89
CA ALA I 397 -30.89 4.95 -25.67
C ALA I 397 -29.54 5.48 -25.14
N ALA I 398 -29.16 5.02 -23.95
CA ALA I 398 -27.90 5.41 -23.32
C ALA I 398 -27.02 4.17 -23.25
N ASN I 399 -27.38 3.21 -24.08
CA ASN I 399 -26.64 1.96 -24.20
C ASN I 399 -26.51 1.14 -22.92
N ARG I 400 -27.33 1.45 -21.93
CA ARG I 400 -27.25 0.75 -20.64
C ARG I 400 -27.83 -0.65 -20.76
N LEU I 401 -28.93 -0.75 -21.48
CA LEU I 401 -29.59 -2.03 -21.74
C LEU I 401 -29.34 -2.17 -23.24
N ARG I 402 -28.81 -3.31 -23.68
CA ARG I 402 -28.54 -3.48 -25.10
C ARG I 402 -29.25 -4.61 -25.83
N THR I 403 -29.85 -4.27 -26.97
CA THR I 403 -30.55 -5.22 -27.82
C THR I 403 -30.64 -4.68 -29.24
N LYS I 404 -30.81 -5.56 -30.23
CA LYS I 404 -30.93 -5.12 -31.61
C LYS I 404 -32.39 -4.97 -32.07
N ASP I 405 -33.29 -5.72 -31.42
CA ASP I 405 -34.71 -5.76 -31.78
C ASP I 405 -35.55 -4.62 -31.23
N SER I 406 -35.79 -3.62 -32.06
CA SER I 406 -36.64 -2.48 -31.70
C SER I 406 -37.91 -2.92 -30.96
N GLN I 407 -38.53 -4.00 -31.44
CA GLN I 407 -39.83 -4.44 -30.94
C GLN I 407 -39.78 -5.12 -29.57
N LEU I 408 -38.63 -5.71 -29.23
CA LEU I 408 -38.47 -6.33 -27.92
C LEU I 408 -38.48 -5.28 -26.82
N LEU I 409 -37.64 -4.26 -27.02
CA LEU I 409 -37.64 -3.06 -26.18
C LEU I 409 -39.06 -2.64 -25.82
N ARG I 410 -39.84 -2.27 -26.85
CA ARG I 410 -41.19 -1.74 -26.63
C ARG I 410 -42.05 -2.62 -25.74
N ARG I 411 -41.79 -3.92 -25.80
CA ARG I 411 -42.53 -4.90 -25.02
C ARG I 411 -42.25 -4.80 -23.52
N LEU I 412 -40.99 -4.57 -23.19
CA LEU I 412 -40.56 -4.45 -21.80
C LEU I 412 -41.16 -3.27 -21.04
N ASP I 413 -41.23 -2.10 -21.67
CA ASP I 413 -41.77 -0.93 -20.98
C ASP I 413 -43.22 -1.16 -20.60
N ALA I 414 -44.01 -1.69 -21.53
CA ALA I 414 -45.41 -1.96 -21.25
C ALA I 414 -45.48 -3.06 -20.19
N ALA I 415 -44.64 -4.06 -20.37
CA ALA I 415 -44.55 -5.21 -19.48
C ALA I 415 -44.09 -4.89 -18.06
N PHE I 416 -43.11 -4.01 -17.94
CA PHE I 416 -42.62 -3.65 -16.61
C PHE I 416 -43.27 -2.40 -16.06
N ALA I 417 -44.04 -1.71 -16.90
CA ALA I 417 -44.77 -0.54 -16.46
C ALA I 417 -45.55 -0.88 -15.20
N SER I 418 -46.21 0.09 -14.60
CA SER I 418 -46.96 -0.20 -13.39
C SER I 418 -48.44 0.17 -13.52
N ASP I 419 -49.32 -0.74 -13.13
CA ASP I 419 -50.74 -0.48 -13.20
C ASP I 419 -50.92 0.70 -12.27
N VAL I 420 -50.21 0.64 -11.15
CA VAL I 420 -50.24 1.70 -10.16
C VAL I 420 -48.85 2.31 -10.12
N PRO I 421 -48.76 3.61 -10.31
CA PRO I 421 -47.47 4.30 -10.29
C PRO I 421 -46.78 4.18 -8.93
N VAL I 422 -45.47 3.97 -8.95
CA VAL I 422 -44.68 3.81 -7.74
C VAL I 422 -44.58 5.08 -6.89
N GLN I 423 -44.57 4.88 -5.57
CA GLN I 423 -44.46 5.96 -4.61
C GLN I 423 -43.40 5.56 -3.58
N THR I 424 -42.76 6.54 -2.94
CA THR I 424 -41.73 6.20 -1.97
C THR I 424 -42.25 6.26 -0.54
N ALA I 425 -41.84 5.30 0.29
CA ALA I 425 -42.45 5.09 1.61
C ALA I 425 -41.77 5.87 2.72
N PHE I 426 -40.55 5.47 3.06
CA PHE I 426 -39.76 6.20 4.03
C PHE I 426 -38.29 5.86 3.90
N GLU I 427 -37.45 6.81 4.28
CA GLU I 427 -36.01 6.68 4.19
C GLU I 427 -35.54 5.77 5.32
N PHE I 428 -34.43 5.07 5.11
CA PHE I 428 -33.92 4.16 6.12
C PHE I 428 -32.40 3.96 6.00
N THR J 28 -69.46 50.87 -28.80
CA THR J 28 -68.43 50.81 -27.77
C THR J 28 -67.04 50.39 -28.31
N VAL J 29 -66.77 49.09 -28.41
CA VAL J 29 -65.50 48.60 -28.99
C VAL J 29 -65.70 47.68 -30.21
N THR J 30 -64.65 47.50 -31.01
CA THR J 30 -64.78 46.81 -32.30
C THR J 30 -63.76 45.69 -32.51
N LEU J 31 -64.21 44.47 -32.78
CA LEU J 31 -63.31 43.37 -33.10
C LEU J 31 -63.30 43.06 -34.60
N CYS J 32 -62.16 43.29 -35.25
CA CYS J 32 -62.01 42.97 -36.68
C CYS J 32 -60.63 42.43 -37.05
N SER J 33 -60.38 42.31 -38.35
CA SER J 33 -59.04 42.00 -38.81
C SER J 33 -58.28 43.30 -39.05
N PRO J 34 -56.99 43.31 -38.70
CA PRO J 34 -56.21 44.55 -38.76
C PRO J 34 -55.98 45.04 -40.18
N THR J 35 -56.07 46.35 -40.37
CA THR J 35 -55.68 46.97 -41.63
C THR J 35 -54.26 47.50 -41.46
N GLU J 36 -53.84 48.35 -42.38
CA GLU J 36 -52.47 48.84 -42.37
C GLU J 36 -52.28 50.02 -41.41
N ASP J 37 -53.40 50.58 -40.95
CA ASP J 37 -53.34 51.67 -39.97
C ASP J 37 -53.19 51.12 -38.56
N ASP J 38 -53.36 49.81 -38.42
CA ASP J 38 -53.34 49.17 -37.11
C ASP J 38 -51.97 48.61 -36.75
N TRP J 39 -51.08 48.51 -37.74
CA TRP J 39 -49.75 47.93 -37.51
C TRP J 39 -49.00 48.62 -36.39
N PRO J 40 -48.89 49.96 -36.45
CA PRO J 40 -48.10 50.64 -35.42
C PRO J 40 -48.67 50.41 -34.02
N GLY J 41 -49.99 50.51 -33.88
CA GLY J 41 -50.64 50.37 -32.59
C GLY J 41 -50.42 48.99 -31.99
N MSE J 42 -50.35 48.00 -32.88
CA MSE J 42 -50.10 46.63 -32.48
C MSE J 42 -48.65 46.44 -32.07
O MSE J 42 -48.33 45.57 -31.25
CB MSE J 42 -50.45 45.69 -33.62
CG MSE J 42 -51.91 45.72 -33.95
SE MSE J 42 -52.27 44.88 -35.63
CE MSE J 42 -51.51 43.12 -35.28
N PHE J 43 -47.78 47.26 -32.63
CA PHE J 43 -46.39 47.23 -32.22
C PHE J 43 -46.33 47.85 -30.84
N LEU J 44 -47.06 48.93 -30.67
CA LEU J 44 -47.13 49.60 -29.39
C LEU J 44 -47.63 48.62 -28.34
N LEU J 45 -48.77 48.00 -28.60
CA LEU J 45 -49.35 47.07 -27.65
C LEU J 45 -48.44 45.88 -27.34
N ALA J 46 -47.87 45.28 -28.39
CA ALA J 46 -47.05 44.07 -28.24
C ALA J 46 -45.76 44.41 -27.49
N ALA J 47 -45.32 45.65 -27.66
CA ALA J 47 -44.08 46.16 -27.05
C ALA J 47 -44.28 46.45 -25.58
N ALA J 48 -45.50 46.87 -25.24
CA ALA J 48 -45.88 47.19 -23.86
C ALA J 48 -46.29 45.94 -23.08
N SER J 49 -46.40 44.82 -23.79
CA SER J 49 -46.92 43.60 -23.20
C SER J 49 -45.93 42.43 -23.20
N PHE J 50 -44.86 42.56 -23.96
CA PHE J 50 -43.82 41.54 -23.99
C PHE J 50 -42.44 42.20 -23.90
N THR J 51 -41.67 41.84 -22.88
CA THR J 51 -40.37 42.46 -22.67
C THR J 51 -39.41 42.09 -23.78
N ASP J 52 -39.49 40.85 -24.24
CA ASP J 52 -38.56 40.35 -25.25
C ASP J 52 -38.77 40.96 -26.64
N PHE J 53 -39.91 41.62 -26.84
CA PHE J 53 -40.33 42.08 -28.17
C PHE J 53 -39.59 43.32 -28.69
N ILE J 54 -39.50 43.38 -30.02
CA ILE J 54 -38.87 44.48 -30.74
C ILE J 54 -39.70 44.66 -32.00
N GLY J 55 -39.92 45.91 -32.41
CA GLY J 55 -40.70 46.20 -33.61
C GLY J 55 -40.19 45.70 -34.95
N PRO J 56 -38.89 45.85 -35.19
CA PRO J 56 -38.26 45.41 -36.45
C PRO J 56 -38.16 43.90 -36.69
N GLU J 57 -37.74 43.14 -35.69
CA GLU J 57 -37.59 41.68 -35.83
C GLU J 57 -38.90 40.91 -36.05
N SER J 58 -39.93 41.28 -35.29
CA SER J 58 -41.23 40.62 -35.39
C SER J 58 -41.95 40.78 -36.72
N ALA J 59 -41.87 41.97 -37.30
CA ALA J 59 -42.53 42.26 -38.57
C ALA J 59 -42.42 41.05 -39.50
N THR J 60 -41.23 40.47 -39.55
CA THR J 60 -40.95 39.36 -40.46
C THR J 60 -41.79 38.13 -40.14
N ALA J 61 -41.58 37.55 -38.97
CA ALA J 61 -42.30 36.35 -38.58
C ALA J 61 -43.76 36.48 -38.97
N TRP J 62 -44.31 37.68 -38.80
CA TRP J 62 -45.71 37.96 -39.12
C TRP J 62 -45.98 37.83 -40.61
N ARG J 63 -45.52 38.76 -41.43
CA ARG J 63 -45.80 38.62 -42.85
C ARG J 63 -45.38 37.24 -43.33
N THR J 64 -44.27 36.72 -42.83
CA THR J 64 -43.80 35.39 -43.25
C THR J 64 -44.67 34.15 -42.94
N LEU J 65 -45.25 34.02 -41.74
CA LEU J 65 -46.06 32.84 -41.42
C LEU J 65 -47.57 32.97 -41.10
N VAL J 66 -47.99 34.15 -40.66
CA VAL J 66 -49.37 34.44 -40.31
C VAL J 66 -50.20 34.51 -41.59
N PRO J 67 -51.13 33.57 -41.75
CA PRO J 67 -51.96 33.42 -42.94
C PRO J 67 -52.89 34.60 -43.18
N THR J 68 -53.48 34.67 -44.37
CA THR J 68 -54.47 35.69 -44.67
C THR J 68 -55.45 35.81 -43.51
N ASP J 69 -55.52 37.00 -42.94
CA ASP J 69 -56.35 37.25 -41.75
C ASP J 69 -56.38 36.08 -40.74
N GLY J 70 -55.21 35.64 -40.31
CA GLY J 70 -55.11 34.75 -39.18
C GLY J 70 -54.84 35.63 -37.98
N ALA J 71 -54.79 36.94 -38.23
CA ALA J 71 -54.65 37.95 -37.20
C ALA J 71 -55.96 38.69 -36.99
N VAL J 72 -56.11 39.32 -35.83
CA VAL J 72 -57.37 39.94 -35.48
C VAL J 72 -57.15 40.88 -34.30
N VAL J 73 -57.73 42.09 -34.35
CA VAL J 73 -57.54 43.05 -33.27
C VAL J 73 -58.84 43.58 -32.70
N VAL J 74 -58.69 44.50 -31.75
CA VAL J 74 -59.83 45.10 -31.05
C VAL J 74 -59.56 46.58 -30.92
N ARG J 75 -60.52 47.41 -31.32
CA ARG J 75 -60.30 48.84 -31.29
C ARG J 75 -61.24 49.53 -30.32
N ASP J 76 -60.79 50.64 -29.76
CA ASP J 76 -61.62 51.43 -28.85
C ASP J 76 -62.44 52.44 -29.65
N GLY J 77 -63.70 52.09 -29.88
CA GLY J 77 -64.62 52.94 -30.63
C GLY J 77 -64.62 52.67 -32.12
N ALA J 78 -65.15 53.61 -32.89
CA ALA J 78 -65.16 53.51 -34.35
C ALA J 78 -64.39 54.68 -34.98
N GLY J 79 -64.05 54.52 -36.26
CA GLY J 79 -63.29 55.52 -36.98
C GLY J 79 -61.82 55.14 -37.11
N PRO J 80 -61.26 55.25 -38.33
CA PRO J 80 -59.87 54.85 -38.60
C PRO J 80 -58.88 55.66 -37.77
N GLY J 81 -58.01 54.96 -37.04
CA GLY J 81 -57.10 55.61 -36.13
C GLY J 81 -57.49 55.30 -34.70
N SER J 82 -58.69 54.77 -34.52
CA SER J 82 -59.09 54.24 -33.22
C SER J 82 -57.94 53.43 -32.70
N GLU J 83 -57.68 53.55 -31.39
CA GLU J 83 -56.52 52.89 -30.81
C GLU J 83 -56.74 51.40 -30.65
N VAL J 84 -55.68 50.64 -30.89
CA VAL J 84 -55.69 49.20 -30.68
C VAL J 84 -55.63 48.91 -29.18
N VAL J 85 -56.50 48.03 -28.69
CA VAL J 85 -56.51 47.70 -27.27
C VAL J 85 -56.48 46.20 -27.07
N GLY J 86 -56.50 45.47 -28.18
CA GLY J 86 -56.41 44.03 -28.14
C GLY J 86 -55.84 43.51 -29.43
N MSE J 87 -55.24 42.33 -29.40
CA MSE J 87 -54.74 41.71 -30.60
C MSE J 87 -54.35 40.28 -30.31
O MSE J 87 -54.00 39.95 -29.19
CB MSE J 87 -53.50 42.46 -31.13
CG MSE J 87 -52.21 42.02 -30.44
SE MSE J 87 -50.75 43.33 -30.49
CE MSE J 87 -49.81 42.68 -32.08
N ALA J 88 -54.45 39.43 -31.31
CA ALA J 88 -53.99 38.07 -31.24
C ALA J 88 -53.91 37.56 -32.66
N LEU J 89 -53.14 36.50 -32.87
CA LEU J 89 -53.01 35.91 -34.17
C LEU J 89 -52.59 34.46 -34.09
N TYR J 90 -52.69 33.75 -35.21
CA TYR J 90 -52.16 32.38 -35.28
C TYR J 90 -51.14 32.20 -36.43
N MSE J 91 -50.37 31.14 -36.35
CA MSE J 91 -49.32 30.87 -37.31
C MSE J 91 -49.47 29.48 -37.90
O MSE J 91 -49.66 28.51 -37.16
CB MSE J 91 -47.96 30.99 -36.64
CG MSE J 91 -47.58 32.41 -36.29
SE MSE J 91 -45.90 32.55 -35.29
CE MSE J 91 -45.66 34.47 -35.42
N ASP J 92 -49.37 29.36 -39.22
CA ASP J 92 -49.50 28.06 -39.82
C ASP J 92 -48.14 27.41 -39.66
N LEU J 93 -48.10 26.38 -38.81
CA LEU J 93 -46.88 25.64 -38.53
C LEU J 93 -47.24 24.18 -38.49
N ARG J 94 -46.27 23.32 -38.75
CA ARG J 94 -46.56 21.90 -38.72
C ARG J 94 -45.93 21.19 -37.53
N LEU J 95 -46.80 20.58 -36.72
CA LEU J 95 -46.35 19.83 -35.55
C LEU J 95 -46.34 18.36 -35.90
N THR J 96 -45.43 17.63 -35.26
CA THR J 96 -45.32 16.19 -35.41
C THR J 96 -45.90 15.43 -34.21
N VAL J 97 -46.96 14.67 -34.42
CA VAL J 97 -47.52 13.84 -33.35
C VAL J 97 -46.89 12.45 -33.42
N PRO J 98 -47.33 11.51 -32.56
CA PRO J 98 -46.83 10.12 -32.52
C PRO J 98 -47.10 9.31 -33.79
N GLY J 99 -46.19 8.41 -34.13
CA GLY J 99 -46.27 7.64 -35.37
C GLY J 99 -45.62 8.38 -36.53
N GLU J 100 -45.08 9.56 -36.24
CA GLU J 100 -44.27 10.34 -37.17
C GLU J 100 -45.12 11.19 -38.12
N VAL J 101 -46.45 11.10 -37.95
CA VAL J 101 -47.41 11.87 -38.75
C VAL J 101 -47.26 13.36 -38.47
N VAL J 102 -47.57 14.18 -39.47
CA VAL J 102 -47.49 15.62 -39.34
C VAL J 102 -48.83 16.25 -39.66
N LEU J 103 -49.32 17.08 -38.76
CA LEU J 103 -50.60 17.75 -38.96
C LEU J 103 -50.40 19.25 -38.90
N PRO J 104 -50.98 19.97 -39.85
CA PRO J 104 -50.81 21.43 -39.82
C PRO J 104 -51.42 21.92 -38.52
N THR J 105 -50.72 22.80 -37.82
CA THR J 105 -51.23 23.30 -36.56
C THR J 105 -51.20 24.82 -36.42
N ALA J 106 -52.31 25.37 -35.96
CA ALA J 106 -52.43 26.80 -35.75
C ALA J 106 -51.61 27.12 -34.50
N GLY J 107 -50.96 28.27 -34.48
CA GLY J 107 -50.16 28.65 -33.33
C GLY J 107 -50.52 30.02 -32.81
N LEU J 108 -51.25 30.04 -31.69
CA LEU J 108 -51.60 31.31 -31.07
C LEU J 108 -50.35 32.01 -30.57
N SER J 109 -50.32 33.33 -30.74
CA SER J 109 -49.12 34.08 -30.37
C SER J 109 -49.42 35.56 -30.42
N PHE J 110 -48.60 36.35 -29.74
CA PHE J 110 -48.83 37.78 -29.59
C PHE J 110 -50.27 38.12 -29.15
N VAL J 111 -50.83 37.26 -28.29
CA VAL J 111 -52.13 37.51 -27.69
C VAL J 111 -51.97 38.56 -26.59
N ALA J 112 -52.53 39.74 -26.82
CA ALA J 112 -52.34 40.82 -25.86
C ALA J 112 -53.56 41.74 -25.74
N VAL J 113 -54.02 41.93 -24.51
CA VAL J 113 -55.01 42.98 -24.22
C VAL J 113 -54.28 44.04 -23.43
N ALA J 114 -54.71 45.29 -23.58
CA ALA J 114 -54.08 46.42 -22.89
C ALA J 114 -54.55 46.54 -21.43
N PRO J 115 -53.68 47.08 -20.57
CA PRO J 115 -53.99 47.20 -19.14
C PRO J 115 -55.19 48.09 -18.90
N THR J 116 -55.48 48.98 -19.84
CA THR J 116 -56.63 49.86 -19.67
C THR J 116 -57.94 49.16 -20.01
N HIS J 117 -57.83 47.93 -20.52
CA HIS J 117 -59.01 47.15 -20.92
C HIS J 117 -59.07 45.71 -20.40
N ARG J 118 -58.36 45.41 -19.31
CA ARG J 118 -58.33 44.06 -18.74
C ARG J 118 -59.65 43.56 -18.13
N ARG J 119 -59.88 42.26 -18.23
CA ARG J 119 -61.09 41.61 -17.70
C ARG J 119 -62.41 42.13 -18.28
N ARG J 120 -62.45 42.31 -19.60
CA ARG J 120 -63.65 42.81 -20.26
C ARG J 120 -64.13 41.82 -21.30
N GLY J 121 -63.49 40.66 -21.36
CA GLY J 121 -63.89 39.64 -22.32
C GLY J 121 -63.17 39.67 -23.67
N LEU J 122 -62.28 40.65 -23.88
CA LEU J 122 -61.50 40.69 -25.11
C LEU J 122 -60.79 39.35 -25.37
N LEU J 123 -59.89 38.94 -24.51
CA LEU J 123 -59.23 37.68 -24.78
C LEU J 123 -60.33 36.69 -25.11
N ARG J 124 -61.47 36.79 -24.43
CA ARG J 124 -62.59 35.90 -24.70
C ARG J 124 -63.16 36.08 -26.11
N ALA J 125 -63.30 37.34 -26.55
CA ALA J 125 -63.81 37.66 -27.89
C ALA J 125 -62.87 37.22 -29.03
N MSE J 126 -61.58 37.50 -28.84
CA MSE J 126 -60.51 37.15 -29.79
C MSE J 126 -60.28 35.64 -29.87
O MSE J 126 -60.07 35.08 -30.95
CB MSE J 126 -59.21 37.91 -29.46
CG MSE J 126 -59.35 39.43 -29.49
SE MSE J 126 -57.67 40.43 -29.21
CE MSE J 126 -57.07 39.57 -27.59
N CYS J 127 -60.30 34.94 -28.74
CA CYS J 127 -60.09 33.51 -28.80
C CYS J 127 -61.19 32.81 -29.58
N ALA J 128 -62.41 33.32 -29.46
CA ALA J 128 -63.55 32.68 -30.13
C ALA J 128 -63.52 32.95 -31.62
N GLU J 129 -63.25 34.19 -32.01
CA GLU J 129 -63.19 34.54 -33.43
C GLU J 129 -62.04 33.81 -34.11
N LEU J 130 -60.89 33.76 -33.43
CA LEU J 130 -59.72 33.08 -33.96
C LEU J 130 -59.96 31.58 -34.10
N HIS J 131 -60.63 31.00 -33.11
CA HIS J 131 -60.94 29.58 -33.15
C HIS J 131 -61.83 29.23 -34.30
N ARG J 132 -62.82 30.08 -34.56
CA ARG J 132 -63.76 29.85 -35.65
C ARG J 132 -63.04 29.86 -37.00
N ARG J 133 -62.12 30.79 -37.17
CA ARG J 133 -61.34 30.90 -38.41
C ARG J 133 -60.46 29.67 -38.52
N ILE J 134 -59.90 29.26 -37.39
CA ILE J 134 -59.01 28.09 -37.30
C ILE J 134 -59.71 26.74 -37.49
N ALA J 135 -61.00 26.67 -37.19
CA ALA J 135 -61.78 25.47 -37.47
C ALA J 135 -62.21 25.50 -38.94
N ASP J 136 -62.73 26.66 -39.36
CA ASP J 136 -63.24 26.84 -40.73
C ASP J 136 -62.13 26.67 -41.73
N SER J 137 -60.88 26.92 -41.31
CA SER J 137 -59.76 26.76 -42.23
C SER J 137 -59.05 25.44 -42.08
N GLY J 138 -59.76 24.44 -41.55
CA GLY J 138 -59.34 23.06 -41.67
C GLY J 138 -58.46 22.48 -40.58
N TYR J 139 -57.80 23.35 -39.81
CA TYR J 139 -56.83 22.92 -38.79
C TYR J 139 -57.39 21.92 -37.79
N PRO J 140 -56.71 20.79 -37.62
CA PRO J 140 -57.12 19.79 -36.64
C PRO J 140 -56.88 20.26 -35.19
N VAL J 141 -55.67 20.73 -34.90
CA VAL J 141 -55.31 21.16 -33.55
C VAL J 141 -54.89 22.64 -33.51
N ALA J 142 -54.92 23.23 -32.32
CA ALA J 142 -54.38 24.56 -32.09
C ALA J 142 -53.32 24.38 -31.02
N ALA J 143 -52.40 25.33 -30.90
CA ALA J 143 -51.36 25.19 -29.88
C ALA J 143 -50.74 26.52 -29.51
N LEU J 144 -50.16 26.56 -28.32
CA LEU J 144 -49.52 27.78 -27.83
C LEU J 144 -48.49 27.49 -26.72
N HIS J 145 -47.79 28.54 -26.29
CA HIS J 145 -46.95 28.48 -25.10
C HIS J 145 -47.51 29.47 -24.09
N ALA J 146 -47.90 28.97 -22.93
CA ALA J 146 -48.65 29.77 -21.95
C ALA J 146 -47.77 30.68 -21.09
N SER J 147 -48.13 31.96 -21.02
CA SER J 147 -47.45 32.94 -20.17
C SER J 147 -47.73 32.74 -18.67
N GLU J 148 -49.00 32.53 -18.34
CA GLU J 148 -49.35 32.04 -17.02
C GLU J 148 -50.08 30.71 -17.18
N GLY J 149 -50.23 29.97 -16.09
CA GLY J 149 -50.74 28.60 -16.18
C GLY J 149 -52.24 28.44 -16.13
N GLY J 150 -52.96 29.53 -15.87
CA GLY J 150 -54.38 29.44 -15.65
C GLY J 150 -55.21 30.31 -16.56
N ILE J 151 -54.61 30.68 -17.69
CA ILE J 151 -55.36 31.45 -18.68
C ILE J 151 -56.08 30.53 -19.65
N TYR J 152 -55.38 29.51 -20.13
CA TYR J 152 -55.80 28.83 -21.36
C TYR J 152 -56.51 27.48 -21.24
N GLY J 153 -56.54 26.90 -20.04
CA GLY J 153 -57.31 25.70 -19.84
C GLY J 153 -58.77 25.94 -20.23
N ARG J 154 -59.27 27.12 -19.88
CA ARG J 154 -60.70 27.43 -20.01
C ARG J 154 -61.05 27.65 -21.47
N PHE J 155 -60.06 27.69 -22.33
CA PHE J 155 -60.34 27.94 -23.73
C PHE J 155 -60.17 26.68 -24.55
N GLY J 156 -59.82 25.58 -23.89
CA GLY J 156 -59.72 24.28 -24.54
C GLY J 156 -58.31 23.77 -24.67
N TYR J 157 -57.35 24.57 -24.22
CA TYR J 157 -55.95 24.19 -24.30
C TYR J 157 -55.48 23.37 -23.11
N GLY J 158 -54.62 22.41 -23.34
CA GLY J 158 -54.05 21.62 -22.28
C GLY J 158 -52.53 21.66 -22.39
N PRO J 159 -51.83 21.55 -21.26
CA PRO J 159 -50.38 21.46 -21.39
C PRO J 159 -50.01 20.06 -21.90
N ALA J 160 -49.35 20.02 -23.06
CA ALA J 160 -49.03 18.76 -23.78
C ALA J 160 -47.57 18.29 -23.71
N THR J 161 -46.64 19.18 -23.36
CA THR J 161 -45.23 18.81 -23.22
C THR J 161 -44.62 19.35 -21.92
N THR J 162 -43.73 18.56 -21.34
CA THR J 162 -43.08 18.90 -20.08
C THR J 162 -41.61 19.32 -20.27
N LEU J 163 -41.28 20.59 -20.02
CA LEU J 163 -39.88 21.09 -20.11
C LEU J 163 -39.08 20.83 -18.82
N HIS J 164 -37.94 20.15 -18.95
CA HIS J 164 -36.99 19.98 -17.86
C HIS J 164 -35.74 20.80 -18.13
N GLU J 165 -35.31 21.61 -17.18
CA GLU J 165 -33.98 22.20 -17.28
C GLU J 165 -32.97 21.30 -16.58
N LEU J 166 -31.94 20.92 -17.29
CA LEU J 166 -30.84 20.15 -16.70
C LEU J 166 -29.61 21.03 -16.48
N THR J 167 -29.10 20.99 -15.26
CA THR J 167 -27.92 21.74 -14.91
C THR J 167 -26.97 20.62 -14.56
N VAL J 168 -25.85 20.55 -15.27
CA VAL J 168 -24.89 19.51 -15.00
C VAL J 168 -23.57 20.08 -14.52
N ASP J 169 -23.06 19.59 -13.40
CA ASP J 169 -21.79 20.11 -12.95
C ASP J 169 -20.84 19.27 -13.82
N ARG J 170 -20.23 19.92 -14.80
CA ARG J 170 -19.32 19.26 -15.72
C ARG J 170 -18.07 18.67 -15.06
N ARG J 171 -17.54 19.39 -14.08
CA ARG J 171 -16.33 18.96 -13.40
C ARG J 171 -16.35 17.56 -12.79
N PHE J 172 -17.48 17.12 -12.24
CA PHE J 172 -17.49 15.79 -11.64
C PHE J 172 -17.94 14.74 -12.62
N ALA J 173 -18.60 15.17 -13.69
CA ALA J 173 -19.14 14.27 -14.69
C ALA J 173 -18.10 13.34 -15.32
N ARG J 174 -18.35 12.03 -15.17
CA ARG J 174 -17.57 11.01 -15.88
C ARG J 174 -18.56 10.09 -16.61
N PHE J 175 -18.32 9.79 -17.88
CA PHE J 175 -19.27 8.95 -18.62
C PHE J 175 -19.23 7.52 -18.17
N HIS J 176 -20.37 6.85 -18.28
CA HIS J 176 -20.50 5.48 -17.88
C HIS J 176 -19.65 4.58 -18.77
N ALA J 177 -19.23 3.45 -18.23
CA ALA J 177 -18.57 2.42 -19.03
C ALA J 177 -19.35 2.16 -20.32
N ASP J 178 -20.66 2.00 -20.18
CA ASP J 178 -21.54 1.61 -21.29
C ASP J 178 -21.76 2.70 -22.33
N ALA J 179 -21.58 3.95 -21.92
CA ALA J 179 -21.77 5.07 -22.82
C ALA J 179 -20.94 4.92 -24.09
N PRO J 180 -21.58 5.08 -25.24
CA PRO J 180 -20.89 4.96 -26.53
C PRO J 180 -19.83 6.03 -26.72
N GLY J 181 -18.70 5.67 -27.31
CA GLY J 181 -17.63 6.61 -27.55
C GLY J 181 -16.42 6.34 -26.66
N SER J 187 -14.98 13.93 -30.85
CA SER J 187 -13.97 13.67 -31.88
C SER J 187 -14.60 13.42 -33.25
N SER J 188 -15.91 13.19 -33.26
CA SER J 188 -16.66 13.08 -34.49
C SER J 188 -17.32 14.43 -34.67
N VAL J 189 -17.32 15.18 -33.56
CA VAL J 189 -17.91 16.51 -33.46
C VAL J 189 -16.81 17.57 -33.59
N ARG J 190 -17.15 18.69 -34.22
CA ARG J 190 -16.20 19.76 -34.42
C ARG J 190 -16.79 21.01 -33.81
N LEU J 191 -15.93 21.96 -33.47
CA LEU J 191 -16.41 23.23 -32.94
C LEU J 191 -16.45 24.23 -34.08
N VAL J 192 -17.63 24.77 -34.37
CA VAL J 192 -17.78 25.61 -35.54
C VAL J 192 -18.40 26.95 -35.22
N ARG J 193 -18.34 27.88 -36.17
CA ARG J 193 -19.19 29.06 -36.11
C ARG J 193 -20.54 28.68 -36.68
N PRO J 194 -21.63 29.15 -36.07
CA PRO J 194 -22.98 28.76 -36.48
C PRO J 194 -23.34 29.23 -37.89
N THR J 195 -23.20 30.53 -38.15
CA THR J 195 -23.51 31.09 -39.48
C THR J 195 -22.72 30.49 -40.65
N GLU J 196 -21.92 29.47 -40.38
CA GLU J 196 -21.07 28.88 -41.41
C GLU J 196 -21.51 27.46 -41.72
N HIS J 197 -22.69 27.10 -41.25
CA HIS J 197 -23.11 25.70 -41.27
C HIS J 197 -24.63 25.56 -41.21
N ARG J 198 -25.31 26.67 -41.44
CA ARG J 198 -26.77 26.70 -41.54
C ARG J 198 -27.33 25.44 -42.19
N GLY J 199 -26.96 25.22 -43.46
CA GLY J 199 -27.47 24.10 -44.22
C GLY J 199 -27.48 22.82 -43.40
N GLU J 200 -26.31 22.45 -42.90
CA GLU J 200 -26.17 21.30 -42.02
C GLU J 200 -27.11 21.29 -40.80
N PHE J 201 -27.32 22.46 -40.17
CA PHE J 201 -28.27 22.57 -39.06
C PHE J 201 -29.67 22.32 -39.57
N GLU J 202 -29.99 22.91 -40.71
CA GLU J 202 -31.30 22.75 -41.31
C GLU J 202 -31.56 21.28 -41.58
N ALA J 203 -30.58 20.62 -42.17
CA ALA J 203 -30.74 19.22 -42.52
C ALA J 203 -30.80 18.34 -41.28
N ILE J 204 -30.19 18.83 -40.19
CA ILE J 204 -30.18 18.08 -38.95
C ILE J 204 -31.49 18.33 -38.25
N TYR J 205 -31.86 19.60 -38.16
CA TYR J 205 -33.10 19.98 -37.52
C TYR J 205 -34.26 19.28 -38.19
N GLU J 206 -34.25 19.33 -39.52
CA GLU J 206 -35.33 18.77 -40.31
C GLU J 206 -35.53 17.30 -39.95
N ARG J 207 -34.46 16.54 -40.06
CA ARG J 207 -34.52 15.11 -39.75
C ARG J 207 -35.19 14.91 -38.40
N TRP J 208 -34.56 15.46 -37.35
CA TRP J 208 -35.10 15.45 -35.99
C TRP J 208 -36.61 15.73 -35.90
N ARG J 209 -37.06 16.85 -36.43
CA ARG J 209 -38.46 17.24 -36.25
C ARG J 209 -39.45 16.29 -36.93
N GLN J 210 -39.01 15.60 -37.97
CA GLN J 210 -39.91 14.67 -38.63
C GLN J 210 -40.05 13.37 -37.83
N GLN J 211 -39.08 13.10 -36.96
CA GLN J 211 -39.07 11.82 -36.24
C GLN J 211 -39.59 11.94 -34.80
N VAL J 212 -39.56 13.15 -34.26
CA VAL J 212 -39.84 13.34 -32.85
C VAL J 212 -41.17 14.05 -32.64
N PRO J 213 -42.07 13.42 -31.87
CA PRO J 213 -43.30 14.12 -31.48
C PRO J 213 -42.88 15.43 -30.84
N GLY J 214 -43.55 16.53 -31.18
CA GLY J 214 -43.24 17.84 -30.64
C GLY J 214 -42.55 18.73 -31.67
N GLY J 215 -41.92 18.10 -32.66
CA GLY J 215 -41.25 18.83 -33.71
C GLY J 215 -42.13 19.88 -34.36
N LEU J 216 -41.49 20.88 -34.96
CA LEU J 216 -42.16 21.94 -35.68
C LEU J 216 -41.33 22.23 -36.89
N LEU J 217 -41.96 22.32 -38.04
CA LEU J 217 -41.22 22.71 -39.22
C LEU J 217 -40.64 24.09 -38.90
N ARG J 218 -39.35 24.27 -39.15
CA ARG J 218 -38.72 25.55 -38.92
C ARG J 218 -38.60 26.28 -40.25
N PRO J 219 -39.49 27.26 -40.45
CA PRO J 219 -39.52 28.09 -41.67
C PRO J 219 -38.25 28.95 -41.87
N GLN J 220 -37.90 29.22 -43.12
CA GLN J 220 -36.68 29.96 -43.41
C GLN J 220 -36.60 31.23 -42.55
N VAL J 221 -37.66 32.02 -42.55
CA VAL J 221 -37.66 33.27 -41.81
C VAL J 221 -37.21 33.05 -40.38
N LEU J 222 -37.55 31.90 -39.82
CA LEU J 222 -37.18 31.59 -38.44
C LEU J 222 -35.68 31.31 -38.28
N TRP J 223 -35.14 30.48 -39.17
CA TRP J 223 -33.70 30.24 -39.21
C TRP J 223 -32.92 31.56 -39.25
N ASP J 224 -33.34 32.47 -40.10
CA ASP J 224 -32.75 33.80 -40.16
C ASP J 224 -32.66 34.37 -38.76
N GLU J 225 -33.78 34.32 -38.06
CA GLU J 225 -33.88 34.90 -36.73
C GLU J 225 -32.91 34.19 -35.81
N LEU J 226 -32.89 32.86 -35.88
CA LEU J 226 -32.00 32.06 -35.03
C LEU J 226 -30.51 32.27 -35.29
N LEU J 227 -30.13 32.33 -36.57
CA LEU J 227 -28.74 32.54 -36.93
C LEU J 227 -28.26 33.91 -36.46
N ALA J 228 -29.12 34.90 -36.63
CA ALA J 228 -28.83 36.27 -36.24
C ALA J 228 -28.61 36.43 -34.74
N GLU J 229 -29.41 35.73 -33.93
CA GLU J 229 -29.29 35.83 -32.48
C GLU J 229 -27.95 35.25 -32.00
N CYS J 230 -27.27 34.53 -32.88
CA CYS J 230 -26.03 33.86 -32.51
C CYS J 230 -24.92 34.86 -32.36
N LYS J 231 -25.14 36.04 -32.92
CA LYS J 231 -24.13 37.07 -32.87
C LYS J 231 -24.22 37.84 -31.57
N ALA J 232 -23.07 38.09 -30.96
CA ALA J 232 -23.03 38.85 -29.72
C ALA J 232 -23.77 40.17 -29.87
N ALA J 233 -24.39 40.59 -28.79
CA ALA J 233 -25.08 41.86 -28.75
C ALA J 233 -24.56 42.65 -27.55
N PRO J 234 -24.20 43.93 -27.78
CA PRO J 234 -23.67 44.80 -26.73
C PRO J 234 -24.67 45.03 -25.59
N GLY J 235 -24.43 44.37 -24.45
CA GLY J 235 -25.32 44.49 -23.30
C GLY J 235 -26.33 43.36 -23.24
N GLY J 236 -26.14 42.36 -24.10
CA GLY J 236 -27.04 41.22 -24.15
C GLY J 236 -26.26 39.92 -24.15
N ASP J 237 -26.82 38.90 -24.80
CA ASP J 237 -26.19 37.60 -24.85
C ASP J 237 -24.82 37.68 -25.51
N ARG J 238 -23.99 36.68 -25.23
CA ARG J 238 -22.66 36.62 -25.84
C ARG J 238 -22.70 35.86 -27.15
N GLU J 239 -21.59 35.85 -27.86
CA GLU J 239 -21.54 35.13 -29.12
C GLU J 239 -21.90 33.69 -28.84
N SER J 240 -22.77 33.12 -29.67
CA SER J 240 -23.08 31.70 -29.59
C SER J 240 -22.10 30.93 -30.47
N PHE J 241 -21.82 29.70 -30.09
CA PHE J 241 -21.02 28.81 -30.93
C PHE J 241 -21.83 27.56 -31.12
N ALA J 242 -21.30 26.58 -31.85
CA ALA J 242 -21.96 25.29 -31.97
C ALA J 242 -20.97 24.13 -32.01
N LEU J 243 -21.47 22.94 -31.69
CA LEU J 243 -20.71 21.73 -31.96
C LEU J 243 -21.49 21.01 -33.04
N LEU J 244 -20.80 20.52 -34.05
CA LEU J 244 -21.46 19.88 -35.16
C LEU J 244 -21.04 18.43 -35.32
N HIS J 245 -22.03 17.56 -35.39
CA HIS J 245 -21.83 16.14 -35.62
C HIS J 245 -22.59 15.88 -36.89
N PRO J 246 -22.33 14.75 -37.54
CA PRO J 246 -23.12 14.42 -38.71
C PRO J 246 -24.60 14.27 -38.36
N ASP J 247 -24.87 13.63 -37.24
CA ASP J 247 -26.25 13.32 -36.83
C ASP J 247 -26.83 14.21 -35.74
N GLY J 248 -26.24 15.38 -35.51
CA GLY J 248 -26.74 16.26 -34.47
C GLY J 248 -25.90 17.51 -34.25
N TYR J 249 -26.46 18.46 -33.50
CA TYR J 249 -25.70 19.66 -33.14
C TYR J 249 -26.13 20.20 -31.77
N ALA J 250 -25.46 21.27 -31.32
CA ALA J 250 -25.85 21.96 -30.08
C ALA J 250 -25.40 23.41 -30.09
N LEU J 251 -26.37 24.34 -30.03
CA LEU J 251 -26.02 25.75 -29.88
C LEU J 251 -25.89 26.10 -28.40
N TYR J 252 -24.83 26.83 -28.07
CA TYR J 252 -24.60 27.22 -26.68
C TYR J 252 -23.97 28.60 -26.55
N ARG J 253 -24.32 29.31 -25.48
CA ARG J 253 -23.75 30.63 -25.24
C ARG J 253 -23.37 30.79 -23.78
N VAL J 254 -22.19 31.37 -23.53
CA VAL J 254 -21.72 31.56 -22.17
C VAL J 254 -22.73 32.51 -21.54
N ASP J 255 -23.05 32.32 -20.26
CA ASP J 255 -24.03 33.21 -19.65
C ASP J 255 -23.52 34.66 -19.57
N ARG J 256 -24.46 35.61 -19.58
CA ARG J 256 -24.12 37.03 -19.53
C ARG J 256 -23.28 37.37 -18.31
N THR J 257 -23.73 36.90 -17.15
CA THR J 257 -23.18 37.36 -15.89
C THR J 257 -22.37 36.27 -15.19
N ASP J 258 -22.96 35.08 -15.10
CA ASP J 258 -22.28 33.95 -14.51
C ASP J 258 -21.35 33.33 -15.54
N LEU J 259 -20.11 33.84 -15.60
CA LEU J 259 -19.16 33.44 -16.63
C LEU J 259 -18.65 32.00 -16.53
N LYS J 260 -19.20 31.26 -15.58
CA LYS J 260 -18.88 29.85 -15.44
C LYS J 260 -20.11 29.01 -15.79
N LEU J 261 -21.10 29.64 -16.42
CA LEU J 261 -22.30 28.93 -16.87
C LEU J 261 -22.40 28.89 -18.39
N ALA J 262 -22.46 27.67 -18.94
CA ALA J 262 -22.71 27.52 -20.37
C ALA J 262 -24.18 27.19 -20.57
N ARG J 263 -24.84 27.99 -21.40
CA ARG J 263 -26.23 27.76 -21.71
C ARG J 263 -26.40 27.28 -23.13
N VAL J 264 -26.93 26.06 -23.26
CA VAL J 264 -27.24 25.45 -24.54
C VAL J 264 -28.64 25.89 -24.99
N SER J 265 -28.69 26.80 -25.96
CA SER J 265 -30.00 27.30 -26.40
C SER J 265 -30.80 26.20 -27.11
N GLU J 266 -30.10 25.25 -27.72
CA GLU J 266 -30.73 24.24 -28.55
C GLU J 266 -29.78 23.10 -28.85
N LEU J 267 -30.30 21.87 -28.78
CA LEU J 267 -29.51 20.69 -29.05
C LEU J 267 -30.39 19.78 -29.87
N ARG J 268 -29.92 19.39 -31.05
CA ARG J 268 -30.70 18.50 -31.91
C ARG J 268 -29.90 17.26 -32.23
N ALA J 269 -30.45 16.10 -31.88
CA ALA J 269 -29.79 14.84 -32.13
C ALA J 269 -30.77 13.83 -32.71
N VAL J 270 -30.34 13.09 -33.73
CA VAL J 270 -31.21 12.08 -34.34
C VAL J 270 -30.73 10.66 -34.07
N THR J 271 -29.57 10.53 -33.43
CA THR J 271 -29.08 9.22 -33.04
C THR J 271 -28.54 9.22 -31.63
N ALA J 272 -28.58 8.07 -30.97
CA ALA J 272 -28.02 7.95 -29.65
C ALA J 272 -26.57 8.42 -29.65
N ASP J 273 -25.86 8.06 -30.71
CA ASP J 273 -24.44 8.39 -30.82
C ASP J 273 -24.23 9.88 -31.05
N ALA J 274 -25.13 10.52 -31.78
CA ALA J 274 -25.00 11.95 -31.96
C ALA J 274 -25.27 12.60 -30.62
N HIS J 275 -26.21 12.03 -29.87
CA HIS J 275 -26.56 12.61 -28.59
C HIS J 275 -25.39 12.52 -27.61
N CYS J 276 -24.86 11.32 -27.45
CA CYS J 276 -23.77 11.11 -26.51
C CYS J 276 -22.50 11.89 -26.87
N ALA J 277 -22.19 11.95 -28.15
CA ALA J 277 -20.96 12.56 -28.62
C ALA J 277 -21.04 14.03 -28.32
N LEU J 278 -22.19 14.61 -28.60
CA LEU J 278 -22.43 16.01 -28.31
C LEU J 278 -22.26 16.29 -26.82
N TRP J 279 -22.75 15.38 -25.98
CA TRP J 279 -22.56 15.57 -24.55
C TRP J 279 -21.08 15.45 -24.13
N ARG J 280 -20.42 14.37 -24.49
CA ARG J 280 -18.99 14.23 -24.22
C ARG J 280 -18.25 15.53 -24.51
N ALA J 281 -18.70 16.23 -25.55
CA ALA J 281 -18.00 17.41 -26.01
C ALA J 281 -18.44 18.65 -25.24
N LEU J 282 -19.66 18.64 -24.70
CA LEU J 282 -20.09 19.73 -23.82
C LEU J 282 -19.41 19.63 -22.45
N ILE J 283 -19.31 18.40 -21.94
CA ILE J 283 -18.65 18.15 -20.67
C ILE J 283 -17.15 18.40 -20.80
N GLY J 284 -16.70 18.76 -22.00
CA GLY J 284 -15.29 19.01 -22.26
C GLY J 284 -14.92 20.48 -22.20
N LEU J 285 -15.92 21.34 -22.06
CA LEU J 285 -15.73 22.78 -21.94
C LEU J 285 -15.11 23.15 -20.57
N ASP J 286 -13.80 22.93 -20.46
CA ASP J 286 -13.11 22.98 -19.17
C ASP J 286 -13.20 24.33 -18.43
N SER J 287 -13.36 25.41 -19.16
CA SER J 287 -13.42 26.74 -18.54
C SER J 287 -14.76 27.03 -17.86
N MSE J 288 -15.70 26.09 -17.98
CA MSE J 288 -17.01 26.22 -17.35
C MSE J 288 -17.16 25.33 -16.11
O MSE J 288 -16.52 24.30 -15.99
CB MSE J 288 -18.14 25.90 -18.34
CG MSE J 288 -18.20 26.81 -19.57
SE MSE J 288 -18.80 28.61 -19.16
CE MSE J 288 -17.09 29.52 -19.38
N GLU J 289 -18.00 25.75 -15.19
CA GLU J 289 -18.34 24.92 -14.05
C GLU J 289 -19.58 24.12 -14.42
N ARG J 290 -20.60 24.80 -14.96
CA ARG J 290 -21.83 24.10 -15.32
C ARG J 290 -22.45 24.41 -16.69
N ILE J 291 -23.19 23.42 -17.20
CA ILE J 291 -23.88 23.51 -18.48
C ILE J 291 -25.38 23.28 -18.26
N SER J 292 -26.22 24.12 -18.85
CA SER J 292 -27.65 23.98 -18.69
C SER J 292 -28.36 23.92 -20.04
N ILE J 293 -29.50 23.25 -20.08
CA ILE J 293 -30.23 23.09 -21.34
C ILE J 293 -31.68 22.73 -21.04
N ILE J 294 -32.58 23.14 -21.93
CA ILE J 294 -33.98 22.84 -21.72
C ILE J 294 -34.21 21.59 -22.54
N THR J 295 -34.42 20.48 -21.84
CA THR J 295 -34.66 19.21 -22.54
C THR J 295 -36.03 18.63 -22.12
N HIS J 296 -36.15 17.31 -22.19
CA HIS J 296 -37.45 16.68 -21.92
C HIS J 296 -37.30 15.62 -20.83
N PRO J 297 -38.40 15.26 -20.18
CA PRO J 297 -38.30 14.31 -19.07
C PRO J 297 -37.56 13.01 -19.43
N GLN J 298 -37.57 12.61 -20.69
CA GLN J 298 -36.92 11.34 -21.04
C GLN J 298 -35.54 11.47 -21.70
N ASP J 299 -34.93 12.65 -21.62
CA ASP J 299 -33.54 12.82 -22.06
C ASP J 299 -32.65 11.82 -21.32
N PRO J 300 -31.91 10.98 -22.06
CA PRO J 300 -31.17 9.88 -21.43
C PRO J 300 -29.82 10.31 -20.85
N LEU J 301 -29.49 11.59 -20.94
CA LEU J 301 -28.22 12.08 -20.40
C LEU J 301 -27.90 11.52 -19.02
N PRO J 302 -28.83 11.67 -18.08
CA PRO J 302 -28.44 11.27 -16.73
C PRO J 302 -27.86 9.88 -16.74
N HIS J 303 -28.23 9.09 -17.74
CA HIS J 303 -27.83 7.69 -17.78
C HIS J 303 -26.46 7.46 -18.38
N LEU J 304 -25.98 8.44 -19.14
CA LEU J 304 -24.64 8.41 -19.71
C LEU J 304 -23.54 8.64 -18.67
N LEU J 305 -23.90 8.96 -17.43
CA LEU J 305 -22.90 9.31 -16.41
C LEU J 305 -22.75 8.26 -15.32
N THR J 306 -21.57 8.22 -14.72
CA THR J 306 -21.33 7.34 -13.59
C THR J 306 -22.30 7.72 -12.48
N ASP J 307 -22.75 8.97 -12.49
CA ASP J 307 -23.59 9.53 -11.43
C ASP J 307 -24.80 10.24 -12.04
N THR J 308 -25.98 9.63 -11.92
CA THR J 308 -27.19 10.17 -12.50
C THR J 308 -27.62 11.54 -11.91
N ARG J 309 -27.37 11.73 -10.62
CA ARG J 309 -27.71 12.98 -9.93
C ARG J 309 -27.06 14.22 -10.53
N LEU J 310 -25.99 14.02 -11.30
CA LEU J 310 -25.26 15.14 -11.87
C LEU J 310 -26.02 15.81 -13.02
N ALA J 311 -27.16 15.21 -13.37
CA ALA J 311 -28.02 15.71 -14.44
C ALA J 311 -29.19 16.26 -13.66
N ARG J 312 -28.87 17.15 -12.72
CA ARG J 312 -29.88 17.77 -11.86
C ARG J 312 -30.94 18.58 -12.58
N THR J 313 -32.18 18.42 -12.12
CA THR J 313 -33.30 19.12 -12.69
C THR J 313 -33.38 20.38 -11.84
N THR J 314 -33.25 21.53 -12.49
CA THR J 314 -33.29 22.81 -11.80
C THR J 314 -34.59 23.51 -12.09
N TRP J 315 -35.29 23.06 -13.11
CA TRP J 315 -36.57 23.67 -13.48
C TRP J 315 -37.50 22.67 -14.18
N ARG J 316 -38.76 22.63 -13.75
CA ARG J 316 -39.73 21.72 -14.36
C ARG J 316 -41.03 22.48 -14.65
N GLN J 317 -41.46 22.49 -15.90
CA GLN J 317 -42.70 23.20 -16.23
C GLN J 317 -43.33 22.84 -17.57
N ASP J 318 -44.62 23.17 -17.71
CA ASP J 318 -45.37 22.94 -18.92
C ASP J 318 -44.81 23.75 -20.08
N GLY J 319 -44.64 23.12 -21.24
CA GLY J 319 -44.22 23.80 -22.45
C GLY J 319 -45.34 24.10 -23.43
N LEU J 320 -45.54 23.18 -24.37
CA LEU J 320 -46.50 23.40 -25.45
C LEU J 320 -47.91 22.96 -25.10
N TRP J 321 -48.87 23.86 -25.30
CA TRP J 321 -50.28 23.56 -25.06
C TRP J 321 -51.00 23.15 -26.34
N LEU J 322 -51.95 22.24 -26.20
CA LEU J 322 -52.76 21.77 -27.31
C LEU J 322 -54.25 21.96 -27.09
N ARG J 323 -54.95 22.35 -28.15
CA ARG J 323 -56.40 22.31 -28.15
C ARG J 323 -56.87 21.56 -29.37
N ILE J 324 -57.31 20.32 -29.17
CA ILE J 324 -57.92 19.56 -30.25
C ILE J 324 -59.13 20.33 -30.78
N MSE J 325 -59.09 20.73 -32.04
CA MSE J 325 -60.19 21.48 -32.67
C MSE J 325 -61.22 20.53 -33.32
O MSE J 325 -62.42 20.79 -33.30
CB MSE J 325 -59.67 22.44 -33.75
CG MSE J 325 -58.46 23.26 -33.35
SE MSE J 325 -58.94 24.87 -32.37
CE MSE J 325 -60.06 25.75 -33.71
N ASN J 326 -60.70 19.45 -33.92
CA ASN J 326 -61.47 18.39 -34.57
C ASN J 326 -61.08 17.05 -33.97
N VAL J 327 -61.96 16.47 -33.16
CA VAL J 327 -61.57 15.31 -32.34
C VAL J 327 -61.18 14.03 -33.10
N PRO J 328 -62.00 13.61 -34.09
CA PRO J 328 -61.72 12.36 -34.81
C PRO J 328 -60.52 12.53 -35.76
N ALA J 329 -60.42 13.69 -36.38
CA ALA J 329 -59.20 14.00 -37.11
C ALA J 329 -58.02 13.69 -36.20
N ALA J 330 -57.78 14.59 -35.25
CA ALA J 330 -56.73 14.44 -34.25
C ALA J 330 -56.45 12.99 -33.89
N LEU J 331 -57.46 12.30 -33.37
CA LEU J 331 -57.24 10.95 -32.80
C LEU J 331 -56.81 9.90 -33.81
N GLU J 332 -57.43 9.90 -34.99
CA GLU J 332 -57.07 8.97 -36.05
C GLU J 332 -55.72 9.36 -36.65
N ALA J 333 -55.44 10.66 -36.69
CA ALA J 333 -54.18 11.15 -37.23
C ALA J 333 -52.98 10.65 -36.42
N ARG J 334 -53.14 10.62 -35.13
CA ARG J 334 -52.05 10.19 -34.25
C ARG J 334 -51.97 8.67 -34.14
N GLY J 335 -50.75 8.13 -34.21
CA GLY J 335 -50.50 6.70 -34.05
C GLY J 335 -50.53 6.30 -32.60
N TYR J 336 -50.90 5.05 -32.31
CA TYR J 336 -50.95 4.57 -30.94
C TYR J 336 -50.01 3.38 -30.75
N ALA J 337 -49.90 2.88 -29.54
CA ALA J 337 -48.94 1.80 -29.29
C ALA J 337 -49.43 0.43 -29.82
N HIS J 338 -48.49 -0.38 -30.31
CA HIS J 338 -48.83 -1.68 -30.85
C HIS J 338 -48.99 -2.70 -29.74
N GLU J 339 -48.27 -2.47 -28.64
CA GLU J 339 -48.18 -3.44 -27.56
C GLU J 339 -49.41 -3.51 -26.66
N VAL J 340 -50.52 -2.91 -27.09
CA VAL J 340 -51.76 -3.02 -26.33
C VAL J 340 -52.90 -3.64 -27.13
N GLY J 341 -53.49 -4.67 -26.55
CA GLY J 341 -54.60 -5.38 -27.17
C GLY J 341 -55.67 -4.47 -27.74
N GLU J 342 -56.21 -4.85 -28.89
CA GLU J 342 -57.34 -4.15 -29.50
C GLU J 342 -58.48 -3.99 -28.49
N PHE J 343 -59.21 -2.87 -28.61
CA PHE J 343 -60.35 -2.55 -27.74
C PHE J 343 -61.18 -1.39 -28.29
N SER J 344 -62.39 -1.23 -27.77
CA SER J 344 -63.29 -0.15 -28.18
C SER J 344 -63.91 0.50 -26.96
N THR J 345 -64.24 1.79 -27.09
CA THR J 345 -64.80 2.56 -26.00
C THR J 345 -65.57 3.78 -26.51
N VAL J 346 -66.27 4.44 -25.59
CA VAL J 346 -67.05 5.62 -25.93
C VAL J 346 -66.47 6.80 -25.17
N LEU J 347 -66.21 7.89 -25.89
CA LEU J 347 -65.65 9.07 -25.26
C LEU J 347 -66.55 10.30 -25.38
N GLU J 348 -66.77 10.97 -24.25
CA GLU J 348 -67.60 12.16 -24.21
C GLU J 348 -66.66 13.32 -23.96
N VAL J 349 -66.72 14.34 -24.82
CA VAL J 349 -65.86 15.49 -24.69
C VAL J 349 -66.83 16.64 -24.49
N SER J 350 -66.60 17.50 -23.50
CA SER J 350 -67.54 18.59 -23.29
C SER J 350 -67.50 19.57 -24.47
N ASP J 351 -68.67 19.79 -25.05
CA ASP J 351 -68.82 20.70 -26.19
C ASP J 351 -68.33 20.04 -27.47
N GLY J 352 -67.87 18.79 -27.35
CA GLY J 352 -67.38 18.05 -28.50
C GLY J 352 -68.19 16.84 -28.92
N GLY J 353 -69.34 16.65 -28.31
CA GLY J 353 -70.19 15.51 -28.65
C GLY J 353 -69.62 14.23 -28.06
N ARG J 354 -70.08 13.09 -28.57
CA ARG J 354 -69.61 11.80 -28.08
C ARG J 354 -68.92 11.11 -29.25
N PHE J 355 -68.18 10.04 -28.98
CA PHE J 355 -67.41 9.36 -30.02
C PHE J 355 -67.16 7.90 -29.70
N ALA J 356 -67.15 7.08 -30.73
CA ALA J 356 -66.76 5.68 -30.56
C ALA J 356 -65.30 5.58 -30.98
N LEU J 357 -64.44 5.39 -30.00
CA LEU J 357 -63.02 5.33 -30.26
C LEU J 357 -62.67 3.84 -30.28
N LYS J 358 -61.98 3.41 -31.34
CA LYS J 358 -61.50 2.03 -31.42
C LYS J 358 -60.04 2.00 -31.86
N ILE J 359 -59.20 1.34 -31.07
CA ILE J 359 -57.77 1.33 -31.35
C ILE J 359 -57.22 -0.06 -31.32
N GLY J 360 -56.62 -0.45 -32.44
CA GLY J 360 -56.00 -1.75 -32.58
C GLY J 360 -54.96 -1.67 -33.69
N ASP J 361 -53.94 -2.51 -33.60
CA ASP J 361 -52.89 -2.56 -34.60
C ASP J 361 -52.21 -1.23 -34.92
N GLY J 362 -52.05 -0.38 -33.91
CA GLY J 362 -51.40 0.91 -34.11
C GLY J 362 -52.22 2.03 -34.71
N ARG J 363 -53.50 1.79 -34.96
CA ARG J 363 -54.37 2.81 -35.53
C ARG J 363 -55.67 2.89 -34.74
N ALA J 364 -56.38 4.02 -34.84
CA ALA J 364 -57.67 4.17 -34.17
C ALA J 364 -58.78 4.67 -35.10
N ARG J 365 -60.01 4.18 -34.89
CA ARG J 365 -61.17 4.71 -35.60
C ARG J 365 -62.04 5.52 -34.64
N CYS J 366 -62.26 6.78 -35.01
CA CYS J 366 -63.06 7.69 -34.23
C CYS J 366 -64.19 8.27 -35.07
N THR J 367 -65.40 7.92 -34.66
CA THR J 367 -66.61 8.39 -35.31
C THR J 367 -67.48 8.99 -34.22
N PRO J 368 -68.38 9.91 -34.60
CA PRO J 368 -69.46 10.32 -33.69
C PRO J 368 -70.40 9.15 -33.36
N THR J 369 -71.08 9.21 -32.22
CA THR J 369 -72.05 8.19 -31.80
C THR J 369 -72.91 8.76 -30.68
N ASP J 370 -74.07 8.17 -30.41
CA ASP J 370 -74.84 8.59 -29.24
C ASP J 370 -74.76 7.52 -28.14
N ALA J 371 -73.95 6.50 -28.38
CA ALA J 371 -73.81 5.39 -27.44
C ALA J 371 -73.46 5.86 -26.05
N ALA J 372 -73.70 5.01 -25.05
CA ALA J 372 -73.41 5.36 -23.66
C ALA J 372 -71.92 5.69 -23.48
N ALA J 373 -71.62 6.91 -23.03
CA ALA J 373 -70.25 7.31 -22.76
C ALA J 373 -69.67 6.45 -21.63
N GLU J 374 -68.52 5.84 -21.90
CA GLU J 374 -67.85 5.03 -20.90
C GLU J 374 -66.74 5.86 -20.25
N ILE J 375 -66.48 7.03 -20.84
CA ILE J 375 -65.44 7.92 -20.33
C ILE J 375 -65.76 9.37 -20.69
N GLU J 376 -65.43 10.29 -19.79
CA GLU J 376 -65.70 11.71 -20.02
C GLU J 376 -64.53 12.58 -19.58
N MSE J 377 -64.53 13.84 -20.01
CA MSE J 377 -63.47 14.77 -19.70
C MSE J 377 -63.61 15.99 -20.54
O MSE J 377 -64.06 15.90 -21.71
CB MSE J 377 -62.13 14.11 -19.98
CG MSE J 377 -62.17 13.29 -21.26
SE MSE J 377 -60.47 13.46 -22.22
CE MSE J 377 -60.98 14.95 -23.41
N ASP J 378 -63.25 17.14 -20.00
CA ASP J 378 -63.32 18.40 -20.75
C ASP J 378 -62.53 18.28 -22.05
N ARG J 379 -62.49 19.36 -22.81
CA ARG J 379 -61.78 19.37 -24.09
C ARG J 379 -60.27 19.48 -23.89
N ASP J 380 -59.86 20.29 -22.93
CA ASP J 380 -58.45 20.50 -22.63
C ASP J 380 -57.77 19.26 -22.04
N VAL J 381 -58.56 18.38 -21.45
CA VAL J 381 -58.01 17.13 -20.94
C VAL J 381 -57.59 16.23 -22.10
N LEU J 382 -58.24 16.40 -23.25
CA LEU J 382 -57.88 15.61 -24.41
C LEU J 382 -56.53 16.11 -24.90
N GLY J 383 -56.46 17.41 -25.15
CA GLY J 383 -55.19 18.06 -25.41
C GLY J 383 -54.02 17.48 -24.62
N SER J 384 -54.17 17.39 -23.30
CA SER J 384 -53.05 17.02 -22.43
C SER J 384 -52.63 15.57 -22.55
N LEU J 385 -53.50 14.73 -23.11
CA LEU J 385 -53.18 13.32 -23.31
C LEU J 385 -52.57 13.11 -24.70
N TYR J 386 -52.90 13.99 -25.63
CA TYR J 386 -52.60 13.78 -27.03
C TYR J 386 -51.19 13.30 -27.36
N LEU J 387 -50.16 13.92 -26.76
CA LEU J 387 -48.78 13.58 -27.10
C LEU J 387 -48.14 12.66 -26.08
N GLY J 388 -48.96 12.03 -25.25
CA GLY J 388 -48.46 11.05 -24.29
C GLY J 388 -47.80 11.63 -23.05
N ALA J 389 -47.79 12.94 -22.93
CA ALA J 389 -47.04 13.59 -21.85
C ALA J 389 -47.64 13.32 -20.46
N HIS J 390 -48.95 13.37 -20.35
CA HIS J 390 -49.63 13.06 -19.09
C HIS J 390 -50.42 11.75 -19.21
N ARG J 391 -50.35 10.89 -18.18
CA ARG J 391 -51.08 9.62 -18.18
C ARG J 391 -52.56 9.79 -17.85
N ALA J 392 -53.40 8.98 -18.48
CA ALA J 392 -54.84 9.07 -18.28
C ALA J 392 -55.23 8.75 -16.84
N SER J 393 -54.54 7.78 -16.23
CA SER J 393 -54.88 7.39 -14.88
C SER J 393 -54.57 8.54 -13.93
N THR J 394 -53.50 9.29 -14.22
CA THR J 394 -53.19 10.43 -13.39
C THR J 394 -54.31 11.47 -13.43
N LEU J 395 -54.83 11.77 -14.61
CA LEU J 395 -55.87 12.80 -14.75
C LEU J 395 -57.23 12.39 -14.19
N ALA J 396 -57.41 11.09 -14.02
CA ALA J 396 -58.65 10.59 -13.44
C ALA J 396 -58.61 10.72 -11.93
N ALA J 397 -57.43 10.48 -11.36
CA ALA J 397 -57.21 10.68 -9.94
C ALA J 397 -57.36 12.15 -9.54
N ALA J 398 -57.27 13.06 -10.50
CA ALA J 398 -57.61 14.46 -10.28
C ALA J 398 -59.03 14.69 -10.75
N ASN J 399 -59.66 13.60 -11.15
CA ASN J 399 -61.05 13.60 -11.58
C ASN J 399 -61.28 14.54 -12.75
N ARG J 400 -60.26 14.70 -13.58
CA ARG J 400 -60.39 15.55 -14.76
C ARG J 400 -60.99 14.78 -15.92
N LEU J 401 -60.65 13.48 -16.00
CA LEU J 401 -61.37 12.54 -16.83
C LEU J 401 -61.98 11.46 -15.91
N ARG J 402 -63.27 11.17 -16.12
CA ARG J 402 -64.01 10.24 -15.26
C ARG J 402 -64.56 9.02 -16.00
N THR J 403 -64.43 7.86 -15.38
CA THR J 403 -64.91 6.61 -15.97
C THR J 403 -65.29 5.63 -14.89
N LYS J 404 -66.20 4.71 -15.22
CA LYS J 404 -66.64 3.72 -14.25
C LYS J 404 -65.78 2.47 -14.38
N ASP J 405 -64.82 2.50 -15.31
CA ASP J 405 -63.93 1.37 -15.53
C ASP J 405 -62.45 1.64 -15.26
N SER J 406 -61.86 0.74 -14.48
CA SER J 406 -60.45 0.78 -14.11
C SER J 406 -59.56 0.21 -15.22
N GLN J 407 -60.10 -0.78 -15.94
CA GLN J 407 -59.34 -1.45 -17.00
C GLN J 407 -59.28 -0.65 -18.30
N LEU J 408 -60.23 0.27 -18.48
CA LEU J 408 -60.23 1.15 -19.65
C LEU J 408 -59.20 2.27 -19.50
N LEU J 409 -58.97 2.70 -18.27
CA LEU J 409 -57.93 3.68 -17.99
C LEU J 409 -56.55 3.12 -18.34
N ARG J 410 -56.25 1.93 -17.82
CA ARG J 410 -54.96 1.30 -18.06
C ARG J 410 -54.71 1.22 -19.56
N ARG J 411 -55.78 0.95 -20.31
CA ARG J 411 -55.70 0.83 -21.75
C ARG J 411 -55.45 2.18 -22.44
N LEU J 412 -56.23 3.21 -22.10
CA LEU J 412 -55.98 4.55 -22.63
C LEU J 412 -54.58 5.02 -22.26
N ASP J 413 -54.09 4.62 -21.09
CA ASP J 413 -52.72 4.92 -20.70
C ASP J 413 -51.79 4.35 -21.76
N ALA J 414 -51.71 3.02 -21.77
CA ALA J 414 -50.75 2.28 -22.59
C ALA J 414 -50.83 2.64 -24.07
N ALA J 415 -52.02 2.98 -24.52
CA ALA J 415 -52.24 3.19 -25.94
C ALA J 415 -51.84 4.58 -26.41
N PHE J 416 -51.98 5.57 -25.52
CA PHE J 416 -51.66 6.96 -25.87
C PHE J 416 -50.19 7.31 -25.61
N ALA J 417 -49.46 6.38 -25.01
CA ALA J 417 -48.03 6.59 -24.74
C ALA J 417 -47.30 6.66 -26.07
N SER J 418 -46.16 7.31 -26.10
CA SER J 418 -45.40 7.43 -27.35
C SER J 418 -44.16 6.55 -27.36
N ASP J 419 -43.96 5.83 -28.46
CA ASP J 419 -42.80 4.97 -28.59
C ASP J 419 -41.62 5.90 -28.49
N VAL J 420 -41.76 7.07 -29.12
CA VAL J 420 -40.72 8.07 -29.10
C VAL J 420 -41.24 9.13 -28.13
N PRO J 421 -40.47 9.40 -27.08
CA PRO J 421 -40.87 10.39 -26.08
C PRO J 421 -40.97 11.79 -26.70
N VAL J 422 -42.00 12.54 -26.33
CA VAL J 422 -42.20 13.88 -26.86
C VAL J 422 -41.11 14.85 -26.44
N GLN J 423 -40.67 15.67 -27.40
CA GLN J 423 -39.63 16.67 -27.16
C GLN J 423 -40.14 18.03 -27.64
N THR J 424 -39.98 19.04 -26.80
CA THR J 424 -40.44 20.39 -27.08
C THR J 424 -39.86 21.18 -28.25
N ALA J 425 -40.77 21.82 -28.98
CA ALA J 425 -40.48 22.66 -30.13
C ALA J 425 -40.14 24.07 -29.63
N PHE J 426 -39.57 24.89 -30.51
CA PHE J 426 -39.20 26.25 -30.14
C PHE J 426 -40.44 27.06 -29.75
N GLU J 427 -40.29 27.90 -28.72
CA GLU J 427 -41.39 28.73 -28.23
C GLU J 427 -41.84 29.75 -29.28
N PHE J 428 -43.14 30.04 -29.31
CA PHE J 428 -43.68 30.99 -30.29
C PHE J 428 -44.73 31.95 -29.71
N THR K 28 -2.31 80.44 -2.84
CA THR K 28 -2.52 79.03 -2.54
C THR K 28 -3.56 78.39 -3.49
N VAL K 29 -4.84 78.53 -3.17
CA VAL K 29 -5.92 78.13 -4.10
C VAL K 29 -6.93 79.28 -4.21
N THR K 30 -7.80 79.24 -5.21
CA THR K 30 -8.59 80.42 -5.57
C THR K 30 -10.08 80.15 -5.80
N LEU K 31 -10.94 81.07 -5.38
CA LEU K 31 -12.37 80.96 -5.64
C LEU K 31 -12.87 82.09 -6.55
N CYS K 32 -13.46 81.71 -7.69
CA CYS K 32 -13.93 82.70 -8.67
C CYS K 32 -14.97 82.13 -9.66
N SER K 33 -15.50 82.98 -10.54
CA SER K 33 -16.47 82.52 -11.53
C SER K 33 -15.78 81.73 -12.63
N PRO K 34 -16.31 80.55 -12.94
CA PRO K 34 -15.69 79.81 -14.02
C PRO K 34 -15.65 80.65 -15.29
N THR K 35 -14.57 80.55 -16.05
CA THR K 35 -14.50 81.12 -17.38
C THR K 35 -14.82 80.01 -18.38
N GLU K 36 -14.38 80.19 -19.62
CA GLU K 36 -14.60 79.17 -20.65
C GLU K 36 -13.49 78.11 -20.60
N ASP K 37 -12.33 78.48 -20.07
CA ASP K 37 -11.22 77.55 -19.88
C ASP K 37 -11.60 76.48 -18.86
N ASP K 38 -12.59 76.78 -18.03
CA ASP K 38 -12.96 75.93 -16.92
C ASP K 38 -14.00 74.88 -17.27
N TRP K 39 -14.58 74.97 -18.46
CA TRP K 39 -15.61 74.01 -18.87
C TRP K 39 -15.12 72.57 -18.79
N PRO K 40 -14.05 72.24 -19.53
CA PRO K 40 -13.58 70.86 -19.45
C PRO K 40 -13.15 70.50 -18.02
N GLY K 41 -12.58 71.46 -17.30
CA GLY K 41 -12.28 71.27 -15.90
C GLY K 41 -13.51 70.77 -15.15
N MSE K 42 -14.60 71.52 -15.28
CA MSE K 42 -15.83 71.25 -14.55
C MSE K 42 -16.48 69.92 -14.91
O MSE K 42 -17.11 69.28 -14.07
CB MSE K 42 -16.83 72.40 -14.74
CG MSE K 42 -16.35 73.73 -14.14
SE MSE K 42 -17.34 75.34 -14.67
CE MSE K 42 -19.14 74.87 -14.11
N PHE K 43 -16.31 69.51 -16.17
CA PHE K 43 -16.93 68.28 -16.66
C PHE K 43 -16.29 67.04 -16.07
N LEU K 44 -14.97 67.07 -16.00
CA LEU K 44 -14.22 65.97 -15.42
C LEU K 44 -14.65 65.77 -13.97
N LEU K 45 -14.61 66.86 -13.20
CA LEU K 45 -14.98 66.82 -11.80
C LEU K 45 -16.40 66.26 -11.59
N ALA K 46 -17.31 66.57 -12.51
CA ALA K 46 -18.70 66.11 -12.40
C ALA K 46 -18.87 64.62 -12.71
N ALA K 47 -18.09 64.10 -13.67
CA ALA K 47 -18.20 62.70 -14.03
C ALA K 47 -17.52 61.81 -12.99
N ALA K 48 -16.47 62.35 -12.37
CA ALA K 48 -15.74 61.64 -11.34
C ALA K 48 -16.49 61.74 -10.02
N SER K 49 -17.50 62.60 -9.97
CA SER K 49 -18.18 62.90 -8.71
C SER K 49 -19.62 62.39 -8.63
N PHE K 50 -20.29 62.29 -9.78
CA PHE K 50 -21.66 61.79 -9.83
C PHE K 50 -21.75 60.66 -10.86
N THR K 51 -21.98 59.45 -10.39
CA THR K 51 -22.10 58.33 -11.30
C THR K 51 -22.97 58.70 -12.52
N ASP K 52 -24.11 59.35 -12.26
CA ASP K 52 -25.14 59.57 -13.29
C ASP K 52 -24.79 60.62 -14.37
N PHE K 53 -23.78 61.45 -14.09
CA PHE K 53 -23.40 62.51 -15.00
C PHE K 53 -23.04 62.01 -16.41
N ILE K 54 -23.10 62.96 -17.35
CA ILE K 54 -22.80 62.78 -18.77
C ILE K 54 -22.46 64.16 -19.34
N GLY K 55 -21.44 64.22 -20.20
CA GLY K 55 -21.00 65.47 -20.81
C GLY K 55 -21.95 66.20 -21.76
N PRO K 56 -22.60 65.46 -22.65
CA PRO K 56 -23.54 66.05 -23.62
C PRO K 56 -24.89 66.54 -23.10
N GLU K 57 -25.56 65.76 -22.26
CA GLU K 57 -26.86 66.14 -21.71
C GLU K 57 -26.85 67.37 -20.80
N SER K 58 -25.85 67.41 -19.92
CA SER K 58 -25.69 68.50 -18.96
C SER K 58 -25.42 69.90 -19.52
N ALA K 59 -24.62 69.98 -20.57
CA ALA K 59 -24.28 71.27 -21.16
C ALA K 59 -25.56 72.09 -21.23
N THR K 60 -26.63 71.44 -21.67
CA THR K 60 -27.91 72.11 -21.87
C THR K 60 -28.44 72.73 -20.59
N ALA K 61 -28.60 71.90 -19.56
CA ALA K 61 -29.12 72.37 -18.28
C ALA K 61 -28.41 73.63 -17.82
N TRP K 62 -27.07 73.61 -17.85
CA TRP K 62 -26.29 74.75 -17.37
C TRP K 62 -26.52 75.98 -18.22
N ARG K 63 -26.19 75.87 -19.50
CA ARG K 63 -26.24 77.01 -20.41
C ARG K 63 -27.52 77.80 -20.20
N THR K 64 -28.66 77.10 -20.18
CA THR K 64 -29.96 77.75 -20.11
C THR K 64 -30.42 78.18 -18.71
N LEU K 65 -30.37 77.27 -17.74
CA LEU K 65 -30.97 77.52 -16.43
C LEU K 65 -30.08 78.23 -15.41
N VAL K 66 -28.77 78.22 -15.62
CA VAL K 66 -27.87 78.83 -14.65
C VAL K 66 -27.66 80.32 -14.97
N PRO K 67 -28.00 81.19 -14.00
CA PRO K 67 -27.87 82.63 -14.23
C PRO K 67 -26.43 82.96 -14.44
N THR K 68 -26.15 84.09 -15.07
CA THR K 68 -24.76 84.46 -15.27
C THR K 68 -24.22 84.71 -13.88
N ASP K 69 -23.06 84.14 -13.58
CA ASP K 69 -22.42 84.31 -12.28
C ASP K 69 -23.04 83.40 -11.22
N GLY K 70 -23.93 82.50 -11.65
CA GLY K 70 -24.56 81.57 -10.74
C GLY K 70 -23.70 80.32 -10.62
N ALA K 71 -22.51 80.37 -11.22
CA ALA K 71 -21.58 79.24 -11.17
C ALA K 71 -20.24 79.67 -10.57
N VAL K 72 -19.76 78.91 -9.59
CA VAL K 72 -18.48 79.24 -8.93
C VAL K 72 -17.57 78.02 -8.83
N VAL K 73 -16.26 78.23 -9.01
CA VAL K 73 -15.30 77.13 -8.92
C VAL K 73 -13.97 77.52 -8.27
N VAL K 74 -13.29 76.53 -7.69
CA VAL K 74 -12.01 76.72 -7.04
C VAL K 74 -10.91 76.11 -7.90
N ARG K 75 -9.75 76.78 -7.90
CA ARG K 75 -8.63 76.36 -8.74
C ARG K 75 -7.44 76.04 -7.86
N ASP K 76 -6.64 75.08 -8.32
CA ASP K 76 -5.36 74.81 -7.69
C ASP K 76 -4.30 75.69 -8.34
N GLY K 77 -4.04 76.84 -7.72
CA GLY K 77 -3.01 77.75 -8.18
C GLY K 77 -3.50 78.96 -8.96
N ALA K 78 -2.55 79.73 -9.48
CA ALA K 78 -2.84 80.86 -10.35
C ALA K 78 -2.29 80.61 -11.76
N GLY K 79 -2.71 81.42 -12.72
CA GLY K 79 -2.33 81.23 -14.11
C GLY K 79 -3.39 80.41 -14.82
N PRO K 80 -3.79 80.84 -16.03
CA PRO K 80 -4.83 80.17 -16.81
C PRO K 80 -4.46 78.72 -17.12
N GLY K 81 -5.38 77.80 -16.88
CA GLY K 81 -5.12 76.38 -17.04
C GLY K 81 -5.02 75.66 -15.71
N SER K 82 -4.81 76.43 -14.64
CA SER K 82 -4.85 75.90 -13.28
C SER K 82 -6.01 74.95 -13.20
N GLU K 83 -5.89 73.91 -12.37
CA GLU K 83 -6.88 72.84 -12.38
C GLU K 83 -8.14 73.09 -11.55
N VAL K 84 -9.25 72.53 -12.02
CA VAL K 84 -10.57 72.70 -11.39
C VAL K 84 -10.86 71.61 -10.35
N VAL K 85 -10.70 71.97 -9.08
CA VAL K 85 -10.82 71.03 -7.97
C VAL K 85 -12.07 71.23 -7.13
N GLY K 86 -12.85 72.25 -7.46
CA GLY K 86 -14.05 72.55 -6.71
C GLY K 86 -14.99 73.34 -7.59
N MSE K 87 -16.27 73.03 -7.51
CA MSE K 87 -17.26 73.71 -8.34
C MSE K 87 -18.60 73.66 -7.66
O MSE K 87 -18.90 72.75 -6.89
CB MSE K 87 -17.37 73.02 -9.67
CG MSE K 87 -17.85 71.64 -9.51
SE MSE K 87 -18.31 70.95 -11.23
CE MSE K 87 -19.64 72.31 -11.71
N ALA K 88 -19.43 74.65 -7.95
CA ALA K 88 -20.75 74.75 -7.36
C ALA K 88 -21.54 75.83 -8.09
N LEU K 89 -22.82 75.58 -8.30
CA LEU K 89 -23.65 76.53 -9.00
C LEU K 89 -25.13 76.38 -8.66
N TYR K 90 -25.89 77.45 -8.82
CA TYR K 90 -27.33 77.41 -8.59
C TYR K 90 -28.13 77.71 -9.84
N MSE K 91 -29.35 77.18 -9.89
CA MSE K 91 -30.22 77.41 -11.01
C MSE K 91 -31.38 78.29 -10.61
O MSE K 91 -31.74 78.37 -9.43
CB MSE K 91 -30.74 76.10 -11.53
CG MSE K 91 -29.67 75.26 -12.16
SE MSE K 91 -30.37 73.49 -12.44
CE MSE K 91 -28.98 72.80 -13.62
N ASP K 92 -31.96 78.97 -11.59
CA ASP K 92 -33.10 79.84 -11.37
C ASP K 92 -34.40 79.03 -11.46
N LEU K 93 -35.02 78.79 -10.30
CA LEU K 93 -36.18 77.90 -10.24
C LEU K 93 -37.40 78.58 -9.63
N ARG K 94 -38.57 77.98 -9.84
CA ARG K 94 -39.79 78.47 -9.21
C ARG K 94 -40.40 77.39 -8.34
N LEU K 95 -40.49 77.68 -7.05
CA LEU K 95 -41.06 76.75 -6.09
C LEU K 95 -42.45 77.16 -5.64
N THR K 96 -43.43 76.31 -5.91
CA THR K 96 -44.80 76.47 -5.40
C THR K 96 -44.90 76.15 -3.90
N VAL K 97 -45.28 77.15 -3.12
CA VAL K 97 -45.38 77.00 -1.67
C VAL K 97 -46.84 77.05 -1.21
N PRO K 98 -47.11 76.64 0.04
CA PRO K 98 -48.47 76.54 0.57
C PRO K 98 -49.29 77.81 0.30
N GLY K 99 -50.40 77.64 -0.42
CA GLY K 99 -51.24 78.77 -0.77
C GLY K 99 -51.14 79.11 -2.24
N GLU K 100 -50.65 78.15 -3.01
CA GLU K 100 -50.41 78.35 -4.44
C GLU K 100 -49.51 79.56 -4.75
N VAL K 101 -48.53 79.82 -3.91
CA VAL K 101 -47.59 80.92 -4.17
C VAL K 101 -46.25 80.44 -4.74
N VAL K 102 -45.74 81.15 -5.74
CA VAL K 102 -44.53 80.73 -6.43
C VAL K 102 -43.36 81.64 -6.06
N LEU K 103 -42.29 81.08 -5.52
CA LEU K 103 -41.16 81.90 -5.15
C LEU K 103 -39.96 81.55 -5.99
N PRO K 104 -39.34 82.54 -6.61
CA PRO K 104 -38.17 82.21 -7.41
C PRO K 104 -37.25 81.61 -6.38
N THR K 105 -36.69 80.44 -6.66
CA THR K 105 -35.80 79.82 -5.70
C THR K 105 -34.49 79.37 -6.29
N ALA K 106 -33.41 79.73 -5.62
CA ALA K 106 -32.07 79.34 -6.09
C ALA K 106 -31.79 77.83 -5.91
N GLY K 107 -31.79 77.06 -7.00
CA GLY K 107 -31.59 75.63 -6.89
C GLY K 107 -30.15 75.21 -7.03
N LEU K 108 -29.41 75.12 -5.91
CA LEU K 108 -28.03 74.61 -5.89
C LEU K 108 -27.86 73.25 -6.58
N SER K 109 -26.71 73.06 -7.24
CA SER K 109 -26.39 71.75 -7.80
C SER K 109 -24.99 71.65 -8.36
N PHE K 110 -24.60 70.41 -8.67
CA PHE K 110 -23.27 70.09 -9.18
C PHE K 110 -22.22 70.57 -8.18
N VAL K 111 -22.57 70.48 -6.92
CA VAL K 111 -21.62 70.77 -5.85
C VAL K 111 -20.68 69.59 -5.70
N ALA K 112 -19.42 69.82 -6.05
CA ALA K 112 -18.39 68.78 -5.94
C ALA K 112 -17.04 69.37 -5.52
N VAL K 113 -16.30 68.62 -4.71
CA VAL K 113 -14.91 68.92 -4.45
C VAL K 113 -14.12 67.66 -4.78
N ALA K 114 -13.03 67.83 -5.53
CA ALA K 114 -12.23 66.69 -5.97
C ALA K 114 -11.66 65.91 -4.78
N PRO K 115 -11.51 64.59 -4.95
CA PRO K 115 -11.04 63.70 -3.88
C PRO K 115 -9.71 64.15 -3.32
N THR K 116 -8.99 64.94 -4.10
CA THR K 116 -7.64 65.33 -3.77
C THR K 116 -7.59 66.55 -2.84
N HIS K 117 -8.71 67.26 -2.72
CA HIS K 117 -8.80 68.46 -1.88
C HIS K 117 -9.84 68.42 -0.77
N ARG K 118 -10.20 67.21 -0.34
CA ARG K 118 -11.20 67.04 0.72
C ARG K 118 -10.81 67.63 2.07
N ARG K 119 -11.81 68.13 2.78
CA ARG K 119 -11.65 68.75 4.11
C ARG K 119 -10.74 69.98 4.25
N ARG K 120 -10.79 70.88 3.28
CA ARG K 120 -9.97 72.07 3.34
C ARG K 120 -10.85 73.30 3.53
N GLY K 121 -12.16 73.08 3.49
CA GLY K 121 -13.12 74.15 3.66
C GLY K 121 -13.69 74.68 2.36
N LEU K 122 -13.40 73.98 1.26
CA LEU K 122 -13.89 74.39 -0.05
C LEU K 122 -15.41 74.36 -0.13
N LEU K 123 -16.05 73.34 0.44
CA LEU K 123 -17.50 73.26 0.41
C LEU K 123 -18.04 74.47 1.16
N ARG K 124 -17.38 74.76 2.27
CA ARG K 124 -17.71 75.89 3.14
C ARG K 124 -17.49 77.22 2.43
N ALA K 125 -16.38 77.33 1.71
CA ALA K 125 -16.05 78.56 0.98
C ALA K 125 -16.97 78.87 -0.21
N MSE K 126 -17.47 77.85 -0.90
CA MSE K 126 -18.29 78.10 -2.07
C MSE K 126 -19.75 78.37 -1.72
O MSE K 126 -20.44 79.10 -2.43
CB MSE K 126 -18.19 76.94 -3.08
CG MSE K 126 -16.78 76.60 -3.49
SE MSE K 126 -16.79 75.34 -4.95
CE MSE K 126 -17.59 73.78 -4.09
N CYS K 127 -20.22 77.79 -0.63
CA CYS K 127 -21.58 78.05 -0.19
C CYS K 127 -21.66 79.46 0.40
N ALA K 128 -20.55 79.95 0.93
CA ALA K 128 -20.51 81.31 1.46
C ALA K 128 -20.61 82.28 0.29
N GLU K 129 -20.08 81.86 -0.85
CA GLU K 129 -20.06 82.70 -2.03
C GLU K 129 -21.41 82.67 -2.72
N LEU K 130 -21.91 81.47 -3.00
CA LEU K 130 -23.22 81.34 -3.65
C LEU K 130 -24.35 82.05 -2.86
N HIS K 131 -24.43 81.81 -1.56
CA HIS K 131 -25.42 82.51 -0.72
C HIS K 131 -25.27 84.02 -0.83
N ARG K 132 -24.03 84.48 -0.76
CA ARG K 132 -23.74 85.91 -0.84
C ARG K 132 -24.35 86.47 -2.13
N ARG K 133 -24.11 85.79 -3.24
CA ARG K 133 -24.70 86.16 -4.52
C ARG K 133 -26.21 85.99 -4.54
N ILE K 134 -26.67 84.74 -4.41
CA ILE K 134 -28.09 84.42 -4.24
C ILE K 134 -28.87 85.53 -3.49
N ALA K 135 -28.37 85.95 -2.33
CA ALA K 135 -29.00 87.01 -1.58
C ALA K 135 -29.03 88.33 -2.36
N ASP K 136 -27.88 88.69 -2.91
CA ASP K 136 -27.77 89.96 -3.61
C ASP K 136 -28.74 89.99 -4.78
N SER K 137 -29.09 88.82 -5.30
CA SER K 137 -30.03 88.71 -6.41
C SER K 137 -31.52 88.67 -5.95
N GLY K 138 -31.75 88.73 -4.64
CA GLY K 138 -33.09 88.85 -4.10
C GLY K 138 -33.95 87.58 -4.00
N TYR K 139 -33.31 86.42 -4.11
CA TYR K 139 -34.03 85.16 -3.88
C TYR K 139 -34.42 85.06 -2.42
N PRO K 140 -35.66 84.66 -2.15
CA PRO K 140 -36.06 84.54 -0.74
C PRO K 140 -35.68 83.17 -0.14
N VAL K 141 -35.44 82.19 -1.00
CA VAL K 141 -35.07 80.86 -0.52
C VAL K 141 -34.19 80.08 -1.51
N ALA K 142 -33.34 79.18 -0.99
CA ALA K 142 -32.48 78.36 -1.84
C ALA K 142 -32.76 76.88 -1.55
N ALA K 143 -32.47 76.01 -2.51
CA ALA K 143 -32.95 74.63 -2.41
C ALA K 143 -31.94 73.64 -2.95
N LEU K 144 -32.04 72.40 -2.51
CA LEU K 144 -31.10 71.38 -2.95
C LEU K 144 -31.55 69.95 -2.60
N HIS K 145 -31.11 68.99 -3.40
CA HIS K 145 -31.23 67.59 -3.06
C HIS K 145 -29.89 67.14 -2.55
N ALA K 146 -29.86 66.76 -1.27
CA ALA K 146 -28.62 66.32 -0.61
C ALA K 146 -28.16 64.95 -1.11
N SER K 147 -26.86 64.75 -1.25
CA SER K 147 -26.33 63.44 -1.63
C SER K 147 -26.15 62.63 -0.38
N GLU K 148 -25.87 63.35 0.71
CA GLU K 148 -25.68 62.73 2.02
C GLU K 148 -26.38 63.56 3.08
N GLY K 149 -27.02 62.89 4.04
CA GLY K 149 -27.82 63.56 5.04
C GLY K 149 -27.13 64.56 5.96
N GLY K 150 -25.82 64.45 6.14
CA GLY K 150 -25.16 65.21 7.20
C GLY K 150 -24.36 66.43 6.77
N ILE K 151 -24.62 66.93 5.57
CA ILE K 151 -23.74 67.92 4.98
C ILE K 151 -24.26 69.35 5.08
N TYR K 152 -25.54 69.54 4.76
CA TYR K 152 -26.01 70.88 4.49
C TYR K 152 -26.74 71.52 5.66
N GLY K 153 -27.15 70.72 6.63
CA GLY K 153 -27.78 71.28 7.81
C GLY K 153 -26.98 72.47 8.30
N ARG K 154 -25.67 72.32 8.35
CA ARG K 154 -24.79 73.34 8.94
C ARG K 154 -24.75 74.62 8.13
N PHE K 155 -25.19 74.53 6.88
CA PHE K 155 -25.14 75.67 5.96
C PHE K 155 -26.48 76.39 5.86
N GLY K 156 -27.44 75.91 6.64
CA GLY K 156 -28.73 76.57 6.75
C GLY K 156 -29.83 75.86 5.98
N TYR K 157 -29.49 74.72 5.39
CA TYR K 157 -30.49 73.93 4.66
C TYR K 157 -31.12 72.89 5.56
N GLY K 158 -32.45 72.88 5.59
CA GLY K 158 -33.21 71.86 6.28
C GLY K 158 -33.95 70.99 5.30
N PRO K 159 -34.10 69.70 5.60
CA PRO K 159 -34.93 68.81 4.79
C PRO K 159 -36.40 69.22 4.85
N ALA K 160 -37.04 69.36 3.69
CA ALA K 160 -38.35 70.00 3.61
C ALA K 160 -39.47 69.16 3.00
N THR K 161 -39.13 68.12 2.25
CA THR K 161 -40.16 67.22 1.74
C THR K 161 -39.76 65.78 2.01
N THR K 162 -40.66 64.84 1.76
CA THR K 162 -40.40 63.44 2.07
C THR K 162 -40.76 62.47 0.96
N LEU K 163 -39.79 61.67 0.54
CA LEU K 163 -40.02 60.70 -0.52
C LEU K 163 -40.43 59.38 0.09
N HIS K 164 -41.42 58.74 -0.51
CA HIS K 164 -41.82 57.38 -0.14
C HIS K 164 -41.81 56.58 -1.42
N GLU K 165 -41.01 55.53 -1.48
CA GLU K 165 -41.18 54.59 -2.56
C GLU K 165 -42.30 53.62 -2.17
N LEU K 166 -43.33 53.53 -2.99
CA LEU K 166 -44.38 52.55 -2.78
C LEU K 166 -44.18 51.45 -3.80
N THR K 167 -44.07 50.23 -3.29
CA THR K 167 -43.89 49.05 -4.12
C THR K 167 -45.19 48.32 -3.87
N VAL K 168 -45.93 48.03 -4.93
CA VAL K 168 -47.20 47.35 -4.77
C VAL K 168 -47.28 46.03 -5.51
N ASP K 169 -47.77 45.00 -4.83
CA ASP K 169 -47.90 43.71 -5.46
C ASP K 169 -49.27 43.80 -6.10
N ARG K 170 -49.29 44.07 -7.40
CA ARG K 170 -50.52 44.23 -8.15
C ARG K 170 -51.31 42.92 -8.20
N ARG K 171 -50.59 41.80 -8.19
CA ARG K 171 -51.25 40.50 -8.19
C ARG K 171 -52.43 40.36 -7.20
N PHE K 172 -52.38 41.09 -6.08
CA PHE K 172 -53.44 41.01 -5.10
C PHE K 172 -54.38 42.22 -5.12
N ALA K 173 -53.93 43.32 -5.71
CA ALA K 173 -54.67 44.59 -5.64
C ALA K 173 -56.10 44.55 -6.19
N ARG K 174 -57.07 44.71 -5.31
CA ARG K 174 -58.46 44.96 -5.71
C ARG K 174 -58.82 46.40 -5.35
N PHE K 175 -59.58 47.07 -6.20
CA PHE K 175 -59.99 48.45 -5.91
C PHE K 175 -61.23 48.51 -5.01
N HIS K 176 -61.23 49.47 -4.09
CA HIS K 176 -62.28 49.59 -3.09
C HIS K 176 -63.58 49.97 -3.78
N ALA K 177 -64.68 49.46 -3.25
CA ALA K 177 -65.99 49.78 -3.78
C ALA K 177 -66.16 51.29 -3.86
N ASP K 178 -65.53 52.01 -2.93
CA ASP K 178 -65.68 53.45 -2.84
C ASP K 178 -64.86 54.17 -3.91
N ALA K 179 -63.86 53.49 -4.45
CA ALA K 179 -62.90 54.12 -5.37
C ALA K 179 -63.53 54.74 -6.61
N PRO K 180 -63.05 55.93 -7.01
CA PRO K 180 -63.63 56.59 -8.18
C PRO K 180 -63.41 55.75 -9.45
N GLY K 181 -64.49 55.56 -10.21
CA GLY K 181 -64.42 54.76 -11.44
C GLY K 181 -65.11 53.41 -11.31
N SER K 187 -60.28 53.32 -18.52
CA SER K 187 -60.90 53.46 -19.83
C SER K 187 -60.95 54.92 -20.23
N SER K 188 -60.71 55.78 -19.25
CA SER K 188 -60.67 57.21 -19.45
C SER K 188 -59.19 57.57 -19.71
N VAL K 189 -58.35 56.53 -19.76
CA VAL K 189 -56.91 56.67 -19.99
C VAL K 189 -56.45 55.88 -21.23
N ARG K 190 -55.32 56.25 -21.83
CA ARG K 190 -54.85 55.57 -23.03
C ARG K 190 -53.37 55.20 -22.93
N LEU K 191 -53.01 54.06 -23.50
CA LEU K 191 -51.61 53.66 -23.59
C LEU K 191 -50.93 54.35 -24.77
N VAL K 192 -49.96 55.21 -24.48
CA VAL K 192 -49.35 55.99 -25.57
C VAL K 192 -47.84 55.96 -25.59
N ARG K 193 -47.26 56.43 -26.69
CA ARG K 193 -45.83 56.66 -26.77
C ARG K 193 -45.61 58.04 -26.20
N PRO K 194 -44.67 58.15 -25.28
CA PRO K 194 -44.47 59.40 -24.54
C PRO K 194 -44.10 60.58 -25.44
N THR K 195 -43.32 60.30 -26.49
CA THR K 195 -42.89 61.35 -27.41
C THR K 195 -44.06 62.03 -28.12
N GLU K 196 -45.02 61.22 -28.56
CA GLU K 196 -46.13 61.74 -29.34
C GLU K 196 -47.09 62.62 -28.56
N HIS K 197 -46.79 62.94 -27.30
CA HIS K 197 -47.74 63.71 -26.49
C HIS K 197 -47.07 64.66 -25.50
N ARG K 198 -45.89 65.17 -25.85
CA ARG K 198 -45.18 66.08 -24.98
C ARG K 198 -46.06 67.27 -24.72
N GLY K 199 -47.00 67.51 -25.63
CA GLY K 199 -47.89 68.63 -25.51
C GLY K 199 -48.75 68.48 -24.28
N GLU K 200 -49.46 67.36 -24.23
CA GLU K 200 -50.34 67.07 -23.10
C GLU K 200 -49.64 67.05 -21.74
N PHE K 201 -48.51 66.35 -21.63
CA PHE K 201 -47.75 66.30 -20.38
C PHE K 201 -47.42 67.70 -19.88
N GLU K 202 -46.81 68.53 -20.71
CA GLU K 202 -46.54 69.92 -20.32
C GLU K 202 -47.77 70.62 -19.73
N ALA K 203 -48.90 70.50 -20.40
CA ALA K 203 -50.13 71.12 -19.92
C ALA K 203 -50.45 70.58 -18.54
N ILE K 204 -50.52 69.25 -18.45
CA ILE K 204 -50.85 68.56 -17.21
C ILE K 204 -49.85 68.87 -16.09
N TYR K 205 -48.56 68.81 -16.41
CA TYR K 205 -47.53 69.10 -15.42
C TYR K 205 -47.65 70.52 -14.89
N GLU K 206 -47.91 71.44 -15.81
CA GLU K 206 -47.97 72.86 -15.49
C GLU K 206 -49.11 73.19 -14.52
N ARG K 207 -50.22 72.48 -14.67
CA ARG K 207 -51.36 72.63 -13.78
C ARG K 207 -50.93 72.08 -12.44
N TRP K 208 -50.41 70.84 -12.47
CA TRP K 208 -49.98 70.18 -11.26
C TRP K 208 -48.99 71.00 -10.46
N ARG K 209 -47.94 71.51 -11.09
CA ARG K 209 -46.92 72.19 -10.31
C ARG K 209 -47.43 73.49 -9.73
N GLN K 210 -48.58 73.95 -10.21
CA GLN K 210 -49.12 75.22 -9.73
C GLN K 210 -50.03 75.10 -8.51
N GLN K 211 -50.53 73.89 -8.28
CA GLN K 211 -51.50 73.64 -7.22
C GLN K 211 -50.87 72.94 -6.05
N VAL K 212 -49.65 72.43 -6.23
CA VAL K 212 -49.05 71.60 -5.21
C VAL K 212 -47.75 72.13 -4.65
N PRO K 213 -47.76 72.56 -3.38
CA PRO K 213 -46.51 72.96 -2.75
C PRO K 213 -45.42 71.95 -3.09
N GLY K 214 -44.19 72.42 -3.28
CA GLY K 214 -43.10 71.55 -3.69
C GLY K 214 -42.96 71.49 -5.20
N GLY K 215 -44.03 71.91 -5.88
CA GLY K 215 -44.00 72.00 -7.33
C GLY K 215 -42.86 72.86 -7.83
N LEU K 216 -42.32 72.49 -8.99
CA LEU K 216 -41.22 73.23 -9.58
C LEU K 216 -41.57 73.54 -11.01
N LEU K 217 -41.39 74.78 -11.43
CA LEU K 217 -41.71 75.13 -12.80
C LEU K 217 -40.76 74.30 -13.64
N ARG K 218 -41.26 73.70 -14.70
CA ARG K 218 -40.41 72.89 -15.56
C ARG K 218 -40.17 73.61 -16.86
N PRO K 219 -38.89 73.82 -17.17
CA PRO K 219 -38.53 74.52 -18.41
C PRO K 219 -38.42 73.59 -19.63
N GLN K 220 -38.49 74.14 -20.83
CA GLN K 220 -38.42 73.32 -22.04
C GLN K 220 -37.20 72.37 -22.07
N VAL K 221 -36.02 72.88 -21.72
CA VAL K 221 -34.80 72.08 -21.79
C VAL K 221 -34.94 70.73 -21.07
N LEU K 222 -35.43 70.77 -19.83
CA LEU K 222 -35.62 69.57 -19.02
C LEU K 222 -36.69 68.66 -19.59
N TRP K 223 -37.71 69.23 -20.22
CA TRP K 223 -38.63 68.37 -20.96
C TRP K 223 -37.84 67.65 -22.06
N ASP K 224 -36.92 68.38 -22.68
CA ASP K 224 -36.11 67.78 -23.74
C ASP K 224 -35.46 66.52 -23.20
N GLU K 225 -34.80 66.70 -22.06
CA GLU K 225 -34.10 65.65 -21.35
C GLU K 225 -35.03 64.48 -21.10
N LEU K 226 -36.13 64.75 -20.40
CA LEU K 226 -37.09 63.69 -20.08
C LEU K 226 -37.59 62.98 -21.32
N LEU K 227 -37.83 63.72 -22.39
CA LEU K 227 -38.28 63.11 -23.64
C LEU K 227 -37.20 62.18 -24.18
N ALA K 228 -35.94 62.58 -23.96
CA ALA K 228 -34.78 61.79 -24.37
C ALA K 228 -34.53 60.50 -23.55
N GLU K 229 -34.68 60.57 -22.23
CA GLU K 229 -34.48 59.40 -21.39
C GLU K 229 -35.61 58.38 -21.48
N CYS K 230 -36.53 58.59 -22.42
CA CYS K 230 -37.64 57.66 -22.61
C CYS K 230 -37.35 56.57 -23.65
N LYS K 231 -36.45 56.88 -24.59
CA LYS K 231 -36.05 55.87 -25.58
C LYS K 231 -35.11 54.84 -24.94
N ALA K 232 -35.38 53.57 -25.21
CA ALA K 232 -34.52 52.52 -24.69
C ALA K 232 -33.08 52.87 -25.00
N ALA K 233 -32.15 52.30 -24.24
CA ALA K 233 -30.73 52.46 -24.52
C ALA K 233 -30.03 51.13 -24.26
N PRO K 234 -29.16 50.71 -25.19
CA PRO K 234 -28.44 49.42 -25.11
C PRO K 234 -27.62 49.30 -23.82
N GLY K 235 -27.96 48.30 -23.00
CA GLY K 235 -27.26 48.07 -21.74
C GLY K 235 -27.72 48.91 -20.56
N GLY K 236 -28.90 49.50 -20.67
CA GLY K 236 -29.46 50.28 -19.58
C GLY K 236 -30.96 50.17 -19.56
N ASP K 237 -31.62 51.25 -19.16
CA ASP K 237 -33.07 51.35 -19.11
C ASP K 237 -33.71 50.88 -20.40
N ARG K 238 -34.99 50.53 -20.31
CA ARG K 238 -35.75 50.07 -21.46
C ARG K 238 -36.67 51.17 -21.91
N GLU K 239 -37.47 50.85 -22.93
CA GLU K 239 -38.35 51.85 -23.48
C GLU K 239 -39.32 52.26 -22.39
N SER K 240 -39.51 53.58 -22.24
CA SER K 240 -40.53 54.11 -21.35
C SER K 240 -41.84 54.16 -22.11
N PHE K 241 -42.90 53.72 -21.45
CA PHE K 241 -44.20 53.90 -22.00
C PHE K 241 -44.97 54.86 -21.13
N ALA K 242 -46.27 54.99 -21.38
CA ALA K 242 -47.06 55.98 -20.66
C ALA K 242 -48.53 55.66 -20.67
N LEU K 243 -49.25 56.30 -19.75
CA LEU K 243 -50.69 56.17 -19.66
C LEU K 243 -51.23 57.59 -19.49
N LEU K 244 -52.15 57.97 -20.37
CA LEU K 244 -52.53 59.37 -20.49
C LEU K 244 -54.01 59.60 -20.24
N HIS K 245 -54.30 60.66 -19.50
CA HIS K 245 -55.65 60.97 -19.09
C HIS K 245 -55.88 62.46 -19.24
N PRO K 246 -57.12 62.84 -19.55
CA PRO K 246 -57.35 64.28 -19.67
C PRO K 246 -56.71 65.02 -18.52
N ASP K 247 -56.72 64.42 -17.34
CA ASP K 247 -56.35 65.14 -16.13
C ASP K 247 -55.10 64.61 -15.40
N GLY K 248 -54.25 63.90 -16.13
CA GLY K 248 -53.00 63.43 -15.57
C GLY K 248 -52.34 62.36 -16.42
N TYR K 249 -51.08 62.09 -16.14
CA TYR K 249 -50.36 61.04 -16.84
C TYR K 249 -49.43 60.26 -15.93
N ALA K 250 -48.81 59.24 -16.51
CA ALA K 250 -47.88 58.37 -15.80
C ALA K 250 -46.84 57.80 -16.76
N LEU K 251 -45.57 58.10 -16.53
CA LEU K 251 -44.47 57.48 -17.26
C LEU K 251 -43.95 56.28 -16.50
N TYR K 252 -43.80 55.16 -17.18
CA TYR K 252 -43.30 53.95 -16.54
C TYR K 252 -42.38 53.13 -17.44
N ARG K 253 -41.40 52.47 -16.83
CA ARG K 253 -40.45 51.65 -17.57
C ARG K 253 -40.18 50.35 -16.84
N VAL K 254 -40.05 49.26 -17.58
CA VAL K 254 -39.78 47.96 -16.97
C VAL K 254 -38.36 47.99 -16.43
N ASP K 255 -38.13 47.35 -15.29
CA ASP K 255 -36.79 47.34 -14.71
C ASP K 255 -35.82 46.65 -15.66
N ARG K 256 -34.57 47.08 -15.64
CA ARG K 256 -33.54 46.49 -16.49
C ARG K 256 -33.37 45.00 -16.25
N THR K 257 -33.23 44.60 -14.99
CA THR K 257 -32.88 43.22 -14.67
C THR K 257 -34.04 42.42 -14.10
N ASP K 258 -34.89 43.08 -13.31
CA ASP K 258 -36.06 42.43 -12.70
C ASP K 258 -37.28 42.59 -13.60
N LEU K 259 -37.47 41.62 -14.51
CA LEU K 259 -38.45 41.74 -15.58
C LEU K 259 -39.89 41.63 -15.11
N LYS K 260 -40.08 41.47 -13.79
CA LYS K 260 -41.42 41.42 -13.25
C LYS K 260 -41.65 42.67 -12.40
N LEU K 261 -40.81 43.68 -12.60
CA LEU K 261 -40.96 44.97 -11.96
C LEU K 261 -41.13 46.13 -12.95
N ALA K 262 -42.32 46.69 -13.01
CA ALA K 262 -42.55 47.93 -13.72
C ALA K 262 -42.23 49.09 -12.78
N ARG K 263 -41.53 50.11 -13.30
CA ARG K 263 -41.07 51.25 -12.52
C ARG K 263 -41.67 52.54 -13.01
N VAL K 264 -42.43 53.20 -12.14
CA VAL K 264 -43.06 54.48 -12.48
C VAL K 264 -42.09 55.62 -12.20
N SER K 265 -41.50 56.18 -13.24
CA SER K 265 -40.53 57.24 -13.02
C SER K 265 -41.21 58.56 -12.65
N GLU K 266 -42.48 58.72 -13.03
CA GLU K 266 -43.23 59.93 -12.68
C GLU K 266 -44.75 59.80 -12.97
N LEU K 267 -45.55 60.30 -12.03
CA LEU K 267 -47.00 60.23 -12.19
C LEU K 267 -47.54 61.64 -11.99
N ARG K 268 -48.32 62.11 -12.96
CA ARG K 268 -48.88 63.44 -12.85
C ARG K 268 -50.40 63.37 -12.88
N ALA K 269 -51.02 63.91 -11.83
CA ALA K 269 -52.48 63.91 -11.73
C ALA K 269 -52.93 65.20 -11.10
N VAL K 270 -54.12 65.64 -11.44
CA VAL K 270 -54.66 66.89 -10.88
C VAL K 270 -56.10 66.78 -10.39
N THR K 271 -56.69 65.59 -10.56
CA THR K 271 -57.98 65.29 -9.96
C THR K 271 -57.93 63.91 -9.37
N ALA K 272 -58.74 63.69 -8.34
CA ALA K 272 -58.85 62.36 -7.78
C ALA K 272 -59.17 61.32 -8.85
N ASP K 273 -59.96 61.69 -9.85
CA ASP K 273 -60.36 60.72 -10.87
C ASP K 273 -59.15 60.32 -11.69
N ALA K 274 -58.35 61.30 -12.08
CA ALA K 274 -57.17 61.01 -12.90
C ALA K 274 -56.24 60.07 -12.13
N HIS K 275 -56.00 60.40 -10.86
CA HIS K 275 -55.12 59.63 -10.00
C HIS K 275 -55.57 58.18 -9.92
N CYS K 276 -56.86 57.97 -9.67
CA CYS K 276 -57.38 56.62 -9.58
C CYS K 276 -57.39 55.93 -10.94
N ALA K 277 -57.99 56.58 -11.94
CA ALA K 277 -58.01 56.01 -13.28
C ALA K 277 -56.61 55.53 -13.68
N LEU K 278 -55.60 56.37 -13.44
CA LEU K 278 -54.27 56.03 -13.86
C LEU K 278 -53.82 54.79 -13.11
N TRP K 279 -53.96 54.83 -11.79
CA TRP K 279 -53.59 53.67 -10.99
C TRP K 279 -54.30 52.36 -11.41
N ARG K 280 -55.58 52.45 -11.79
CA ARG K 280 -56.27 51.26 -12.28
C ARG K 280 -55.52 50.67 -13.46
N ALA K 281 -54.98 51.55 -14.28
CA ALA K 281 -54.24 51.15 -15.48
C ALA K 281 -52.90 50.50 -15.13
N LEU K 282 -52.19 51.07 -14.16
CA LEU K 282 -50.95 50.48 -13.69
C LEU K 282 -51.21 49.10 -13.07
N ILE K 283 -52.29 49.00 -12.31
CA ILE K 283 -52.61 47.75 -11.64
C ILE K 283 -52.92 46.69 -12.68
N GLY K 284 -53.31 47.14 -13.88
CA GLY K 284 -53.64 46.24 -14.96
C GLY K 284 -52.45 45.72 -15.77
N LEU K 285 -51.24 46.14 -15.40
CA LEU K 285 -50.06 45.56 -16.00
C LEU K 285 -49.89 44.09 -15.57
N ASP K 286 -50.69 43.23 -16.18
CA ASP K 286 -50.67 41.80 -15.86
C ASP K 286 -49.28 41.20 -16.09
N SER K 287 -48.55 41.74 -17.06
CA SER K 287 -47.22 41.24 -17.37
C SER K 287 -46.23 41.57 -16.27
N MSE K 288 -46.72 42.18 -15.19
CA MSE K 288 -45.87 42.61 -14.10
C MSE K 288 -46.32 42.01 -12.80
O MSE K 288 -47.46 41.54 -12.69
CB MSE K 288 -45.92 44.12 -13.99
CG MSE K 288 -45.48 44.78 -15.30
SE MSE K 288 -43.52 44.87 -15.34
CE MSE K 288 -43.19 43.25 -16.41
N GLU K 289 -45.44 42.04 -11.80
CA GLU K 289 -45.77 41.57 -10.47
C GLU K 289 -45.83 42.75 -9.50
N ARG K 290 -44.82 43.61 -9.58
CA ARG K 290 -44.77 44.80 -8.76
C ARG K 290 -44.74 46.13 -9.54
N ILE K 291 -45.44 47.14 -9.02
CA ILE K 291 -45.34 48.49 -9.57
C ILE K 291 -44.69 49.38 -8.53
N SER K 292 -43.54 49.97 -8.87
CA SER K 292 -42.82 50.84 -7.94
C SER K 292 -42.89 52.30 -8.37
N ILE K 293 -43.02 53.19 -7.40
CA ILE K 293 -43.12 54.62 -7.67
C ILE K 293 -42.71 55.45 -6.47
N ILE K 294 -42.06 56.59 -6.73
CA ILE K 294 -41.66 57.52 -5.68
C ILE K 294 -42.73 58.58 -5.52
N THR K 295 -43.37 58.60 -4.36
CA THR K 295 -44.48 59.50 -4.11
C THR K 295 -44.33 60.24 -2.77
N HIS K 296 -45.39 60.91 -2.33
CA HIS K 296 -45.36 61.60 -1.05
C HIS K 296 -46.15 60.84 0.02
N PRO K 297 -45.85 61.10 1.29
CA PRO K 297 -46.51 60.41 2.41
C PRO K 297 -48.03 60.39 2.34
N GLN K 298 -48.66 61.49 1.97
CA GLN K 298 -50.12 61.49 1.88
C GLN K 298 -50.68 60.98 0.54
N ASP K 299 -49.87 60.26 -0.24
CA ASP K 299 -50.40 59.66 -1.47
C ASP K 299 -51.61 58.80 -1.11
N PRO K 300 -52.79 59.15 -1.65
CA PRO K 300 -54.00 58.39 -1.31
C PRO K 300 -54.08 57.01 -1.95
N LEU K 301 -53.05 56.62 -2.69
CA LEU K 301 -53.08 55.31 -3.34
C LEU K 301 -53.58 54.19 -2.43
N PRO K 302 -52.95 54.01 -1.26
CA PRO K 302 -53.32 52.88 -0.39
C PRO K 302 -54.83 52.74 -0.19
N HIS K 303 -55.50 53.85 0.09
CA HIS K 303 -56.91 53.82 0.45
C HIS K 303 -57.86 53.43 -0.68
N LEU K 304 -57.40 53.57 -1.93
CA LEU K 304 -58.16 53.16 -3.10
C LEU K 304 -58.27 51.64 -3.15
N LEU K 305 -57.38 50.94 -2.46
CA LEU K 305 -57.34 49.49 -2.47
C LEU K 305 -58.20 48.89 -1.35
N THR K 306 -58.47 47.59 -1.44
CA THR K 306 -59.23 46.92 -0.41
C THR K 306 -58.31 46.37 0.66
N ASP K 307 -57.01 46.42 0.40
CA ASP K 307 -56.00 46.04 1.38
C ASP K 307 -54.89 47.09 1.37
N THR K 308 -54.95 48.05 2.29
CA THR K 308 -53.96 49.12 2.38
C THR K 308 -52.53 48.61 2.52
N ARG K 309 -52.37 47.44 3.11
CA ARG K 309 -51.04 46.86 3.29
C ARG K 309 -50.35 46.62 1.95
N LEU K 310 -51.13 46.46 0.88
CA LEU K 310 -50.57 46.20 -0.45
C LEU K 310 -49.63 47.31 -0.95
N ALA K 311 -50.03 48.57 -0.77
CA ALA K 311 -49.18 49.66 -1.20
C ALA K 311 -48.20 49.89 -0.06
N ARG K 312 -47.42 48.85 0.24
CA ARG K 312 -46.44 48.92 1.32
C ARG K 312 -45.25 49.81 1.01
N THR K 313 -44.80 50.55 2.03
CA THR K 313 -43.66 51.44 1.89
C THR K 313 -42.41 50.57 1.79
N THR K 314 -41.47 50.96 0.94
CA THR K 314 -40.25 50.20 0.77
C THR K 314 -39.02 51.08 0.86
N TRP K 315 -39.24 52.35 1.19
CA TRP K 315 -38.18 53.34 1.24
C TRP K 315 -38.78 54.70 1.55
N ARG K 316 -38.15 55.38 2.51
CA ARG K 316 -38.55 56.71 2.94
C ARG K 316 -37.30 57.55 3.15
N GLN K 317 -37.28 58.78 2.63
CA GLN K 317 -36.12 59.62 2.82
C GLN K 317 -36.47 61.09 2.54
N ASP K 318 -35.55 61.97 2.91
CA ASP K 318 -35.69 63.39 2.61
C ASP K 318 -35.52 63.64 1.11
N GLY K 319 -36.34 64.54 0.57
CA GLY K 319 -36.25 64.95 -0.83
C GLY K 319 -35.58 66.30 -0.97
N LEU K 320 -36.40 67.35 -1.00
CA LEU K 320 -35.92 68.70 -1.23
C LEU K 320 -35.60 69.43 0.07
N TRP K 321 -34.44 70.10 0.12
CA TRP K 321 -34.06 70.92 1.28
C TRP K 321 -34.15 72.42 0.98
N LEU K 322 -34.60 73.21 1.94
CA LEU K 322 -34.63 74.66 1.73
C LEU K 322 -33.75 75.42 2.72
N ARG K 323 -33.25 76.55 2.27
CA ARG K 323 -32.60 77.51 3.16
C ARG K 323 -33.38 78.80 3.04
N ILE K 324 -33.99 79.24 4.13
CA ILE K 324 -34.70 80.53 4.12
C ILE K 324 -33.70 81.68 4.15
N MSE K 325 -33.51 82.34 3.02
CA MSE K 325 -32.49 83.38 2.88
C MSE K 325 -32.96 84.65 3.54
O MSE K 325 -32.20 85.31 4.25
CB MSE K 325 -32.21 83.67 1.41
CG MSE K 325 -32.07 82.45 0.54
SE MSE K 325 -30.24 81.84 0.55
CE MSE K 325 -29.38 83.58 0.79
N ASN K 326 -34.22 85.00 3.29
CA ASN K 326 -34.82 86.20 3.85
C ASN K 326 -36.00 85.83 4.71
N VAL K 327 -35.76 85.75 6.01
CA VAL K 327 -36.76 85.20 6.90
C VAL K 327 -38.14 85.83 6.70
N PRO K 328 -38.22 87.18 6.76
CA PRO K 328 -39.52 87.84 6.63
C PRO K 328 -40.13 87.64 5.26
N ALA K 329 -39.34 87.79 4.20
CA ALA K 329 -39.86 87.57 2.86
C ALA K 329 -40.55 86.20 2.78
N ALA K 330 -39.77 85.14 2.95
CA ALA K 330 -40.31 83.78 2.86
C ALA K 330 -41.44 83.39 3.81
N LEU K 331 -41.37 83.76 5.08
CA LEU K 331 -42.46 83.39 5.99
C LEU K 331 -43.78 84.02 5.56
N GLU K 332 -43.71 85.31 5.21
CA GLU K 332 -44.88 86.08 4.77
C GLU K 332 -45.50 85.69 3.43
N ALA K 333 -44.67 85.33 2.46
CA ALA K 333 -45.18 84.94 1.15
C ALA K 333 -46.09 83.71 1.26
N ARG K 334 -45.72 82.78 2.13
CA ARG K 334 -46.48 81.55 2.31
C ARG K 334 -47.86 81.79 2.92
N GLY K 335 -48.77 80.87 2.64
CA GLY K 335 -50.13 80.91 3.16
C GLY K 335 -50.28 79.97 4.34
N TYR K 336 -50.92 80.43 5.41
CA TYR K 336 -51.10 79.62 6.60
C TYR K 336 -52.52 79.08 6.71
N ALA K 337 -52.72 78.13 7.61
CA ALA K 337 -54.01 77.49 7.77
C ALA K 337 -54.99 78.51 8.29
N HIS K 338 -56.20 78.53 7.74
CA HIS K 338 -57.22 79.46 8.22
C HIS K 338 -57.78 78.93 9.52
N GLU K 339 -57.79 77.60 9.62
CA GLU K 339 -58.31 76.88 10.77
C GLU K 339 -57.40 77.01 11.98
N VAL K 340 -56.78 78.17 12.15
CA VAL K 340 -56.06 78.50 13.40
C VAL K 340 -56.32 79.95 13.82
N GLY K 341 -56.55 80.16 15.11
CA GLY K 341 -56.83 81.49 15.62
C GLY K 341 -55.65 82.44 15.50
N GLU K 342 -55.94 83.72 15.33
CA GLU K 342 -54.89 84.73 15.23
C GLU K 342 -54.00 84.76 16.49
N PHE K 343 -52.70 84.97 16.26
CA PHE K 343 -51.72 85.00 17.35
C PHE K 343 -50.42 85.69 16.95
N SER K 344 -49.56 85.86 17.95
CA SER K 344 -48.36 86.65 17.78
C SER K 344 -47.22 85.96 18.46
N THR K 345 -46.01 86.44 18.22
CA THR K 345 -44.85 85.94 18.91
C THR K 345 -43.59 86.57 18.31
N VAL K 346 -42.44 86.22 18.87
CA VAL K 346 -41.17 86.74 18.42
C VAL K 346 -40.30 85.53 18.13
N LEU K 347 -39.73 85.48 16.94
CA LEU K 347 -38.89 84.34 16.62
C LEU K 347 -37.45 84.70 16.31
N GLU K 348 -36.54 84.07 17.05
CA GLU K 348 -35.12 84.28 16.84
C GLU K 348 -34.53 83.12 16.03
N VAL K 349 -34.10 83.41 14.81
CA VAL K 349 -33.34 82.46 14.02
C VAL K 349 -31.88 82.61 14.40
N SER K 350 -31.27 81.53 14.90
CA SER K 350 -29.93 81.64 15.46
C SER K 350 -28.96 82.29 14.47
N ASP K 351 -28.39 83.42 14.86
CA ASP K 351 -27.48 84.17 13.99
C ASP K 351 -28.17 84.58 12.69
N GLY K 352 -29.40 85.06 12.82
CA GLY K 352 -30.17 85.56 11.71
C GLY K 352 -31.15 86.59 12.23
N GLY K 353 -30.96 86.98 13.49
CA GLY K 353 -31.74 88.04 14.10
C GLY K 353 -33.12 87.62 14.58
N ARG K 354 -33.80 88.57 15.20
CA ARG K 354 -35.09 88.33 15.85
C ARG K 354 -36.19 89.02 15.05
N PHE K 355 -37.43 88.58 15.24
CA PHE K 355 -38.54 89.02 14.39
C PHE K 355 -39.86 89.08 15.12
N ALA K 356 -40.72 89.98 14.69
CA ALA K 356 -42.04 90.11 15.30
C ALA K 356 -42.91 89.45 14.25
N LEU K 357 -43.55 88.34 14.62
CA LEU K 357 -44.40 87.64 13.67
C LEU K 357 -45.84 87.51 14.10
N LYS K 358 -46.74 87.92 13.22
CA LYS K 358 -48.17 87.85 13.49
C LYS K 358 -48.83 87.05 12.39
N ILE K 359 -49.61 86.04 12.77
CA ILE K 359 -50.31 85.19 11.81
C ILE K 359 -51.81 85.19 12.05
N GLY K 360 -52.56 85.48 11.00
CA GLY K 360 -54.00 85.53 11.10
C GLY K 360 -54.63 85.56 9.73
N ASP K 361 -55.83 84.99 9.63
CA ASP K 361 -56.55 84.94 8.35
C ASP K 361 -55.69 84.25 7.30
N GLY K 362 -54.96 83.21 7.72
CA GLY K 362 -54.11 82.46 6.83
C GLY K 362 -53.02 83.32 6.22
N ARG K 363 -52.59 84.33 6.96
CA ARG K 363 -51.54 85.23 6.49
C ARG K 363 -50.55 85.53 7.61
N ALA K 364 -49.30 85.82 7.22
CA ALA K 364 -48.25 86.13 8.20
C ALA K 364 -47.60 87.50 8.04
N ARG K 365 -47.47 88.21 9.16
CA ARG K 365 -46.85 89.53 9.22
C ARG K 365 -45.53 89.30 9.92
N CYS K 366 -44.43 89.85 9.40
CA CYS K 366 -43.16 89.61 10.05
C CYS K 366 -42.15 90.74 9.77
N THR K 367 -41.66 91.36 10.84
CA THR K 367 -40.65 92.40 10.73
C THR K 367 -39.56 92.19 11.77
N PRO K 368 -38.37 92.78 11.55
CA PRO K 368 -37.32 92.75 12.57
C PRO K 368 -37.72 93.44 13.89
N THR K 369 -37.15 92.99 15.00
CA THR K 369 -37.52 93.53 16.30
C THR K 369 -36.42 93.25 17.31
N ASP K 370 -36.58 93.75 18.52
CA ASP K 370 -35.55 93.60 19.54
C ASP K 370 -36.12 93.18 20.89
N ALA K 371 -37.38 92.77 20.91
CA ALA K 371 -37.99 92.27 22.15
C ALA K 371 -37.50 90.85 22.41
N ALA K 372 -37.57 90.42 23.66
CA ALA K 372 -37.31 89.04 24.00
C ALA K 372 -37.93 88.14 22.94
N ALA K 373 -37.18 87.12 22.53
CA ALA K 373 -37.74 86.10 21.65
C ALA K 373 -38.60 85.18 22.52
N GLU K 374 -39.66 84.64 21.94
CA GLU K 374 -40.49 83.71 22.67
C GLU K 374 -40.20 82.31 22.14
N ILE K 375 -39.44 82.28 21.05
CA ILE K 375 -39.11 81.04 20.37
C ILE K 375 -37.85 81.15 19.51
N GLU K 376 -36.99 80.14 19.60
CA GLU K 376 -35.70 80.16 18.90
C GLU K 376 -35.44 78.84 18.19
N MSE K 377 -34.66 78.89 17.11
CA MSE K 377 -34.35 77.72 16.30
C MSE K 377 -33.20 78.04 15.38
O MSE K 377 -32.89 79.19 15.15
CB MSE K 377 -35.56 77.33 15.47
CG MSE K 377 -35.94 78.41 14.46
SE MSE K 377 -37.67 78.08 13.64
CE MSE K 377 -38.82 78.68 15.10
N ASP K 378 -32.57 77.01 14.84
CA ASP K 378 -31.58 77.21 13.79
C ASP K 378 -32.24 77.52 12.44
N ARG K 379 -31.50 78.17 11.56
CA ARG K 379 -32.01 78.53 10.23
C ARG K 379 -32.56 77.33 9.46
N ASP K 380 -31.88 76.20 9.52
CA ASP K 380 -32.29 75.03 8.75
C ASP K 380 -33.60 74.47 9.27
N VAL K 381 -33.88 74.73 10.54
CA VAL K 381 -35.09 74.25 11.16
C VAL K 381 -36.31 74.93 10.56
N LEU K 382 -36.18 76.23 10.30
CA LEU K 382 -37.22 77.00 9.64
C LEU K 382 -37.48 76.44 8.26
N GLY K 383 -36.42 75.95 7.63
CA GLY K 383 -36.55 75.37 6.31
C GLY K 383 -37.42 74.14 6.41
N SER K 384 -37.18 73.32 7.43
CA SER K 384 -37.90 72.06 7.53
C SER K 384 -39.38 72.33 7.75
N LEU K 385 -39.67 73.43 8.45
CA LEU K 385 -41.06 73.77 8.75
C LEU K 385 -41.78 74.36 7.55
N TYR K 386 -41.03 74.99 6.66
CA TYR K 386 -41.62 75.92 5.69
C TYR K 386 -42.67 75.34 4.77
N LEU K 387 -42.58 74.05 4.46
CA LEU K 387 -43.54 73.45 3.54
C LEU K 387 -44.53 72.53 4.24
N GLY K 388 -44.60 72.67 5.58
CA GLY K 388 -45.57 71.98 6.39
C GLY K 388 -45.30 70.50 6.51
N ALA K 389 -44.13 70.08 6.07
CA ALA K 389 -43.79 68.65 6.06
C ALA K 389 -43.28 68.15 7.42
N HIS K 390 -42.87 69.05 8.29
CA HIS K 390 -42.45 68.67 9.64
C HIS K 390 -43.12 69.54 10.67
N ARG K 391 -43.49 68.91 11.79
CA ARG K 391 -44.21 69.58 12.84
C ARG K 391 -43.27 70.28 13.81
N ALA K 392 -43.61 71.52 14.12
CA ALA K 392 -42.93 72.26 15.16
C ALA K 392 -42.82 71.39 16.41
N SER K 393 -43.94 70.80 16.83
CA SER K 393 -43.93 70.01 18.06
C SER K 393 -42.87 68.91 18.02
N THR K 394 -42.73 68.27 16.86
CA THR K 394 -41.74 67.21 16.70
C THR K 394 -40.34 67.78 16.85
N LEU K 395 -40.00 68.78 16.05
CA LEU K 395 -38.69 69.38 16.17
C LEU K 395 -38.44 69.93 17.58
N ALA K 396 -39.49 70.38 18.25
CA ALA K 396 -39.37 70.83 19.65
C ALA K 396 -38.98 69.70 20.60
N ALA K 397 -39.54 68.52 20.39
CA ALA K 397 -39.16 67.37 21.19
C ALA K 397 -37.71 66.97 20.94
N ALA K 398 -37.15 67.40 19.81
CA ALA K 398 -35.76 67.14 19.47
C ALA K 398 -34.87 68.26 19.98
N ASN K 399 -35.50 69.17 20.73
CA ASN K 399 -34.85 70.37 21.25
C ASN K 399 -34.29 71.26 20.13
N ARG K 400 -34.63 70.93 18.88
CA ARG K 400 -34.15 71.70 17.74
C ARG K 400 -34.81 73.08 17.71
N LEU K 401 -36.09 73.10 18.08
CA LEU K 401 -36.87 74.34 18.16
C LEU K 401 -37.06 74.54 19.65
N ARG K 402 -36.86 75.75 20.14
CA ARG K 402 -37.02 75.94 21.58
C ARG K 402 -38.00 77.03 21.99
N THR K 403 -38.93 76.69 22.89
CA THR K 403 -39.93 77.62 23.38
C THR K 403 -40.42 77.26 24.80
N LYS K 404 -40.84 78.26 25.56
CA LYS K 404 -41.33 78.06 26.92
C LYS K 404 -42.86 78.08 27.00
N ASP K 405 -43.48 78.25 25.83
CA ASP K 405 -44.92 78.31 25.65
C ASP K 405 -45.41 77.10 24.88
N SER K 406 -45.89 76.09 25.61
CA SER K 406 -46.48 74.89 25.02
C SER K 406 -47.62 75.23 24.03
N GLN K 407 -48.41 76.25 24.34
CA GLN K 407 -49.49 76.69 23.45
C GLN K 407 -48.98 77.21 22.11
N LEU K 408 -47.88 77.94 22.15
CA LEU K 408 -47.27 78.48 20.94
C LEU K 408 -46.90 77.36 19.98
N LEU K 409 -46.37 76.27 20.52
CA LEU K 409 -46.02 75.13 19.69
C LEU K 409 -47.23 74.61 18.94
N ARG K 410 -48.35 74.50 19.64
CA ARG K 410 -49.57 74.00 19.02
C ARG K 410 -50.04 74.92 17.89
N ARG K 411 -49.95 76.22 18.08
CA ARG K 411 -50.34 77.15 17.03
C ARG K 411 -49.43 77.12 15.80
N LEU K 412 -48.13 76.90 15.99
CA LEU K 412 -47.23 76.73 14.86
C LEU K 412 -47.52 75.45 14.08
N ASP K 413 -47.69 74.34 14.78
CA ASP K 413 -48.06 73.09 14.13
C ASP K 413 -49.23 73.35 13.19
N ALA K 414 -50.27 73.97 13.72
CA ALA K 414 -51.50 74.17 12.96
C ALA K 414 -51.31 75.22 11.87
N ALA K 415 -50.60 76.29 12.19
CA ALA K 415 -50.41 77.38 11.24
C ALA K 415 -49.64 76.93 10.00
N PHE K 416 -48.51 76.26 10.21
CA PHE K 416 -47.62 75.92 9.11
C PHE K 416 -48.09 74.74 8.27
N ALA K 417 -49.10 74.02 8.74
CA ALA K 417 -49.53 72.87 7.98
C ALA K 417 -49.92 73.29 6.57
N SER K 418 -49.98 72.35 5.65
CA SER K 418 -50.36 72.66 4.27
C SER K 418 -51.74 72.15 3.91
N ASP K 419 -52.56 73.01 3.32
CA ASP K 419 -53.92 72.62 2.93
C ASP K 419 -53.80 71.50 1.91
N VAL K 420 -52.84 71.65 1.01
CA VAL K 420 -52.58 70.65 -0.03
C VAL K 420 -51.32 70.03 0.50
N PRO K 421 -51.30 68.70 0.62
CA PRO K 421 -50.11 68.01 1.12
C PRO K 421 -48.94 68.25 0.17
N VAL K 422 -47.75 68.43 0.73
CA VAL K 422 -46.55 68.68 -0.06
C VAL K 422 -46.15 67.54 -0.99
N GLN K 423 -45.66 67.92 -2.17
CA GLN K 423 -45.23 66.97 -3.19
C GLN K 423 -43.83 67.35 -3.67
N THR K 424 -43.09 66.37 -4.18
CA THR K 424 -41.74 66.63 -4.66
C THR K 424 -41.74 66.64 -6.17
N ALA K 425 -41.13 67.66 -6.76
CA ALA K 425 -41.22 67.89 -8.20
C ALA K 425 -40.24 67.02 -9.00
N PHE K 426 -38.98 67.39 -8.99
CA PHE K 426 -37.96 66.57 -9.59
C PHE K 426 -36.63 66.93 -8.99
N GLU K 427 -35.71 65.98 -9.01
CA GLU K 427 -34.37 66.17 -8.51
C GLU K 427 -33.57 67.12 -9.42
N PHE K 428 -32.63 67.83 -8.85
CA PHE K 428 -31.76 68.70 -9.63
C PHE K 428 -30.37 68.82 -8.98
N THR L 28 -75.63 21.54 11.28
CA THR L 28 -74.39 21.45 10.52
C THR L 28 -73.19 22.03 11.31
N VAL L 29 -73.26 23.32 11.69
CA VAL L 29 -72.28 23.88 12.63
C VAL L 29 -72.88 24.83 13.68
N THR L 30 -72.27 24.86 14.86
CA THR L 30 -72.79 25.62 16.00
C THR L 30 -71.84 26.71 16.49
N LEU L 31 -72.38 27.91 16.63
CA LEU L 31 -71.61 29.01 17.18
C LEU L 31 -72.15 29.34 18.56
N CYS L 32 -71.26 29.40 19.55
CA CYS L 32 -71.68 29.62 20.94
C CYS L 32 -70.53 30.00 21.87
N SER L 33 -70.80 30.09 23.17
CA SER L 33 -69.71 30.29 24.13
C SER L 33 -69.05 28.97 24.47
N PRO L 34 -67.71 28.96 24.50
CA PRO L 34 -66.99 27.74 24.85
C PRO L 34 -67.33 27.32 26.25
N THR L 35 -67.25 26.02 26.48
CA THR L 35 -67.35 25.46 27.81
C THR L 35 -65.97 24.95 28.16
N GLU L 36 -65.83 24.38 29.36
CA GLU L 36 -64.59 23.77 29.79
C GLU L 36 -64.10 22.75 28.76
N ASP L 37 -65.04 22.01 28.16
CA ASP L 37 -64.71 20.95 27.21
C ASP L 37 -64.02 21.47 25.95
N ASP L 38 -64.14 22.77 25.70
CA ASP L 38 -63.61 23.35 24.47
C ASP L 38 -62.16 23.78 24.57
N TRP L 39 -61.67 24.03 25.78
CA TRP L 39 -60.31 24.57 25.98
C TRP L 39 -59.25 23.89 25.11
N PRO L 40 -59.07 22.58 25.27
CA PRO L 40 -58.13 21.88 24.39
C PRO L 40 -58.35 22.18 22.91
N GLY L 41 -59.57 22.07 22.43
CA GLY L 41 -59.85 22.34 21.03
C GLY L 41 -59.40 23.73 20.59
N MSE L 42 -59.64 24.72 21.45
CA MSE L 42 -59.23 26.11 21.22
C MSE L 42 -57.69 26.19 21.08
O MSE L 42 -57.17 26.74 20.11
CB MSE L 42 -59.71 27.03 22.35
CG MSE L 42 -61.26 27.30 22.38
SE MSE L 42 -62.01 28.33 23.89
CE MSE L 42 -61.89 30.14 23.15
N PHE L 43 -56.98 25.62 22.06
CA PHE L 43 -55.52 25.62 22.06
C PHE L 43 -54.96 25.03 20.80
N LEU L 44 -55.57 23.94 20.33
CA LEU L 44 -55.15 23.32 19.08
C LEU L 44 -55.23 24.32 17.94
N LEU L 45 -56.41 24.90 17.77
CA LEU L 45 -56.63 25.82 16.66
C LEU L 45 -55.70 27.04 16.72
N ALA L 46 -55.44 27.54 17.91
CA ALA L 46 -54.60 28.73 18.09
C ALA L 46 -53.13 28.49 17.70
N ALA L 47 -52.64 27.31 18.02
CA ALA L 47 -51.28 26.92 17.69
C ALA L 47 -51.07 26.71 16.19
N ALA L 48 -52.09 26.18 15.51
CA ALA L 48 -51.99 25.92 14.09
C ALA L 48 -52.20 27.20 13.31
N SER L 49 -52.70 28.22 14.01
CA SER L 49 -53.10 29.44 13.34
C SER L 49 -52.12 30.57 13.56
N PHE L 50 -51.49 30.58 14.75
CA PHE L 50 -50.47 31.58 15.07
C PHE L 50 -49.15 30.90 15.42
N THR L 51 -48.13 31.22 14.64
CA THR L 51 -46.84 30.57 14.75
C THR L 51 -46.16 30.91 16.07
N ASP L 52 -46.67 31.94 16.73
CA ASP L 52 -46.13 32.43 17.99
C ASP L 52 -46.86 31.85 19.21
N PHE L 53 -47.99 31.20 18.99
CA PHE L 53 -48.82 30.72 20.08
C PHE L 53 -48.27 29.50 20.81
N ILE L 54 -48.60 29.41 22.11
CA ILE L 54 -48.37 28.20 22.90
C ILE L 54 -49.22 28.21 24.19
N GLY L 55 -49.77 27.06 24.56
CA GLY L 55 -50.61 26.96 25.74
C GLY L 55 -50.25 27.35 27.15
N PRO L 56 -49.05 27.11 27.63
CA PRO L 56 -48.79 27.51 29.01
C PRO L 56 -48.92 29.02 29.25
N GLU L 57 -48.36 29.86 28.38
CA GLU L 57 -48.44 31.31 28.52
C GLU L 57 -49.78 32.02 28.31
N SER L 58 -50.49 31.66 27.25
CA SER L 58 -51.79 32.27 26.90
C SER L 58 -52.99 32.05 27.84
N ALA L 59 -53.14 30.83 28.32
CA ALA L 59 -54.22 30.44 29.21
C ALA L 59 -54.48 31.56 30.21
N THR L 60 -53.38 32.11 30.74
CA THR L 60 -53.47 33.14 31.76
C THR L 60 -54.06 34.44 31.22
N ALA L 61 -53.69 34.79 29.98
CA ALA L 61 -54.19 36.01 29.38
C ALA L 61 -55.70 35.95 29.22
N TRP L 62 -56.21 34.78 28.86
CA TRP L 62 -57.65 34.60 28.66
C TRP L 62 -58.40 34.64 30.00
N ARG L 63 -58.02 33.75 30.91
CA ARG L 63 -58.69 33.66 32.21
C ARG L 63 -58.94 35.03 32.81
N THR L 64 -57.89 35.83 32.88
CA THR L 64 -57.99 37.16 33.48
C THR L 64 -58.71 38.19 32.61
N LEU L 65 -58.23 38.38 31.39
CA LEU L 65 -58.59 39.58 30.64
C LEU L 65 -59.86 39.46 29.79
N VAL L 66 -60.37 38.25 29.66
CA VAL L 66 -61.55 38.02 28.85
C VAL L 66 -62.79 37.91 29.72
N PRO L 67 -63.74 38.82 29.50
CA PRO L 67 -65.01 38.87 30.21
C PRO L 67 -65.68 37.51 30.16
N THR L 68 -66.56 37.26 31.12
CA THR L 68 -67.50 36.17 31.00
C THR L 68 -68.06 36.42 29.61
N ASP L 69 -68.37 35.36 28.88
CA ASP L 69 -68.92 35.53 27.52
C ASP L 69 -68.21 36.63 26.68
N GLY L 70 -66.90 36.73 26.80
CA GLY L 70 -66.13 37.58 25.92
C GLY L 70 -65.55 36.70 24.82
N ALA L 71 -65.91 35.42 24.87
CA ALA L 71 -65.36 34.42 23.96
C ALA L 71 -66.46 33.69 23.19
N VAL L 72 -66.09 33.15 22.04
CA VAL L 72 -67.06 32.46 21.19
C VAL L 72 -66.33 31.44 20.32
N VAL L 73 -66.93 30.28 20.10
CA VAL L 73 -66.32 29.30 19.22
C VAL L 73 -67.32 28.75 18.23
N VAL L 74 -66.80 28.03 17.25
CA VAL L 74 -67.65 27.37 16.28
C VAL L 74 -67.34 25.90 16.42
N ARG L 75 -68.39 25.08 16.51
CA ARG L 75 -68.21 23.64 16.54
C ARG L 75 -68.85 23.01 15.31
N ASP L 76 -68.29 21.90 14.86
CA ASP L 76 -68.84 21.14 13.74
C ASP L 76 -69.81 20.08 14.24
N GLY L 77 -71.09 20.45 14.33
CA GLY L 77 -72.14 19.52 14.73
C GLY L 77 -72.82 19.77 16.07
N ALA L 78 -73.45 18.74 16.60
CA ALA L 78 -74.10 18.81 17.91
C ALA L 78 -73.71 17.63 18.81
N GLY L 79 -73.68 17.87 20.12
CA GLY L 79 -73.31 16.85 21.08
C GLY L 79 -71.89 17.04 21.60
N PRO L 80 -71.73 17.06 22.94
CA PRO L 80 -70.43 17.35 23.57
C PRO L 80 -69.30 16.51 23.00
N GLY L 81 -68.20 17.16 22.63
CA GLY L 81 -67.09 16.46 21.99
C GLY L 81 -66.92 16.89 20.54
N SER L 82 -67.94 17.56 20.02
CA SER L 82 -67.85 18.21 18.72
C SER L 82 -66.54 18.97 18.66
N GLU L 83 -65.93 19.04 17.50
CA GLU L 83 -64.63 19.67 17.39
C GLU L 83 -64.71 21.19 17.21
N VAL L 84 -63.75 21.90 17.81
CA VAL L 84 -63.61 23.34 17.63
C VAL L 84 -62.89 23.64 16.33
N VAL L 85 -63.50 24.46 15.48
CA VAL L 85 -62.96 24.76 14.17
C VAL L 85 -62.92 26.26 13.95
N GLY L 86 -63.46 27.01 14.91
CA GLY L 86 -63.51 28.47 14.85
C GLY L 86 -63.37 29.06 16.25
N MSE L 87 -62.92 30.31 16.32
CA MSE L 87 -62.69 30.95 17.61
C MSE L 87 -62.38 32.43 17.47
O MSE L 87 -61.77 32.86 16.50
CB MSE L 87 -61.60 30.24 18.42
CG MSE L 87 -60.14 30.53 18.03
SE MSE L 87 -58.94 29.75 19.35
CE MSE L 87 -59.10 31.07 20.74
N ALA L 88 -62.82 33.18 18.47
CA ALA L 88 -62.70 34.62 18.50
C ALA L 88 -63.08 35.07 19.90
N LEU L 89 -62.29 35.97 20.48
CA LEU L 89 -62.66 36.52 21.77
C LEU L 89 -62.34 38.02 21.82
N TYR L 90 -62.74 38.68 22.90
CA TYR L 90 -62.30 40.04 23.13
C TYR L 90 -61.86 40.25 24.56
N MSE L 91 -60.94 41.19 24.74
CA MSE L 91 -60.45 41.48 26.05
C MSE L 91 -61.00 42.79 26.50
O MSE L 91 -61.31 43.66 25.68
CB MSE L 91 -58.94 41.53 26.03
CG MSE L 91 -58.31 40.18 25.83
SE MSE L 91 -56.46 40.45 25.42
CE MSE L 91 -55.89 38.59 25.26
N ASP L 92 -61.10 42.96 27.80
CA ASP L 92 -61.50 44.22 28.41
C ASP L 92 -60.28 45.15 28.55
N LEU L 93 -60.18 46.10 27.62
CA LEU L 93 -59.02 46.99 27.52
C LEU L 93 -59.35 48.45 27.81
N ARG L 94 -58.35 49.22 28.20
CA ARG L 94 -58.52 50.66 28.41
C ARG L 94 -57.62 51.43 27.45
N LEU L 95 -58.24 52.17 26.54
CA LEU L 95 -57.52 52.93 25.51
C LEU L 95 -57.56 54.44 25.79
N THR L 96 -56.39 55.09 25.78
CA THR L 96 -56.34 56.55 25.86
C THR L 96 -56.62 57.15 24.50
N VAL L 97 -57.37 58.25 24.47
CA VAL L 97 -57.70 58.91 23.22
C VAL L 97 -57.33 60.38 23.33
N PRO L 98 -57.32 61.12 22.20
CA PRO L 98 -56.95 62.53 22.29
C PRO L 98 -57.73 63.22 23.41
N GLY L 99 -57.02 63.98 24.24
CA GLY L 99 -57.63 64.68 25.34
C GLY L 99 -57.26 64.00 26.63
N GLU L 100 -56.39 62.99 26.51
CA GLU L 100 -55.98 62.13 27.62
C GLU L 100 -57.16 61.40 28.28
N VAL L 101 -58.26 61.25 27.54
CA VAL L 101 -59.43 60.48 27.96
C VAL L 101 -59.21 58.96 27.85
N VAL L 102 -59.72 58.20 28.82
CA VAL L 102 -59.61 56.74 28.74
C VAL L 102 -60.95 56.04 28.52
N LEU L 103 -61.02 55.25 27.45
CA LEU L 103 -62.24 54.58 27.03
C LEU L 103 -62.12 53.10 27.25
N PRO L 104 -63.17 52.49 27.82
CA PRO L 104 -63.20 51.02 27.88
C PRO L 104 -63.36 50.54 26.44
N THR L 105 -62.69 49.46 26.09
CA THR L 105 -62.67 49.09 24.70
C THR L 105 -62.45 47.61 24.51
N ALA L 106 -63.20 47.04 23.57
CA ALA L 106 -63.16 45.61 23.36
C ALA L 106 -62.05 45.28 22.38
N GLY L 107 -61.06 44.56 22.87
CA GLY L 107 -59.96 44.13 22.03
C GLY L 107 -60.13 42.71 21.55
N LEU L 108 -60.58 42.58 20.30
CA LEU L 108 -60.63 41.28 19.63
C LEU L 108 -59.24 40.63 19.53
N SER L 109 -59.17 39.33 19.78
CA SER L 109 -57.96 38.57 19.44
C SER L 109 -58.21 37.07 19.39
N PHE L 110 -57.16 36.33 19.04
CA PHE L 110 -57.24 34.89 18.83
C PHE L 110 -58.43 34.47 17.96
N VAL L 111 -58.62 35.23 16.90
CA VAL L 111 -59.59 34.94 15.86
C VAL L 111 -58.97 33.96 14.87
N ALA L 112 -59.64 32.83 14.69
CA ALA L 112 -59.14 31.79 13.79
C ALA L 112 -60.26 30.89 13.32
N VAL L 113 -60.24 30.59 12.02
CA VAL L 113 -61.07 29.53 11.50
C VAL L 113 -60.12 28.48 10.94
N ALA L 114 -60.45 27.21 11.16
CA ALA L 114 -59.65 26.08 10.69
C ALA L 114 -59.56 25.97 9.15
N PRO L 115 -58.42 25.49 8.64
CA PRO L 115 -58.26 25.41 7.18
C PRO L 115 -59.33 24.50 6.60
N THR L 116 -59.92 23.69 7.46
CA THR L 116 -60.94 22.75 7.04
C THR L 116 -62.31 23.44 6.83
N HIS L 117 -62.46 24.66 7.35
CA HIS L 117 -63.76 25.37 7.34
C HIS L 117 -63.66 26.83 6.89
N ARG L 118 -62.54 27.17 6.27
CA ARG L 118 -62.33 28.52 5.75
C ARG L 118 -63.33 28.89 4.63
N ARG L 119 -63.70 30.17 4.61
CA ARG L 119 -64.56 30.72 3.57
C ARG L 119 -65.98 30.15 3.57
N ARG L 120 -66.56 29.91 4.74
CA ARG L 120 -67.97 29.56 4.78
C ARG L 120 -68.74 30.58 5.61
N GLY L 121 -68.04 31.63 6.03
CA GLY L 121 -68.69 32.79 6.60
C GLY L 121 -68.56 32.78 8.10
N LEU L 122 -67.71 31.88 8.59
CA LEU L 122 -67.56 31.66 10.02
C LEU L 122 -67.06 32.90 10.74
N LEU L 123 -66.12 33.61 10.13
CA LEU L 123 -65.61 34.84 10.72
C LEU L 123 -66.69 35.90 10.77
N ARG L 124 -67.38 36.06 9.65
CA ARG L 124 -68.51 36.99 9.59
C ARG L 124 -69.45 36.70 10.76
N ALA L 125 -69.66 35.42 11.04
CA ALA L 125 -70.58 34.97 12.08
C ALA L 125 -70.17 35.39 13.49
N MSE L 126 -68.93 35.07 13.83
CA MSE L 126 -68.35 35.38 15.13
C MSE L 126 -68.31 36.88 15.40
O MSE L 126 -68.68 37.33 16.49
CB MSE L 126 -66.94 34.80 15.20
CG MSE L 126 -66.90 33.31 14.95
SE MSE L 126 -65.29 32.48 15.59
CE MSE L 126 -64.06 33.12 14.23
N CYS L 127 -67.89 37.66 14.41
CA CYS L 127 -67.84 39.11 14.53
C CYS L 127 -69.22 39.64 14.79
N ALA L 128 -70.16 39.29 13.93
CA ALA L 128 -71.55 39.69 14.14
C ALA L 128 -72.02 39.49 15.61
N GLU L 129 -71.68 38.34 16.21
CA GLU L 129 -72.08 38.03 17.58
C GLU L 129 -71.25 38.77 18.63
N LEU L 130 -69.92 38.68 18.52
CA LEU L 130 -69.07 39.38 19.46
C LEU L 130 -69.44 40.85 19.44
N HIS L 131 -69.75 41.39 18.27
CA HIS L 131 -70.13 42.79 18.20
C HIS L 131 -71.43 43.03 18.99
N ARG L 132 -72.42 42.15 18.86
CA ARG L 132 -73.65 42.37 19.61
C ARG L 132 -73.35 42.35 21.11
N ARG L 133 -72.60 41.33 21.50
CA ARG L 133 -72.15 41.21 22.86
C ARG L 133 -71.40 42.48 23.29
N ILE L 134 -70.61 43.01 22.38
CA ILE L 134 -69.75 44.13 22.74
C ILE L 134 -70.59 45.39 22.95
N ALA L 135 -71.60 45.55 22.09
CA ALA L 135 -72.45 46.71 22.15
C ALA L 135 -73.34 46.59 23.39
N ASP L 136 -73.83 45.40 23.65
CA ASP L 136 -74.74 45.21 24.75
C ASP L 136 -74.04 45.53 26.08
N SER L 137 -72.72 45.37 26.11
CA SER L 137 -71.97 45.68 27.32
C SER L 137 -71.64 47.16 27.45
N GLY L 138 -71.99 47.96 26.43
CA GLY L 138 -71.80 49.39 26.43
C GLY L 138 -70.48 49.93 25.86
N TYR L 139 -69.62 49.05 25.38
CA TYR L 139 -68.35 49.48 24.81
C TYR L 139 -68.55 50.47 23.64
N PRO L 140 -68.00 51.67 23.77
CA PRO L 140 -68.19 52.63 22.67
C PRO L 140 -67.21 52.39 21.52
N VAL L 141 -66.14 51.62 21.76
CA VAL L 141 -65.24 51.23 20.67
C VAL L 141 -64.68 49.80 20.82
N ALA L 142 -64.33 49.19 19.68
CA ALA L 142 -63.60 47.93 19.68
C ALA L 142 -62.28 48.11 18.94
N ALA L 143 -61.32 47.22 19.18
CA ALA L 143 -60.00 47.35 18.57
C ALA L 143 -59.38 45.99 18.29
N LEU L 144 -58.42 45.96 17.37
CA LEU L 144 -57.71 44.74 17.03
C LEU L 144 -56.42 45.05 16.28
N HIS L 145 -55.52 44.07 16.23
CA HIS L 145 -54.43 44.11 15.26
C HIS L 145 -54.74 43.06 14.22
N ALA L 146 -54.41 43.35 12.98
CA ALA L 146 -54.79 42.48 11.87
C ALA L 146 -53.61 41.68 11.32
N SER L 147 -53.79 40.37 11.22
CA SER L 147 -52.76 39.49 10.67
C SER L 147 -52.52 39.84 9.20
N GLU L 148 -53.60 40.14 8.48
CA GLU L 148 -53.56 40.63 7.11
C GLU L 148 -54.43 41.88 7.02
N GLY L 149 -54.19 42.73 6.02
CA GLY L 149 -54.80 44.06 6.02
C GLY L 149 -56.08 44.20 5.21
N GLY L 150 -56.58 43.11 4.66
CA GLY L 150 -57.77 43.19 3.84
C GLY L 150 -58.97 42.51 4.47
N ILE L 151 -58.83 42.12 5.73
CA ILE L 151 -59.84 41.34 6.43
C ILE L 151 -60.89 42.22 7.05
N TYR L 152 -60.48 43.12 7.95
CA TYR L 152 -61.41 43.75 8.87
C TYR L 152 -62.13 45.02 8.39
N GLY L 153 -61.66 45.61 7.29
CA GLY L 153 -62.33 46.76 6.71
C GLY L 153 -63.83 46.54 6.58
N ARG L 154 -64.22 45.32 6.16
CA ARG L 154 -65.62 44.98 5.89
C ARG L 154 -66.48 44.93 7.14
N PHE L 155 -65.83 44.70 8.28
CA PHE L 155 -66.54 44.53 9.52
C PHE L 155 -66.63 45.84 10.31
N GLY L 156 -66.10 46.92 9.75
CA GLY L 156 -66.22 48.24 10.34
C GLY L 156 -64.97 48.74 11.00
N TYR L 157 -63.90 47.96 10.94
CA TYR L 157 -62.65 48.34 11.56
C TYR L 157 -61.80 49.07 10.54
N GLY L 158 -61.25 50.23 10.95
CA GLY L 158 -60.36 51.03 10.13
C GLY L 158 -59.04 51.28 10.85
N PRO L 159 -57.90 51.14 10.15
CA PRO L 159 -56.58 51.26 10.77
C PRO L 159 -56.41 52.64 11.41
N ALA L 160 -55.94 52.64 12.65
CA ALA L 160 -56.08 53.85 13.46
C ALA L 160 -54.75 54.34 14.03
N THR L 161 -53.68 53.62 13.72
CA THR L 161 -52.34 54.04 14.09
C THR L 161 -51.38 53.52 13.04
N THR L 162 -50.17 54.07 13.03
CA THR L 162 -49.17 53.70 12.04
C THR L 162 -47.86 53.31 12.66
N LEU L 163 -47.41 52.09 12.37
CA LEU L 163 -46.11 51.64 12.86
C LEU L 163 -45.03 51.97 11.84
N HIS L 164 -43.88 52.42 12.36
CA HIS L 164 -42.67 52.55 11.56
C HIS L 164 -41.59 51.68 12.21
N GLU L 165 -40.94 50.80 11.45
CA GLU L 165 -39.67 50.28 11.94
C GLU L 165 -38.53 51.18 11.46
N LEU L 166 -37.71 51.59 12.44
CA LEU L 166 -36.53 52.41 12.22
C LEU L 166 -35.31 51.52 12.40
N THR L 167 -34.47 51.46 11.39
CA THR L 167 -33.18 50.81 11.55
C THR L 167 -32.15 51.93 11.54
N VAL L 168 -31.35 52.03 12.59
CA VAL L 168 -30.29 53.03 12.62
C VAL L 168 -28.90 52.42 12.67
N ASP L 169 -28.10 52.75 11.66
CA ASP L 169 -26.69 52.42 11.64
C ASP L 169 -26.01 53.21 12.76
N ARG L 170 -25.70 52.55 13.88
CA ARG L 170 -25.21 53.30 15.02
C ARG L 170 -23.73 53.65 14.92
N ARG L 171 -23.06 53.13 13.90
CA ARG L 171 -21.63 53.38 13.75
C ARG L 171 -21.35 54.79 13.26
N PHE L 172 -22.34 55.41 12.64
CA PHE L 172 -22.20 56.78 12.15
C PHE L 172 -23.01 57.81 12.94
N ALA L 173 -23.92 57.35 13.80
CA ALA L 173 -24.80 58.25 14.53
C ALA L 173 -24.08 59.20 15.48
N ARG L 174 -24.26 60.50 15.26
CA ARG L 174 -23.71 61.51 16.15
C ARG L 174 -24.83 62.46 16.54
N PHE L 175 -24.89 62.85 17.80
CA PHE L 175 -25.97 63.73 18.23
C PHE L 175 -25.79 65.21 17.86
N HIS L 176 -26.87 65.81 17.40
CA HIS L 176 -26.86 67.22 17.06
C HIS L 176 -26.57 68.02 18.32
N ALA L 177 -25.74 69.04 18.16
CA ALA L 177 -25.50 70.00 19.22
C ALA L 177 -26.79 70.27 20.03
N ASP L 178 -27.87 70.62 19.35
CA ASP L 178 -29.11 70.99 20.04
C ASP L 178 -29.67 69.86 20.89
N ALA L 179 -29.39 68.62 20.51
CA ALA L 179 -30.04 67.47 21.15
C ALA L 179 -29.96 67.58 22.67
N PRO L 180 -31.05 67.26 23.36
CA PRO L 180 -31.00 67.31 24.84
C PRO L 180 -29.88 66.45 25.42
N GLY L 181 -29.43 66.76 26.63
CA GLY L 181 -28.39 65.99 27.28
C GLY L 181 -27.05 66.71 27.24
N SER L 187 -26.13 58.34 30.75
CA SER L 187 -25.47 58.57 32.05
C SER L 187 -26.50 58.75 33.16
N SER L 188 -27.63 59.31 32.76
CA SER L 188 -28.82 59.38 33.59
C SER L 188 -29.50 58.04 33.55
N VAL L 189 -29.14 57.24 32.55
CA VAL L 189 -29.73 55.91 32.39
C VAL L 189 -28.78 54.81 32.80
N ARG L 190 -29.35 53.74 33.33
CA ARG L 190 -28.55 52.60 33.78
C ARG L 190 -28.94 51.38 32.98
N LEU L 191 -27.97 50.53 32.69
CA LEU L 191 -28.24 49.24 32.08
C LEU L 191 -28.47 48.21 33.18
N VAL L 192 -29.67 47.64 33.21
CA VAL L 192 -30.06 46.79 34.32
C VAL L 192 -30.71 45.52 33.85
N ARG L 193 -31.02 44.63 34.79
CA ARG L 193 -31.85 43.46 34.49
C ARG L 193 -33.32 43.83 34.58
N PRO L 194 -34.08 43.51 33.53
CA PRO L 194 -35.50 43.86 33.50
C PRO L 194 -36.29 43.30 34.70
N THR L 195 -35.96 42.10 35.19
CA THR L 195 -36.76 41.47 36.25
C THR L 195 -36.49 42.10 37.60
N GLU L 196 -35.39 42.83 37.71
CA GLU L 196 -35.06 43.46 38.97
C GLU L 196 -35.67 44.86 39.09
N HIS L 197 -36.41 45.29 38.07
CA HIS L 197 -36.96 46.63 38.09
C HIS L 197 -38.40 46.70 37.62
N ARG L 198 -39.20 45.72 38.02
CA ARG L 198 -40.56 45.58 37.53
C ARG L 198 -41.46 46.76 37.89
N GLY L 199 -41.52 47.10 39.17
CA GLY L 199 -42.29 48.27 39.61
C GLY L 199 -41.90 49.57 38.92
N GLU L 200 -40.59 49.81 38.77
CA GLU L 200 -40.13 50.99 38.03
C GLU L 200 -40.73 51.03 36.61
N PHE L 201 -40.76 49.89 35.93
CA PHE L 201 -41.34 49.81 34.58
C PHE L 201 -42.84 50.06 34.59
N GLU L 202 -43.56 49.37 35.47
CA GLU L 202 -45.01 49.50 35.45
C GLU L 202 -45.35 50.96 35.65
N ALA L 203 -44.62 51.59 36.57
CA ALA L 203 -44.87 52.97 36.90
C ALA L 203 -44.61 53.89 35.69
N ILE L 204 -43.43 53.75 35.08
CA ILE L 204 -43.10 54.57 33.94
C ILE L 204 -44.07 54.31 32.81
N TYR L 205 -44.42 53.04 32.60
CA TYR L 205 -45.43 52.70 31.60
C TYR L 205 -46.77 53.39 31.90
N GLU L 206 -47.17 53.31 33.16
CA GLU L 206 -48.49 53.77 33.54
C GLU L 206 -48.65 55.26 33.34
N ARG L 207 -47.56 56.01 33.50
CA ARG L 207 -47.58 57.44 33.17
C ARG L 207 -47.69 57.57 31.66
N TRP L 208 -46.81 56.87 30.96
CA TRP L 208 -46.83 56.87 29.52
C TRP L 208 -48.19 56.56 28.95
N ARG L 209 -48.86 55.52 29.42
CA ARG L 209 -50.09 55.11 28.73
C ARG L 209 -51.27 56.05 28.95
N GLN L 210 -51.14 57.00 29.87
CA GLN L 210 -52.24 57.92 30.17
C GLN L 210 -52.16 59.26 29.41
N GLN L 211 -50.99 59.57 28.87
CA GLN L 211 -50.77 60.84 28.19
C GLN L 211 -50.64 60.64 26.67
N VAL L 212 -50.71 59.40 26.21
CA VAL L 212 -50.46 59.07 24.81
C VAL L 212 -51.67 58.44 24.14
N PRO L 213 -52.30 59.18 23.21
CA PRO L 213 -53.37 58.55 22.44
C PRO L 213 -52.85 57.23 21.90
N GLY L 214 -53.52 56.12 22.19
CA GLY L 214 -53.12 54.81 21.68
C GLY L 214 -52.62 53.98 22.83
N GLY L 215 -52.42 54.63 23.97
CA GLY L 215 -52.01 53.94 25.19
C GLY L 215 -53.04 52.94 25.69
N LEU L 216 -52.55 51.88 26.29
CA LEU L 216 -53.38 50.83 26.87
C LEU L 216 -52.91 50.49 28.27
N LEU L 217 -53.84 50.33 29.19
CA LEU L 217 -53.47 49.82 30.51
C LEU L 217 -52.80 48.47 30.33
N ARG L 218 -51.67 48.25 31.01
CA ARG L 218 -51.05 46.94 30.98
C ARG L 218 -51.33 46.21 32.30
N PRO L 219 -52.24 45.24 32.28
CA PRO L 219 -52.62 44.53 33.51
C PRO L 219 -51.47 43.66 34.00
N GLN L 220 -51.42 43.42 35.31
CA GLN L 220 -50.34 42.61 35.87
C GLN L 220 -50.00 41.37 35.03
N VAL L 221 -51.01 40.70 34.50
CA VAL L 221 -50.75 39.43 33.85
C VAL L 221 -49.87 39.64 32.62
N LEU L 222 -50.07 40.78 31.95
CA LEU L 222 -49.24 41.15 30.81
C LEU L 222 -47.82 41.46 31.27
N TRP L 223 -47.69 42.14 32.40
CA TRP L 223 -46.40 42.34 33.02
C TRP L 223 -45.70 41.02 33.37
N ASP L 224 -46.46 40.02 33.80
CA ASP L 224 -45.90 38.69 34.05
C ASP L 224 -45.28 38.17 32.76
N GLU L 225 -46.11 38.10 31.72
CA GLU L 225 -45.70 37.63 30.42
C GLU L 225 -44.50 38.41 29.85
N LEU L 226 -44.56 39.74 29.94
CA LEU L 226 -43.49 40.59 29.43
C LEU L 226 -42.12 40.24 30.05
N LEU L 227 -42.07 40.14 31.36
CA LEU L 227 -40.82 39.82 32.06
C LEU L 227 -40.36 38.40 31.80
N ALA L 228 -41.31 37.49 31.65
CA ALA L 228 -41.00 36.09 31.44
C ALA L 228 -40.39 35.88 30.06
N GLU L 229 -40.77 36.72 29.12
CA GLU L 229 -40.18 36.66 27.79
C GLU L 229 -38.82 37.37 27.74
N CYS L 230 -38.25 37.66 28.89
CA CYS L 230 -36.97 38.34 28.92
C CYS L 230 -35.85 37.37 29.21
N LYS L 231 -36.22 36.17 29.66
CA LYS L 231 -35.24 35.14 29.97
C LYS L 231 -34.87 34.39 28.70
N ALA L 232 -33.59 34.12 28.52
CA ALA L 232 -33.11 33.46 27.31
C ALA L 232 -33.78 32.12 27.09
N ALA L 233 -33.93 31.75 25.83
CA ALA L 233 -34.47 30.46 25.48
C ALA L 233 -33.49 29.78 24.53
N PRO L 234 -32.99 28.60 24.94
CA PRO L 234 -32.08 27.82 24.09
C PRO L 234 -32.76 27.50 22.77
N GLY L 235 -32.19 28.00 21.67
CA GLY L 235 -32.77 27.85 20.35
C GLY L 235 -33.52 29.11 19.96
N GLY L 236 -34.09 29.78 20.97
CA GLY L 236 -34.92 30.94 20.75
C GLY L 236 -34.23 32.27 20.92
N ASP L 237 -35.02 33.30 21.20
CA ASP L 237 -34.48 34.62 21.51
C ASP L 237 -33.45 34.61 22.65
N ARG L 238 -32.62 35.64 22.69
CA ARG L 238 -31.64 35.81 23.75
C ARG L 238 -32.20 36.62 24.90
N GLU L 239 -31.42 36.67 25.97
CA GLU L 239 -31.81 37.42 27.16
C GLU L 239 -32.11 38.85 26.74
N SER L 240 -33.16 39.45 27.29
CA SER L 240 -33.38 40.86 27.11
C SER L 240 -32.67 41.65 28.22
N PHE L 241 -32.20 42.84 27.90
CA PHE L 241 -31.70 43.76 28.90
C PHE L 241 -32.49 45.04 28.78
N ALA L 242 -32.43 45.85 29.81
CA ALA L 242 -33.15 47.10 29.82
C ALA L 242 -32.21 48.28 30.00
N LEU L 243 -32.68 49.45 29.54
CA LEU L 243 -32.03 50.69 29.80
C LEU L 243 -33.07 51.50 30.51
N LEU L 244 -32.74 51.91 31.73
CA LEU L 244 -33.67 52.56 32.64
C LEU L 244 -33.27 53.98 33.00
N HIS L 245 -34.22 54.89 32.85
CA HIS L 245 -34.05 56.29 33.15
C HIS L 245 -35.22 56.63 34.05
N PRO L 246 -35.06 57.59 34.96
CA PRO L 246 -36.18 57.95 35.85
C PRO L 246 -37.50 58.07 35.12
N ASP L 247 -37.48 58.68 33.94
CA ASP L 247 -38.69 58.98 33.19
C ASP L 247 -38.87 58.13 31.93
N GLY L 248 -38.14 57.03 31.81
CA GLY L 248 -38.28 56.20 30.62
C GLY L 248 -37.45 54.95 30.62
N TYR L 249 -37.76 54.02 29.74
CA TYR L 249 -37.00 52.78 29.66
C TYR L 249 -37.07 52.14 28.29
N ALA L 250 -36.18 51.19 28.06
CA ALA L 250 -36.15 50.45 26.80
C ALA L 250 -35.76 48.98 27.00
N LEU L 251 -36.45 48.11 26.30
CA LEU L 251 -36.16 46.69 26.37
C LEU L 251 -35.61 46.23 25.02
N TYR L 252 -34.46 45.58 25.05
CA TYR L 252 -33.82 45.15 23.81
C TYR L 252 -33.13 43.81 23.98
N ARG L 253 -32.81 43.19 22.85
CA ARG L 253 -32.07 41.93 22.84
C ARG L 253 -31.27 41.83 21.53
N VAL L 254 -30.10 41.20 21.58
CA VAL L 254 -29.39 40.94 20.34
C VAL L 254 -30.17 39.91 19.51
N ASP L 255 -30.28 40.14 18.20
CA ASP L 255 -31.01 39.21 17.32
C ASP L 255 -30.41 37.79 17.35
N ARG L 256 -31.23 36.77 17.13
CA ARG L 256 -30.82 35.35 17.26
C ARG L 256 -29.70 34.95 16.31
N THR L 257 -29.78 35.48 15.09
CA THR L 257 -28.86 35.13 14.00
C THR L 257 -28.08 36.32 13.46
N ASP L 258 -28.66 37.52 13.49
CA ASP L 258 -27.86 38.72 13.21
C ASP L 258 -27.19 39.23 14.49
N LEU L 259 -25.93 38.84 14.70
CA LEU L 259 -25.26 39.12 15.95
C LEU L 259 -24.77 40.54 16.02
N LYS L 260 -25.02 41.30 14.96
CA LYS L 260 -24.61 42.70 14.88
C LYS L 260 -25.82 43.62 14.92
N LEU L 261 -26.99 43.05 15.19
CA LEU L 261 -28.26 43.78 15.27
C LEU L 261 -28.89 43.71 16.66
N ALA L 262 -29.20 44.86 17.26
CA ALA L 262 -29.94 44.86 18.51
C ALA L 262 -31.39 45.25 18.24
N ARG L 263 -32.33 44.49 18.79
CA ARG L 263 -33.76 44.78 18.63
C ARG L 263 -34.40 45.33 19.92
N VAL L 264 -34.92 46.55 19.83
CA VAL L 264 -35.71 47.13 20.91
C VAL L 264 -37.16 46.67 20.84
N SER L 265 -37.52 45.73 21.70
CA SER L 265 -38.90 45.25 21.74
C SER L 265 -39.86 46.33 22.24
N GLU L 266 -39.36 47.24 23.05
CA GLU L 266 -40.19 48.26 23.64
C GLU L 266 -39.38 49.45 24.14
N LEU L 267 -39.91 50.65 23.95
CA LEU L 267 -39.32 51.86 24.51
C LEU L 267 -40.45 52.82 24.86
N ARG L 268 -40.43 53.34 26.08
CA ARG L 268 -41.49 54.18 26.59
C ARG L 268 -40.86 55.38 27.27
N ALA L 269 -41.09 56.58 26.76
CA ALA L 269 -40.58 57.76 27.45
C ALA L 269 -41.68 58.78 27.67
N VAL L 270 -41.63 59.49 28.79
CA VAL L 270 -42.67 60.44 29.11
C VAL L 270 -42.12 61.83 29.01
N THR L 271 -40.81 61.95 28.88
CA THR L 271 -40.21 63.25 28.58
C THR L 271 -39.28 63.16 27.39
N ALA L 272 -39.07 64.29 26.75
CA ALA L 272 -38.10 64.37 25.67
C ALA L 272 -36.70 64.12 26.23
N ASP L 273 -36.47 64.44 27.48
CA ASP L 273 -35.14 64.23 28.04
C ASP L 273 -34.82 62.76 28.13
N ALA L 274 -35.84 61.97 28.46
CA ALA L 274 -35.64 60.55 28.71
C ALA L 274 -35.50 59.77 27.43
N HIS L 275 -36.32 60.12 26.46
CA HIS L 275 -36.31 59.54 25.13
C HIS L 275 -34.91 59.63 24.51
N CYS L 276 -34.31 60.81 24.62
CA CYS L 276 -33.01 61.08 24.05
C CYS L 276 -31.86 60.44 24.86
N ALA L 277 -32.03 60.32 26.17
CA ALA L 277 -31.02 59.70 26.99
C ALA L 277 -30.94 58.21 26.66
N LEU L 278 -32.11 57.65 26.39
CA LEU L 278 -32.22 56.24 26.06
C LEU L 278 -31.62 55.98 24.69
N TRP L 279 -31.73 56.95 23.79
CA TRP L 279 -31.16 56.81 22.45
C TRP L 279 -29.67 57.10 22.45
N ARG L 280 -29.22 58.01 23.31
CA ARG L 280 -27.79 58.20 23.46
C ARG L 280 -27.13 56.88 23.89
N ALA L 281 -27.85 56.10 24.68
CA ALA L 281 -27.31 54.85 25.20
C ALA L 281 -27.48 53.73 24.20
N LEU L 282 -28.66 53.60 23.64
CA LEU L 282 -28.88 52.60 22.63
C LEU L 282 -27.76 52.70 21.61
N ILE L 283 -27.60 53.89 21.04
CA ILE L 283 -26.54 54.17 20.08
C ILE L 283 -25.16 53.80 20.65
N GLY L 284 -25.00 53.86 21.96
CA GLY L 284 -23.74 53.52 22.60
C GLY L 284 -23.42 52.03 22.63
N LEU L 285 -24.31 51.20 22.10
CA LEU L 285 -24.08 49.75 22.04
C LEU L 285 -22.93 49.41 21.13
N ASP L 286 -21.69 49.57 21.62
CA ASP L 286 -20.51 49.52 20.77
C ASP L 286 -20.33 48.25 19.95
N SER L 287 -20.90 47.16 20.42
CA SER L 287 -20.72 45.87 19.76
C SER L 287 -21.78 45.61 18.69
N MSE L 288 -22.69 46.58 18.50
CA MSE L 288 -23.73 46.49 17.50
C MSE L 288 -23.42 47.33 16.27
O MSE L 288 -22.73 48.35 16.35
CB MSE L 288 -25.06 46.99 18.07
CG MSE L 288 -25.66 46.20 19.24
SE MSE L 288 -26.08 44.35 18.79
CE MSE L 288 -24.44 43.54 19.47
N GLU L 289 -23.95 46.91 15.13
CA GLU L 289 -23.91 47.74 13.93
C GLU L 289 -25.22 48.48 13.82
N ARG L 290 -26.31 47.76 14.09
CA ARG L 290 -27.65 48.30 13.87
C ARG L 290 -28.59 48.20 15.08
N ILE L 291 -29.39 49.24 15.28
CA ILE L 291 -30.51 49.17 16.21
C ILE L 291 -31.80 49.33 15.44
N SER L 292 -32.81 48.55 15.84
CA SER L 292 -34.09 48.55 15.14
C SER L 292 -35.18 48.58 16.18
N ILE L 293 -36.31 49.18 15.83
CA ILE L 293 -37.39 49.38 16.77
C ILE L 293 -38.68 49.63 16.01
N ILE L 294 -39.81 49.22 16.60
CA ILE L 294 -41.10 49.65 16.09
C ILE L 294 -41.53 50.90 16.83
N THR L 295 -41.64 52.01 16.10
CA THR L 295 -42.12 53.25 16.69
C THR L 295 -43.18 53.95 15.82
N HIS L 296 -43.42 55.22 16.11
CA HIS L 296 -44.47 55.98 15.43
C HIS L 296 -43.89 57.02 14.51
N PRO L 297 -44.70 57.49 13.56
CA PRO L 297 -44.22 58.36 12.49
C PRO L 297 -43.62 59.68 12.97
N GLN L 298 -44.11 60.20 14.10
CA GLN L 298 -43.66 61.50 14.62
C GLN L 298 -42.53 61.36 15.62
N ASP L 299 -41.91 60.17 15.64
CA ASP L 299 -40.76 59.87 16.50
C ASP L 299 -39.63 60.83 16.18
N PRO L 300 -39.24 61.64 17.16
CA PRO L 300 -38.27 62.69 16.90
C PRO L 300 -36.83 62.19 16.91
N LEU L 301 -36.60 60.89 16.79
CA LEU L 301 -35.22 60.40 16.82
C LEU L 301 -34.37 61.02 15.72
N PRO L 302 -34.83 60.90 14.45
CA PRO L 302 -34.07 61.40 13.30
C PRO L 302 -33.50 62.79 13.58
N HIS L 303 -34.36 63.67 14.09
CA HIS L 303 -34.00 65.06 14.33
C HIS L 303 -32.98 65.26 15.43
N LEU L 304 -32.77 64.23 16.25
CA LEU L 304 -31.79 64.24 17.33
C LEU L 304 -30.38 63.95 16.85
N LEU L 305 -30.25 63.61 15.57
CA LEU L 305 -28.99 63.23 14.99
C LEU L 305 -28.49 64.28 14.02
N THR L 306 -27.21 64.28 13.74
CA THR L 306 -26.67 65.18 12.72
C THR L 306 -27.04 64.71 11.32
N ASP L 307 -27.28 63.40 11.17
CA ASP L 307 -27.68 62.83 9.88
C ASP L 307 -29.05 62.14 10.00
N THR L 308 -30.11 62.86 9.63
CA THR L 308 -31.47 62.32 9.78
C THR L 308 -31.59 61.01 9.03
N ARG L 309 -30.90 60.91 7.90
CA ARG L 309 -30.96 59.70 7.08
C ARG L 309 -30.53 58.44 7.82
N LEU L 310 -29.92 58.57 8.99
CA LEU L 310 -29.44 57.39 9.68
C LEU L 310 -30.57 56.64 10.37
N ALA L 311 -31.66 57.34 10.68
CA ALA L 311 -32.85 56.69 11.24
C ALA L 311 -33.77 56.23 10.11
N ARG L 312 -33.32 55.23 9.37
CA ARG L 312 -33.97 54.73 8.16
C ARG L 312 -35.30 54.06 8.48
N THR L 313 -36.37 54.50 7.84
CA THR L 313 -37.63 53.75 7.89
C THR L 313 -37.52 52.54 6.99
N THR L 314 -37.56 51.35 7.58
CA THR L 314 -37.36 50.12 6.82
C THR L 314 -38.61 49.27 6.80
N TRP L 315 -39.71 49.83 7.28
CA TRP L 315 -40.98 49.11 7.32
C TRP L 315 -42.03 50.10 7.81
N ARG L 316 -43.20 50.15 7.18
CA ARG L 316 -44.33 50.85 7.76
C ARG L 316 -45.62 50.20 7.37
N GLN L 317 -46.53 50.16 8.34
CA GLN L 317 -47.72 49.36 8.27
C GLN L 317 -48.71 49.86 9.33
N ASP L 318 -49.98 49.55 9.13
CA ASP L 318 -50.99 49.77 10.14
C ASP L 318 -50.71 48.97 11.41
N GLY L 319 -51.17 49.53 12.53
CA GLY L 319 -50.99 48.88 13.81
C GLY L 319 -52.31 48.49 14.44
N LEU L 320 -52.84 49.35 15.29
CA LEU L 320 -54.13 49.12 15.94
C LEU L 320 -55.29 49.62 15.07
N TRP L 321 -56.34 48.80 14.95
CA TRP L 321 -57.59 49.18 14.26
C TRP L 321 -58.70 49.47 15.26
N LEU L 322 -59.67 50.27 14.86
CA LEU L 322 -60.82 50.55 15.72
C LEU L 322 -62.17 50.45 15.01
N ARG L 323 -63.10 49.75 15.63
CA ARG L 323 -64.48 49.85 15.21
C ARG L 323 -65.27 50.71 16.20
N ILE L 324 -65.72 51.87 15.72
CA ILE L 324 -66.60 52.71 16.53
C ILE L 324 -67.98 52.06 16.70
N MSE L 325 -68.25 51.59 17.92
CA MSE L 325 -69.45 50.85 18.25
C MSE L 325 -70.63 51.79 18.40
O MSE L 325 -71.74 51.50 17.94
CB MSE L 325 -69.26 50.17 19.59
CG MSE L 325 -68.03 49.35 19.67
SE MSE L 325 -68.24 48.00 18.37
CE MSE L 325 -69.80 47.05 19.03
N ASN L 326 -70.36 52.91 19.03
CA ASN L 326 -71.37 53.91 19.36
C ASN L 326 -70.84 55.31 19.07
N VAL L 327 -71.31 55.88 17.96
CA VAL L 327 -70.81 57.15 17.44
C VAL L 327 -70.89 58.33 18.42
N PRO L 328 -72.08 58.66 18.93
CA PRO L 328 -72.12 59.79 19.86
C PRO L 328 -71.21 59.59 21.07
N ALA L 329 -71.22 58.39 21.63
CA ALA L 329 -70.33 58.07 22.74
C ALA L 329 -68.87 58.37 22.38
N ALA L 330 -68.40 57.77 21.28
CA ALA L 330 -66.99 57.87 20.90
C ALA L 330 -66.58 59.31 20.58
N LEU L 331 -67.40 59.99 19.79
CA LEU L 331 -67.05 61.34 19.35
C LEU L 331 -67.13 62.39 20.47
N GLU L 332 -68.12 62.23 21.36
CA GLU L 332 -68.25 63.15 22.49
C GLU L 332 -67.14 62.93 23.50
N ALA L 333 -66.64 61.70 23.52
CA ALA L 333 -65.68 61.30 24.55
C ALA L 333 -64.31 61.97 24.41
N ARG L 334 -63.75 62.01 23.20
CA ARG L 334 -62.38 62.45 23.05
C ARG L 334 -62.31 63.96 22.93
N GLY L 335 -61.10 64.51 23.02
CA GLY L 335 -60.90 65.93 22.81
C GLY L 335 -60.59 66.29 21.36
N TYR L 336 -60.91 67.52 20.99
CA TYR L 336 -60.63 68.03 19.65
C TYR L 336 -59.71 69.25 19.77
N ALA L 337 -58.89 69.49 18.75
CA ALA L 337 -57.96 70.61 18.83
C ALA L 337 -58.73 71.92 19.10
N HIS L 338 -58.13 72.80 19.89
CA HIS L 338 -58.75 74.07 20.23
C HIS L 338 -58.40 75.22 19.28
N GLU L 339 -57.40 75.01 18.43
CA GLU L 339 -56.99 76.04 17.48
C GLU L 339 -58.10 76.35 16.49
N VAL L 340 -58.79 75.31 16.04
CA VAL L 340 -59.87 75.46 15.08
C VAL L 340 -61.14 76.13 15.63
N GLY L 341 -61.75 76.94 14.78
CA GLY L 341 -62.96 77.68 15.09
C GLY L 341 -64.24 76.85 15.06
N GLU L 342 -65.00 76.94 16.14
CA GLU L 342 -66.31 76.29 16.29
C GLU L 342 -67.14 76.14 15.01
N PHE L 343 -67.68 74.94 14.79
CA PHE L 343 -68.45 74.66 13.59
C PHE L 343 -69.45 73.50 13.78
N SER L 344 -70.32 73.32 12.79
CA SER L 344 -71.41 72.34 12.87
C SER L 344 -71.71 71.67 11.53
N THR L 345 -72.09 70.40 11.59
CA THR L 345 -72.38 69.64 10.38
C THR L 345 -73.33 68.45 10.65
N VAL L 346 -73.61 67.68 9.60
CA VAL L 346 -74.45 66.49 9.74
C VAL L 346 -73.78 65.31 9.05
N LEU L 347 -73.36 64.34 9.86
CA LEU L 347 -72.49 63.27 9.40
C LEU L 347 -73.22 61.92 9.33
N GLU L 348 -73.17 61.28 8.17
CA GLU L 348 -73.82 60.00 7.98
C GLU L 348 -72.87 58.81 7.89
N VAL L 349 -72.93 57.95 8.90
CA VAL L 349 -72.27 56.66 8.80
C VAL L 349 -73.13 55.68 7.99
N SER L 350 -72.57 55.24 6.86
CA SER L 350 -73.22 54.25 6.00
C SER L 350 -73.82 53.08 6.79
N ASP L 351 -75.15 53.08 6.87
CA ASP L 351 -75.87 52.04 7.59
C ASP L 351 -75.83 52.38 9.08
N GLY L 352 -75.17 53.50 9.39
CA GLY L 352 -75.04 53.96 10.76
C GLY L 352 -75.93 55.12 11.17
N GLY L 353 -76.80 55.56 10.28
CA GLY L 353 -77.70 56.67 10.58
C GLY L 353 -77.08 58.03 10.35
N ARG L 354 -77.80 59.08 10.73
CA ARG L 354 -77.30 60.44 10.57
C ARG L 354 -77.12 61.12 11.92
N PHE L 355 -76.00 61.82 12.07
CA PHE L 355 -75.69 62.51 13.32
C PHE L 355 -75.38 63.99 13.17
N ALA L 356 -75.79 64.76 14.17
CA ALA L 356 -75.49 66.17 14.23
C ALA L 356 -74.21 66.42 15.02
N LEU L 357 -73.14 66.78 14.33
CA LEU L 357 -71.88 67.08 15.02
C LEU L 357 -71.71 68.59 15.18
N LYS L 358 -71.42 69.02 16.40
CA LYS L 358 -71.03 70.40 16.61
C LYS L 358 -69.80 70.38 17.49
N ILE L 359 -68.72 71.00 17.01
CA ILE L 359 -67.46 70.98 17.74
C ILE L 359 -66.95 72.38 17.99
N GLY L 360 -66.56 72.64 19.23
CA GLY L 360 -65.99 73.91 19.59
C GLY L 360 -65.24 73.83 20.90
N ASP L 361 -64.20 74.64 21.04
CA ASP L 361 -63.51 74.80 22.31
C ASP L 361 -62.95 73.45 22.75
N GLY L 362 -62.65 72.60 21.78
CA GLY L 362 -62.06 71.31 22.04
C GLY L 362 -63.05 70.19 22.34
N ARG L 363 -64.33 70.53 22.44
CA ARG L 363 -65.36 69.54 22.77
C ARG L 363 -66.36 69.32 21.65
N ALA L 364 -67.00 68.16 21.66
CA ALA L 364 -68.01 67.83 20.69
C ALA L 364 -69.32 67.47 21.37
N ARG L 365 -70.39 67.77 20.68
CA ARG L 365 -71.69 67.25 21.01
C ARG L 365 -72.15 66.51 19.76
N CYS L 366 -72.61 65.28 19.95
CA CYS L 366 -73.08 64.47 18.84
C CYS L 366 -74.35 63.72 19.23
N THR L 367 -75.43 64.06 18.53
CA THR L 367 -76.74 63.42 18.68
C THR L 367 -77.21 62.92 17.32
N PRO L 368 -78.15 61.96 17.33
CA PRO L 368 -78.89 61.50 16.13
C PRO L 368 -79.89 62.54 15.61
N THR L 369 -80.03 62.60 14.29
CA THR L 369 -80.88 63.60 13.64
C THR L 369 -81.45 62.93 12.41
N ASP L 370 -82.01 63.71 11.50
CA ASP L 370 -82.43 63.17 10.22
C ASP L 370 -82.14 64.18 9.10
N ALA L 371 -81.65 65.35 9.49
CA ALA L 371 -81.35 66.38 8.50
C ALA L 371 -80.51 65.78 7.39
N ALA L 372 -80.56 66.38 6.21
CA ALA L 372 -79.71 65.92 5.13
C ALA L 372 -78.28 65.86 5.65
N ALA L 373 -77.54 64.84 5.24
CA ALA L 373 -76.15 64.72 5.65
C ALA L 373 -75.25 65.55 4.73
N GLU L 374 -74.34 66.31 5.33
CA GLU L 374 -73.43 67.14 4.57
C GLU L 374 -72.15 66.39 4.27
N ILE L 375 -71.98 65.23 4.89
CA ILE L 375 -70.80 64.42 4.66
C ILE L 375 -71.11 62.96 5.00
N GLU L 376 -70.39 62.02 4.39
CA GLU L 376 -70.67 60.60 4.62
C GLU L 376 -69.45 59.69 4.52
N MSE L 377 -69.51 58.53 5.18
CA MSE L 377 -68.38 57.60 5.21
C MSE L 377 -68.77 56.22 5.73
O MSE L 377 -69.68 56.10 6.56
CB MSE L 377 -67.32 58.17 6.12
CG MSE L 377 -67.87 58.70 7.42
SE MSE L 377 -66.47 59.50 8.49
CE MSE L 377 -67.10 61.37 8.45
N ASP L 378 -68.12 55.19 5.23
CA ASP L 378 -68.31 53.88 5.83
C ASP L 378 -67.83 53.94 7.27
N ARG L 379 -68.28 52.99 8.09
CA ARG L 379 -68.01 53.05 9.52
C ARG L 379 -66.53 52.96 9.87
N ASP L 380 -65.74 52.35 8.99
CA ASP L 380 -64.31 52.17 9.28
C ASP L 380 -63.48 53.42 9.03
N VAL L 381 -64.00 54.30 8.19
CA VAL L 381 -63.29 55.55 7.93
C VAL L 381 -63.36 56.39 9.21
N LEU L 382 -64.54 56.44 9.82
CA LEU L 382 -64.62 57.11 11.10
C LEU L 382 -63.49 56.60 12.00
N GLY L 383 -63.38 55.28 12.15
CA GLY L 383 -62.32 54.67 12.95
C GLY L 383 -60.92 55.18 12.62
N SER L 384 -60.54 55.11 11.34
CA SER L 384 -59.25 55.61 10.90
C SER L 384 -59.03 57.07 11.28
N LEU L 385 -60.12 57.83 11.32
CA LEU L 385 -60.02 59.23 11.65
C LEU L 385 -59.89 59.43 13.14
N TYR L 386 -60.38 58.47 13.91
CA TYR L 386 -60.69 58.72 15.31
C TYR L 386 -59.53 59.13 16.20
N LEU L 387 -58.33 58.59 15.96
CA LEU L 387 -57.21 58.88 16.85
C LEU L 387 -56.30 60.00 16.34
N GLY L 388 -56.45 60.39 15.07
CA GLY L 388 -55.66 61.47 14.53
C GLY L 388 -54.58 61.05 13.56
N ALA L 389 -54.44 59.74 13.35
CA ALA L 389 -53.36 59.21 12.52
C ALA L 389 -53.72 59.13 11.03
N HIS L 390 -54.81 59.77 10.64
CA HIS L 390 -55.19 59.83 9.23
C HIS L 390 -55.96 61.11 8.94
N ARG L 391 -55.63 61.74 7.82
CA ARG L 391 -56.22 63.00 7.42
C ARG L 391 -57.45 62.76 6.57
N ALA L 392 -58.56 63.39 6.93
CA ALA L 392 -59.81 63.27 6.21
C ALA L 392 -59.70 63.70 4.76
N SER L 393 -58.85 64.69 4.50
CA SER L 393 -58.66 65.15 3.14
C SER L 393 -58.02 64.04 2.30
N THR L 394 -57.14 63.25 2.91
CA THR L 394 -56.50 62.16 2.18
C THR L 394 -57.53 61.09 1.89
N LEU L 395 -58.36 60.79 2.89
CA LEU L 395 -59.37 59.76 2.72
C LEU L 395 -60.43 60.18 1.69
N ALA L 396 -60.73 61.48 1.67
CA ALA L 396 -61.63 62.06 0.68
C ALA L 396 -61.14 61.86 -0.74
N ALA L 397 -59.83 62.08 -0.93
CA ALA L 397 -59.22 61.98 -2.26
C ALA L 397 -59.27 60.56 -2.82
N ALA L 398 -59.41 59.58 -1.92
CA ALA L 398 -59.70 58.21 -2.31
C ALA L 398 -61.21 58.00 -2.33
N ASN L 399 -61.96 59.05 -2.07
CA ASN L 399 -63.42 58.99 -2.09
C ASN L 399 -64.00 58.03 -1.05
N ARG L 400 -63.31 57.84 0.08
CA ARG L 400 -63.81 57.00 1.16
C ARG L 400 -64.57 57.83 2.16
N LEU L 401 -64.38 59.14 2.13
CA LEU L 401 -65.27 60.06 2.84
C LEU L 401 -65.79 61.16 1.89
N ARG L 402 -67.10 61.31 1.82
CA ARG L 402 -67.68 62.20 0.81
C ARG L 402 -68.37 63.45 1.36
N THR L 403 -68.23 64.55 0.63
CA THR L 403 -68.82 65.82 1.01
C THR L 403 -68.56 66.80 -0.12
N LYS L 404 -69.45 67.77 -0.30
CA LYS L 404 -69.24 68.78 -1.35
C LYS L 404 -68.57 70.01 -0.76
N ASP L 405 -68.56 70.12 0.56
CA ASP L 405 -67.99 71.30 1.19
C ASP L 405 -66.50 71.18 1.51
N SER L 406 -65.67 71.72 0.63
CA SER L 406 -64.23 71.72 0.83
C SER L 406 -63.92 72.20 2.25
N GLN L 407 -64.56 73.29 2.66
CA GLN L 407 -64.23 73.89 3.95
C GLN L 407 -64.52 72.96 5.12
N LEU L 408 -65.54 72.13 4.98
CA LEU L 408 -65.85 71.13 6.00
C LEU L 408 -64.67 70.19 6.25
N LEU L 409 -64.20 69.54 5.18
CA LEU L 409 -63.01 68.71 5.26
C LEU L 409 -61.92 69.34 6.13
N ARG L 410 -61.45 70.51 5.69
CA ARG L 410 -60.36 71.20 6.38
C ARG L 410 -60.60 71.35 7.87
N ARG L 411 -61.84 71.47 8.29
CA ARG L 411 -62.12 71.67 9.71
C ARG L 411 -62.11 70.34 10.45
N LEU L 412 -62.51 69.28 9.76
CA LEU L 412 -62.37 67.93 10.32
C LEU L 412 -60.88 67.56 10.39
N ASP L 413 -60.17 67.69 9.27
CA ASP L 413 -58.72 67.50 9.28
C ASP L 413 -58.12 68.08 10.56
N ALA L 414 -58.43 69.35 10.82
CA ALA L 414 -57.80 70.13 11.87
C ALA L 414 -58.28 69.75 13.27
N ALA L 415 -59.59 69.61 13.43
CA ALA L 415 -60.17 69.31 14.74
C ALA L 415 -59.90 67.88 15.25
N PHE L 416 -59.89 66.90 14.36
CA PHE L 416 -59.54 65.52 14.73
C PHE L 416 -58.04 65.30 14.96
N ALA L 417 -57.19 66.15 14.41
CA ALA L 417 -55.75 66.03 14.63
C ALA L 417 -55.45 65.99 16.11
N SER L 418 -54.28 65.46 16.47
CA SER L 418 -53.96 65.29 17.87
C SER L 418 -52.68 66.03 18.26
N ASP L 419 -52.80 66.92 19.24
CA ASP L 419 -51.66 67.68 19.76
C ASP L 419 -50.51 66.75 20.19
N VAL L 420 -50.85 65.70 20.92
CA VAL L 420 -49.90 64.64 21.23
C VAL L 420 -50.05 63.59 20.15
N PRO L 421 -48.96 63.33 19.41
CA PRO L 421 -48.99 62.42 18.26
C PRO L 421 -49.32 61.02 18.72
N VAL L 422 -50.13 60.28 17.97
CA VAL L 422 -50.58 58.97 18.45
C VAL L 422 -49.49 57.88 18.33
N GLN L 423 -49.37 57.08 19.38
CA GLN L 423 -48.45 55.97 19.39
C GLN L 423 -49.19 54.66 19.56
N THR L 424 -48.47 53.57 19.40
CA THR L 424 -49.08 52.26 19.49
C THR L 424 -48.54 51.56 20.73
N ALA L 425 -49.45 51.07 21.56
CA ALA L 425 -49.05 50.46 22.84
C ALA L 425 -48.40 49.11 22.63
N PHE L 426 -49.22 48.07 22.55
CA PHE L 426 -48.68 46.74 22.51
C PHE L 426 -49.66 45.84 21.76
N GLU L 427 -49.11 44.86 21.05
CA GLU L 427 -49.92 43.92 20.28
C GLU L 427 -50.70 43.00 21.22
N PHE L 428 -51.97 42.78 20.92
CA PHE L 428 -52.78 41.82 21.68
C PHE L 428 -53.53 40.89 20.76
N1A ACO M . 11.45 -58.74 -8.55
C2A ACO M . 10.26 -59.31 -8.24
N3A ACO M . 9.65 -60.16 -9.08
C4A ACO M . 10.24 -60.48 -10.28
C5A ACO M . 11.46 -59.90 -10.65
C6A ACO M . 12.06 -59.00 -9.73
N6A ACO M . 13.34 -58.37 -10.06
N7A ACO M . 11.79 -60.38 -11.88
C8A ACO M . 10.81 -61.23 -12.28
N9A ACO M . 9.88 -61.29 -11.32
C1B ACO M . 8.57 -62.06 -11.26
C2B ACO M . 7.62 -61.43 -12.19
O2B ACO M . 6.92 -60.44 -11.52
C3B ACO M . 6.68 -62.46 -12.56
O3B ACO M . 5.62 -62.24 -11.71
P3B ACO M . 4.21 -62.90 -11.93
O7A ACO M . 3.96 -63.05 -13.41
O8A ACO M . 4.28 -64.25 -11.25
O9A ACO M . 3.11 -62.07 -11.29
C4B ACO M . 7.40 -63.72 -12.32
O4B ACO M . 8.57 -63.42 -11.53
C5B ACO M . 7.83 -64.24 -13.61
O5B ACO M . 9.14 -63.97 -14.02
P1A ACO M . 9.65 -63.64 -15.53
O1A ACO M . 8.51 -63.07 -16.36
O2A ACO M . 10.26 -64.87 -16.17
O3A ACO M . 10.72 -62.47 -15.39
P2A ACO M . 12.01 -62.38 -16.31
O4A ACO M . 11.90 -63.42 -17.41
O5A ACO M . 12.13 -60.99 -16.94
O6A ACO M . 13.24 -62.72 -15.45
CBP ACO M . 15.24 -61.70 -14.32
CCP ACO M . 13.74 -61.79 -14.53
CDP ACO M . 15.95 -62.99 -14.83
CEP ACO M . 15.52 -61.57 -12.84
CAP ACO M . 15.72 -60.47 -15.07
OAP ACO M . 15.11 -59.37 -14.55
C9P ACO M . 17.30 -60.39 -15.08
O9P ACO M . 17.91 -61.15 -15.84
N8P ACO M . 18.07 -59.49 -14.26
C7P ACO M . 19.48 -59.60 -14.36
C6P ACO M . 19.93 -61.00 -13.96
C5P ACO M . 19.38 -61.51 -12.67
O5P ACO M . 18.66 -60.80 -12.01
N4P ACO M . 19.70 -62.84 -12.17
C3P ACO M . 19.17 -63.35 -10.88
C2P ACO M . 20.15 -63.57 -9.68
S1P ACO M . 21.02 -65.10 -9.47
C ACO M . 22.51 -65.24 -10.56
O ACO M . 22.40 -65.75 -11.68
CH3 ACO M . 23.90 -64.77 -10.14
N1A ACO N . 35.89 -47.38 28.10
C2A ACO N . 36.63 -48.39 28.60
N3A ACO N . 37.04 -48.42 29.88
C4A ACO N . 36.72 -47.39 30.71
C5A ACO N . 35.96 -46.31 30.24
C6A ACO N . 35.55 -46.34 28.88
N6A ACO N . 34.77 -45.24 28.34
N7A ACO N . 35.79 -45.44 31.27
C8A ACO N . 36.42 -45.93 32.35
N9A ACO N . 36.96 -47.12 32.02
C1B ACO N . 37.79 -48.07 32.86
C2B ACO N . 39.14 -47.47 33.00
O2B ACO N . 39.99 -47.95 32.02
C3B ACO N . 39.63 -47.91 34.27
O3B ACO N . 40.58 -48.85 33.95
P3B ACO N . 40.91 -50.09 34.83
O7A ACO N . 41.06 -49.61 36.26
O8A ACO N . 39.74 -51.04 34.72
O9A ACO N . 42.17 -50.78 34.33
C4B ACO N . 38.47 -48.43 34.99
O4B ACO N . 37.31 -48.37 34.14
C5B ACO N . 38.26 -47.59 36.16
O5B ACO N . 37.17 -46.75 36.17
P1A ACO N . 37.29 -45.21 36.62
O1A ACO N . 38.75 -44.89 36.88
O2A ACO N . 36.44 -45.02 37.84
O3A ACO N . 36.75 -44.34 35.39
P2A ACO N . 36.03 -42.90 35.44
O4A ACO N . 36.03 -42.38 36.87
O5A ACO N . 36.80 -41.94 34.55
O6A ACO N . 34.54 -42.98 34.95
CBP ACO N . 32.84 -42.75 33.07
CCP ACO N . 34.15 -43.33 33.65
CDP ACO N . 31.81 -42.47 34.18
CEP ACO N . 32.22 -43.77 32.15
CAP ACO N . 33.15 -41.45 32.31
OAP ACO N . 33.84 -41.76 31.18
C9P ACO N . 31.88 -40.59 31.93
O9P ACO N . 31.30 -39.98 32.84
N8P ACO N . 31.40 -40.49 30.57
C7P ACO N . 30.23 -39.72 30.31
C6P ACO N . 28.90 -40.33 30.75
C5P ACO N . 28.86 -41.84 30.89
O5P ACO N . 29.82 -42.52 30.64
N4P ACO N . 27.67 -42.53 31.33
C3P ACO N . 27.65 -44.02 31.44
C2P ACO N . 26.55 -44.85 30.69
S1P ACO N . 25.04 -45.29 31.52
C ACO N . 23.82 -43.92 31.55
O ACO N . 23.52 -43.38 32.63
CH3 ACO N . 23.01 -43.53 30.32
N1A ACO O . 52.29 -45.11 18.06
C2A ACO O . 52.84 -44.87 19.27
N3A ACO O . 53.75 -45.69 19.82
C4A ACO O . 54.16 -46.82 19.17
C5A ACO O . 53.61 -47.11 17.92
C6A ACO O . 52.66 -46.22 17.38
N6A ACO O . 52.07 -46.51 16.07
N7A ACO O . 54.17 -48.27 17.49
C8A ACO O . 55.02 -48.70 18.43
N9A ACO O . 55.03 -47.81 19.45
C1B ACO O . 55.79 -47.86 20.75
C2B ACO O . 55.24 -48.91 21.63
O2B ACO O . 54.17 -48.43 22.36
C3B ACO O . 56.32 -49.28 22.52
O3B ACO O . 56.14 -48.57 23.68
P3B ACO O . 57.19 -48.56 24.84
O7A ACO O . 57.78 -49.94 24.97
O8A ACO O . 58.28 -47.59 24.44
O9A ACO O . 56.51 -48.12 26.13
C4B ACO O . 57.54 -48.87 21.84
O4B ACO O . 57.17 -48.10 20.69
C5B ACO O . 58.23 -50.06 21.42
O5B ACO O . 58.39 -50.29 20.06
P1A ACO O . 57.99 -51.71 19.43
O1A ACO O . 57.18 -52.43 20.51
O2A ACO O . 59.25 -52.48 19.11
O3A ACO O . 57.07 -51.42 18.17
P2A ACO O . 56.82 -52.52 17.01
O4A ACO O . 57.98 -53.48 17.06
O5A ACO O . 55.52 -53.26 17.23
O6A ACO O . 56.78 -51.85 15.61
CBP ACO O . 55.91 -50.26 13.86
CCP ACO O . 56.09 -50.64 15.35
CDP ACO O . 57.24 -50.49 13.09
CEP ACO O . 55.55 -48.79 13.78
CAP ACO O . 54.82 -51.14 13.26
OAP ACO O . 53.61 -50.85 13.84
C9P ACO O . 54.74 -51.13 11.68
O9P ACO O . 55.57 -51.79 11.03
N8P ACO O . 53.71 -50.40 11.00
C7P ACO O . 53.61 -50.36 9.57
C6P ACO O . 54.73 -49.60 8.85
C5P ACO O . 55.50 -48.62 9.69
O5P ACO O . 55.25 -48.45 10.87
N4P ACO O . 56.58 -47.86 9.12
C3P ACO O . 57.29 -46.93 10.01
C2P ACO O . 57.07 -45.41 9.82
S1P ACO O . 58.37 -44.46 9.12
C ACO O . 58.86 -45.10 7.47
O ACO O . 59.93 -45.71 7.33
CH3 ACO O . 58.07 -44.74 6.22
N1A ACO P . 36.58 -7.77 -2.88
C2A ACO P . 37.48 -6.98 -3.52
N3A ACO P . 37.24 -5.68 -3.74
C4A ACO P . 36.06 -5.14 -3.34
C5A ACO P . 35.09 -5.92 -2.69
C6A ACO P . 35.40 -7.28 -2.47
N6A ACO P . 34.45 -8.16 -1.80
N7A ACO P . 34.03 -5.11 -2.42
C8A ACO P . 34.30 -3.87 -2.87
N9A ACO P . 35.54 -3.90 -3.42
C1B ACO P . 36.34 -2.81 -4.11
C2B ACO P . 35.80 -2.57 -5.47
O2B ACO P . 36.29 -3.52 -6.35
C3B ACO P . 36.24 -1.24 -5.82
O3B ACO P . 37.29 -1.37 -6.72
P3B ACO P . 38.36 -0.29 -7.10
O7A ACO P . 37.67 1.03 -7.40
O8A ACO P . 39.29 -0.10 -5.93
O9A ACO P . 39.18 -0.75 -8.30
C4B ACO P . 36.59 -0.60 -4.55
O4B ACO P . 36.45 -1.57 -3.50
C5B ACO P . 35.65 0.44 -4.24
O5B ACO P . 34.91 0.28 -3.09
P1A ACO P . 33.31 0.49 -3.04
O1A ACO P . 32.82 0.73 -4.45
O2A ACO P . 32.99 1.64 -2.11
O3A ACO P . 32.66 -0.83 -2.44
P2A ACO P . 31.15 -0.87 -1.89
O4A ACO P . 30.66 0.57 -1.72
O5A ACO P . 30.28 -1.62 -2.91
O6A ACO P . 31.07 -1.60 -0.53
CBP ACO P . 31.03 -3.88 0.72
CCP ACO P . 31.33 -2.99 -0.50
CDP ACO P . 30.95 -3.07 2.05
CEP ACO P . 32.19 -4.86 0.84
CAP ACO P . 29.74 -4.65 0.45
OAP ACO P . 30.04 -5.67 -0.39
C9P ACO P . 29.05 -5.24 1.72
O9P ACO P . 28.47 -4.46 2.50
N8P ACO P . 29.07 -6.65 2.01
C7P ACO P . 28.46 -7.14 3.20
C6P ACO P . 29.00 -6.52 4.50
C5P ACO P . 30.50 -6.49 4.63
O5P ACO P . 31.18 -6.96 3.76
N4P ACO P . 31.19 -5.92 5.77
C3P ACO P . 32.66 -5.96 5.73
C2P ACO P . 33.53 -6.73 6.77
S1P ACO P . 34.22 -5.82 8.13
C ACO P . 32.96 -5.66 9.45
O ACO P . 32.18 -4.71 9.43
CH3 ACO P . 32.65 -6.83 10.39
N1A ACO Q . 0.68 -43.15 -7.62
C2A ACO Q . 0.09 -43.79 -8.65
N3A ACO Q . -1.17 -44.25 -8.56
C4A ACO Q . -1.88 -44.08 -7.41
C5A ACO Q . -1.31 -43.42 -6.30
C6A ACO Q . 0.03 -42.95 -6.45
N6A ACO Q . 0.68 -42.26 -5.34
N7A ACO Q . -2.23 -43.39 -5.30
C8A ACO Q . -3.34 -44.01 -5.74
N9A ACO Q . -3.12 -44.42 -7.01
C1B ACO Q . -4.04 -45.16 -7.96
C2B ACO Q . -4.29 -46.55 -7.51
O2B ACO Q . -3.25 -47.38 -7.89
C3B ACO Q . -5.52 -46.92 -8.17
O3B ACO Q . -5.26 -47.47 -9.41
P3B ACO Q . -6.41 -47.72 -10.45
O7A ACO Q . -7.67 -48.09 -9.69
O8A ACO Q . -6.70 -46.42 -11.16
O9A ACO Q . -6.02 -48.81 -11.43
C4B ACO Q . -6.23 -45.66 -8.36
O4B ACO Q . -5.30 -44.60 -8.16
C5B ACO Q . -7.26 -45.55 -7.35
O5B ACO Q . -7.07 -44.54 -6.44
P1A ACO Q . -7.48 -44.74 -4.91
O1A ACO Q . -7.40 -46.25 -4.70
O2A ACO Q . -8.86 -44.17 -4.69
O3A ACO Q . -6.36 -44.04 -4.04
P2A ACO Q . -6.41 -43.84 -2.44
O4A ACO Q . -7.85 -44.03 -1.95
O5A ACO Q . -5.46 -44.82 -1.77
O6A ACO Q . -5.91 -42.40 -2.15
CBP ACO Q . -3.92 -40.81 -1.82
CCP ACO Q . -4.56 -42.08 -2.43
CDP ACO Q . -4.99 -39.81 -1.33
CEP ACO Q . -3.10 -40.12 -2.90
CAP ACO Q . -3.00 -41.23 -0.67
OAP ACO Q . -1.94 -41.89 -1.22
C9P ACO Q . -2.57 -40.00 0.23
O9P ACO Q . -3.43 -39.42 0.91
N8P ACO Q . -1.20 -39.51 0.31
C7P ACO Q . -0.97 -38.38 1.16
C6P ACO Q . -1.59 -37.04 0.70
C5P ACO Q . -1.64 -36.78 -0.78
O5P ACO Q . -1.22 -37.59 -1.57
N4P ACO Q . -2.20 -35.57 -1.33
C3P ACO Q . -2.22 -35.41 -2.80
C2P ACO Q . -1.52 -34.19 -3.47
S1P ACO Q . -2.52 -32.90 -4.16
C ACO Q . -2.90 -31.67 -2.88
O ACO Q . -3.95 -31.82 -2.26
CH3 ACO Q . -1.79 -30.89 -2.19
N1A ACO R . 35.17 -16.06 -19.47
C2A ACO R . 34.80 -14.81 -19.83
N3A ACO R . 35.53 -14.06 -20.67
C4A ACO R . 36.70 -14.54 -21.19
C5A ACO R . 37.13 -15.83 -20.84
C6A ACO R . 36.33 -16.58 -19.95
N6A ACO R . 36.72 -17.92 -19.54
N7A ACO R . 38.32 -16.06 -21.48
C8A ACO R . 38.62 -14.98 -22.22
N9A ACO R . 37.64 -14.06 -22.05
C1B ACO R . 37.53 -12.68 -22.64
C2B ACO R . 38.54 -11.80 -22.01
O2B ACO R . 38.08 -11.35 -20.79
C3B ACO R . 38.62 -10.70 -22.93
O3B ACO R . 37.60 -9.83 -22.63
P3B ACO R . 37.59 -8.46 -23.33
O7A ACO R . 39.03 -8.10 -23.66
O8A ACO R . 36.84 -8.64 -24.63
O9A ACO R . 36.92 -7.40 -22.46
C4B ACO R . 38.38 -11.28 -24.24
O4B ACO R . 37.73 -12.55 -24.02
C5B ACO R . 39.66 -11.46 -24.88
O5B ACO R . 40.13 -12.77 -25.01
P1A ACO R . 41.65 -13.18 -24.67
O1A ACO R . 42.31 -12.11 -23.82
O2A ACO R . 42.40 -13.41 -25.96
O3A ACO R . 41.56 -14.52 -23.83
P2A ACO R . 42.65 -15.69 -23.92
O4A ACO R . 43.75 -15.25 -24.88
O5A ACO R . 43.30 -15.91 -22.56
O6A ACO R . 41.94 -17.00 -24.41
CBP ACO R . 40.85 -19.20 -23.76
CCP ACO R . 40.94 -17.65 -23.66
CDP ACO R . 41.49 -19.64 -25.10
CEP ACO R . 39.39 -19.68 -23.75
CAP ACO R . 41.60 -19.80 -22.57
OAP ACO R . 40.96 -19.48 -21.40
C9P ACO R . 41.77 -21.37 -22.65
O9P ACO R . 42.44 -21.84 -23.57
N8P ACO R . 41.19 -22.22 -21.64
C7P ACO R . 41.37 -23.63 -21.75
C6P ACO R . 40.97 -24.16 -23.12
C5P ACO R . 39.66 -23.63 -23.61
O5P ACO R . 39.02 -22.88 -22.92
N4P ACO R . 39.15 -24.03 -24.91
C3P ACO R . 37.83 -23.50 -25.39
C2P ACO R . 36.48 -24.29 -25.48
S1P ACO R . 35.76 -24.66 -27.07
C ACO R . 36.56 -26.12 -27.87
O ACO R . 37.64 -25.93 -28.44
CH3 ACO R . 36.26 -27.58 -27.45
N1A ACO S . -12.19 52.10 17.68
C2A ACO S . -11.32 53.11 17.57
N3A ACO S . -11.11 53.99 18.55
C4A ACO S . -11.80 53.87 19.71
C5A ACO S . -12.72 52.84 19.87
C6A ACO S . -12.90 51.94 18.80
N6A ACO S . -13.86 50.85 18.92
N7A ACO S . -13.27 52.94 21.09
C8A ACO S . -12.72 54.02 21.70
N9A ACO S . -11.83 54.57 20.87
C1B ACO S . -10.98 55.81 21.10
C2B ACO S . -11.87 56.96 21.38
O2B ACO S . -12.17 57.62 20.22
C3B ACO S . -11.11 57.83 22.23
O3B ACO S . -10.51 58.76 21.40
P3B ACO S . -9.64 59.91 21.99
O7A ACO S . -10.25 60.59 23.19
O8A ACO S . -8.37 59.25 22.49
O9A ACO S . -9.30 60.90 20.87
C4B ACO S . -10.13 56.97 22.86
O4B ACO S . -10.08 55.72 22.16
C5B ACO S . -10.53 56.71 24.24
O5B ACO S . -11.36 55.63 24.49
P1A ACO S . -12.38 55.49 25.74
O1A ACO S . -13.32 56.67 25.77
O2A ACO S . -11.66 55.30 27.06
O3A ACO S . -13.17 54.20 25.31
P2A ACO S . -14.52 53.76 26.00
O4A ACO S . -14.35 54.15 27.45
O5A ACO S . -15.71 54.45 25.33
O6A ACO S . -14.60 52.22 25.87
CBP ACO S . -14.83 50.03 24.64
CCP ACO S . -14.49 51.54 24.65
CDP ACO S . -14.31 49.39 25.95
CEP ACO S . -14.12 49.37 23.47
CAP ACO S . -16.32 49.83 24.47
OAP ACO S . -16.64 50.34 23.25
C9P ACO S . -16.80 48.32 24.58
O9P ACO S . -16.75 47.77 25.69
N8P ACO S . -17.34 47.57 23.45
C7P ACO S . -17.73 46.21 23.61
C6P ACO S . -16.67 45.32 24.27
C5P ACO S . -15.30 45.49 23.69
O5P ACO S . -15.15 46.25 22.76
N4P ACO S . -14.14 44.79 24.18
C3P ACO S . -12.82 45.03 23.56
C2P ACO S . -11.95 43.86 23.05
S1P ACO S . -10.76 43.12 24.12
C ACO S . -11.55 41.66 24.92
O ACO S . -11.92 41.71 26.10
CH3 ACO S . -12.03 40.47 24.09
N1A ACO T . -6.41 20.33 -14.00
C2A ACO T . -5.48 19.40 -13.66
N3A ACO T . -4.85 18.66 -14.60
C4A ACO T . -5.14 18.84 -15.93
C5A ACO T . -6.11 19.78 -16.31
C6A ACO T . -6.73 20.54 -15.29
N6A ACO T . -7.73 21.53 -15.66
N7A ACO T . -6.20 19.75 -17.66
C8A ACO T . -5.35 18.81 -18.13
N9A ACO T . -4.71 18.28 -17.08
C1B ACO T . -3.68 17.17 -17.07
C2B ACO T . -4.32 15.88 -17.37
O2B ACO T . -4.73 15.28 -16.20
C3B ACO T . -3.30 15.06 -17.96
O3B ACO T . -2.94 14.13 -16.99
P3B ACO T . -1.60 13.34 -16.98
O7A ACO T . -1.18 13.09 -18.41
O8A ACO T . -0.54 14.20 -16.32
O9A ACO T . -1.79 12.03 -16.21
C4B ACO T . -2.20 15.96 -18.28
O4B ACO T . -2.61 17.30 -17.93
C5B ACO T . -1.99 15.93 -19.70
O5B ACO T . -2.44 17.04 -20.40
P1A ACO T . -3.47 16.90 -21.62
O1A ACO T . -3.93 15.45 -21.72
O2A ACO T . -2.79 17.38 -22.89
O3A ACO T . -4.74 17.79 -21.27
P2A ACO T . -5.49 18.67 -22.36
O4A ACO T . -4.81 18.45 -23.69
O5A ACO T . -6.97 18.29 -22.41
O6A ACO T . -5.34 20.17 -21.99
CBP ACO T . -6.45 22.25 -21.11
CCP ACO T . -6.14 20.75 -20.99
CDP ACO T . -5.65 22.82 -22.30
CEP ACO T . -6.00 22.95 -19.83
CAP ACO T . -7.94 22.43 -21.30
OAP ACO T . -8.55 22.10 -20.13
C9P ACO T . -8.37 23.87 -21.80
O9P ACO T . -8.10 24.21 -22.95
N8P ACO T . -9.09 24.81 -20.97
C7P ACO T . -9.43 26.08 -21.52
C6P ACO T . -8.32 27.13 -21.66
C5P ACO T . -7.15 26.95 -20.73
O5P ACO T . -7.12 26.02 -19.95
N4P ACO T . -6.02 27.86 -20.75
C3P ACO T . -4.90 27.62 -19.82
C2P ACO T . -4.36 28.76 -18.92
S1P ACO T . -3.01 29.73 -19.53
C ACO T . -3.64 31.04 -20.63
O ACO T . -3.51 30.95 -21.85
CH3 ACO T . -4.34 32.25 -20.04
N1A ACO U . -18.37 8.43 -5.13
C2A ACO U . -17.93 7.67 -6.17
N3A ACO U . -17.33 6.48 -5.96
C4A ACO U . -17.16 6.02 -4.68
C5A ACO U . -17.59 6.76 -3.58
C6A ACO U . -18.21 8.01 -3.84
N6A ACO U . -18.67 8.81 -2.71
N7A ACO U . -17.29 6.08 -2.45
C8A ACO U . -16.69 4.93 -2.80
N9A ACO U . -16.61 4.89 -4.15
C1B ACO U . -16.00 3.82 -5.04
C2B ACO U . -14.56 4.08 -5.29
O2B ACO U . -14.44 4.79 -6.46
C3B ACO U . -13.92 2.78 -5.41
O3B ACO U . -13.62 2.58 -6.74
P3B ACO U . -13.57 1.16 -7.43
O7A ACO U . -12.80 0.19 -6.55
O8A ACO U . -14.97 0.64 -7.61
O9A ACO U . -12.90 1.32 -8.80
C4B ACO U . -14.91 1.82 -4.94
O4B ACO U . -16.11 2.51 -4.58
C5B ACO U . -14.37 1.15 -3.78
O5B ACO U . -15.05 1.28 -2.58
P1A ACO U . -14.23 1.65 -1.26
O1A ACO U . -12.81 2.02 -1.70
O2A ACO U . -14.23 0.47 -0.30
O3A ACO U . -14.96 2.90 -0.63
P2A ACO U . -14.79 3.31 0.91
O4A ACO U . -14.09 2.15 1.62
O5A ACO U . -13.97 4.61 0.99
O6A ACO U . -16.20 3.56 1.53
CBP ACO U . -18.13 5.24 1.81
CCP ACO U . -17.04 4.54 0.96
CDP ACO U . -18.68 4.26 2.87
CEP ACO U . -19.27 5.64 0.89
CAP ACO U . -17.56 6.48 2.51
OAP ACO U . -17.22 7.42 1.58
C9P ACO U . -18.54 7.09 3.57
O9P ACO U . -18.58 6.60 4.72
N8P ACO U . -19.38 8.23 3.22
C7P ACO U . -20.28 8.75 4.19
C6P ACO U . -21.33 7.73 4.61
C5P ACO U . -21.91 6.99 3.45
O5P ACO U . -21.55 7.27 2.31
N4P ACO U . -22.91 5.97 3.65
C3P ACO U . -23.49 5.27 2.49
C2P ACO U . -24.86 5.79 1.98
S1P ACO U . -26.29 4.80 2.30
C ACO U . -26.95 5.03 4.00
O ACO U . -26.72 4.15 4.84
CH3 ACO U . -28.04 6.05 4.29
N1A ACO V . -54.96 34.11 -14.95
C2A ACO V . -56.13 33.45 -14.80
N3A ACO V . -57.24 33.82 -15.45
C4A ACO V . -57.21 34.90 -16.27
C5A ACO V . -56.02 35.61 -16.45
C6A ACO V . -54.88 35.18 -15.75
N6A ACO V . -53.62 35.90 -15.91
N7A ACO V . -56.27 36.63 -17.32
C8A ACO V . -57.58 36.56 -17.68
N9A ACO V . -58.14 35.51 -17.06
C1B ACO V . -59.57 35.03 -17.10
C2B ACO V . -60.41 36.04 -16.43
O2B ACO V . -60.45 35.73 -15.08
C3B ACO V . -61.71 35.99 -17.08
O3B ACO V . -62.64 35.42 -16.22
P3B ACO V . -63.91 34.60 -16.63
O7A ACO V . -64.66 35.32 -17.72
O8A ACO V . -63.48 33.23 -17.12
O9A ACO V . -64.82 34.37 -15.42
C4B ACO V . -61.50 35.22 -18.30
O4B ACO V . -60.14 34.78 -18.35
C5B ACO V . -61.77 36.05 -19.45
O5B ACO V . -60.68 36.69 -20.04
P1A ACO V . -60.71 38.28 -20.28
O1A ACO V . -61.83 38.89 -19.45
O2A ACO V . -60.87 38.56 -21.75
O3A ACO V . -59.32 38.88 -19.75
P2A ACO V . -58.44 39.89 -20.62
O4A ACO V . -59.37 40.50 -21.66
O5A ACO V . -57.88 41.01 -19.75
O6A ACO V . -57.27 39.10 -21.27
CBP ACO V . -54.71 38.72 -21.06
CCP ACO V . -56.16 38.71 -20.50
CDP ACO V . -54.77 38.97 -22.59
CEP ACO V . -54.03 37.39 -20.83
CAP ACO V . -53.92 39.83 -20.37
OAP ACO V . -53.92 39.61 -19.01
C9P ACO V . -52.46 40.03 -20.96
O9P ACO V . -52.34 40.56 -22.07
N8P ACO V . -51.25 39.61 -20.28
C7P ACO V . -49.99 39.82 -20.89
C6P ACO V . -49.75 39.11 -22.22
C5P ACO V . -50.26 37.70 -22.26
O5P ACO V . -50.79 37.23 -21.28
N4P ACO V . -50.13 36.88 -23.43
C3P ACO V . -50.67 35.51 -23.36
C2P ACO V . -49.71 34.31 -23.25
S1P ACO V . -49.57 33.29 -24.70
C ACO V . -48.49 34.19 -25.87
O ACO V . -48.92 35.17 -26.48
CH3 ACO V . -46.98 33.99 -25.75
N1A ACO W . -21.09 64.58 5.86
C2A ACO W . -21.01 65.38 6.95
N3A ACO W . -20.24 66.47 6.96
C4A ACO W . -19.50 66.80 5.86
C5A ACO W . -19.54 66.00 4.72
C6A ACO W . -20.37 64.86 4.75
N6A ACO W . -20.44 63.99 3.57
N7A ACO W . -18.72 66.55 3.79
C8A ACO W . -18.16 67.66 4.32
N9A ACO W . -18.64 67.80 5.56
C1B ACO W . -18.35 68.85 6.60
C2B ACO W . -17.05 68.49 7.22
O2B ACO W . -17.26 67.60 8.25
C3B ACO W . -16.47 69.75 7.66
O3B ACO W . -16.54 69.86 9.04
P3B ACO W . -16.68 71.20 9.83
O7A ACO W . -15.87 72.28 9.16
O8A ACO W . -18.13 71.60 9.78
O9A ACO W . -16.27 71.02 11.29
C4B ACO W . -17.23 70.78 6.96
O4B ACO W . -18.27 70.17 6.19
C5B ACO W . -16.29 71.43 6.07
O5B ACO W . -16.61 71.58 4.74
P1A ACO W . -15.50 71.21 3.65
O1A ACO W . -14.20 71.06 4.38
O2A ACO W . -15.47 72.28 2.59
O3A ACO W . -15.91 69.81 3.01
P2A ACO W . -15.48 69.47 1.52
O4A ACO W . -14.70 70.67 0.99
O5A ACO W . -14.61 68.22 1.45
O6A ACO W . -16.74 69.26 0.63
CBP ACO W . -18.34 67.48 -0.40
CCP ACO W . -17.54 68.10 0.77
CDP ACO W . -18.56 68.52 -1.54
CEP ACO W . -19.73 67.05 0.10
CAP ACO W . -17.62 66.26 -0.91
OAP ACO W . -17.86 65.24 -0.04
C9P ACO W . -18.06 65.86 -2.37
O9P ACO W . -17.73 66.59 -3.29
N8P ACO W . -18.82 64.67 -2.64
C7P ACO W . -19.19 64.39 -3.99
C6P ACO W . -20.30 65.27 -4.56
C5P ACO W . -21.25 65.89 -3.57
O5P ACO W . -21.12 65.68 -2.37
N4P ACO W . -22.34 66.74 -3.98
C3P ACO W . -23.25 67.33 -2.98
C2P ACO W . -24.76 66.94 -2.99
S1P ACO W . -25.96 68.08 -3.61
C ACO W . -25.89 68.03 -5.44
O ACO W . -25.05 68.72 -6.02
CH3 ACO W . -26.60 66.94 -6.24
N1A ACO X . -58.33 39.15 3.24
C2A ACO X . -59.38 39.74 2.64
N3A ACO X . -60.64 39.27 2.75
C4A ACO X . -60.89 38.17 3.50
C5A ACO X . -59.84 37.53 4.15
C6A ACO X . -58.54 38.04 4.01
N6A ACO X . -57.43 37.39 4.68
N7A ACO X . -60.35 36.48 4.81
C8A ACO X . -61.67 36.44 4.61
N9A ACO X . -61.99 37.47 3.82
C1B ACO X . -63.35 37.80 3.29
C2B ACO X . -63.82 36.65 2.49
O2B ACO X . -63.41 36.74 1.18
C3B ACO X . -65.25 36.73 2.53
O3B ACO X . -65.59 37.39 1.36
P3B ACO X . -66.89 38.20 1.19
O7A ACO X . -68.01 37.46 1.90
O8A ACO X . -66.71 39.56 1.84
O9A ACO X . -67.14 38.41 -0.29
C4B ACO X . -65.55 37.44 3.78
O4B ACO X . -64.33 38.04 4.25
C5B ACO X . -66.00 36.50 4.78
O5B ACO X . -65.02 35.95 5.60
P1A ACO X . -65.01 34.42 6.10
O1A ACO X . -65.23 33.56 4.89
O2A ACO X . -66.05 34.20 7.15
O3A ACO X . -63.56 34.20 6.69
P2A ACO X . -63.09 32.81 7.29
O4A ACO X . -64.35 32.11 7.79
O5A ACO X . -62.40 31.98 6.22
O6A ACO X . -62.08 33.09 8.43
CBP ACO X . -59.72 33.93 9.11
CCP ACO X . -60.99 33.98 8.22
CDP ACO X . -60.11 33.96 10.60
CEP ACO X . -58.90 35.18 8.80
CAP ACO X . -58.86 32.72 8.78
OAP ACO X . -58.42 32.82 7.52
C9P ACO X . -57.68 32.45 9.79
O9P ACO X . -57.94 31.95 10.88
N8P ACO X . -56.30 32.73 9.48
C7P ACO X . -55.28 32.50 10.44
C6P ACO X . -55.45 33.31 11.72
C5P ACO X . -55.99 34.69 11.48
O5P ACO X . -56.20 35.05 10.35
N4P ACO X . -56.27 35.61 12.58
C3P ACO X . -56.82 36.98 12.38
C2P ACO X . -55.99 38.27 12.64
S1P ACO X . -56.23 39.22 14.12
C ACO X . -55.66 38.33 15.64
O ACO X . -56.48 38.06 16.50
CH3 ACO X . -54.19 38.03 15.97
#